data_8KBW
#
_entry.id   8KBW
#
_cell.length_a   129.702
_cell.length_b   174.342
_cell.length_c   296.550
_cell.angle_alpha   90.000
_cell.angle_beta   90.000
_cell.angle_gamma   90.000
#
_symmetry.space_group_name_H-M   'P 21 21 21'
#
_entity_poly.entity_id   1
_entity_poly.type   'polypeptide(L)'
_entity_poly.pdbx_seq_one_letter_code
;MPVFTASFQCVTLFGQPASAADAQPLLQGQRPFLHLHARRRRPCGPMLISKSPPYPASEETREWEADGQHEHTDELRETT
TTMIDGIRTALRSIGEGEISISAYDTSLVALLKRLDGGDGPQFPSTIDWIVQNQLPDGSWGDASFFMMGDRIMSTLACVV
ALKSWNIHTDKCERGLLFIQENMWRLAHEEEDWMLVGFEIALPSLLDMAKDLDLDIPYDEPALKAIYAERERKLAKIPRD
VLHSMPTTLLHSLEGMVDLDWEKLLKLRCLDGSFHCSPASTATAFQQTGDQKCFEYLDGIVKKFNGGVPCIYPLDVYERL
WAVDRLTRLGISRHFTSEIEDCLDYIFRNWTPDGLAHTKNCPVKDIDDTAMGFRLLRLYGYQVDPCVLKKFEKDGKFFCL
HGESNPSSVTPMYNTYRASQLKFPGDDGVLGRAEVFCRSFLQDRRGSNRMKDKWAIAKDIPGEVEYAMDYPWKASLPRIE
TRLYLDQYGGSGDVWIGKVLHRMTLFCNDLYLKAAKADFSNFQKECRVELNGLRRWYLRSNLEKFGGTDPQTTLMTSYFL
ASANIFEANRAAERLGWARVALLADAVSSHFRRIGGPKNSTSNLEELISLVPFDDAYSGSLREAWKQWLMAWTAKESSQE
SIEGDTAILLVRAIEIFGGRHVLTGQRPDLWEYSQLEQLTSSICCKLSRRVLAQENGESTEKVEEIDQQVDLEMQELTRR
VLQGCSAINRLTRETFLHVVKSFCYVAYCSPETIDSHIDKVIFQDVIEFHHHHHH
;
_entity_poly.pdbx_strand_id   B,C,E,D,F,A
#
# COMPACT_ATOMS: atom_id res chain seq x y z
N THR A 81 11.48 -22.74 13.18
CA THR A 81 10.22 -22.36 13.85
C THR A 81 9.63 -23.43 14.72
N THR A 82 9.71 -24.68 14.25
CA THR A 82 9.20 -25.80 15.03
C THR A 82 9.92 -25.87 16.37
N MET A 83 11.24 -25.61 16.36
CA MET A 83 12.05 -25.65 17.59
C MET A 83 11.59 -24.63 18.63
N ILE A 84 11.31 -23.39 18.21
CA ILE A 84 10.86 -22.38 19.15
C ILE A 84 9.64 -22.90 19.89
N ASP A 85 8.68 -23.43 19.13
CA ASP A 85 7.49 -23.99 19.71
C ASP A 85 7.85 -25.14 20.61
N GLY A 86 8.92 -25.86 20.26
CA GLY A 86 9.39 -26.91 21.14
C GLY A 86 9.82 -26.38 22.50
N ILE A 87 10.70 -25.40 22.51
CA ILE A 87 11.13 -24.80 23.76
C ILE A 87 9.96 -24.16 24.50
N ARG A 88 9.00 -23.59 23.75
CA ARG A 88 7.84 -22.94 24.36
C ARG A 88 7.03 -23.93 25.16
N THR A 89 6.71 -25.08 24.56
CA THR A 89 5.88 -26.04 25.28
C THR A 89 6.63 -26.61 26.47
N ALA A 90 7.96 -26.74 26.36
CA ALA A 90 8.77 -27.17 27.49
C ALA A 90 8.70 -26.17 28.62
N LEU A 91 8.77 -24.88 28.31
CA LEU A 91 8.71 -23.84 29.34
C LEU A 91 7.32 -23.62 29.89
N ARG A 92 6.29 -23.71 29.04
CA ARG A 92 4.94 -23.49 29.55
C ARG A 92 4.60 -24.56 30.58
N SER A 93 5.10 -25.77 30.35
CA SER A 93 4.91 -26.92 31.22
C SER A 93 5.94 -26.95 32.35
N ILE A 94 6.44 -25.78 32.77
CA ILE A 94 7.41 -25.71 33.83
C ILE A 94 6.79 -26.21 35.14
N GLY A 95 7.64 -26.73 36.01
CA GLY A 95 7.11 -27.24 37.25
C GLY A 95 8.12 -27.48 38.34
N GLU A 96 8.08 -28.68 38.91
CA GLU A 96 8.95 -29.02 40.02
C GLU A 96 10.40 -29.25 39.58
N GLY A 97 10.61 -29.65 38.32
CA GLY A 97 11.94 -29.88 37.79
C GLY A 97 12.11 -31.09 36.88
N GLU A 98 12.88 -30.93 35.80
CA GLU A 98 13.25 -32.02 34.88
C GLU A 98 14.63 -32.52 35.27
N ILE A 99 14.70 -33.58 36.07
CA ILE A 99 15.99 -34.06 36.54
C ILE A 99 16.14 -35.53 36.22
N SER A 100 17.40 -35.96 36.09
CA SER A 100 17.72 -37.35 35.80
C SER A 100 17.64 -38.15 37.08
N ILE A 101 17.28 -39.42 36.93
CA ILE A 101 17.04 -40.25 38.10
C ILE A 101 18.39 -40.58 38.71
N SER A 102 18.48 -40.55 40.04
CA SER A 102 19.73 -40.88 40.72
C SER A 102 19.71 -42.32 41.18
N ALA A 103 20.77 -43.07 40.82
CA ALA A 103 20.81 -44.48 41.18
C ALA A 103 20.90 -44.67 42.69
N TYR A 104 21.71 -43.87 43.37
CA TYR A 104 21.90 -44.04 44.80
C TYR A 104 20.58 -43.80 45.55
N ASP A 105 19.99 -42.61 45.38
CA ASP A 105 18.75 -42.31 46.10
C ASP A 105 17.63 -43.26 45.74
N THR A 106 17.65 -43.85 44.54
CA THR A 106 16.55 -44.75 44.19
C THR A 106 16.66 -46.07 44.95
N SER A 107 17.86 -46.66 45.05
CA SER A 107 17.98 -47.93 45.77
C SER A 107 17.85 -47.72 47.27
N LEU A 108 18.38 -46.62 47.81
CA LEU A 108 18.18 -46.30 49.22
C LEU A 108 16.72 -46.09 49.57
N VAL A 109 15.89 -45.78 48.59
CA VAL A 109 14.47 -45.74 48.85
C VAL A 109 13.87 -47.12 48.62
N ALA A 110 14.50 -47.95 47.79
CA ALA A 110 14.06 -49.34 47.67
C ALA A 110 14.16 -50.07 49.02
N LEU A 111 15.13 -49.69 49.87
CA LEU A 111 15.39 -50.33 51.16
C LEU A 111 14.33 -50.12 52.16
N LEU A 112 13.14 -49.64 51.83
CA LEU A 112 12.13 -49.34 52.84
C LEU A 112 11.09 -50.44 52.72
N LYS A 113 10.82 -51.12 53.82
CA LYS A 113 10.05 -52.36 53.81
C LYS A 113 8.57 -52.08 53.95
N ARG A 114 7.78 -53.01 53.45
CA ARG A 114 6.33 -52.84 53.36
C ARG A 114 5.76 -52.37 54.69
N LEU A 115 4.80 -51.43 54.63
CA LEU A 115 4.22 -50.84 55.84
C LEU A 115 3.41 -51.85 56.66
N ASP A 116 3.31 -53.09 56.19
CA ASP A 116 2.53 -54.16 56.82
C ASP A 116 3.25 -55.52 56.81
N PRO A 121 9.41 -55.05 49.52
CA PRO A 121 9.74 -53.62 49.34
C PRO A 121 8.49 -52.76 49.38
N GLN A 122 8.62 -51.48 49.75
CA GLN A 122 7.48 -50.59 49.80
C GLN A 122 7.24 -49.91 48.45
N PHE A 123 8.29 -49.72 47.66
CA PHE A 123 8.17 -49.11 46.33
C PHE A 123 8.78 -50.04 45.30
N PRO A 124 8.10 -51.11 44.97
CA PRO A 124 8.66 -52.09 44.04
C PRO A 124 9.07 -51.44 42.73
N SER A 125 8.61 -50.21 42.51
CA SER A 125 8.93 -49.55 41.26
C SER A 125 10.30 -48.91 41.34
N THR A 126 10.78 -48.60 42.54
CA THR A 126 12.17 -48.23 42.67
C THR A 126 13.05 -49.36 42.20
N ILE A 127 12.68 -50.59 42.57
CA ILE A 127 13.50 -51.71 42.18
C ILE A 127 13.31 -52.00 40.69
N ASP A 128 12.07 -51.95 40.20
CA ASP A 128 11.83 -52.11 38.76
C ASP A 128 12.63 -51.09 37.96
N TRP A 129 12.79 -49.87 38.49
CA TRP A 129 13.65 -48.93 37.80
C TRP A 129 15.09 -49.43 37.82
N ILE A 130 15.53 -49.91 38.99
CA ILE A 130 16.93 -50.30 39.16
C ILE A 130 17.34 -51.33 38.11
N VAL A 131 16.56 -52.42 37.97
CA VAL A 131 17.00 -53.55 37.13
C VAL A 131 17.34 -53.13 35.71
N GLN A 132 16.66 -52.12 35.18
CA GLN A 132 16.83 -51.79 33.77
C GLN A 132 18.02 -50.86 33.54
N ASN A 133 18.20 -49.86 34.42
CA ASN A 133 19.31 -48.90 34.28
C ASN A 133 20.63 -49.49 34.79
N GLN A 134 21.02 -50.64 34.24
CA GLN A 134 22.37 -51.14 34.45
C GLN A 134 23.19 -50.94 33.19
N LEU A 135 24.36 -50.33 33.34
CA LEU A 135 25.23 -50.05 32.22
C LEU A 135 25.94 -51.32 31.79
N PRO A 136 26.41 -51.39 30.54
CA PRO A 136 27.00 -52.63 30.05
C PRO A 136 28.19 -53.15 30.83
N ASP A 137 29.06 -52.28 31.37
CA ASP A 137 30.19 -52.74 32.23
C ASP A 137 29.74 -53.23 33.61
N GLY A 138 28.43 -53.43 33.75
CA GLY A 138 27.83 -53.84 34.99
C GLY A 138 27.71 -52.77 36.03
N SER A 139 27.74 -51.49 35.64
CA SER A 139 27.75 -50.42 36.62
C SER A 139 26.54 -49.51 36.41
N TRP A 140 26.52 -48.43 37.19
CA TRP A 140 25.33 -47.61 37.35
C TRP A 140 25.73 -46.13 37.35
N GLY A 141 24.75 -45.25 37.55
CA GLY A 141 25.00 -43.82 37.57
C GLY A 141 24.90 -43.19 36.20
N ASP A 142 25.51 -42.02 36.07
CA ASP A 142 25.50 -41.31 34.79
C ASP A 142 26.30 -42.09 33.75
N ALA A 143 25.71 -42.23 32.58
CA ALA A 143 26.26 -43.07 31.54
C ALA A 143 27.21 -42.24 30.69
N SER A 144 26.74 -41.05 30.28
CA SER A 144 27.40 -40.19 29.31
C SER A 144 28.64 -39.51 29.85
N PHE A 145 28.79 -39.41 31.18
CA PHE A 145 30.01 -38.91 31.83
C PHE A 145 30.52 -39.89 32.89
N PHE A 146 31.69 -40.48 32.64
CA PHE A 146 32.31 -41.46 33.53
C PHE A 146 33.05 -40.74 34.66
N MET A 147 32.55 -40.88 35.88
CA MET A 147 33.21 -40.34 37.06
C MET A 147 33.34 -41.44 38.10
N MET A 148 34.53 -41.51 38.70
CA MET A 148 34.85 -42.60 39.63
C MET A 148 33.90 -42.61 40.82
N GLY A 149 33.91 -41.52 41.60
CA GLY A 149 32.97 -41.39 42.70
C GLY A 149 31.54 -41.72 42.32
N ASP A 150 31.15 -41.39 41.09
CA ASP A 150 29.75 -41.56 40.69
C ASP A 150 29.46 -42.97 40.27
N ARG A 151 30.33 -43.58 39.48
CA ARG A 151 30.03 -44.93 39.03
C ARG A 151 30.11 -45.91 40.19
N ILE A 152 31.07 -45.71 41.09
CA ILE A 152 31.23 -46.64 42.22
C ILE A 152 30.08 -46.48 43.20
N MET A 153 29.91 -45.27 43.73
CA MET A 153 28.92 -45.01 44.79
C MET A 153 27.50 -45.27 44.32
N SER A 154 27.19 -44.92 43.08
CA SER A 154 25.87 -45.26 42.57
C SER A 154 25.74 -46.75 42.35
N THR A 155 26.81 -47.40 41.88
CA THR A 155 26.69 -48.82 41.53
C THR A 155 26.41 -49.65 42.75
N LEU A 156 27.21 -49.48 43.81
CA LEU A 156 27.09 -50.39 44.94
C LEU A 156 25.78 -50.14 45.68
N ALA A 157 25.37 -48.87 45.83
CA ALA A 157 24.11 -48.58 46.49
C ALA A 157 22.94 -49.30 45.80
N CYS A 158 23.01 -49.50 44.48
CA CYS A 158 22.05 -50.38 43.83
C CYS A 158 22.25 -51.83 44.26
N VAL A 159 23.50 -52.22 44.48
CA VAL A 159 23.79 -53.60 44.85
C VAL A 159 23.23 -53.90 46.24
N VAL A 160 23.49 -53.02 47.21
CA VAL A 160 22.99 -53.20 48.57
C VAL A 160 21.46 -53.29 48.61
N ALA A 161 20.80 -52.88 47.54
CA ALA A 161 19.37 -53.14 47.44
C ALA A 161 19.10 -54.56 46.92
N LEU A 162 19.69 -54.91 45.78
CA LEU A 162 19.39 -56.17 45.13
C LEU A 162 19.74 -57.38 45.99
N LYS A 163 20.90 -57.36 46.64
CA LYS A 163 21.27 -58.51 47.47
C LYS A 163 20.54 -58.52 48.80
N SER A 164 20.34 -57.36 49.44
CA SER A 164 19.68 -57.34 50.74
C SER A 164 18.21 -57.72 50.66
N TRP A 165 17.64 -57.70 49.45
CA TRP A 165 16.31 -58.22 49.15
C TRP A 165 16.39 -59.57 48.45
N ASN A 166 17.59 -60.08 48.22
CA ASN A 166 17.85 -61.37 47.59
C ASN A 166 17.00 -61.58 46.34
N ILE A 167 17.21 -60.68 45.39
CA ILE A 167 16.63 -60.79 44.06
C ILE A 167 17.73 -60.42 43.07
N HIS A 168 17.52 -60.82 41.82
CA HIS A 168 18.39 -60.52 40.69
C HIS A 168 19.86 -60.61 41.06
N THR A 169 20.25 -61.74 41.65
CA THR A 169 21.65 -61.83 42.00
C THR A 169 22.54 -61.89 40.78
N ASP A 170 21.95 -62.06 39.58
CA ASP A 170 22.72 -62.10 38.33
C ASP A 170 23.41 -60.77 38.04
N LYS A 171 22.64 -59.69 37.96
CA LYS A 171 23.27 -58.37 37.81
C LYS A 171 23.96 -57.93 39.09
N CYS A 172 23.48 -58.45 40.22
CA CYS A 172 24.00 -58.05 41.52
C CYS A 172 25.50 -58.30 41.63
N GLU A 173 25.96 -59.50 41.24
CA GLU A 173 27.39 -59.75 41.28
C GLU A 173 28.05 -59.22 40.02
N ARG A 174 27.31 -59.16 38.90
CA ARG A 174 27.87 -58.66 37.65
C ARG A 174 28.35 -57.23 37.83
N GLY A 175 27.73 -56.50 38.75
CA GLY A 175 28.12 -55.15 39.04
C GLY A 175 29.03 -55.10 40.24
N LEU A 176 28.88 -56.10 41.11
CA LEU A 176 29.87 -56.34 42.16
C LEU A 176 31.27 -56.51 41.57
N LEU A 177 31.36 -57.04 40.33
CA LEU A 177 32.63 -57.08 39.61
C LEU A 177 33.17 -55.68 39.34
N PHE A 178 32.31 -54.77 38.89
CA PHE A 178 32.74 -53.41 38.58
C PHE A 178 33.33 -52.75 39.82
N ILE A 179 32.68 -52.90 40.96
CA ILE A 179 33.16 -52.29 42.18
C ILE A 179 34.53 -52.81 42.54
N GLN A 180 34.74 -54.12 42.44
CA GLN A 180 36.00 -54.73 42.83
C GLN A 180 37.19 -54.18 42.05
N GLU A 181 37.04 -54.07 40.74
CA GLU A 181 38.23 -53.84 39.93
C GLU A 181 38.59 -52.37 39.80
N ASN A 182 37.61 -51.46 39.77
CA ASN A 182 37.89 -50.03 39.63
C ASN A 182 37.91 -49.31 40.97
N MET A 183 38.14 -50.03 42.06
CA MET A 183 38.10 -49.44 43.40
C MET A 183 39.03 -48.24 43.57
N TRP A 184 40.06 -48.10 42.72
CA TRP A 184 41.01 -46.97 42.74
C TRP A 184 40.60 -45.75 41.86
N LEU A 195 32.90 -34.62 44.73
CA LEU A 195 31.48 -35.00 44.85
C LEU A 195 30.89 -34.46 46.17
N VAL A 196 29.55 -34.34 46.27
CA VAL A 196 28.90 -33.79 47.48
C VAL A 196 28.60 -34.88 48.50
N GLY A 197 28.88 -34.58 49.77
CA GLY A 197 28.64 -35.50 50.87
C GLY A 197 29.23 -36.89 50.73
N PHE A 198 30.29 -36.99 49.91
CA PHE A 198 30.84 -38.28 49.55
C PHE A 198 31.41 -38.99 50.77
N GLU A 199 32.19 -38.26 51.56
CA GLU A 199 32.85 -38.81 52.74
C GLU A 199 31.94 -38.95 53.95
N ILE A 200 30.63 -38.84 53.78
CA ILE A 200 29.67 -39.03 54.85
C ILE A 200 28.68 -40.14 54.54
N ALA A 201 28.27 -40.23 53.27
CA ALA A 201 27.33 -41.24 52.83
C ALA A 201 28.03 -42.50 52.35
N LEU A 202 29.29 -42.41 52.01
CA LEU A 202 29.98 -43.62 51.61
C LEU A 202 30.40 -44.46 52.82
N PRO A 203 30.94 -43.86 53.90
CA PRO A 203 31.23 -44.68 55.10
C PRO A 203 30.05 -45.44 55.68
N SER A 204 28.86 -44.83 55.73
CA SER A 204 27.69 -45.58 56.17
C SER A 204 27.23 -46.59 55.13
N LEU A 205 27.69 -46.46 53.88
CA LEU A 205 27.35 -47.42 52.84
C LEU A 205 28.27 -48.64 52.81
N LEU A 206 29.55 -48.48 53.16
CA LEU A 206 30.39 -49.66 53.40
C LEU A 206 29.98 -50.37 54.69
N ASP A 207 29.68 -49.60 55.75
CA ASP A 207 29.24 -50.22 57.01
C ASP A 207 27.99 -51.05 56.73
N MET A 208 27.16 -50.54 55.81
CA MET A 208 25.99 -51.25 55.30
C MET A 208 26.42 -52.39 54.38
N ALA A 209 27.58 -52.27 53.75
CA ALA A 209 28.09 -53.39 52.97
C ALA A 209 28.59 -54.50 53.89
N LYS A 210 29.03 -54.16 55.10
CA LYS A 210 29.45 -55.20 56.04
C LYS A 210 28.26 -56.02 56.54
N ASP A 211 27.12 -55.37 56.83
CA ASP A 211 25.93 -56.09 57.26
C ASP A 211 25.42 -57.09 56.24
N LEU A 212 25.93 -57.07 55.02
CA LEU A 212 25.75 -58.14 54.04
C LEU A 212 27.10 -58.74 53.75
N ASP A 213 27.13 -59.78 52.93
CA ASP A 213 28.41 -60.29 52.47
C ASP A 213 28.56 -59.97 50.99
N LEU A 214 29.74 -59.46 50.64
CA LEU A 214 30.05 -58.81 49.36
C LEU A 214 31.55 -58.55 49.22
N ASP A 215 32.23 -59.40 48.44
CA ASP A 215 33.68 -59.29 48.31
C ASP A 215 34.03 -57.97 47.64
N ILE A 216 34.42 -57.00 48.45
CA ILE A 216 34.81 -55.69 47.95
C ILE A 216 36.10 -55.26 48.64
N PRO A 217 37.12 -54.81 47.90
CA PRO A 217 38.34 -54.29 48.56
C PRO A 217 38.07 -53.13 49.51
N TYR A 218 37.55 -53.43 50.72
CA TYR A 218 37.62 -52.49 51.84
C TYR A 218 39.06 -52.06 52.10
N ASP A 219 40.02 -52.94 51.78
CA ASP A 219 41.45 -52.73 51.99
C ASP A 219 42.00 -51.93 50.81
N GLU A 220 41.57 -50.70 50.74
CA GLU A 220 42.04 -49.77 49.75
C GLU A 220 42.82 -48.66 50.41
N PRO A 221 43.99 -48.30 49.88
CA PRO A 221 44.72 -47.17 50.46
C PRO A 221 43.98 -45.85 50.29
N ALA A 222 43.16 -45.75 49.23
CA ALA A 222 42.34 -44.57 49.01
C ALA A 222 41.19 -44.54 50.00
N LEU A 223 40.89 -45.69 50.58
CA LEU A 223 39.73 -45.77 51.44
C LEU A 223 40.03 -45.13 52.78
N LYS A 224 41.25 -45.32 53.28
CA LYS A 224 41.59 -44.73 54.58
C LYS A 224 41.61 -43.22 54.53
N ALA A 225 41.96 -42.65 53.36
CA ALA A 225 42.10 -41.19 53.31
C ALA A 225 40.76 -40.49 53.42
N ILE A 226 39.71 -41.06 52.81
CA ILE A 226 38.39 -40.44 52.90
C ILE A 226 37.59 -40.96 54.08
N TYR A 227 37.98 -42.11 54.65
CA TYR A 227 37.36 -42.52 55.90
C TYR A 227 37.87 -41.67 57.06
N ALA A 228 39.09 -41.14 56.91
CA ALA A 228 39.63 -40.23 57.90
C ALA A 228 38.92 -38.88 57.86
N GLU A 229 38.57 -38.43 56.66
CA GLU A 229 37.77 -37.21 56.54
C GLU A 229 36.34 -37.41 57.03
N ARG A 230 35.86 -38.65 57.11
CA ARG A 230 34.58 -38.89 57.77
C ARG A 230 34.60 -38.25 59.14
N GLU A 231 35.62 -38.59 59.94
CA GLU A 231 35.76 -38.09 61.29
C GLU A 231 36.33 -36.67 61.33
N ARG A 232 37.08 -36.27 60.30
CA ARG A 232 37.58 -34.91 60.21
C ARG A 232 36.46 -33.89 60.04
N LYS A 233 35.27 -34.33 59.62
CA LYS A 233 34.10 -33.48 59.44
C LYS A 233 33.03 -33.71 60.49
N LEU A 234 32.68 -34.97 60.80
CA LEU A 234 31.76 -35.24 61.89
C LEU A 234 32.23 -34.70 63.23
N ALA A 235 33.48 -34.23 63.30
CA ALA A 235 34.03 -33.59 64.49
C ALA A 235 33.87 -32.08 64.47
N LYS A 236 34.16 -31.42 63.34
CA LYS A 236 33.97 -29.97 63.26
C LYS A 236 32.49 -29.59 63.23
N ILE A 237 31.61 -30.52 62.92
CA ILE A 237 30.17 -30.29 63.06
C ILE A 237 29.84 -30.37 64.55
N PRO A 238 29.24 -29.33 65.11
CA PRO A 238 28.72 -29.42 66.47
C PRO A 238 27.34 -30.02 66.47
N ARG A 239 27.22 -31.21 67.07
CA ARG A 239 25.94 -31.93 67.07
C ARG A 239 24.81 -31.06 67.64
N ASP A 240 25.08 -30.32 68.72
CA ASP A 240 24.05 -29.47 69.33
C ASP A 240 23.67 -28.30 68.42
N VAL A 241 24.50 -27.97 67.43
CA VAL A 241 24.15 -26.96 66.43
C VAL A 241 23.45 -27.54 65.18
N LEU A 242 23.75 -28.81 64.83
CA LEU A 242 23.06 -29.50 63.74
C LEU A 242 21.58 -29.68 64.03
N HIS A 243 21.18 -29.59 65.31
CA HIS A 243 19.81 -29.78 65.78
C HIS A 243 19.08 -28.47 66.05
N SER A 244 19.75 -27.33 65.88
CA SER A 244 19.15 -26.03 66.21
C SER A 244 18.64 -25.26 65.01
N MET A 245 19.36 -25.23 63.89
CA MET A 245 18.98 -24.51 62.69
C MET A 245 19.15 -25.41 61.48
N PRO A 246 18.28 -25.31 60.48
CA PRO A 246 18.47 -26.15 59.28
C PRO A 246 19.84 -25.85 58.69
N THR A 247 20.53 -26.89 58.26
CA THR A 247 21.88 -26.74 57.75
C THR A 247 22.06 -27.60 56.51
N THR A 248 23.20 -27.40 55.85
CA THR A 248 23.52 -28.20 54.69
C THR A 248 23.84 -29.64 55.04
N LEU A 249 24.07 -29.94 56.32
CA LEU A 249 24.37 -31.31 56.70
C LEU A 249 23.17 -32.23 56.55
N LEU A 250 21.97 -31.73 56.88
CA LEU A 250 20.76 -32.55 56.85
C LEU A 250 20.54 -33.25 55.51
N HIS A 251 21.34 -32.86 54.50
CA HIS A 251 21.32 -33.49 53.19
C HIS A 251 22.03 -34.84 53.22
N SER A 252 22.85 -35.11 54.24
CA SER A 252 23.58 -36.38 54.38
C SER A 252 23.31 -36.97 55.77
N LEU A 253 22.12 -37.54 55.98
CA LEU A 253 21.80 -38.19 57.24
C LEU A 253 21.80 -39.72 57.13
N GLU A 254 22.24 -40.26 56.00
CA GLU A 254 22.39 -41.70 55.85
C GLU A 254 23.64 -42.20 56.58
N GLY A 255 24.64 -41.32 56.66
CA GLY A 255 25.88 -41.58 57.37
C GLY A 255 25.95 -40.91 58.72
N MET A 256 24.87 -40.27 59.15
CA MET A 256 24.84 -39.60 60.44
C MET A 256 24.32 -40.62 61.44
N VAL A 257 24.98 -40.69 62.59
CA VAL A 257 24.61 -41.62 63.63
C VAL A 257 24.10 -40.92 64.89
N ASP A 258 23.06 -41.51 65.49
CA ASP A 258 22.54 -41.18 66.82
C ASP A 258 22.22 -39.70 67.02
N LEU A 259 21.14 -39.27 66.39
CA LEU A 259 20.71 -37.88 66.50
C LEU A 259 19.27 -37.78 66.99
N ASP A 260 19.02 -36.68 67.73
CA ASP A 260 17.76 -36.32 68.37
C ASP A 260 16.67 -35.96 67.35
N TRP A 261 15.81 -36.91 66.97
CA TRP A 261 14.78 -36.61 65.97
C TRP A 261 13.70 -35.68 66.50
N GLU A 262 13.53 -35.60 67.82
CA GLU A 262 12.56 -34.68 68.42
C GLU A 262 12.82 -33.24 68.00
N LYS A 263 14.08 -32.83 67.96
CA LYS A 263 14.48 -31.49 67.61
C LYS A 263 14.99 -31.39 66.18
N LEU A 264 14.98 -32.50 65.43
CA LEU A 264 15.43 -32.52 64.04
C LEU A 264 14.29 -32.38 63.05
N LEU A 265 13.14 -32.98 63.35
CA LEU A 265 11.94 -32.87 62.52
C LEU A 265 11.45 -31.42 62.44
N LYS A 266 11.87 -30.59 63.41
CA LYS A 266 11.65 -29.16 63.44
C LYS A 266 12.44 -28.42 62.36
N LEU A 267 13.35 -29.10 61.65
CA LEU A 267 14.28 -28.48 60.72
C LEU A 267 14.02 -28.81 59.27
N ARG A 268 13.01 -29.61 58.97
CA ARG A 268 12.90 -30.07 57.61
C ARG A 268 12.41 -28.95 56.70
N CYS A 269 12.39 -29.25 55.42
CA CYS A 269 11.89 -28.31 54.47
C CYS A 269 10.38 -28.30 54.55
N LEU A 270 9.78 -27.36 53.85
CA LEU A 270 8.33 -27.26 53.94
C LEU A 270 7.62 -28.49 53.34
N ASP A 271 8.20 -29.17 52.35
CA ASP A 271 7.57 -30.38 51.83
C ASP A 271 7.76 -31.60 52.74
N GLY A 272 8.48 -31.46 53.85
CA GLY A 272 8.77 -32.56 54.75
C GLY A 272 10.12 -33.20 54.58
N SER A 273 10.83 -32.86 53.53
CA SER A 273 12.11 -33.50 53.24
C SER A 273 13.20 -32.93 54.13
N PHE A 274 14.27 -33.70 54.25
CA PHE A 274 15.45 -33.23 54.98
C PHE A 274 16.37 -32.64 53.92
N HIS A 275 16.40 -31.30 53.86
CA HIS A 275 17.17 -30.58 52.84
C HIS A 275 17.08 -31.26 51.47
N CYS A 276 15.88 -31.75 51.11
CA CYS A 276 15.55 -32.15 49.75
C CYS A 276 16.37 -33.32 49.23
N SER A 277 16.84 -34.18 50.13
CA SER A 277 17.46 -35.43 49.70
C SER A 277 16.52 -36.58 50.00
N PRO A 278 16.13 -37.35 48.99
CA PRO A 278 15.33 -38.54 49.27
C PRO A 278 16.10 -39.58 50.08
N ALA A 279 17.43 -39.61 49.97
CA ALA A 279 18.20 -40.49 50.83
C ALA A 279 18.03 -40.09 52.29
N SER A 280 18.29 -38.81 52.60
CA SER A 280 18.18 -38.34 53.98
C SER A 280 16.76 -38.44 54.51
N THR A 281 15.77 -38.45 53.65
CA THR A 281 14.42 -38.66 54.16
C THR A 281 14.10 -40.14 54.32
N ALA A 282 14.67 -41.01 53.47
CA ALA A 282 14.48 -42.45 53.63
C ALA A 282 15.07 -42.93 54.95
N THR A 283 16.33 -42.58 55.22
CA THR A 283 16.94 -42.92 56.50
C THR A 283 16.24 -42.24 57.68
N ALA A 284 15.70 -41.03 57.48
CA ALA A 284 14.93 -40.37 58.54
C ALA A 284 13.58 -41.02 58.78
N PHE A 285 13.09 -41.76 57.79
CA PHE A 285 11.83 -42.48 57.92
C PHE A 285 12.05 -43.83 58.55
N GLN A 286 13.15 -44.52 58.18
CA GLN A 286 13.54 -45.73 58.88
C GLN A 286 13.63 -45.45 60.36
N GLN A 287 13.95 -44.21 60.73
CA GLN A 287 14.09 -43.87 62.13
C GLN A 287 12.86 -43.18 62.71
N THR A 288 11.99 -42.58 61.89
CA THR A 288 10.74 -42.06 62.42
C THR A 288 9.68 -42.02 61.34
N GLY A 289 8.51 -42.56 61.67
CA GLY A 289 7.42 -42.69 60.73
C GLY A 289 6.58 -41.46 60.39
N ASP A 290 7.15 -40.26 60.46
CA ASP A 290 6.38 -39.03 60.29
C ASP A 290 5.69 -39.04 58.92
N GLN A 291 4.34 -38.99 58.91
CA GLN A 291 3.63 -39.18 57.63
C GLN A 291 3.87 -38.01 56.67
N LYS A 292 4.18 -36.82 57.17
CA LYS A 292 4.56 -35.75 56.27
C LYS A 292 5.96 -35.95 55.72
N CYS A 293 6.73 -36.83 56.32
CA CYS A 293 8.07 -37.15 55.86
C CYS A 293 8.07 -38.36 54.94
N PHE A 294 7.09 -39.26 55.11
CA PHE A 294 6.76 -40.23 54.08
C PHE A 294 6.19 -39.55 52.83
N GLU A 295 5.23 -38.63 53.03
CA GLU A 295 4.51 -38.03 51.90
C GLU A 295 5.44 -37.44 50.86
N TYR A 296 6.52 -36.79 51.30
CA TYR A 296 7.51 -36.30 50.35
C TYR A 296 8.05 -37.45 49.50
N LEU A 297 8.30 -38.60 50.13
CA LEU A 297 8.93 -39.72 49.43
C LEU A 297 8.00 -40.39 48.41
N ASP A 298 6.76 -40.74 48.81
CA ASP A 298 5.90 -41.46 47.87
C ASP A 298 5.63 -40.63 46.62
N GLY A 299 5.38 -39.34 46.80
CA GLY A 299 5.08 -38.51 45.65
C GLY A 299 6.21 -38.52 44.65
N ILE A 300 7.45 -38.48 45.15
CA ILE A 300 8.63 -38.43 44.29
C ILE A 300 8.73 -39.68 43.43
N VAL A 301 8.27 -40.83 43.95
CA VAL A 301 8.28 -42.07 43.16
C VAL A 301 7.07 -42.15 42.28
N LYS A 302 5.94 -41.61 42.76
CA LYS A 302 4.73 -41.53 41.95
C LYS A 302 4.97 -40.61 40.76
N LYS A 303 5.62 -39.48 41.00
CA LYS A 303 5.87 -38.51 39.96
C LYS A 303 6.83 -39.06 38.91
N PHE A 304 7.65 -40.06 39.23
CA PHE A 304 8.59 -40.58 38.25
C PHE A 304 8.35 -42.03 37.83
N ASN A 305 7.23 -42.64 38.22
CA ASN A 305 6.92 -44.05 37.91
C ASN A 305 8.12 -44.93 38.22
N GLY A 306 8.54 -44.88 39.48
CA GLY A 306 9.77 -45.55 39.86
C GLY A 306 10.95 -44.62 39.70
N GLY A 307 11.94 -44.81 40.56
CA GLY A 307 13.16 -44.05 40.46
C GLY A 307 13.01 -42.62 40.95
N VAL A 308 14.09 -42.10 41.52
CA VAL A 308 14.03 -40.87 42.30
C VAL A 308 15.39 -40.19 42.23
N PRO A 309 15.41 -38.87 42.03
CA PRO A 309 16.66 -38.13 41.88
C PRO A 309 17.37 -37.93 43.20
N CYS A 310 18.48 -37.19 43.13
CA CYS A 310 19.32 -36.87 44.28
C CYS A 310 19.01 -35.52 44.90
N ILE A 311 17.99 -34.82 44.41
CA ILE A 311 17.53 -33.54 44.95
C ILE A 311 16.16 -33.17 44.38
N TYR A 312 15.22 -32.77 45.25
CA TYR A 312 13.90 -32.36 44.77
C TYR A 312 13.10 -31.64 45.86
N PRO A 313 12.24 -30.65 45.50
CA PRO A 313 12.12 -30.10 44.15
C PRO A 313 13.12 -28.98 43.96
N LEU A 314 13.16 -28.44 42.75
CA LEU A 314 14.08 -27.37 42.47
C LEU A 314 13.41 -26.29 41.59
N ASP A 315 12.17 -25.96 41.94
CA ASP A 315 11.32 -25.11 41.10
C ASP A 315 11.93 -23.74 40.88
N VAL A 316 12.72 -23.24 41.82
CA VAL A 316 13.33 -21.91 41.70
C VAL A 316 14.61 -21.96 40.87
N TYR A 317 15.55 -22.80 41.28
CA TYR A 317 16.79 -22.95 40.55
C TYR A 317 16.53 -23.12 39.07
N GLU A 318 15.62 -24.04 38.72
CA GLU A 318 15.36 -24.37 37.32
C GLU A 318 14.86 -23.17 36.53
N ARG A 319 13.88 -22.46 37.07
CA ARG A 319 13.37 -21.27 36.39
C ARG A 319 14.49 -20.26 36.20
N LEU A 320 15.11 -19.85 37.31
CA LEU A 320 16.16 -18.85 37.25
C LEU A 320 17.19 -19.20 36.19
N TRP A 321 17.62 -20.44 36.15
CA TRP A 321 18.70 -20.80 35.25
C TRP A 321 18.20 -20.99 33.84
N ALA A 322 16.99 -21.52 33.66
CA ALA A 322 16.44 -21.58 32.32
C ALA A 322 16.29 -20.19 31.71
N VAL A 323 15.88 -19.21 32.52
CA VAL A 323 15.77 -17.86 31.98
C VAL A 323 17.15 -17.33 31.59
N ASP A 324 18.12 -17.38 32.52
CA ASP A 324 19.44 -16.87 32.18
C ASP A 324 19.99 -17.54 30.95
N ARG A 325 19.73 -18.83 30.78
CA ARG A 325 20.28 -19.53 29.62
C ARG A 325 19.61 -19.08 28.32
N LEU A 326 18.29 -19.04 28.29
CA LEU A 326 17.62 -18.55 27.09
C LEU A 326 17.98 -17.11 26.84
N THR A 327 18.12 -16.34 27.93
CA THR A 327 18.45 -14.93 27.78
C THR A 327 19.80 -14.78 27.13
N ARG A 328 20.82 -15.47 27.66
CA ARG A 328 22.14 -15.31 27.08
C ARG A 328 22.19 -15.80 25.64
N LEU A 329 21.37 -16.80 25.30
CA LEU A 329 21.32 -17.32 23.93
C LEU A 329 20.57 -16.41 22.99
N GLY A 330 20.06 -15.28 23.46
CA GLY A 330 19.44 -14.28 22.61
C GLY A 330 18.04 -14.58 22.12
N ILE A 331 17.44 -15.71 22.50
CA ILE A 331 16.13 -16.04 22.00
C ILE A 331 15.05 -15.77 23.04
N SER A 332 15.41 -15.07 24.13
CA SER A 332 14.47 -14.73 25.18
C SER A 332 13.21 -14.04 24.65
N ARG A 333 13.36 -13.25 23.57
CA ARG A 333 12.25 -12.50 22.97
C ARG A 333 11.09 -13.40 22.52
N HIS A 334 11.38 -14.66 22.19
CA HIS A 334 10.36 -15.59 21.72
C HIS A 334 9.46 -16.07 22.85
N PHE A 335 9.94 -16.05 24.08
CA PHE A 335 9.24 -16.60 25.22
C PHE A 335 8.89 -15.54 26.24
N THR A 336 8.58 -14.32 25.78
CA THR A 336 8.44 -13.24 26.73
C THR A 336 7.30 -13.49 27.72
N SER A 337 6.17 -14.03 27.26
CA SER A 337 5.12 -14.29 28.26
C SER A 337 5.52 -15.40 29.21
N GLU A 338 6.12 -16.48 28.69
CA GLU A 338 6.52 -17.60 29.54
C GLU A 338 7.61 -17.19 30.53
N ILE A 339 8.61 -16.43 30.07
CA ILE A 339 9.66 -15.98 30.96
C ILE A 339 9.09 -15.07 32.03
N GLU A 340 8.34 -14.04 31.64
CA GLU A 340 7.71 -13.15 32.60
C GLU A 340 6.68 -13.91 33.44
N ASP A 341 6.22 -15.06 32.96
CA ASP A 341 5.35 -15.89 33.78
C ASP A 341 6.10 -16.43 34.99
N CYS A 342 7.20 -17.13 34.77
CA CYS A 342 7.88 -17.72 35.92
C CYS A 342 8.81 -16.75 36.63
N LEU A 343 9.26 -15.70 35.95
CA LEU A 343 10.01 -14.68 36.67
C LEU A 343 9.14 -14.09 37.77
N ASP A 344 7.84 -13.98 37.52
CA ASP A 344 6.88 -13.62 38.55
C ASP A 344 6.97 -14.58 39.71
N TYR A 345 7.05 -15.88 39.42
CA TYR A 345 7.15 -16.88 40.47
C TYR A 345 8.35 -16.63 41.35
N ILE A 346 9.46 -16.20 40.75
CA ILE A 346 10.62 -15.90 41.57
C ILE A 346 10.33 -14.69 42.42
N PHE A 347 9.69 -13.68 41.85
CA PHE A 347 9.34 -12.52 42.66
C PHE A 347 8.42 -12.92 43.81
N ARG A 348 7.44 -13.79 43.54
CA ARG A 348 6.50 -14.20 44.58
C ARG A 348 7.22 -14.83 45.76
N ASN A 349 8.27 -15.59 45.49
CA ASN A 349 8.95 -16.33 46.53
C ASN A 349 10.24 -15.65 46.98
N TRP A 350 10.33 -14.35 46.80
CA TRP A 350 11.50 -13.63 47.28
C TRP A 350 11.43 -13.55 48.80
N THR A 351 12.54 -13.88 49.46
CA THR A 351 12.58 -13.81 50.91
C THR A 351 13.64 -12.82 51.34
N PRO A 352 13.44 -12.13 52.48
CA PRO A 352 14.48 -11.20 52.93
C PRO A 352 15.75 -11.91 53.32
N ASP A 353 15.72 -13.23 53.41
CA ASP A 353 16.92 -13.98 53.70
C ASP A 353 17.58 -14.48 52.43
N GLY A 354 16.96 -14.29 51.27
CA GLY A 354 17.56 -14.69 50.02
C GLY A 354 16.71 -15.72 49.29
N LEU A 355 17.31 -16.43 48.33
CA LEU A 355 16.63 -17.51 47.62
C LEU A 355 17.36 -18.83 47.80
N ALA A 356 16.59 -19.89 47.88
CA ALA A 356 17.08 -21.25 47.89
C ALA A 356 16.95 -21.80 46.49
N HIS A 357 17.38 -23.03 46.31
CA HIS A 357 17.10 -23.63 45.02
C HIS A 357 15.64 -24.06 44.90
N THR A 358 14.92 -24.18 45.99
CA THR A 358 13.50 -24.42 45.87
C THR A 358 12.74 -23.46 46.77
N LYS A 359 11.45 -23.37 46.46
CA LYS A 359 10.56 -22.48 47.20
C LYS A 359 10.55 -22.85 48.66
N ASN A 360 10.53 -24.15 48.93
CA ASN A 360 10.21 -24.69 50.25
C ASN A 360 11.45 -25.26 50.94
N CYS A 361 12.56 -24.52 50.87
CA CYS A 361 13.79 -24.86 51.59
C CYS A 361 14.15 -23.66 52.44
N PRO A 362 14.13 -23.74 53.77
CA PRO A 362 14.36 -22.53 54.57
C PRO A 362 15.79 -22.06 54.54
N VAL A 363 16.75 -22.89 54.08
CA VAL A 363 18.15 -22.50 54.00
C VAL A 363 18.43 -21.95 52.61
N LYS A 364 18.97 -20.75 52.57
CA LYS A 364 19.21 -20.01 51.34
C LYS A 364 20.69 -20.06 51.00
N ASP A 365 20.99 -19.76 49.75
CA ASP A 365 22.36 -19.79 49.23
C ASP A 365 22.59 -18.58 48.33
N ILE A 366 23.85 -18.17 48.17
CA ILE A 366 24.12 -16.96 47.40
C ILE A 366 23.93 -17.22 45.91
N ASP A 367 24.24 -18.44 45.44
CA ASP A 367 24.13 -18.71 44.01
C ASP A 367 22.74 -18.42 43.51
N ASP A 368 21.73 -18.95 44.17
CA ASP A 368 20.36 -18.71 43.72
C ASP A 368 19.94 -17.26 43.97
N THR A 369 20.37 -16.67 45.08
CA THR A 369 19.96 -15.30 45.35
C THR A 369 20.54 -14.34 44.30
N ALA A 370 21.83 -14.49 43.95
CA ALA A 370 22.43 -13.59 42.96
C ALA A 370 21.81 -13.77 41.59
N MET A 371 21.61 -15.02 41.17
CA MET A 371 20.90 -15.27 39.91
C MET A 371 19.52 -14.63 39.94
N GLY A 372 18.79 -14.84 41.04
CA GLY A 372 17.46 -14.27 41.13
C GLY A 372 17.48 -12.76 41.13
N PHE A 373 18.39 -12.18 41.91
CA PHE A 373 18.47 -10.73 42.00
C PHE A 373 18.78 -10.12 40.65
N ARG A 374 19.77 -10.67 39.94
CA ARG A 374 20.11 -10.12 38.64
C ARG A 374 18.90 -10.16 37.70
N LEU A 375 18.32 -11.35 37.49
CA LEU A 375 17.23 -11.44 36.52
C LEU A 375 16.02 -10.63 36.96
N LEU A 376 15.71 -10.62 38.25
CA LEU A 376 14.58 -9.81 38.70
C LEU A 376 14.80 -8.35 38.37
N ARG A 377 15.97 -7.82 38.72
CA ARG A 377 16.22 -6.41 38.40
C ARG A 377 16.33 -6.19 36.89
N LEU A 378 16.93 -7.16 36.19
CA LEU A 378 17.10 -7.01 34.75
C LEU A 378 15.76 -6.95 34.06
N TYR A 379 14.78 -7.71 34.52
CA TYR A 379 13.48 -7.69 33.89
C TYR A 379 12.55 -6.66 34.51
N GLY A 380 13.11 -5.73 35.29
CA GLY A 380 12.38 -4.58 35.76
C GLY A 380 11.56 -4.74 37.01
N TYR A 381 11.92 -5.64 37.91
CA TYR A 381 11.20 -5.75 39.17
C TYR A 381 11.91 -4.93 40.25
N GLN A 382 11.17 -4.57 41.29
CA GLN A 382 11.79 -3.88 42.43
C GLN A 382 12.45 -4.93 43.33
N VAL A 383 13.78 -4.93 43.37
CA VAL A 383 14.52 -5.84 44.23
C VAL A 383 15.57 -5.04 44.96
N ASP A 384 15.81 -5.41 46.21
CA ASP A 384 16.76 -4.71 47.07
C ASP A 384 17.99 -5.56 47.27
N PRO A 385 19.20 -5.12 46.91
CA PRO A 385 20.36 -6.01 47.04
C PRO A 385 20.75 -6.27 48.48
N CYS A 386 20.14 -5.58 49.45
CA CYS A 386 20.53 -5.76 50.84
C CYS A 386 20.32 -7.20 51.31
N VAL A 387 19.55 -7.99 50.56
CA VAL A 387 19.35 -9.41 50.83
C VAL A 387 20.66 -10.17 50.78
N LEU A 388 21.71 -9.56 50.25
CA LEU A 388 23.03 -10.19 50.19
C LEU A 388 23.81 -10.09 51.47
N LYS A 389 23.64 -9.02 52.25
CA LYS A 389 24.49 -8.91 53.44
C LYS A 389 24.31 -10.08 54.41
N LYS A 390 23.30 -10.95 54.22
CA LYS A 390 23.19 -12.22 54.93
C LYS A 390 24.33 -13.20 54.60
N PHE A 391 25.13 -12.96 53.55
CA PHE A 391 26.24 -13.84 53.17
C PHE A 391 27.59 -13.16 53.33
N GLU A 392 27.60 -11.94 53.86
CA GLU A 392 28.81 -11.20 54.20
C GLU A 392 29.10 -11.42 55.67
N LYS A 393 30.29 -11.92 55.97
CA LYS A 393 30.79 -12.03 57.34
C LYS A 393 32.19 -11.43 57.38
N ASP A 394 32.30 -10.21 57.94
CA ASP A 394 33.55 -9.46 58.12
C ASP A 394 34.29 -9.28 56.79
N GLY A 395 33.57 -8.75 55.81
CA GLY A 395 34.17 -8.42 54.54
C GLY A 395 34.21 -9.57 53.57
N LYS A 396 33.87 -10.78 53.99
CA LYS A 396 33.99 -11.92 53.13
C LYS A 396 32.62 -12.47 52.77
N PHE A 397 32.56 -13.10 51.61
CA PHE A 397 31.30 -13.48 50.96
C PHE A 397 31.19 -14.97 50.76
N PHE A 398 30.37 -15.60 51.59
CA PHE A 398 30.23 -17.05 51.50
C PHE A 398 29.00 -17.41 50.68
N CYS A 399 28.74 -18.71 50.61
CA CYS A 399 27.65 -19.19 49.79
C CYS A 399 26.42 -19.48 50.63
N LEU A 400 26.61 -19.73 51.92
CA LEU A 400 25.50 -19.98 52.82
C LEU A 400 25.58 -19.03 53.99
N HIS A 401 24.44 -18.87 54.67
CA HIS A 401 24.27 -17.91 55.76
C HIS A 401 24.69 -18.59 57.06
N GLY A 402 25.99 -18.57 57.33
CA GLY A 402 26.49 -19.27 58.50
C GLY A 402 27.57 -20.30 58.20
N GLU A 403 27.19 -21.41 57.55
CA GLU A 403 28.17 -22.39 57.09
C GLU A 403 29.23 -21.71 56.23
N SER A 404 30.24 -21.12 56.86
CA SER A 404 31.29 -20.43 56.13
C SER A 404 32.18 -21.49 55.49
N ASN A 405 31.69 -22.05 54.40
CA ASN A 405 32.42 -23.04 53.63
C ASN A 405 33.33 -22.34 52.64
N PRO A 406 34.27 -23.06 52.04
CA PRO A 406 35.01 -22.49 50.91
C PRO A 406 34.04 -22.24 49.75
N SER A 407 34.00 -20.99 49.28
CA SER A 407 33.10 -20.62 48.18
C SER A 407 33.64 -21.11 46.84
N SER A 408 32.73 -21.58 45.98
CA SER A 408 33.11 -22.10 44.67
C SER A 408 33.18 -21.00 43.63
N VAL A 409 33.43 -21.39 42.39
CA VAL A 409 33.67 -20.41 41.33
C VAL A 409 32.36 -19.93 40.71
N THR A 410 31.49 -20.85 40.28
CA THR A 410 30.23 -20.43 39.67
C THR A 410 29.41 -19.44 40.50
N PRO A 411 29.22 -19.60 41.82
CA PRO A 411 28.40 -18.62 42.54
C PRO A 411 28.98 -17.22 42.51
N MET A 412 30.31 -17.11 42.54
CA MET A 412 30.94 -15.80 42.54
C MET A 412 30.78 -15.11 41.20
N TYR A 413 30.82 -15.89 40.12
CA TYR A 413 30.48 -15.35 38.81
C TYR A 413 29.10 -14.75 38.85
N ASN A 414 28.11 -15.53 39.32
CA ASN A 414 26.73 -15.09 39.31
C ASN A 414 26.52 -13.89 40.22
N THR A 415 27.24 -13.82 41.34
CA THR A 415 27.20 -12.58 42.13
C THR A 415 27.84 -11.43 41.37
N TYR A 416 29.03 -11.66 40.81
CA TYR A 416 29.69 -10.58 40.10
C TYR A 416 28.77 -9.96 39.07
N ARG A 417 28.09 -10.82 38.31
CA ARG A 417 27.14 -10.30 37.34
C ARG A 417 26.02 -9.51 38.04
N ALA A 418 25.46 -10.05 39.11
CA ALA A 418 24.40 -9.30 39.76
C ALA A 418 24.89 -7.95 40.26
N SER A 419 26.16 -7.85 40.65
CA SER A 419 26.64 -6.55 41.10
C SER A 419 26.75 -5.55 39.96
N GLN A 420 26.73 -6.03 38.72
CA GLN A 420 26.88 -5.14 37.58
C GLN A 420 25.63 -4.30 37.37
N LEU A 421 24.46 -4.79 37.79
CA LEU A 421 23.25 -3.97 37.74
C LEU A 421 23.15 -3.08 38.96
N LYS A 422 24.27 -2.55 39.42
CA LYS A 422 24.24 -1.70 40.59
C LYS A 422 23.55 -0.40 40.24
N PHE A 423 22.55 -0.01 41.08
CA PHE A 423 21.86 1.27 41.18
C PHE A 423 22.50 2.15 42.23
N PRO A 424 22.43 3.45 42.05
CA PRO A 424 23.07 4.33 43.03
C PRO A 424 22.40 4.31 44.40
N GLY A 425 21.09 4.03 44.47
CA GLY A 425 20.45 4.06 45.77
C GLY A 425 20.58 2.81 46.59
N ASP A 426 21.35 1.84 46.11
CA ASP A 426 21.35 0.49 46.63
C ASP A 426 22.19 0.44 47.88
N ASP A 427 21.96 -0.61 48.68
CA ASP A 427 22.83 -0.86 49.82
C ASP A 427 24.27 -1.12 49.36
N GLY A 428 25.21 -0.65 50.16
CA GLY A 428 26.60 -0.82 49.78
C GLY A 428 27.01 -2.26 49.64
N VAL A 429 26.20 -3.20 50.12
CA VAL A 429 26.61 -4.60 50.11
C VAL A 429 26.96 -5.01 48.70
N LEU A 430 26.20 -4.49 47.73
CA LEU A 430 26.43 -4.77 46.32
C LEU A 430 27.74 -4.14 45.86
N GLY A 431 28.03 -2.95 46.38
CA GLY A 431 29.34 -2.33 46.15
C GLY A 431 30.47 -3.20 46.65
N ARG A 432 30.39 -3.61 47.92
CA ARG A 432 31.43 -4.47 48.47
C ARG A 432 31.52 -5.77 47.69
N ALA A 433 30.37 -6.32 47.29
CA ALA A 433 30.31 -7.59 46.58
C ALA A 433 31.07 -7.53 45.28
N GLU A 434 30.90 -6.46 44.52
CA GLU A 434 31.60 -6.34 43.26
C GLU A 434 33.09 -6.54 43.47
N VAL A 435 33.66 -5.78 44.42
CA VAL A 435 35.11 -5.79 44.61
C VAL A 435 35.60 -7.18 45.03
N PHE A 436 34.90 -7.80 45.98
CA PHE A 436 35.30 -9.11 46.45
C PHE A 436 35.27 -10.11 45.30
N CYS A 437 34.14 -10.19 44.61
CA CYS A 437 34.02 -11.19 43.56
C CYS A 437 34.93 -10.93 42.38
N ARG A 438 35.20 -9.67 42.06
CA ARG A 438 36.20 -9.43 41.02
C ARG A 438 37.55 -9.96 41.47
N SER A 439 37.94 -9.68 42.73
CA SER A 439 39.23 -10.17 43.19
C SER A 439 39.27 -11.69 43.19
N PHE A 440 38.19 -12.33 43.61
CA PHE A 440 38.16 -13.79 43.64
C PHE A 440 38.42 -14.37 42.25
N LEU A 441 37.76 -13.81 41.23
CA LEU A 441 37.85 -14.37 39.89
C LEU A 441 39.10 -13.94 39.14
N GLN A 442 39.70 -12.81 39.53
CA GLN A 442 40.96 -12.37 38.93
C GLN A 442 42.13 -13.17 39.45
N ASP A 443 42.22 -13.34 40.77
CA ASP A 443 43.26 -14.17 41.34
C ASP A 443 43.23 -15.55 40.70
N ARG A 444 42.07 -15.96 40.22
CA ARG A 444 41.91 -17.27 39.65
C ARG A 444 41.94 -17.25 38.13
N ARG A 445 41.88 -16.08 37.50
CA ARG A 445 41.78 -16.06 36.05
C ARG A 445 43.03 -16.64 35.40
N GLY A 446 44.20 -16.19 35.84
CA GLY A 446 45.43 -16.67 35.27
C GLY A 446 45.81 -18.09 35.65
N SER A 447 44.93 -18.76 36.38
CA SER A 447 45.13 -20.15 36.80
C SER A 447 44.02 -21.01 36.24
N ASN A 448 44.35 -22.26 35.93
CA ASN A 448 43.30 -23.23 35.56
C ASN A 448 42.45 -23.65 36.78
N ARG A 449 42.61 -22.94 37.89
CA ARG A 449 41.79 -23.16 39.09
C ARG A 449 40.36 -22.66 38.94
N MET A 450 39.91 -22.47 37.69
CA MET A 450 38.55 -22.05 37.35
C MET A 450 37.52 -23.17 37.42
N LYS A 451 37.93 -24.39 37.75
CA LYS A 451 37.01 -25.51 37.83
C LYS A 451 35.96 -25.33 38.95
N ASP A 452 34.84 -26.01 38.76
CA ASP A 452 33.72 -26.01 39.70
C ASP A 452 33.73 -27.29 40.60
N ALA A 457 30.74 -28.10 33.48
CA ALA A 457 30.24 -27.33 32.32
C ALA A 457 31.29 -26.97 31.24
N LYS A 458 30.85 -26.94 29.97
CA LYS A 458 31.69 -26.75 28.78
C LYS A 458 32.77 -25.68 28.85
N ASP A 459 32.41 -24.40 28.78
CA ASP A 459 33.37 -23.29 28.78
C ASP A 459 33.03 -22.34 29.90
N ILE A 460 33.59 -22.62 31.06
CA ILE A 460 33.32 -21.76 32.19
C ILE A 460 34.38 -20.65 32.24
N PRO A 461 35.63 -20.85 31.79
CA PRO A 461 36.51 -19.68 31.76
C PRO A 461 36.13 -18.65 30.71
N GLY A 462 35.63 -19.06 29.55
CA GLY A 462 35.23 -18.08 28.54
C GLY A 462 34.06 -17.22 29.00
N GLU A 463 33.03 -17.89 29.55
CA GLU A 463 31.93 -17.21 30.23
C GLU A 463 32.45 -16.15 31.21
N VAL A 464 33.51 -16.48 31.97
CA VAL A 464 34.04 -15.56 32.99
C VAL A 464 34.90 -14.47 32.40
N GLU A 465 35.79 -14.80 31.45
CA GLU A 465 36.55 -13.72 30.82
C GLU A 465 35.61 -12.65 30.35
N TYR A 466 34.56 -13.05 29.64
CA TYR A 466 33.63 -12.06 29.14
C TYR A 466 33.16 -11.18 30.28
N ALA A 467 32.56 -11.80 31.30
CA ALA A 467 31.95 -11.04 32.38
C ALA A 467 32.92 -10.03 32.97
N MET A 468 34.20 -10.33 32.92
CA MET A 468 35.15 -9.41 33.52
C MET A 468 35.71 -8.39 32.54
N ASP A 469 35.86 -8.77 31.27
CA ASP A 469 36.45 -7.85 30.30
C ASP A 469 35.41 -6.87 29.79
N TYR A 470 34.14 -7.25 29.77
CA TYR A 470 33.07 -6.39 29.30
C TYR A 470 32.06 -6.17 30.41
N PRO A 471 32.23 -5.13 31.23
CA PRO A 471 31.20 -4.80 32.22
C PRO A 471 29.94 -4.31 31.52
N TRP A 472 28.90 -4.09 32.32
CA TRP A 472 27.57 -3.83 31.78
C TRP A 472 27.60 -2.74 30.73
N LYS A 473 28.24 -1.61 31.04
CA LYS A 473 28.22 -0.46 30.14
C LYS A 473 28.68 -0.82 28.75
N ALA A 474 29.46 -1.89 28.59
CA ALA A 474 29.99 -2.30 27.30
C ALA A 474 29.63 -3.75 26.95
N SER A 475 28.48 -4.24 27.42
CA SER A 475 28.05 -5.62 27.15
C SER A 475 26.94 -5.61 26.08
N LEU A 476 27.33 -5.65 24.82
CA LEU A 476 26.30 -5.60 23.77
C LEU A 476 25.70 -6.98 23.59
N PRO A 477 24.36 -7.11 23.62
CA PRO A 477 23.77 -8.45 23.69
C PRO A 477 24.17 -9.39 22.56
N ARG A 478 24.36 -8.90 21.34
CA ARG A 478 24.78 -9.83 20.29
C ARG A 478 26.23 -10.25 20.51
N ILE A 479 27.05 -9.40 21.10
CA ILE A 479 28.43 -9.83 21.38
C ILE A 479 28.39 -11.01 22.33
N GLU A 480 27.72 -10.84 23.47
CA GLU A 480 27.59 -11.92 24.45
C GLU A 480 26.95 -13.15 23.83
N THR A 481 25.88 -12.96 23.05
CA THR A 481 25.18 -14.11 22.51
C THR A 481 26.04 -14.89 21.52
N ARG A 482 26.77 -14.20 20.64
CA ARG A 482 27.62 -14.92 19.69
C ARG A 482 28.60 -15.79 20.43
N LEU A 483 29.26 -15.20 21.43
CA LEU A 483 30.18 -15.96 22.27
C LEU A 483 29.48 -17.09 22.99
N TYR A 484 28.27 -16.85 23.49
CA TYR A 484 27.64 -17.86 24.33
C TYR A 484 27.30 -19.13 23.56
N LEU A 485 27.03 -19.03 22.25
CA LEU A 485 26.78 -20.20 21.42
C LEU A 485 27.97 -21.16 21.44
N ASP A 486 29.18 -20.61 21.54
CA ASP A 486 30.42 -21.38 21.64
C ASP A 486 30.80 -21.71 23.07
N GLN A 487 29.96 -21.37 24.03
CA GLN A 487 30.24 -21.68 25.42
C GLN A 487 29.19 -22.55 26.08
N TYR A 488 27.98 -22.60 25.51
CA TYR A 488 26.89 -23.31 26.15
C TYR A 488 27.09 -24.80 25.98
N GLY A 489 27.12 -25.52 27.12
CA GLY A 489 27.51 -26.91 27.09
C GLY A 489 26.48 -27.84 26.50
N GLY A 490 25.21 -27.45 26.54
CA GLY A 490 24.17 -28.34 26.04
C GLY A 490 24.02 -29.52 26.98
N SER A 491 24.01 -30.73 26.41
CA SER A 491 24.06 -31.94 27.22
C SER A 491 25.43 -32.14 27.89
N GLY A 492 26.42 -31.34 27.51
CA GLY A 492 27.75 -31.49 28.08
C GLY A 492 27.80 -31.06 29.53
N ASP A 493 26.95 -30.11 29.91
CA ASP A 493 26.98 -29.63 31.28
C ASP A 493 26.48 -30.75 32.19
N VAL A 494 27.19 -30.97 33.29
CA VAL A 494 26.82 -31.92 34.33
C VAL A 494 26.91 -31.22 35.67
N TRP A 495 26.07 -31.68 36.60
CA TRP A 495 25.88 -31.04 37.89
C TRP A 495 26.32 -31.99 38.97
N ILE A 496 26.97 -31.42 39.98
CA ILE A 496 27.71 -32.19 40.97
C ILE A 496 26.78 -32.25 42.17
N GLY A 497 26.04 -33.31 42.32
CA GLY A 497 25.29 -33.44 43.54
C GLY A 497 25.76 -34.63 44.35
N LYS A 498 24.80 -35.35 44.94
CA LYS A 498 25.13 -36.60 45.58
C LYS A 498 25.44 -37.65 44.53
N VAL A 499 24.84 -37.54 43.35
CA VAL A 499 25.17 -38.37 42.20
C VAL A 499 25.43 -37.36 41.10
N LEU A 500 26.10 -37.78 40.03
CA LEU A 500 26.09 -36.96 38.83
C LEU A 500 24.69 -36.96 38.22
N HIS A 501 24.12 -35.77 38.07
CA HIS A 501 22.78 -35.61 37.53
C HIS A 501 22.79 -34.54 36.46
N ARG A 502 21.74 -34.52 35.65
CA ARG A 502 21.65 -33.59 34.56
C ARG A 502 20.31 -32.86 34.59
N MET A 503 20.29 -31.70 33.96
CA MET A 503 19.12 -30.82 33.90
C MET A 503 18.49 -30.84 32.51
N THR A 504 17.43 -31.63 32.36
CA THR A 504 16.84 -31.84 31.05
C THR A 504 16.36 -30.53 30.45
N LEU A 505 15.78 -29.66 31.28
CA LEU A 505 14.96 -28.58 30.75
C LEU A 505 15.82 -27.48 30.12
N PHE A 506 16.83 -27.01 30.83
CA PHE A 506 17.61 -25.87 30.39
C PHE A 506 19.04 -26.21 29.97
N CYS A 507 19.55 -27.43 30.27
CA CYS A 507 20.83 -27.90 29.72
C CYS A 507 20.59 -28.92 28.61
N ASN A 508 20.06 -28.38 27.51
CA ASN A 508 19.38 -29.09 26.45
C ASN A 508 20.19 -28.98 25.17
N ASP A 509 19.98 -29.91 24.25
CA ASP A 509 20.57 -29.79 22.92
C ASP A 509 19.67 -28.99 21.99
N LEU A 510 18.36 -29.04 22.22
CA LEU A 510 17.40 -28.22 21.48
C LEU A 510 17.65 -26.75 21.75
N TYR A 511 18.05 -26.40 22.96
CA TYR A 511 18.42 -25.02 23.22
C TYR A 511 19.47 -24.51 22.23
N LEU A 512 20.57 -25.26 22.01
CA LEU A 512 21.57 -24.80 21.04
C LEU A 512 21.06 -24.81 19.60
N LYS A 513 20.43 -25.91 19.16
CA LYS A 513 20.00 -25.93 17.76
C LYS A 513 19.07 -24.76 17.48
N ALA A 514 18.23 -24.39 18.44
CA ALA A 514 17.36 -23.24 18.26
C ALA A 514 18.15 -21.95 18.21
N ALA A 515 19.07 -21.76 19.15
CA ALA A 515 19.79 -20.49 19.21
C ALA A 515 20.66 -20.29 17.98
N LYS A 516 21.46 -21.31 17.63
CA LYS A 516 22.33 -21.21 16.46
C LYS A 516 21.53 -21.03 15.16
N ALA A 517 20.27 -21.48 15.14
CA ALA A 517 19.42 -21.15 14.01
C ALA A 517 19.12 -19.66 13.97
N ASP A 518 18.50 -19.15 15.05
CA ASP A 518 18.07 -17.75 15.11
C ASP A 518 19.25 -16.82 14.93
N PHE A 519 20.43 -17.24 15.33
CA PHE A 519 21.64 -16.43 15.11
C PHE A 519 22.14 -16.51 13.67
N SER A 520 22.01 -17.66 13.03
CA SER A 520 22.45 -17.69 11.65
C SER A 520 21.58 -16.77 10.80
N ASN A 521 20.25 -16.87 10.95
CA ASN A 521 19.36 -15.97 10.24
C ASN A 521 19.65 -14.51 10.55
N PHE A 522 20.20 -14.22 11.72
CA PHE A 522 20.59 -12.86 12.01
C PHE A 522 21.81 -12.46 11.19
N GLN A 523 22.80 -13.36 11.11
CA GLN A 523 23.97 -13.06 10.30
C GLN A 523 23.61 -12.94 8.84
N LYS A 524 22.72 -13.81 8.35
CA LYS A 524 22.29 -13.72 6.96
C LYS A 524 21.59 -12.40 6.72
N GLU A 525 20.61 -12.07 7.55
CA GLU A 525 19.93 -10.80 7.41
C GLU A 525 20.89 -9.62 7.58
N CYS A 526 21.95 -9.80 8.37
CA CYS A 526 22.94 -8.75 8.54
C CYS A 526 23.76 -8.51 7.28
N ARG A 527 24.20 -9.56 6.61
CA ARG A 527 25.05 -9.35 5.43
C ARG A 527 24.27 -8.65 4.31
N VAL A 528 23.03 -9.09 4.05
CA VAL A 528 22.19 -8.40 3.07
C VAL A 528 21.93 -6.99 3.54
N GLU A 529 21.80 -6.81 4.85
CA GLU A 529 21.55 -5.48 5.39
C GLU A 529 22.68 -4.53 4.96
N LEU A 530 23.91 -4.83 5.35
CA LEU A 530 25.01 -3.93 5.01
C LEU A 530 25.28 -3.87 3.51
N ASN A 531 25.11 -4.99 2.80
CA ASN A 531 25.37 -4.91 1.37
C ASN A 531 24.46 -3.87 0.73
N GLY A 532 23.21 -3.79 1.20
CA GLY A 532 22.36 -2.66 0.87
C GLY A 532 22.89 -1.34 1.39
N LEU A 533 23.50 -1.35 2.58
CA LEU A 533 24.03 -0.10 3.11
C LEU A 533 25.20 0.40 2.28
N ARG A 534 26.10 -0.51 1.89
CA ARG A 534 27.29 -0.06 1.15
C ARG A 534 26.89 0.76 -0.05
N ARG A 535 25.95 0.26 -0.84
CA ARG A 535 25.44 1.04 -1.94
C ARG A 535 25.00 2.41 -1.46
N TRP A 536 24.16 2.43 -0.43
CA TRP A 536 23.62 3.70 0.03
C TRP A 536 24.74 4.65 0.40
N TYR A 537 25.79 4.15 1.03
CA TYR A 537 26.90 5.03 1.42
C TYR A 537 27.59 5.62 0.19
N LEU A 538 27.94 4.76 -0.76
CA LEU A 538 28.71 5.22 -1.92
C LEU A 538 27.89 6.18 -2.77
N ARG A 539 26.74 5.73 -3.26
CA ARG A 539 25.96 6.47 -4.25
C ARG A 539 25.53 7.85 -3.76
N SER A 540 26.03 8.23 -2.59
CA SER A 540 25.73 9.49 -1.92
C SER A 540 26.91 10.44 -1.91
N ASN A 541 27.97 10.12 -2.65
CA ASN A 541 29.20 10.90 -2.64
C ASN A 541 29.61 11.04 -1.19
N LEU A 542 29.21 10.06 -0.38
CA LEU A 542 29.34 10.18 1.06
C LEU A 542 30.63 9.61 1.62
N GLU A 543 31.35 8.76 0.87
CA GLU A 543 32.66 8.28 1.31
C GLU A 543 33.73 9.34 1.15
N LYS A 544 33.50 10.35 0.28
CA LYS A 544 34.44 11.47 0.19
C LYS A 544 34.64 12.08 1.56
N PHE A 545 33.57 12.15 2.35
CA PHE A 545 33.62 12.47 3.77
C PHE A 545 33.89 11.20 4.58
N GLY A 546 34.42 11.39 5.78
CA GLY A 546 34.48 10.27 6.72
C GLY A 546 35.86 9.68 6.91
N GLY A 547 35.91 8.41 7.32
CA GLY A 547 37.17 7.76 7.58
C GLY A 547 38.08 7.77 6.37
N THR A 548 39.38 7.59 6.63
CA THR A 548 40.32 7.33 5.54
C THR A 548 40.17 5.92 4.99
N ASP A 549 39.34 5.08 5.63
CA ASP A 549 38.87 3.81 5.07
C ASP A 549 37.38 3.67 5.36
N PRO A 550 36.53 4.40 4.62
CA PRO A 550 35.11 4.46 5.00
C PRO A 550 34.41 3.10 5.11
N GLN A 551 34.85 2.05 4.44
CA GLN A 551 34.32 0.74 4.83
C GLN A 551 34.53 0.45 6.31
N THR A 552 35.56 1.01 6.93
CA THR A 552 35.72 0.73 8.34
C THR A 552 34.77 1.59 9.17
N THR A 553 34.61 2.86 8.79
CA THR A 553 33.67 3.73 9.51
C THR A 553 32.23 3.34 9.27
N LEU A 554 31.91 2.80 8.09
CA LEU A 554 30.60 2.21 7.90
C LEU A 554 30.46 0.93 8.71
N MET A 555 31.43 0.02 8.58
CA MET A 555 31.25 -1.29 9.17
C MET A 555 30.97 -1.18 10.67
N THR A 556 31.78 -0.41 11.39
CA THR A 556 31.54 -0.28 12.82
C THR A 556 30.23 0.43 13.08
N SER A 557 29.90 1.44 12.27
CA SER A 557 28.66 2.19 12.51
C SER A 557 27.44 1.30 12.27
N TYR A 558 27.48 0.44 11.26
CA TYR A 558 26.38 -0.51 11.13
C TYR A 558 26.42 -1.55 12.24
N PHE A 559 27.61 -2.03 12.57
CA PHE A 559 27.75 -3.11 13.53
C PHE A 559 27.19 -2.74 14.90
N LEU A 560 27.49 -1.52 15.36
CA LEU A 560 26.99 -1.11 16.66
C LEU A 560 25.48 -1.16 16.69
N ALA A 561 24.86 -0.59 15.66
CA ALA A 561 23.41 -0.55 15.63
C ALA A 561 22.81 -1.96 15.61
N SER A 562 23.42 -2.89 14.86
CA SER A 562 22.86 -4.23 14.73
C SER A 562 23.17 -5.11 15.95
N ALA A 563 24.32 -4.88 16.59
CA ALA A 563 24.63 -5.61 17.80
C ALA A 563 23.62 -5.33 18.91
N ASN A 564 22.94 -4.20 18.86
CA ASN A 564 22.00 -3.78 19.89
C ASN A 564 20.56 -3.97 19.47
N ILE A 565 20.14 -3.35 18.36
CA ILE A 565 18.79 -3.53 17.83
C ILE A 565 18.94 -4.55 16.70
N PHE A 566 18.79 -5.82 17.07
CA PHE A 566 19.08 -6.97 16.25
C PHE A 566 17.84 -7.73 15.80
N GLU A 567 16.67 -7.31 16.26
CA GLU A 567 15.44 -8.07 16.08
C GLU A 567 15.15 -8.35 14.61
N ALA A 568 14.23 -9.29 14.40
CA ALA A 568 13.78 -9.61 13.06
C ALA A 568 13.31 -8.34 12.33
N ASN A 569 12.18 -7.79 12.78
CA ASN A 569 11.50 -6.73 12.07
C ASN A 569 12.08 -5.35 12.32
N ARG A 570 12.88 -5.17 13.37
CA ARG A 570 13.23 -3.82 13.73
C ARG A 570 14.20 -3.23 12.74
N ALA A 571 14.32 -3.88 11.59
CA ALA A 571 15.26 -3.45 10.55
C ALA A 571 15.09 -1.98 10.21
N ALA A 572 13.85 -1.48 10.21
CA ALA A 572 13.60 -0.06 10.00
C ALA A 572 14.47 0.82 10.89
N GLU A 573 14.48 0.53 12.20
CA GLU A 573 15.27 1.32 13.15
C GLU A 573 16.76 1.11 12.92
N ARG A 574 17.20 -0.14 12.92
CA ARG A 574 18.61 -0.50 12.79
C ARG A 574 19.28 0.24 11.64
N LEU A 575 18.70 0.15 10.45
CA LEU A 575 19.24 0.84 9.29
C LEU A 575 19.21 2.35 9.49
N GLY A 576 18.11 2.86 10.06
CA GLY A 576 18.07 4.28 10.40
C GLY A 576 19.23 4.68 11.30
N TRP A 577 19.45 3.92 12.36
CA TRP A 577 20.57 4.19 13.24
C TRP A 577 21.87 4.22 12.43
N ALA A 578 22.13 3.16 11.66
CA ALA A 578 23.38 3.09 10.91
C ALA A 578 23.50 4.27 9.98
N ARG A 579 22.44 4.55 9.24
CA ARG A 579 22.47 5.65 8.27
C ARG A 579 22.75 6.98 8.96
N VAL A 580 21.92 7.36 9.94
CA VAL A 580 22.11 8.66 10.58
C VAL A 580 23.48 8.73 11.23
N ALA A 581 23.95 7.62 11.79
CA ALA A 581 25.26 7.60 12.39
C ALA A 581 26.32 8.01 11.37
N LEU A 582 26.23 7.43 10.17
CA LEU A 582 27.20 7.71 9.12
C LEU A 582 27.20 9.18 8.71
N LEU A 583 26.00 9.75 8.54
CA LEU A 583 25.95 11.16 8.23
C LEU A 583 26.65 11.95 9.30
N ALA A 584 26.32 11.67 10.57
CA ALA A 584 26.91 12.43 11.67
C ALA A 584 28.43 12.32 11.67
N ASP A 585 28.95 11.10 11.49
CA ASP A 585 30.40 10.93 11.35
C ASP A 585 30.94 11.73 10.20
N ALA A 586 30.28 11.61 9.04
CA ALA A 586 30.73 12.32 7.85
C ALA A 586 30.79 13.82 8.13
N VAL A 587 29.71 14.38 8.67
CA VAL A 587 29.66 15.82 8.93
C VAL A 587 30.72 16.23 9.96
N SER A 588 30.85 15.47 11.04
CA SER A 588 31.88 15.84 12.01
C SER A 588 33.26 15.82 11.38
N SER A 589 33.53 14.86 10.50
CA SER A 589 34.81 14.85 9.80
C SER A 589 35.00 16.12 8.98
N HIS A 590 33.98 16.54 8.25
CA HIS A 590 34.09 17.75 7.44
C HIS A 590 34.42 18.98 8.27
N PHE A 591 33.79 19.10 9.44
CA PHE A 591 34.02 20.27 10.27
C PHE A 591 35.40 20.25 10.91
N ARG A 592 35.88 19.04 11.24
CA ARG A 592 37.17 18.89 11.94
C ARG A 592 38.32 19.38 11.10
N ARG A 593 38.26 19.17 9.79
CA ARG A 593 39.36 19.60 8.96
C ARG A 593 38.87 20.73 8.08
N ILE A 594 38.28 21.74 8.71
CA ILE A 594 37.87 22.98 8.06
C ILE A 594 37.71 24.03 9.14
N GLY A 595 37.54 23.60 10.38
CA GLY A 595 37.48 24.53 11.50
C GLY A 595 36.11 24.87 12.06
N GLY A 596 35.03 24.24 11.60
CA GLY A 596 33.76 24.50 12.23
C GLY A 596 32.74 25.10 11.30
N PRO A 597 31.50 25.21 11.79
CA PRO A 597 30.46 25.89 11.01
C PRO A 597 30.75 27.35 10.81
N LYS A 598 31.77 27.88 11.49
CA LYS A 598 32.28 29.21 11.18
C LYS A 598 32.50 29.35 9.68
N ASN A 599 33.23 28.42 9.10
CA ASN A 599 33.50 28.37 7.67
C ASN A 599 32.77 27.22 6.98
N SER A 600 31.50 27.02 7.33
CA SER A 600 30.70 26.05 6.61
C SER A 600 30.20 26.78 5.38
N THR A 601 30.79 26.45 4.23
CA THR A 601 30.39 27.13 3.01
C THR A 601 29.10 26.58 2.45
N SER A 602 28.58 25.50 3.01
CA SER A 602 27.58 24.72 2.33
C SER A 602 26.28 24.72 3.12
N ASN A 603 25.20 24.31 2.43
CA ASN A 603 23.88 24.06 3.01
C ASN A 603 23.72 22.58 3.33
N LEU A 604 24.63 22.14 4.19
CA LEU A 604 24.68 20.81 4.79
C LEU A 604 23.52 20.50 5.72
N GLU A 605 22.56 21.39 5.94
CA GLU A 605 21.38 20.93 6.67
C GLU A 605 20.74 19.80 5.92
N GLU A 606 20.48 20.01 4.62
CA GLU A 606 19.75 19.11 3.75
C GLU A 606 20.14 17.67 4.03
N LEU A 607 21.27 17.25 3.48
CA LEU A 607 21.89 15.93 3.66
C LEU A 607 21.03 14.79 4.22
N ILE A 608 19.99 15.06 5.01
CA ILE A 608 19.16 13.97 5.54
C ILE A 608 18.36 13.38 4.42
N SER A 609 18.21 14.12 3.34
CA SER A 609 17.51 13.62 2.19
C SER A 609 18.29 12.51 1.55
N LEU A 610 19.48 12.20 2.08
CA LEU A 610 20.14 10.96 1.74
C LEU A 610 19.43 9.79 2.37
N VAL A 611 18.82 9.99 3.55
CA VAL A 611 17.97 8.94 4.11
C VAL A 611 16.67 8.88 3.31
N PRO A 612 16.26 7.70 2.85
CA PRO A 612 15.09 7.58 2.00
C PRO A 612 13.86 8.17 2.64
N PHE A 613 12.98 8.69 1.80
CA PHE A 613 11.75 9.30 2.26
C PHE A 613 10.80 8.21 2.73
N ASP A 614 10.42 8.28 4.00
CA ASP A 614 9.20 7.66 4.50
C ASP A 614 8.21 8.77 4.79
N ASP A 615 6.93 8.48 4.56
CA ASP A 615 5.89 9.49 4.70
C ASP A 615 5.70 9.92 6.15
N ALA A 616 5.91 9.02 7.10
CA ALA A 616 5.92 9.43 8.50
C ALA A 616 7.31 9.72 9.03
N TYR A 617 8.36 9.21 8.40
CA TYR A 617 9.66 9.34 9.05
C TYR A 617 10.38 10.62 8.67
N SER A 618 10.28 11.07 7.43
CA SER A 618 11.29 11.99 6.95
C SER A 618 11.22 13.35 7.63
N GLY A 619 10.03 13.94 7.70
CA GLY A 619 9.94 15.28 8.28
C GLY A 619 10.51 15.40 9.68
N SER A 620 10.17 14.45 10.55
CA SER A 620 10.64 14.57 11.91
C SER A 620 12.13 14.34 11.99
N LEU A 621 12.65 13.43 11.18
CA LEU A 621 14.08 13.21 11.14
C LEU A 621 14.80 14.45 10.65
N ARG A 622 14.21 15.19 9.71
CA ARG A 622 14.79 16.46 9.33
C ARG A 622 14.94 17.36 10.55
N GLU A 623 13.88 17.44 11.37
CA GLU A 623 13.89 18.35 12.51
C GLU A 623 14.96 17.95 13.52
N ALA A 624 15.12 16.64 13.77
CA ALA A 624 16.14 16.22 14.71
C ALA A 624 17.52 16.54 14.18
N TRP A 625 17.75 16.30 12.89
CA TRP A 625 19.03 16.58 12.27
C TRP A 625 19.32 18.05 12.26
N LYS A 626 18.31 18.86 12.00
CA LYS A 626 18.48 20.29 12.12
C LYS A 626 19.08 20.65 13.49
N GLN A 627 18.57 20.02 14.57
CA GLN A 627 19.01 20.34 15.92
C GLN A 627 20.45 19.93 16.14
N TRP A 628 20.86 18.80 15.59
CA TRP A 628 22.23 18.38 15.78
C TRP A 628 23.14 19.40 15.14
N LEU A 629 22.74 19.94 14.01
CA LEU A 629 23.51 21.02 13.43
C LEU A 629 23.48 22.25 14.32
N MET A 630 22.29 22.61 14.79
CA MET A 630 22.17 23.77 15.66
C MET A 630 23.00 23.58 16.94
N ALA A 631 23.15 22.33 17.37
CA ALA A 631 24.06 22.02 18.47
C ALA A 631 25.51 22.32 18.12
N TRP A 632 25.91 22.09 16.87
CA TRP A 632 27.30 22.37 16.50
C TRP A 632 27.63 23.85 16.62
N THR A 633 26.81 24.72 16.04
CA THR A 633 27.19 26.14 16.01
C THR A 633 27.27 26.71 17.43
N ALA A 634 26.54 26.15 18.38
CA ALA A 634 26.53 26.65 19.75
C ALA A 634 27.66 26.04 20.58
N LYS A 635 27.82 24.72 20.53
CA LYS A 635 28.94 24.07 21.20
C LYS A 635 30.26 24.27 20.41
N GLU A 636 30.23 25.08 19.34
CA GLU A 636 31.34 25.23 18.40
C GLU A 636 32.57 25.90 18.97
N SER A 637 32.46 27.20 19.27
CA SER A 637 33.64 27.91 19.73
C SER A 637 33.90 27.68 21.21
N SER A 638 33.62 26.47 21.71
CA SER A 638 33.83 26.12 23.12
C SER A 638 34.58 24.81 23.30
N GLN A 639 34.65 24.37 24.56
CA GLN A 639 35.38 23.15 24.91
C GLN A 639 34.49 21.92 25.07
N GLU A 640 33.19 22.10 25.33
CA GLU A 640 32.29 20.96 25.43
C GLU A 640 32.38 20.13 24.15
N SER A 641 32.25 18.80 24.29
CA SER A 641 32.32 17.94 23.13
C SER A 641 30.93 17.84 22.46
N ILE A 642 30.88 17.25 21.27
CA ILE A 642 29.61 17.10 20.57
C ILE A 642 29.04 15.69 20.70
N GLU A 643 29.85 14.72 21.13
CA GLU A 643 29.42 13.33 21.23
C GLU A 643 28.11 13.19 22.02
N GLY A 644 27.93 14.02 23.05
CA GLY A 644 26.67 14.01 23.79
C GLY A 644 25.48 14.23 22.88
N ASP A 645 25.59 15.21 21.99
CA ASP A 645 24.51 15.52 21.05
C ASP A 645 24.45 14.54 19.91
N THR A 646 25.57 13.94 19.51
CA THR A 646 25.51 12.90 18.48
C THR A 646 24.69 11.72 18.98
N ALA A 647 24.89 11.34 20.22
CA ALA A 647 24.09 10.26 20.78
C ALA A 647 22.64 10.66 20.94
N ILE A 648 22.41 11.88 21.45
CA ILE A 648 21.05 12.32 21.68
C ILE A 648 20.26 12.32 20.38
N LEU A 649 20.90 12.74 19.29
CA LEU A 649 20.27 12.71 17.97
C LEU A 649 19.90 11.28 17.59
N LEU A 650 20.82 10.36 17.84
CA LEU A 650 20.59 8.98 17.48
C LEU A 650 19.32 8.46 18.12
N VAL A 651 19.21 8.53 19.45
CA VAL A 651 18.00 7.97 20.07
C VAL A 651 16.80 8.68 19.51
N ARG A 652 16.94 9.96 19.15
CA ARG A 652 15.82 10.70 18.58
C ARG A 652 15.37 10.08 17.26
N ALA A 653 16.31 9.74 16.39
CA ALA A 653 15.96 9.08 15.14
C ALA A 653 15.40 7.69 15.39
N ILE A 654 16.10 6.89 16.19
CA ILE A 654 15.67 5.52 16.44
C ILE A 654 14.25 5.54 16.98
N GLU A 655 13.88 6.59 17.71
CA GLU A 655 12.53 6.77 18.20
C GLU A 655 11.60 7.24 17.09
N ILE A 656 12.11 7.94 16.09
CA ILE A 656 11.27 8.29 14.95
C ILE A 656 11.02 7.05 14.09
N PHE A 657 12.07 6.30 13.78
CA PHE A 657 11.81 4.99 13.20
C PHE A 657 11.12 4.21 14.31
N GLY A 658 10.41 3.16 13.97
CA GLY A 658 9.70 2.51 15.06
C GLY A 658 8.59 3.35 15.66
N GLY A 659 8.47 4.62 15.29
CA GLY A 659 7.23 5.35 15.36
C GLY A 659 6.43 5.43 16.66
N ARG A 660 7.11 5.46 17.79
CA ARG A 660 6.45 5.75 19.06
C ARG A 660 6.81 7.15 19.49
N HIS A 661 5.83 7.90 19.95
CA HIS A 661 6.15 9.20 20.51
C HIS A 661 5.93 9.14 22.00
N VAL A 662 6.50 10.13 22.69
CA VAL A 662 6.39 10.31 24.13
C VAL A 662 5.28 11.30 24.43
N LEU A 663 4.16 10.83 24.98
CA LEU A 663 3.09 11.76 25.33
C LEU A 663 3.64 12.85 26.24
N THR A 664 3.38 14.10 25.91
CA THR A 664 4.03 15.21 26.58
C THR A 664 3.11 16.06 27.42
N GLY A 665 1.82 15.72 27.44
CA GLY A 665 0.92 16.38 28.36
C GLY A 665 1.14 15.91 29.78
N GLN A 666 1.41 14.61 29.94
CA GLN A 666 1.62 14.05 31.28
C GLN A 666 2.95 14.55 31.82
N ARG A 667 2.91 15.21 32.97
CA ARG A 667 4.14 15.83 33.46
C ARG A 667 5.23 14.82 33.71
N PRO A 668 5.01 13.71 34.42
CA PRO A 668 6.16 12.85 34.72
C PRO A 668 6.68 12.15 33.51
N ASP A 669 5.86 11.99 32.46
CA ASP A 669 6.31 11.49 31.16
C ASP A 669 7.35 12.40 30.57
N LEU A 670 7.08 13.70 30.58
CA LEU A 670 8.05 14.69 30.12
C LEU A 670 9.36 14.64 30.90
N TRP A 671 9.28 14.64 32.23
CA TRP A 671 10.49 14.67 33.02
C TRP A 671 11.35 13.43 32.79
N GLU A 672 10.76 12.23 32.92
CA GLU A 672 11.55 11.02 32.73
C GLU A 672 12.24 11.00 31.37
N TYR A 673 11.56 11.48 30.33
CA TYR A 673 12.26 11.56 29.05
C TYR A 673 13.36 12.61 29.10
N SER A 674 13.00 13.86 29.42
CA SER A 674 13.98 14.93 29.40
C SER A 674 15.19 14.60 30.25
N GLN A 675 14.98 13.83 31.32
CA GLN A 675 16.05 13.47 32.24
C GLN A 675 16.94 12.36 31.69
N LEU A 676 16.35 11.43 30.93
CA LEU A 676 17.13 10.40 30.23
C LEU A 676 18.08 11.01 29.21
N GLU A 677 17.61 11.99 28.44
CA GLU A 677 18.46 12.71 27.50
C GLU A 677 19.62 13.37 28.22
N GLN A 678 19.36 14.02 29.33
CA GLN A 678 20.45 14.64 30.09
C GLN A 678 21.51 13.61 30.37
N LEU A 679 21.10 12.44 30.85
CA LEU A 679 22.10 11.45 31.22
C LEU A 679 22.86 10.98 30.01
N THR A 680 22.16 10.76 28.91
CA THR A 680 22.90 10.30 27.73
C THR A 680 23.81 11.42 27.22
N SER A 681 23.31 12.66 27.19
CA SER A 681 24.18 13.76 26.79
C SER A 681 25.39 13.84 27.70
N SER A 682 25.16 13.73 29.01
CA SER A 682 26.26 13.84 29.97
C SER A 682 27.21 12.65 29.86
N ILE A 683 26.68 11.43 29.79
CA ILE A 683 27.55 10.24 29.80
C ILE A 683 28.41 10.20 28.55
N CYS A 684 27.87 10.56 27.40
CA CYS A 684 28.70 10.46 26.21
C CYS A 684 29.71 11.57 26.14
N CYS A 685 29.41 12.73 26.72
CA CYS A 685 30.39 13.81 26.77
C CYS A 685 31.59 13.42 27.62
N LYS A 686 31.36 12.85 28.82
CA LYS A 686 32.46 12.36 29.66
C LYS A 686 33.29 11.29 28.95
N LEU A 687 32.66 10.41 28.18
CA LEU A 687 33.44 9.42 27.44
C LEU A 687 34.40 10.11 26.50
N SER A 688 33.90 11.09 25.78
CA SER A 688 34.73 11.76 24.80
C SER A 688 35.85 12.53 25.46
N ARG A 689 35.83 12.62 26.76
CA ARG A 689 36.91 13.27 27.47
C ARG A 689 37.93 12.27 27.91
N ARG A 690 37.47 11.04 28.17
CA ARG A 690 38.39 9.96 28.48
C ARG A 690 39.21 9.60 27.25
N VAL A 691 38.56 9.49 26.10
CA VAL A 691 39.30 9.10 24.91
C VAL A 691 40.23 10.19 24.43
N LEU A 692 40.14 11.39 25.00
CA LEU A 692 41.14 12.41 24.69
C LEU A 692 42.31 12.33 25.66
N ALA A 693 42.07 11.97 26.91
CA ALA A 693 43.19 11.77 27.82
C ALA A 693 43.96 10.49 27.50
N GLN A 694 43.38 9.58 26.73
CA GLN A 694 44.14 8.47 26.18
C GLN A 694 44.67 8.75 24.75
N ASN A 696 48.79 14.16 25.00
CA ASN A 696 47.85 14.04 26.13
C ASN A 696 47.93 12.68 26.85
N GLY A 697 47.60 11.60 26.13
CA GLY A 697 47.69 10.19 26.50
C GLY A 697 48.21 9.75 27.87
N GLU A 698 48.32 10.65 28.85
CA GLU A 698 48.94 10.35 30.14
C GLU A 698 47.97 10.53 31.30
N SER A 699 48.45 10.07 32.47
CA SER A 699 47.87 10.18 33.80
C SER A 699 46.88 9.07 34.08
N THR A 700 47.37 7.85 34.30
CA THR A 700 46.47 6.75 34.62
C THR A 700 45.56 7.14 35.77
N GLU A 701 46.07 8.01 36.66
CA GLU A 701 45.27 8.48 37.79
C GLU A 701 44.10 9.30 37.30
N LYS A 702 44.30 10.09 36.24
CA LYS A 702 43.25 10.94 35.71
C LYS A 702 42.24 10.13 34.91
N VAL A 703 42.70 9.17 34.13
CA VAL A 703 41.76 8.36 33.36
C VAL A 703 40.94 7.51 34.28
N GLU A 704 41.56 6.97 35.32
CA GLU A 704 40.82 6.13 36.25
C GLU A 704 39.81 6.93 37.06
N GLU A 705 40.00 8.25 37.13
CA GLU A 705 38.99 9.11 37.71
C GLU A 705 37.79 9.27 36.80
N ILE A 706 38.05 9.42 35.50
CA ILE A 706 36.93 9.60 34.58
C ILE A 706 36.13 8.32 34.49
N ASP A 707 36.82 7.19 34.38
CA ASP A 707 36.10 5.93 34.33
C ASP A 707 35.25 5.79 35.57
N GLN A 708 35.83 6.14 36.72
CA GLN A 708 35.14 5.97 37.99
C GLN A 708 33.83 6.75 37.99
N GLN A 709 33.82 7.95 37.41
CA GLN A 709 32.58 8.72 37.40
C GLN A 709 31.65 8.40 36.24
N VAL A 710 32.14 7.90 35.12
CA VAL A 710 31.19 7.50 34.08
C VAL A 710 30.38 6.34 34.59
N ASP A 711 31.04 5.33 35.17
CA ASP A 711 30.37 4.20 35.78
C ASP A 711 29.30 4.69 36.72
N LEU A 712 29.61 5.78 37.43
CA LEU A 712 28.65 6.37 38.33
C LEU A 712 27.40 6.85 37.59
N GLU A 713 27.57 7.77 36.63
CA GLU A 713 26.40 8.26 35.90
C GLU A 713 25.67 7.12 35.18
N MET A 714 26.39 6.13 34.69
CA MET A 714 25.75 5.00 34.01
C MET A 714 24.77 4.29 34.95
N GLN A 715 25.10 4.20 36.22
CA GLN A 715 24.20 3.53 37.14
C GLN A 715 22.83 4.19 37.17
N GLU A 716 22.78 5.51 37.35
CA GLU A 716 21.50 6.22 37.39
C GLU A 716 20.76 6.15 36.07
N LEU A 717 21.49 6.01 34.96
CA LEU A 717 20.82 5.74 33.70
C LEU A 717 20.23 4.34 33.69
N THR A 718 21.08 3.36 34.01
CA THR A 718 20.65 1.98 34.06
C THR A 718 19.46 1.83 34.97
N ARG A 719 19.46 2.54 36.09
CA ARG A 719 18.28 2.54 36.92
C ARG A 719 17.07 3.02 36.14
N ARG A 720 17.14 4.24 35.56
CA ARG A 720 15.94 4.84 34.96
C ARG A 720 15.43 4.07 33.75
N VAL A 721 16.30 3.28 33.11
CA VAL A 721 15.96 2.50 31.94
C VAL A 721 15.28 1.19 32.30
N LEU A 722 15.72 0.53 33.36
CA LEU A 722 15.20 -0.79 33.69
C LEU A 722 13.98 -0.76 34.61
N GLN A 723 13.82 0.32 35.39
CA GLN A 723 12.79 0.51 36.40
C GLN A 723 11.40 0.36 35.78
N GLY A 724 10.92 -0.88 35.61
CA GLY A 724 9.84 -1.10 34.67
C GLY A 724 8.51 -0.52 35.03
N CYS A 725 8.47 0.25 36.11
CA CYS A 725 7.30 1.02 36.48
C CYS A 725 7.37 2.46 35.96
N SER A 726 8.55 2.90 35.52
CA SER A 726 8.73 4.26 35.07
C SER A 726 7.74 4.55 33.95
N ALA A 727 7.39 5.82 33.79
CA ALA A 727 6.28 6.17 32.94
C ALA A 727 6.67 6.31 31.47
N ILE A 728 7.85 5.84 31.09
CA ILE A 728 8.31 5.79 29.71
C ILE A 728 8.26 4.37 29.19
N ASN A 729 7.75 4.23 27.98
CA ASN A 729 7.72 2.97 27.24
C ASN A 729 9.03 2.20 27.39
N ARG A 730 8.91 0.91 27.71
CA ARG A 730 10.08 0.04 27.84
C ARG A 730 10.95 0.11 26.59
N LEU A 731 10.35 0.22 25.41
CA LEU A 731 11.18 0.29 24.21
C LEU A 731 11.91 1.61 24.11
N THR A 732 11.27 2.71 24.48
CA THR A 732 12.00 3.95 24.48
C THR A 732 13.16 3.87 25.45
N ARG A 733 12.93 3.32 26.65
CA ARG A 733 14.02 3.19 27.61
C ARG A 733 15.16 2.37 27.02
N GLU A 734 14.84 1.27 26.35
CA GLU A 734 15.87 0.44 25.75
C GLU A 734 16.66 1.23 24.70
N THR A 735 15.99 2.08 23.92
CA THR A 735 16.67 2.88 22.92
C THR A 735 17.78 3.76 23.51
N PHE A 736 17.54 4.37 24.66
CA PHE A 736 18.57 5.11 25.38
C PHE A 736 19.73 4.19 25.80
N LEU A 737 19.42 3.06 26.43
CA LEU A 737 20.45 2.13 26.85
C LEU A 737 21.30 1.63 25.68
N HIS A 738 20.64 1.29 24.58
CA HIS A 738 21.30 0.82 23.35
C HIS A 738 22.36 1.79 22.86
N VAL A 739 21.97 3.05 22.65
CA VAL A 739 22.90 4.05 22.11
C VAL A 739 24.07 4.24 23.05
N VAL A 740 23.79 4.42 24.33
CA VAL A 740 24.87 4.70 25.26
C VAL A 740 25.83 3.53 25.33
N LYS A 741 25.29 2.31 25.53
CA LYS A 741 26.16 1.14 25.60
C LYS A 741 27.06 1.07 24.38
N SER A 742 26.51 1.30 23.18
CA SER A 742 27.37 1.27 22.01
C SER A 742 28.43 2.36 22.10
N PHE A 743 28.05 3.56 22.57
CA PHE A 743 29.05 4.60 22.70
C PHE A 743 30.15 4.17 23.64
N CYS A 744 29.76 3.55 24.74
CA CYS A 744 30.72 3.09 25.73
C CYS A 744 31.58 2.02 25.11
N TYR A 745 30.92 1.05 24.48
CA TYR A 745 31.60 -0.06 23.83
C TYR A 745 32.73 0.46 22.97
N VAL A 746 32.44 1.45 22.12
CA VAL A 746 33.44 1.99 21.23
C VAL A 746 34.57 2.66 22.03
N ALA A 747 34.21 3.45 23.04
CA ALA A 747 35.18 4.23 23.81
C ALA A 747 36.10 3.37 24.66
N TYR A 748 35.68 2.15 24.96
CA TYR A 748 36.40 1.23 25.81
C TYR A 748 37.00 0.07 25.05
N CYS A 749 37.22 0.21 23.75
CA CYS A 749 37.66 -0.94 22.98
C CYS A 749 38.67 -0.54 21.91
N SER A 750 39.73 -1.33 21.79
CA SER A 750 40.69 -1.17 20.71
C SER A 750 39.99 -1.38 19.37
N PRO A 751 40.39 -0.65 18.32
CA PRO A 751 39.85 -0.97 17.00
C PRO A 751 40.12 -2.41 16.62
N GLU A 752 41.25 -2.97 17.07
CA GLU A 752 41.53 -4.39 16.84
C GLU A 752 40.46 -5.26 17.48
N THR A 753 40.22 -5.08 18.77
CA THR A 753 39.23 -5.90 19.42
C THR A 753 37.86 -5.69 18.77
N ILE A 754 37.62 -4.50 18.23
CA ILE A 754 36.27 -4.17 17.83
C ILE A 754 35.88 -4.93 16.59
N ASP A 755 36.76 -5.05 15.61
CA ASP A 755 36.32 -5.78 14.43
C ASP A 755 36.63 -7.26 14.49
N SER A 756 37.52 -7.70 15.39
CA SER A 756 37.56 -9.13 15.65
C SER A 756 36.19 -9.59 16.12
N HIS A 757 35.51 -8.74 16.91
CA HIS A 757 34.11 -8.98 17.23
C HIS A 757 33.25 -8.97 15.97
N ILE A 758 33.41 -7.93 15.15
CA ILE A 758 32.64 -7.82 13.91
C ILE A 758 32.78 -9.11 13.10
N ASP A 759 34.01 -9.61 12.99
CA ASP A 759 34.18 -10.84 12.23
C ASP A 759 33.45 -11.98 12.90
N LYS A 760 33.55 -12.07 14.22
CA LYS A 760 33.00 -13.22 14.92
C LYS A 760 31.46 -13.19 15.00
N VAL A 761 30.82 -12.03 14.97
CA VAL A 761 29.38 -11.96 15.10
C VAL A 761 28.68 -11.91 13.75
N ILE A 762 29.20 -11.18 12.78
CA ILE A 762 28.46 -11.08 11.52
C ILE A 762 28.96 -12.11 10.51
N PHE A 763 30.25 -12.41 10.50
CA PHE A 763 30.86 -13.11 9.39
C PHE A 763 31.33 -14.51 9.69
N GLN A 764 31.77 -14.78 10.90
CA GLN A 764 32.24 -16.11 11.26
C GLN A 764 30.99 -16.98 11.51
N ASP A 765 30.47 -17.53 10.42
CA ASP A 765 29.16 -18.17 10.36
C ASP A 765 29.04 -19.30 11.37
N VAL A 766 27.98 -19.25 12.18
CA VAL A 766 27.54 -20.39 12.98
C VAL A 766 26.67 -21.29 12.12
N ILE A 767 26.51 -22.55 12.54
CA ILE A 767 25.87 -23.57 11.68
C ILE A 767 26.49 -23.59 10.26
N THR B 80 -29.91 27.39 17.87
CA THR B 80 -28.47 27.13 17.80
C THR B 80 -28.32 25.94 16.86
N THR B 81 -27.69 24.88 17.38
CA THR B 81 -27.89 23.50 16.92
C THR B 81 -29.33 23.04 17.12
N THR B 82 -30.03 23.69 18.05
CA THR B 82 -31.43 23.39 18.31
C THR B 82 -32.28 23.52 17.04
N MET B 83 -32.05 24.58 16.26
CA MET B 83 -32.78 24.72 15.00
C MET B 83 -32.45 23.57 14.04
N ILE B 84 -31.18 23.17 13.98
CA ILE B 84 -30.76 22.09 13.10
C ILE B 84 -31.53 20.80 13.41
N ASP B 85 -31.62 20.42 14.69
CA ASP B 85 -32.37 19.22 15.01
C ASP B 85 -33.85 19.39 14.68
N GLY B 86 -34.37 20.60 14.88
CA GLY B 86 -35.75 20.88 14.49
C GLY B 86 -35.98 20.72 13.00
N ILE B 87 -35.13 21.36 12.19
CA ILE B 87 -35.18 21.21 10.74
C ILE B 87 -34.91 19.76 10.32
N ARG B 88 -34.07 19.04 11.09
CA ARG B 88 -33.71 17.67 10.77
C ARG B 88 -34.89 16.73 10.89
N THR B 89 -35.59 16.78 12.02
CA THR B 89 -36.72 15.89 12.19
C THR B 89 -37.83 16.21 11.19
N ALA B 90 -37.93 17.47 10.76
CA ALA B 90 -38.89 17.84 9.71
C ALA B 90 -38.61 17.08 8.43
N LEU B 91 -37.33 16.92 8.08
CA LEU B 91 -36.96 16.15 6.90
C LEU B 91 -37.15 14.66 7.14
N ARG B 92 -36.88 14.19 8.35
CA ARG B 92 -36.97 12.76 8.62
C ARG B 92 -38.40 12.28 8.48
N SER B 93 -39.35 13.09 8.93
CA SER B 93 -40.76 12.77 8.82
C SER B 93 -41.36 13.25 7.51
N ILE B 94 -40.55 13.39 6.47
CA ILE B 94 -41.12 13.75 5.19
C ILE B 94 -41.97 12.59 4.70
N GLY B 95 -42.93 12.90 3.81
CA GLY B 95 -43.87 11.95 3.24
C GLY B 95 -44.57 12.45 1.99
N GLU B 96 -45.91 12.41 1.97
CA GLU B 96 -46.66 12.85 0.79
C GLU B 96 -46.71 14.37 0.64
N GLY B 97 -46.52 15.12 1.73
CA GLY B 97 -46.48 16.58 1.68
C GLY B 97 -47.09 17.30 2.87
N GLU B 98 -46.39 18.35 3.32
CA GLU B 98 -46.85 19.29 4.34
C GLU B 98 -47.29 20.57 3.60
N ILE B 99 -48.59 20.69 3.32
CA ILE B 99 -49.08 21.82 2.53
C ILE B 99 -50.25 22.51 3.26
N SER B 100 -50.48 23.76 2.86
CA SER B 100 -51.57 24.56 3.41
C SER B 100 -52.88 24.22 2.69
N ILE B 101 -53.95 24.35 3.44
CA ILE B 101 -55.29 24.00 2.95
C ILE B 101 -55.82 25.09 2.05
N SER B 102 -56.49 24.67 0.99
CA SER B 102 -57.18 25.57 0.08
C SER B 102 -58.65 25.59 0.48
N ALA B 103 -59.21 26.79 0.65
CA ALA B 103 -60.62 26.90 1.02
C ALA B 103 -61.52 26.39 -0.10
N TYR B 104 -61.18 26.70 -1.36
CA TYR B 104 -62.00 26.31 -2.51
C TYR B 104 -62.13 24.79 -2.62
N ASP B 105 -61.01 24.09 -2.75
CA ASP B 105 -61.04 22.63 -2.86
C ASP B 105 -61.66 21.98 -1.61
N THR B 106 -61.63 22.68 -0.47
CA THR B 106 -62.24 22.16 0.76
C THR B 106 -63.76 22.21 0.67
N SER B 107 -64.27 23.30 0.09
CA SER B 107 -65.71 23.47 -0.05
C SER B 107 -66.32 22.55 -1.10
N LEU B 108 -65.61 22.24 -2.19
CA LEU B 108 -66.18 21.32 -3.16
C LEU B 108 -66.56 19.98 -2.55
N VAL B 109 -66.15 19.72 -1.30
CA VAL B 109 -66.65 18.60 -0.53
C VAL B 109 -67.97 18.95 0.14
N ALA B 110 -68.33 20.24 0.22
CA ALA B 110 -69.71 20.54 0.63
C ALA B 110 -70.70 19.91 -0.32
N LEU B 111 -70.36 19.83 -1.60
CA LEU B 111 -71.28 19.22 -2.53
C LEU B 111 -71.40 17.73 -2.30
N LEU B 112 -70.83 17.22 -1.21
CA LEU B 112 -70.66 15.78 -1.04
C LEU B 112 -70.53 15.46 0.46
N LYS B 113 -71.45 14.65 0.99
CA LYS B 113 -71.49 14.42 2.44
C LYS B 113 -72.64 13.47 2.81
N PRO B 124 -68.32 16.32 4.94
CA PRO B 124 -68.66 15.73 6.24
C PRO B 124 -67.88 16.34 7.42
N SER B 125 -66.87 17.17 7.14
CA SER B 125 -66.07 17.82 8.17
C SER B 125 -65.38 18.99 7.52
N THR B 126 -65.33 18.93 6.19
CA THR B 126 -64.83 20.04 5.40
C THR B 126 -65.57 21.32 5.73
N ILE B 127 -66.89 21.23 5.92
CA ILE B 127 -67.65 22.40 6.33
C ILE B 127 -67.39 22.72 7.79
N ASP B 128 -67.25 21.69 8.62
CA ASP B 128 -66.82 21.90 10.00
C ASP B 128 -65.53 22.73 10.02
N TRP B 129 -64.63 22.47 9.07
CA TRP B 129 -63.43 23.28 8.95
C TRP B 129 -63.75 24.67 8.38
N ILE B 130 -64.54 24.75 7.29
CA ILE B 130 -64.79 26.04 6.62
C ILE B 130 -65.26 27.09 7.63
N VAL B 131 -66.25 26.73 8.45
CA VAL B 131 -66.75 27.67 9.45
C VAL B 131 -65.64 28.06 10.42
N GLN B 132 -64.98 27.04 10.98
CA GLN B 132 -63.96 27.25 12.01
C GLN B 132 -62.93 28.30 11.58
N ASN B 133 -62.36 28.12 10.39
CA ASN B 133 -61.35 29.01 9.83
C ASN B 133 -61.99 29.86 8.75
N GLN B 134 -62.26 31.12 9.07
CA GLN B 134 -62.68 32.07 8.07
C GLN B 134 -62.29 33.45 8.59
N LEU B 135 -61.56 34.21 7.76
CA LEU B 135 -60.76 35.34 8.22
C LEU B 135 -61.62 36.54 8.65
N PRO B 136 -61.03 37.50 9.40
CA PRO B 136 -61.85 38.58 9.99
C PRO B 136 -62.67 39.41 9.01
N ASP B 137 -62.13 39.84 7.86
CA ASP B 137 -63.00 40.46 6.86
C ASP B 137 -63.77 39.43 6.02
N GLY B 138 -63.71 38.15 6.39
CA GLY B 138 -64.40 37.07 5.71
C GLY B 138 -63.83 36.61 4.38
N SER B 139 -63.13 35.47 4.40
CA SER B 139 -62.46 34.86 3.22
C SER B 139 -61.67 33.61 3.62
N ASP B 142 -56.90 32.14 1.35
CA ASP B 142 -55.50 32.51 1.55
C ASP B 142 -55.36 33.48 2.72
N ALA B 143 -54.25 34.23 2.76
CA ALA B 143 -53.98 35.01 3.96
C ALA B 143 -53.21 36.30 3.71
N SER B 144 -51.94 36.31 4.10
CA SER B 144 -51.10 37.51 4.17
C SER B 144 -50.78 38.09 2.80
N PHE B 145 -51.04 37.36 1.74
CA PHE B 145 -50.93 37.85 0.38
C PHE B 145 -52.35 37.89 -0.15
N PHE B 146 -52.94 39.09 -0.18
CA PHE B 146 -54.27 39.28 -0.73
C PHE B 146 -54.11 39.50 -2.23
N MET B 147 -54.71 38.62 -3.03
CA MET B 147 -54.61 38.75 -4.48
C MET B 147 -55.99 38.80 -5.11
N MET B 148 -56.17 39.76 -6.02
CA MET B 148 -57.48 40.05 -6.61
C MET B 148 -58.07 38.81 -7.28
N GLY B 149 -57.30 38.18 -8.17
CA GLY B 149 -57.72 36.98 -8.88
C GLY B 149 -58.45 35.89 -8.12
N ASP B 150 -58.11 35.64 -6.84
CA ASP B 150 -58.75 34.53 -6.13
C ASP B 150 -59.12 34.82 -4.68
N ARG B 151 -59.06 36.08 -4.21
CA ARG B 151 -59.59 36.30 -2.87
C ARG B 151 -61.07 35.96 -2.88
N ILE B 152 -61.70 36.07 -4.05
CA ILE B 152 -63.13 35.84 -4.22
C ILE B 152 -63.49 34.38 -3.98
N MET B 153 -62.96 33.46 -4.78
CA MET B 153 -63.34 32.06 -4.62
C MET B 153 -62.80 31.45 -3.34
N SER B 154 -61.78 32.06 -2.71
CA SER B 154 -61.39 31.60 -1.37
C SER B 154 -62.54 31.83 -0.41
N THR B 155 -63.24 32.96 -0.59
CA THR B 155 -64.40 33.32 0.20
C THR B 155 -65.69 32.68 -0.32
N LEU B 156 -65.97 32.79 -1.63
CA LEU B 156 -67.32 32.47 -2.13
C LEU B 156 -67.63 30.99 -1.98
N ALA B 157 -66.66 30.14 -2.27
CA ALA B 157 -66.84 28.71 -2.07
C ALA B 157 -67.19 28.40 -0.63
N CYS B 158 -66.75 29.25 0.33
CA CYS B 158 -67.23 29.10 1.70
C CYS B 158 -68.75 29.29 1.79
N VAL B 159 -69.31 30.18 0.96
CA VAL B 159 -70.76 30.44 0.95
C VAL B 159 -71.55 29.35 0.23
N VAL B 160 -71.23 29.04 -1.03
CA VAL B 160 -71.96 27.99 -1.76
C VAL B 160 -71.88 26.66 -1.03
N ALA B 161 -70.99 26.55 -0.05
CA ALA B 161 -70.99 25.43 0.89
C ALA B 161 -71.97 25.68 2.03
N LEU B 162 -71.80 26.80 2.73
CA LEU B 162 -72.59 27.09 3.93
C LEU B 162 -74.07 27.24 3.62
N LYS B 163 -74.40 27.95 2.55
CA LYS B 163 -75.81 28.13 2.27
C LYS B 163 -76.42 26.90 1.61
N SER B 164 -75.66 26.18 0.79
CA SER B 164 -76.23 25.02 0.11
C SER B 164 -76.57 23.88 1.06
N TRP B 165 -75.95 23.81 2.24
CA TRP B 165 -76.40 22.91 3.30
C TRP B 165 -77.04 23.69 4.44
N ASN B 166 -77.08 25.02 4.34
CA ASN B 166 -77.71 25.93 5.29
C ASN B 166 -77.37 25.66 6.77
N ILE B 167 -76.11 25.89 7.12
CA ILE B 167 -75.72 26.00 8.52
C ILE B 167 -74.80 27.21 8.63
N HIS B 168 -74.72 27.76 9.84
CA HIS B 168 -73.89 28.95 10.12
C HIS B 168 -73.91 29.98 9.02
N THR B 169 -75.11 30.43 8.67
CA THR B 169 -75.25 31.54 7.75
C THR B 169 -74.85 32.88 8.37
N ASP B 170 -74.57 32.91 9.69
CA ASP B 170 -74.14 34.15 10.34
C ASP B 170 -72.83 34.64 9.76
N LYS B 171 -71.79 33.79 9.77
CA LYS B 171 -70.56 34.16 9.08
C LYS B 171 -70.75 34.17 7.56
N CYS B 172 -71.74 33.43 7.05
CA CYS B 172 -71.95 33.28 5.60
C CYS B 172 -72.11 34.63 4.92
N GLU B 173 -72.88 35.53 5.53
CA GLU B 173 -72.99 36.85 4.95
C GLU B 173 -71.85 37.76 5.38
N ARG B 174 -71.21 37.50 6.53
CA ARG B 174 -70.11 38.32 7.04
C ARG B 174 -68.94 38.42 6.08
N GLY B 175 -69.12 37.99 4.86
CA GLY B 175 -68.10 38.00 3.85
C GLY B 175 -68.82 38.19 2.54
N LEU B 176 -70.09 37.78 2.52
CA LEU B 176 -70.97 38.18 1.43
C LEU B 176 -71.01 39.69 1.26
N LEU B 177 -70.89 40.45 2.37
CA LEU B 177 -70.66 41.89 2.23
C LEU B 177 -69.31 42.17 1.60
N PHE B 178 -68.29 41.40 2.02
CA PHE B 178 -66.93 41.60 1.51
C PHE B 178 -66.86 41.38 0.00
N ILE B 179 -67.45 40.30 -0.51
CA ILE B 179 -67.38 40.03 -1.95
C ILE B 179 -68.16 41.08 -2.74
N GLN B 180 -69.38 41.41 -2.28
CA GLN B 180 -70.26 42.32 -3.01
C GLN B 180 -69.65 43.70 -3.26
N GLU B 181 -68.41 43.95 -2.79
CA GLU B 181 -67.79 45.27 -2.88
C GLU B 181 -66.46 45.28 -3.66
N ASN B 182 -65.67 44.21 -3.62
CA ASN B 182 -64.37 44.17 -4.26
C ASN B 182 -64.42 43.57 -5.67
N MET B 183 -65.62 43.43 -6.24
CA MET B 183 -65.89 42.80 -7.54
C MET B 183 -65.18 43.43 -8.74
N TRP B 184 -63.92 43.85 -8.57
CA TRP B 184 -63.18 44.55 -9.62
C TRP B 184 -61.66 44.37 -9.54
N ASP B 192 -52.13 39.76 -15.85
CA ASP B 192 -51.01 38.86 -16.15
C ASP B 192 -50.66 38.03 -14.91
N TRP B 193 -51.21 38.44 -13.79
CA TRP B 193 -50.99 37.79 -12.50
C TRP B 193 -52.28 37.08 -12.11
N MET B 194 -52.54 35.93 -12.74
CA MET B 194 -53.80 35.22 -12.57
C MET B 194 -53.52 33.77 -12.20
N LEU B 195 -54.58 33.08 -11.77
CA LEU B 195 -54.49 31.71 -11.31
C LEU B 195 -54.69 30.72 -12.45
N VAL B 196 -54.39 29.48 -12.16
CA VAL B 196 -54.49 28.40 -13.15
C VAL B 196 -55.92 27.87 -13.19
N GLY B 197 -56.36 27.53 -14.41
CA GLY B 197 -57.72 27.07 -14.67
C GLY B 197 -58.80 28.08 -14.34
N PHE B 198 -58.46 29.36 -14.39
CA PHE B 198 -59.38 30.37 -13.91
C PHE B 198 -60.60 30.54 -14.81
N GLU B 199 -60.40 30.67 -16.14
CA GLU B 199 -61.51 30.96 -17.04
C GLU B 199 -62.41 29.76 -17.32
N ILE B 200 -62.21 28.70 -16.54
CA ILE B 200 -63.01 27.47 -16.65
C ILE B 200 -63.55 27.12 -15.27
N ALA B 201 -62.80 27.41 -14.23
CA ALA B 201 -63.26 27.07 -12.89
C ALA B 201 -64.08 28.14 -12.24
N LEU B 202 -63.95 29.40 -12.67
CA LEU B 202 -64.78 30.44 -12.09
C LEU B 202 -66.14 30.61 -12.78
N PRO B 203 -66.22 30.72 -14.11
CA PRO B 203 -67.56 30.83 -14.72
C PRO B 203 -68.48 29.66 -14.39
N SER B 204 -67.95 28.43 -14.25
CA SER B 204 -68.75 27.33 -13.75
C SER B 204 -69.03 27.44 -12.24
N LEU B 205 -68.26 28.25 -11.53
CA LEU B 205 -68.53 28.49 -10.12
C LEU B 205 -69.56 29.59 -9.93
N LEU B 206 -69.63 30.50 -10.91
CA LEU B 206 -70.69 31.49 -10.92
C LEU B 206 -72.06 30.82 -11.04
N ASP B 207 -72.14 29.80 -11.89
CA ASP B 207 -73.40 29.23 -12.34
C ASP B 207 -74.26 28.71 -11.19
N MET B 208 -73.65 28.28 -10.08
CA MET B 208 -74.48 27.80 -8.98
C MET B 208 -75.26 28.91 -8.28
N ALA B 209 -74.78 30.15 -8.28
CA ALA B 209 -75.57 31.24 -7.70
C ALA B 209 -76.75 31.64 -8.60
N PRO B 221 -69.19 43.21 -13.81
CA PRO B 221 -68.73 43.78 -15.08
C PRO B 221 -67.21 43.70 -15.31
N ALA B 222 -66.39 43.60 -14.26
CA ALA B 222 -64.99 43.34 -14.51
C ALA B 222 -64.78 41.91 -14.98
N LEU B 223 -65.72 41.03 -14.59
CA LEU B 223 -65.73 39.61 -14.94
C LEU B 223 -66.24 39.38 -16.36
N LYS B 224 -67.12 40.26 -16.82
CA LYS B 224 -67.81 40.22 -18.11
C LYS B 224 -66.91 39.76 -19.25
N ALA B 225 -65.58 39.85 -19.05
CA ALA B 225 -64.60 39.44 -20.05
C ALA B 225 -64.57 37.92 -20.25
N ILE B 226 -64.96 37.15 -19.23
CA ILE B 226 -64.90 35.69 -19.28
C ILE B 226 -66.14 35.03 -19.90
N ARG B 232 -65.30 30.96 -24.09
CA ARG B 232 -64.57 31.27 -25.32
C ARG B 232 -63.18 30.66 -25.30
N LYS B 233 -62.69 30.43 -24.10
CA LYS B 233 -61.37 29.85 -23.93
C LYS B 233 -61.42 28.33 -23.88
N LEU B 234 -62.53 27.80 -23.38
CA LEU B 234 -62.80 26.38 -23.33
C LEU B 234 -63.25 25.82 -24.68
N ALA B 235 -63.22 26.65 -25.73
CA ALA B 235 -63.49 26.26 -27.10
C ALA B 235 -62.23 25.90 -27.89
N LYS B 236 -61.05 26.21 -27.37
CA LYS B 236 -59.78 25.84 -27.97
C LYS B 236 -59.29 24.49 -27.48
N ILE B 237 -60.17 23.69 -26.89
CA ILE B 237 -59.81 22.41 -26.28
C ILE B 237 -60.26 21.30 -27.23
N PRO B 238 -59.37 20.36 -27.60
CA PRO B 238 -59.79 19.19 -28.40
C PRO B 238 -60.34 18.05 -27.56
N ARG B 239 -61.65 17.75 -27.73
CA ARG B 239 -62.28 16.66 -26.99
C ARG B 239 -61.59 15.32 -27.24
N ASP B 240 -61.27 14.99 -28.49
CA ASP B 240 -60.80 13.65 -28.81
C ASP B 240 -59.45 13.33 -28.17
N VAL B 241 -58.65 14.34 -27.83
CA VAL B 241 -57.38 14.10 -27.14
C VAL B 241 -57.55 14.14 -25.62
N LEU B 242 -58.50 14.94 -25.12
CA LEU B 242 -58.77 15.00 -23.69
C LEU B 242 -59.23 13.67 -23.14
N HIS B 243 -59.79 12.80 -23.99
CA HIS B 243 -60.30 11.52 -23.55
C HIS B 243 -59.42 10.34 -23.93
N SER B 244 -58.35 10.55 -24.69
CA SER B 244 -57.48 9.46 -25.13
C SER B 244 -56.20 9.35 -24.31
N MET B 245 -55.57 10.47 -23.96
CA MET B 245 -54.32 10.54 -23.20
C MET B 245 -54.44 11.56 -22.08
N PRO B 246 -53.90 11.25 -20.90
CA PRO B 246 -54.05 12.17 -19.76
C PRO B 246 -53.42 13.52 -20.05
N THR B 247 -54.10 14.58 -19.59
CA THR B 247 -53.61 15.92 -19.77
C THR B 247 -53.87 16.74 -18.51
N THR B 248 -53.27 17.94 -18.50
CA THR B 248 -53.45 18.87 -17.39
C THR B 248 -54.84 19.43 -17.31
N LEU B 249 -55.64 19.23 -18.37
CA LEU B 249 -57.03 19.63 -18.28
C LEU B 249 -57.75 18.80 -17.24
N LEU B 250 -57.35 17.55 -17.07
CA LEU B 250 -57.91 16.72 -16.01
C LEU B 250 -57.76 17.36 -14.63
N HIS B 251 -56.94 18.39 -14.49
CA HIS B 251 -56.81 19.05 -13.19
C HIS B 251 -58.04 19.90 -12.90
N SER B 252 -58.67 20.41 -13.92
CA SER B 252 -59.78 21.33 -13.77
C SER B 252 -60.92 20.89 -14.68
N LEU B 253 -61.66 19.87 -14.26
CA LEU B 253 -62.78 19.37 -15.04
C LEU B 253 -64.14 19.73 -14.45
N GLU B 254 -64.18 20.52 -13.38
CA GLU B 254 -65.46 20.81 -12.74
C GLU B 254 -66.34 21.71 -13.61
N GLY B 255 -65.73 22.55 -14.43
CA GLY B 255 -66.51 23.38 -15.33
C GLY B 255 -66.50 22.95 -16.78
N MET B 256 -66.96 21.74 -17.07
CA MET B 256 -66.91 21.28 -18.44
C MET B 256 -68.19 20.54 -18.85
N VAL B 257 -68.59 20.75 -20.10
CA VAL B 257 -69.72 20.09 -20.72
C VAL B 257 -69.15 19.03 -21.65
N ASP B 258 -69.97 18.04 -22.01
CA ASP B 258 -69.52 16.94 -22.87
C ASP B 258 -68.33 16.22 -22.24
N LEU B 259 -68.63 15.50 -21.16
CA LEU B 259 -67.62 14.85 -20.32
C LEU B 259 -67.83 13.33 -20.25
N ASP B 260 -67.53 12.64 -21.37
CA ASP B 260 -67.62 11.19 -21.55
C ASP B 260 -66.70 10.42 -20.61
N TRP B 261 -67.25 9.89 -19.53
CA TRP B 261 -66.47 9.26 -18.47
C TRP B 261 -65.86 7.89 -18.83
N GLU B 262 -66.37 7.20 -19.86
CA GLU B 262 -65.88 5.84 -20.14
C GLU B 262 -64.37 5.79 -20.37
N LYS B 263 -63.82 6.77 -21.07
CA LYS B 263 -62.39 6.81 -21.37
C LYS B 263 -61.61 7.82 -20.53
N LEU B 264 -62.23 8.43 -19.51
CA LEU B 264 -61.53 9.37 -18.64
C LEU B 264 -60.92 8.67 -17.42
N LEU B 265 -61.61 7.67 -16.88
CA LEU B 265 -61.04 6.92 -15.78
C LEU B 265 -59.76 6.21 -16.19
N LYS B 266 -59.58 6.01 -17.50
CA LYS B 266 -58.32 5.54 -18.06
C LYS B 266 -57.21 6.55 -17.90
N LEU B 267 -57.53 7.75 -17.44
CA LEU B 267 -56.59 8.87 -17.43
C LEU B 267 -56.22 9.28 -16.02
N ARG B 268 -56.78 8.63 -15.00
CA ARG B 268 -56.66 9.06 -13.62
C ARG B 268 -55.26 8.75 -13.10
N CYS B 269 -54.98 9.25 -11.91
CA CYS B 269 -53.71 8.94 -11.27
C CYS B 269 -53.81 7.63 -10.50
N LEU B 270 -52.64 7.09 -10.10
CA LEU B 270 -52.61 5.86 -9.33
C LEU B 270 -53.24 6.08 -7.98
N ASP B 271 -53.20 7.32 -7.51
CA ASP B 271 -53.87 7.66 -6.27
C ASP B 271 -55.37 7.66 -6.45
N GLY B 272 -55.84 7.61 -7.71
CA GLY B 272 -57.23 7.71 -8.04
C GLY B 272 -57.66 9.10 -8.47
N SER B 273 -56.80 10.09 -8.30
CA SER B 273 -57.12 11.49 -8.54
C SER B 273 -57.13 11.84 -10.02
N PHE B 274 -57.76 12.96 -10.32
CA PHE B 274 -57.67 13.56 -11.65
C PHE B 274 -56.62 14.65 -11.61
N HIS B 275 -55.46 14.37 -12.21
CA HIS B 275 -54.26 15.21 -12.16
C HIS B 275 -54.05 15.77 -10.76
N CYS B 276 -54.29 14.94 -9.76
CA CYS B 276 -53.92 15.19 -8.37
C CYS B 276 -54.61 16.43 -7.80
N SER B 277 -55.76 16.82 -8.36
CA SER B 277 -56.56 17.88 -7.78
C SER B 277 -57.81 17.29 -7.18
N PRO B 278 -58.10 17.55 -5.92
CA PRO B 278 -59.36 17.08 -5.35
C PRO B 278 -60.56 17.77 -5.96
N ALA B 279 -60.39 19.00 -6.47
CA ALA B 279 -61.49 19.71 -7.10
C ALA B 279 -62.02 18.97 -8.32
N SER B 280 -61.14 18.67 -9.27
CA SER B 280 -61.56 17.92 -10.45
C SER B 280 -62.03 16.53 -10.08
N THR B 281 -61.61 16.04 -8.91
CA THR B 281 -61.99 14.70 -8.46
C THR B 281 -63.36 14.66 -7.76
N ALA B 282 -63.79 15.72 -7.07
CA ALA B 282 -65.13 15.72 -6.47
C ALA B 282 -66.22 15.71 -7.53
N THR B 283 -66.18 16.65 -8.48
CA THR B 283 -67.17 16.68 -9.56
C THR B 283 -67.12 15.42 -10.43
N ALA B 284 -65.95 14.77 -10.52
CA ALA B 284 -65.88 13.51 -11.26
C ALA B 284 -66.61 12.39 -10.55
N PHE B 285 -66.85 12.53 -9.24
CA PHE B 285 -67.58 11.57 -8.43
C PHE B 285 -69.10 11.77 -8.48
N GLN B 286 -69.58 13.01 -8.48
CA GLN B 286 -71.00 13.27 -8.73
C GLN B 286 -71.44 12.62 -10.02
N GLN B 287 -70.54 12.48 -10.98
CA GLN B 287 -70.82 11.91 -12.28
C GLN B 287 -70.49 10.43 -12.35
N THR B 288 -69.71 9.90 -11.40
CA THR B 288 -69.48 8.47 -11.28
C THR B 288 -69.15 8.14 -9.83
N GLY B 289 -69.89 7.22 -9.23
CA GLY B 289 -69.65 6.87 -7.84
C GLY B 289 -68.45 5.97 -7.63
N ASP B 290 -67.45 6.06 -8.51
CA ASP B 290 -66.32 5.14 -8.57
C ASP B 290 -65.59 5.09 -7.21
N GLN B 291 -65.56 3.91 -6.58
CA GLN B 291 -65.00 3.78 -5.22
C GLN B 291 -63.48 3.92 -5.17
N LYS B 292 -62.76 3.65 -6.26
CA LYS B 292 -61.32 3.93 -6.29
C LYS B 292 -61.04 5.42 -6.40
N CYS B 293 -62.04 6.21 -6.75
CA CYS B 293 -61.91 7.65 -6.79
C CYS B 293 -62.30 8.26 -5.45
N PHE B 294 -63.26 7.62 -4.78
CA PHE B 294 -63.56 7.90 -3.38
C PHE B 294 -62.35 7.61 -2.51
N GLU B 295 -61.64 6.50 -2.77
CA GLU B 295 -60.48 6.12 -1.97
C GLU B 295 -59.49 7.28 -1.86
N TYR B 296 -59.25 7.96 -2.97
CA TYR B 296 -58.39 9.13 -2.95
C TYR B 296 -58.97 10.24 -2.08
N LEU B 297 -60.26 10.54 -2.28
CA LEU B 297 -60.85 11.64 -1.54
C LEU B 297 -60.96 11.30 -0.07
N ASP B 298 -61.41 10.07 0.24
CA ASP B 298 -61.49 9.65 1.64
C ASP B 298 -60.13 9.76 2.33
N GLY B 299 -59.08 9.33 1.65
CA GLY B 299 -57.77 9.38 2.27
C GLY B 299 -57.34 10.79 2.58
N ILE B 300 -57.56 11.71 1.64
CA ILE B 300 -57.08 13.09 1.81
C ILE B 300 -57.76 13.75 3.01
N VAL B 301 -59.03 13.46 3.25
CA VAL B 301 -59.66 14.17 4.35
C VAL B 301 -59.31 13.54 5.68
N LYS B 302 -59.09 12.23 5.71
CA LYS B 302 -58.55 11.63 6.92
C LYS B 302 -57.15 12.16 7.21
N LYS B 303 -56.32 12.29 6.17
CA LYS B 303 -54.90 12.64 6.32
C LYS B 303 -54.68 14.07 6.80
N PHE B 304 -55.66 14.96 6.68
CA PHE B 304 -55.51 16.30 7.24
C PHE B 304 -56.42 16.56 8.44
N ASN B 305 -57.09 15.53 8.97
CA ASN B 305 -57.98 15.64 10.13
C ASN B 305 -58.93 16.85 9.95
N GLY B 306 -59.63 16.82 8.82
CA GLY B 306 -60.49 17.84 8.22
C GLY B 306 -59.73 18.71 7.24
N GLY B 307 -60.43 19.15 6.19
CA GLY B 307 -59.83 20.05 5.22
C GLY B 307 -58.91 19.35 4.24
N VAL B 308 -58.69 20.03 3.11
CA VAL B 308 -58.03 19.46 1.93
C VAL B 308 -57.38 20.55 1.08
N PRO B 309 -56.16 20.34 0.59
CA PRO B 309 -55.48 21.34 -0.25
C PRO B 309 -56.04 21.34 -1.67
N CYS B 310 -55.43 22.17 -2.53
CA CYS B 310 -55.87 22.26 -3.92
C CYS B 310 -55.09 21.36 -4.86
N ILE B 311 -54.17 20.56 -4.33
CA ILE B 311 -53.39 19.61 -5.11
C ILE B 311 -52.68 18.68 -4.13
N TYR B 312 -52.69 17.37 -4.41
CA TYR B 312 -52.10 16.37 -3.54
C TYR B 312 -51.99 15.03 -4.27
N PRO B 313 -50.98 14.20 -3.95
CA PRO B 313 -49.88 14.49 -3.04
C PRO B 313 -48.70 15.12 -3.79
N LEU B 314 -47.65 15.55 -3.08
CA LEU B 314 -46.53 16.25 -3.69
C LEU B 314 -45.20 15.64 -3.27
N ASP B 315 -45.14 14.31 -3.19
CA ASP B 315 -43.98 13.65 -2.57
C ASP B 315 -42.68 13.91 -3.32
N VAL B 316 -42.73 14.11 -4.64
CA VAL B 316 -41.48 14.32 -5.37
C VAL B 316 -41.06 15.77 -5.27
N TYR B 317 -41.90 16.65 -5.80
CA TYR B 317 -41.63 18.09 -5.78
C TYR B 317 -41.16 18.54 -4.40
N GLU B 318 -41.92 18.21 -3.36
CA GLU B 318 -41.56 18.66 -2.03
C GLU B 318 -40.16 18.22 -1.68
N ARG B 319 -39.84 16.94 -1.94
CA ARG B 319 -38.51 16.44 -1.66
C ARG B 319 -37.45 17.15 -2.48
N LEU B 320 -37.57 17.09 -3.81
CA LEU B 320 -36.56 17.72 -4.67
C LEU B 320 -36.26 19.13 -4.21
N TRP B 321 -37.31 19.87 -3.83
CA TRP B 321 -37.16 21.28 -3.54
C TRP B 321 -36.64 21.51 -2.13
N ALA B 322 -37.09 20.72 -1.15
CA ALA B 322 -36.51 20.85 0.19
C ALA B 322 -35.01 20.59 0.18
N VAL B 323 -34.55 19.66 -0.66
CA VAL B 323 -33.12 19.43 -0.80
C VAL B 323 -32.43 20.65 -1.40
N ASP B 324 -32.93 21.10 -2.55
CA ASP B 324 -32.32 22.24 -3.23
C ASP B 324 -32.15 23.43 -2.29
N ARG B 325 -33.11 23.65 -1.41
CA ARG B 325 -33.05 24.78 -0.50
C ARG B 325 -31.99 24.59 0.56
N LEU B 326 -31.97 23.45 1.21
CA LEU B 326 -30.95 23.22 2.23
C LEU B 326 -29.56 23.27 1.62
N THR B 327 -29.39 22.79 0.39
CA THR B 327 -28.06 22.81 -0.23
C THR B 327 -27.61 24.23 -0.51
N ARG B 328 -28.42 25.01 -1.23
CA ARG B 328 -28.05 26.39 -1.54
C ARG B 328 -27.85 27.22 -0.28
N LEU B 329 -28.60 26.90 0.77
CA LEU B 329 -28.39 27.57 2.05
C LEU B 329 -27.14 27.07 2.77
N GLY B 330 -26.38 26.14 2.16
CA GLY B 330 -25.10 25.69 2.65
C GLY B 330 -25.15 24.77 3.85
N ILE B 331 -26.34 24.47 4.37
CA ILE B 331 -26.47 23.67 5.58
C ILE B 331 -26.81 22.22 5.24
N SER B 332 -26.70 21.86 3.96
CA SER B 332 -26.89 20.48 3.50
C SER B 332 -25.94 19.51 4.17
N ARG B 333 -24.72 19.95 4.49
CA ARG B 333 -23.76 19.05 5.13
C ARG B 333 -24.30 18.43 6.41
N HIS B 334 -25.25 19.10 7.09
CA HIS B 334 -25.74 18.57 8.35
C HIS B 334 -26.64 17.36 8.13
N PHE B 335 -27.26 17.29 6.96
CA PHE B 335 -28.27 16.29 6.67
C PHE B 335 -27.83 15.31 5.60
N THR B 336 -26.55 14.94 5.57
CA THR B 336 -26.10 14.07 4.49
C THR B 336 -26.87 12.77 4.52
N SER B 337 -27.06 12.19 5.70
CA SER B 337 -27.87 10.98 5.79
C SER B 337 -29.35 11.29 5.55
N GLU B 338 -29.84 12.42 6.09
CA GLU B 338 -31.25 12.76 5.95
C GLU B 338 -31.61 12.96 4.48
N ILE B 339 -30.78 13.71 3.76
CA ILE B 339 -31.04 14.01 2.35
C ILE B 339 -30.96 12.76 1.50
N GLU B 340 -29.83 12.05 1.55
CA GLU B 340 -29.75 10.90 0.67
C GLU B 340 -30.84 9.88 0.95
N ASP B 341 -31.54 10.01 2.07
CA ASP B 341 -32.69 9.17 2.36
C ASP B 341 -33.86 9.47 1.42
N CYS B 342 -34.22 10.73 1.29
CA CYS B 342 -35.29 11.10 0.36
C CYS B 342 -34.79 11.36 -1.06
N LEU B 343 -33.51 11.62 -1.26
CA LEU B 343 -33.00 11.60 -2.63
C LEU B 343 -33.02 10.18 -3.22
N ASP B 344 -32.79 9.16 -2.38
CA ASP B 344 -32.97 7.77 -2.81
C ASP B 344 -34.37 7.57 -3.40
N TYR B 345 -35.38 8.10 -2.70
CA TYR B 345 -36.77 8.04 -3.14
C TYR B 345 -36.97 8.64 -4.54
N ILE B 346 -36.24 9.71 -4.86
CA ILE B 346 -36.34 10.26 -6.20
C ILE B 346 -35.71 9.30 -7.21
N PHE B 347 -34.53 8.79 -6.91
CA PHE B 347 -33.91 7.82 -7.82
C PHE B 347 -34.81 6.61 -8.02
N ARG B 348 -35.45 6.14 -6.93
CA ARG B 348 -36.31 4.97 -7.02
C ARG B 348 -37.45 5.23 -7.99
N ASN B 349 -37.99 6.46 -7.99
CA ASN B 349 -39.14 6.81 -8.81
C ASN B 349 -38.76 7.55 -10.07
N TRP B 350 -37.54 7.38 -10.53
CA TRP B 350 -37.13 7.96 -11.81
C TRP B 350 -37.79 7.24 -12.97
N THR B 351 -38.40 8.00 -13.86
CA THR B 351 -39.00 7.35 -15.01
C THR B 351 -38.31 7.85 -16.27
N PRO B 352 -38.24 7.04 -17.33
CA PRO B 352 -37.63 7.52 -18.56
C PRO B 352 -38.40 8.63 -19.24
N ASP B 353 -39.65 8.87 -18.83
CA ASP B 353 -40.47 9.96 -19.38
C ASP B 353 -40.51 11.20 -18.49
N GLY B 354 -39.83 11.19 -17.36
CA GLY B 354 -39.65 12.35 -16.52
C GLY B 354 -40.20 12.15 -15.12
N LEU B 355 -40.30 13.26 -14.39
CA LEU B 355 -40.80 13.25 -13.03
C LEU B 355 -42.00 14.17 -12.94
N ALA B 356 -43.00 13.79 -12.20
CA ALA B 356 -44.12 14.65 -11.93
C ALA B 356 -43.95 15.25 -10.54
N HIS B 357 -44.93 16.03 -10.10
CA HIS B 357 -44.81 16.47 -8.73
C HIS B 357 -45.12 15.37 -7.72
N THR B 358 -45.70 14.25 -8.15
CA THR B 358 -45.81 13.08 -7.29
C THR B 358 -45.39 11.86 -8.12
N LYS B 359 -45.06 10.76 -7.44
CA LYS B 359 -44.65 9.56 -8.14
C LYS B 359 -45.78 9.03 -9.02
N ASN B 360 -47.02 9.19 -8.55
CA ASN B 360 -48.14 8.50 -9.19
C ASN B 360 -48.93 9.47 -10.03
N CYS B 361 -48.25 10.28 -10.81
CA CYS B 361 -48.92 11.14 -11.78
C CYS B 361 -48.29 10.89 -13.14
N PRO B 362 -49.02 10.30 -14.10
CA PRO B 362 -48.39 9.86 -15.35
C PRO B 362 -47.98 10.99 -16.24
N VAL B 363 -48.43 12.20 -15.97
CA VAL B 363 -48.04 13.37 -16.74
C VAL B 363 -46.83 14.03 -16.07
N LYS B 364 -45.74 14.18 -16.82
CA LYS B 364 -44.48 14.66 -16.27
C LYS B 364 -44.25 16.11 -16.68
N ASP B 365 -43.39 16.80 -15.92
CA ASP B 365 -43.11 18.22 -16.15
C ASP B 365 -41.62 18.48 -16.02
N ILE B 366 -41.18 19.59 -16.64
CA ILE B 366 -39.76 19.91 -16.63
C ILE B 366 -39.30 20.44 -15.29
N ASP B 367 -40.16 21.15 -14.56
CA ASP B 367 -39.76 21.73 -13.29
C ASP B 367 -39.24 20.63 -12.37
N ASP B 368 -40.00 19.54 -12.26
CA ASP B 368 -39.52 18.44 -11.44
C ASP B 368 -38.37 17.71 -12.09
N THR B 369 -38.43 17.48 -13.41
CA THR B 369 -37.41 16.68 -14.06
C THR B 369 -36.03 17.33 -13.96
N ALA B 370 -35.97 18.65 -14.16
CA ALA B 370 -34.69 19.34 -14.08
C ALA B 370 -34.15 19.31 -12.66
N MET B 371 -35.00 19.57 -11.68
CA MET B 371 -34.60 19.50 -10.28
C MET B 371 -34.12 18.10 -9.93
N GLY B 372 -34.86 17.09 -10.36
CA GLY B 372 -34.44 15.72 -10.10
C GLY B 372 -33.11 15.42 -10.77
N PHE B 373 -33.00 15.77 -12.05
CA PHE B 373 -31.76 15.48 -12.78
C PHE B 373 -30.56 16.19 -12.17
N ARG B 374 -30.70 17.49 -11.90
CA ARG B 374 -29.58 18.22 -11.33
C ARG B 374 -29.15 17.62 -10.01
N LEU B 375 -30.09 17.49 -9.07
CA LEU B 375 -29.72 17.05 -7.73
C LEU B 375 -29.19 15.63 -7.76
N LEU B 376 -29.78 14.77 -8.57
CA LEU B 376 -29.34 13.38 -8.61
C LEU B 376 -27.91 13.26 -9.10
N ARG B 377 -27.59 13.94 -10.21
CA ARG B 377 -26.23 13.88 -10.70
C ARG B 377 -25.29 14.51 -9.71
N LEU B 378 -25.78 15.53 -9.01
CA LEU B 378 -24.99 16.26 -8.04
C LEU B 378 -24.56 15.41 -6.87
N TYR B 379 -25.45 14.57 -6.35
CA TYR B 379 -25.12 13.79 -5.17
C TYR B 379 -24.48 12.46 -5.54
N GLY B 380 -24.03 12.36 -6.79
CA GLY B 380 -23.29 11.23 -7.28
C GLY B 380 -24.15 10.08 -7.69
N TYR B 381 -25.41 10.32 -8.03
CA TYR B 381 -26.23 9.24 -8.50
C TYR B 381 -26.01 9.16 -9.99
N GLN B 382 -26.11 7.96 -10.54
CA GLN B 382 -25.92 7.81 -11.97
C GLN B 382 -27.26 8.12 -12.63
N VAL B 383 -27.31 9.23 -13.37
CA VAL B 383 -28.53 9.68 -14.01
C VAL B 383 -28.24 10.04 -15.45
N ASP B 384 -29.19 9.76 -16.35
CA ASP B 384 -28.99 10.02 -17.78
C ASP B 384 -29.86 11.16 -18.27
N PRO B 385 -29.25 12.20 -18.83
CA PRO B 385 -30.00 13.40 -19.22
C PRO B 385 -30.89 13.23 -20.43
N CYS B 386 -30.85 12.11 -21.15
CA CYS B 386 -31.69 11.98 -22.35
C CYS B 386 -33.17 12.04 -22.04
N VAL B 387 -33.55 11.92 -20.77
CA VAL B 387 -34.93 12.09 -20.34
C VAL B 387 -35.49 13.46 -20.70
N LEU B 388 -34.66 14.39 -21.17
CA LEU B 388 -35.16 15.72 -21.50
C LEU B 388 -35.79 15.78 -22.88
N LYS B 389 -35.22 15.05 -23.85
CA LYS B 389 -35.72 15.20 -25.21
C LYS B 389 -37.18 14.80 -25.33
N LYS B 390 -37.77 14.20 -24.28
CA LYS B 390 -39.22 14.07 -24.27
C LYS B 390 -39.90 15.44 -24.24
N PHE B 391 -39.17 16.52 -23.93
CA PHE B 391 -39.73 17.87 -23.87
C PHE B 391 -39.20 18.82 -24.94
N GLU B 392 -38.44 18.32 -25.92
CA GLU B 392 -38.00 19.13 -27.05
C GLU B 392 -39.04 18.98 -28.15
N LYS B 393 -39.63 20.10 -28.56
CA LYS B 393 -40.63 20.12 -29.63
C LYS B 393 -40.15 21.18 -30.62
N ASP B 394 -39.48 20.70 -31.67
CA ASP B 394 -38.95 21.52 -32.77
C ASP B 394 -37.94 22.57 -32.28
N GLY B 395 -36.95 22.12 -31.53
CA GLY B 395 -35.88 23.02 -31.14
C GLY B 395 -36.20 23.86 -29.92
N LYS B 396 -37.43 23.81 -29.42
CA LYS B 396 -37.90 24.60 -28.29
C LYS B 396 -38.26 23.69 -27.12
N PHE B 397 -38.26 24.26 -25.92
CA PHE B 397 -38.36 23.49 -24.67
C PHE B 397 -39.57 23.90 -23.84
N PHE B 398 -40.75 23.36 -24.17
CA PHE B 398 -41.94 23.60 -23.38
C PHE B 398 -41.84 22.86 -22.04
N CYS B 399 -42.94 22.82 -21.29
CA CYS B 399 -42.97 22.17 -19.98
C CYS B 399 -43.59 20.80 -20.02
N LEU B 400 -44.48 20.53 -20.98
CA LEU B 400 -45.22 19.28 -21.03
C LEU B 400 -45.04 18.61 -22.39
N HIS B 401 -45.41 17.33 -22.47
CA HIS B 401 -45.08 16.56 -23.66
C HIS B 401 -46.16 16.72 -24.73
N SER B 407 -44.79 28.87 -22.02
CA SER B 407 -43.85 28.46 -20.97
C SER B 407 -43.38 29.64 -20.09
N SER B 408 -43.27 29.41 -18.78
CA SER B 408 -42.89 30.43 -17.81
C SER B 408 -41.38 30.53 -17.62
N VAL B 409 -40.93 31.34 -16.66
CA VAL B 409 -39.51 31.63 -16.48
C VAL B 409 -38.84 30.71 -15.45
N THR B 410 -39.42 30.55 -14.24
CA THR B 410 -38.79 29.77 -13.17
C THR B 410 -38.42 28.34 -13.59
N PRO B 411 -39.26 27.58 -14.30
CA PRO B 411 -38.80 26.27 -14.79
C PRO B 411 -37.62 26.36 -15.77
N MET B 412 -37.53 27.41 -16.59
CA MET B 412 -36.40 27.49 -17.51
C MET B 412 -35.08 27.68 -16.78
N TYR B 413 -35.09 28.46 -15.69
CA TYR B 413 -33.95 28.55 -14.77
C TYR B 413 -33.57 27.18 -14.23
N ASN B 414 -34.54 26.47 -13.66
CA ASN B 414 -34.23 25.18 -13.04
C ASN B 414 -33.70 24.20 -14.07
N THR B 415 -34.14 24.34 -15.31
CA THR B 415 -33.51 23.62 -16.39
C THR B 415 -32.09 24.06 -16.57
N TYR B 416 -31.91 25.37 -16.68
CA TYR B 416 -30.62 25.91 -17.07
C TYR B 416 -29.53 25.42 -16.14
N ARG B 417 -29.78 25.48 -14.83
CA ARG B 417 -28.79 25.00 -13.89
C ARG B 417 -28.50 23.53 -14.13
N ALA B 418 -29.57 22.74 -14.29
CA ALA B 418 -29.38 21.33 -14.54
C ALA B 418 -28.50 21.12 -15.76
N SER B 419 -28.58 22.03 -16.73
CA SER B 419 -27.75 21.91 -17.92
C SER B 419 -26.26 22.15 -17.66
N GLN B 420 -25.90 22.77 -16.53
CA GLN B 420 -24.48 23.06 -16.33
C GLN B 420 -23.67 21.82 -15.97
N LEU B 421 -24.31 20.80 -15.44
CA LEU B 421 -23.63 19.56 -15.10
C LEU B 421 -23.44 18.69 -16.33
N LYS B 422 -23.10 19.32 -17.44
CA LYS B 422 -22.89 18.61 -18.68
C LYS B 422 -21.60 17.80 -18.58
N PHE B 423 -21.71 16.49 -18.82
CA PHE B 423 -20.56 15.62 -18.99
C PHE B 423 -20.25 15.49 -20.46
N PRO B 424 -19.01 15.19 -20.83
CA PRO B 424 -18.70 15.11 -22.26
C PRO B 424 -19.43 13.98 -22.95
N GLY B 425 -19.83 12.93 -22.23
CA GLY B 425 -20.53 11.82 -22.83
C GLY B 425 -22.04 11.92 -22.97
N ASP B 426 -22.65 13.05 -22.62
CA ASP B 426 -24.11 13.06 -22.46
C ASP B 426 -24.82 13.19 -23.79
N ASP B 427 -26.10 12.85 -23.77
CA ASP B 427 -26.97 13.13 -24.90
C ASP B 427 -26.89 14.62 -25.21
N GLY B 428 -27.01 14.93 -26.49
CA GLY B 428 -26.93 16.31 -26.90
C GLY B 428 -28.02 17.17 -26.31
N VAL B 429 -29.08 16.57 -25.76
CA VAL B 429 -30.24 17.34 -25.32
C VAL B 429 -29.85 18.39 -24.29
N LEU B 430 -28.86 18.08 -23.44
CA LEU B 430 -28.32 19.10 -22.56
C LEU B 430 -27.59 20.19 -23.32
N GLY B 431 -26.90 19.82 -24.40
CA GLY B 431 -26.28 20.83 -25.21
C GLY B 431 -27.29 21.87 -25.68
N ARG B 432 -28.37 21.40 -26.30
CA ARG B 432 -29.41 22.32 -26.75
C ARG B 432 -30.08 23.01 -25.56
N ALA B 433 -30.24 22.29 -24.43
CA ALA B 433 -30.96 22.88 -23.31
C ALA B 433 -30.30 24.15 -22.82
N GLU B 434 -28.99 24.08 -22.57
CA GLU B 434 -28.25 25.26 -22.08
C GLU B 434 -28.45 26.42 -23.03
N VAL B 435 -28.22 26.19 -24.33
CA VAL B 435 -28.25 27.26 -25.31
C VAL B 435 -29.63 27.91 -25.36
N PHE B 436 -30.67 27.08 -25.39
CA PHE B 436 -32.01 27.63 -25.47
C PHE B 436 -32.35 28.46 -24.24
N CYS B 437 -32.22 27.87 -23.05
CA CYS B 437 -32.69 28.57 -21.87
C CYS B 437 -31.90 29.84 -21.60
N ARG B 438 -30.61 29.87 -21.95
CA ARG B 438 -29.86 31.11 -21.87
C ARG B 438 -30.55 32.20 -22.69
N SER B 439 -30.99 31.86 -23.89
CA SER B 439 -31.71 32.82 -24.71
C SER B 439 -33.02 33.23 -24.07
N PHE B 440 -33.75 32.31 -23.46
CA PHE B 440 -35.01 32.69 -22.84
C PHE B 440 -34.81 33.66 -21.69
N LEU B 441 -33.77 33.44 -20.89
CA LEU B 441 -33.55 34.30 -19.75
C LEU B 441 -32.83 35.61 -20.10
N GLN B 442 -32.12 35.67 -21.23
CA GLN B 442 -31.52 36.93 -21.69
C GLN B 442 -32.57 37.85 -22.31
N ASP B 443 -33.37 37.32 -23.24
CA ASP B 443 -34.46 38.09 -23.86
C ASP B 443 -35.41 38.64 -22.81
N ARG B 444 -35.43 38.01 -21.63
CA ARG B 444 -36.22 38.46 -20.50
C ARG B 444 -35.37 39.14 -19.43
N ARG B 445 -34.05 39.21 -19.62
CA ARG B 445 -33.16 39.69 -18.57
C ARG B 445 -33.44 41.12 -18.15
N GLY B 446 -33.29 42.05 -19.09
CA GLY B 446 -33.52 43.45 -18.76
C GLY B 446 -34.97 43.84 -18.62
N SER B 447 -35.88 42.86 -18.65
CA SER B 447 -37.30 43.13 -18.66
C SER B 447 -37.92 42.69 -17.34
N ASN B 448 -38.92 43.40 -16.94
CA ASN B 448 -39.69 42.94 -15.81
C ASN B 448 -40.51 41.72 -16.15
N ARG B 449 -40.33 41.11 -17.33
CA ARG B 449 -40.95 39.83 -17.66
C ARG B 449 -40.29 38.67 -16.92
N MET B 450 -39.65 38.98 -15.79
CA MET B 450 -39.15 37.98 -14.86
C MET B 450 -40.26 37.52 -13.91
N LYS B 451 -41.48 38.00 -14.11
CA LYS B 451 -42.63 37.51 -13.35
C LYS B 451 -42.82 36.03 -13.67
N ASP B 452 -43.24 35.28 -12.67
CA ASP B 452 -43.49 33.86 -12.83
C ASP B 452 -45.00 33.60 -12.80
N LYS B 453 -45.46 32.71 -13.68
CA LYS B 453 -46.85 32.31 -13.72
C LYS B 453 -47.14 31.06 -12.88
N TRP B 454 -46.10 30.28 -12.53
CA TRP B 454 -46.24 29.16 -11.61
C TRP B 454 -46.28 29.61 -10.16
N ALA B 455 -45.34 30.47 -9.77
CA ALA B 455 -45.15 30.86 -8.38
C ALA B 455 -44.85 32.35 -8.29
N ILE B 456 -44.65 32.83 -7.06
CA ILE B 456 -44.36 34.24 -6.85
C ILE B 456 -43.41 34.30 -5.66
N ALA B 457 -42.23 34.92 -5.87
CA ALA B 457 -41.09 34.71 -4.97
C ALA B 457 -40.24 35.95 -4.77
N LYS B 458 -39.70 36.06 -3.54
CA LYS B 458 -38.90 37.16 -2.99
C LYS B 458 -37.89 37.74 -3.98
N ASP B 459 -36.87 36.98 -4.34
CA ASP B 459 -35.83 37.49 -5.23
C ASP B 459 -35.75 36.52 -6.41
N ILE B 460 -36.53 36.80 -7.44
CA ILE B 460 -36.53 35.92 -8.59
C ILE B 460 -35.45 36.31 -9.60
N PRO B 461 -35.19 37.59 -9.87
CA PRO B 461 -34.09 37.89 -10.77
C PRO B 461 -32.74 37.65 -10.13
N GLY B 462 -32.61 37.81 -8.81
CA GLY B 462 -31.33 37.57 -8.18
C GLY B 462 -30.90 36.12 -8.32
N GLU B 463 -31.80 35.17 -8.01
CA GLU B 463 -31.56 33.77 -8.33
C GLU B 463 -31.14 33.62 -9.79
N VAL B 464 -31.85 34.28 -10.71
CA VAL B 464 -31.52 34.11 -12.12
C VAL B 464 -30.28 34.88 -12.51
N GLU B 465 -30.15 36.12 -12.01
CA GLU B 465 -28.98 36.91 -12.34
C GLU B 465 -27.73 36.11 -12.04
N TYR B 466 -27.62 35.59 -10.81
CA TYR B 466 -26.44 34.81 -10.49
C TYR B 466 -26.32 33.65 -11.46
N ALA B 467 -27.29 32.75 -11.44
CA ALA B 467 -27.13 31.51 -12.18
C ALA B 467 -26.75 31.76 -13.62
N MET B 468 -27.10 32.94 -14.13
CA MET B 468 -26.84 33.30 -15.52
C MET B 468 -25.48 34.00 -15.72
N ASP B 469 -24.95 34.66 -14.68
CA ASP B 469 -23.65 35.31 -14.80
C ASP B 469 -22.48 34.38 -14.45
N TYR B 470 -22.64 33.45 -13.51
CA TYR B 470 -21.55 32.59 -13.03
C TYR B 470 -21.82 31.10 -13.25
N PRO B 471 -21.29 30.50 -14.32
CA PRO B 471 -21.44 29.05 -14.53
C PRO B 471 -20.74 28.21 -13.51
N TRP B 472 -20.87 26.91 -13.69
CA TRP B 472 -20.38 25.91 -12.74
C TRP B 472 -18.90 26.10 -12.45
N LYS B 473 -18.09 26.25 -13.51
CA LYS B 473 -16.64 26.37 -13.35
C LYS B 473 -16.27 27.47 -12.39
N ALA B 474 -17.15 28.46 -12.21
CA ALA B 474 -16.90 29.58 -11.31
C ALA B 474 -17.97 29.70 -10.22
N SER B 475 -18.66 28.62 -9.87
CA SER B 475 -19.77 28.74 -8.93
C SER B 475 -19.30 28.26 -7.58
N LEU B 476 -18.76 29.21 -6.78
CA LEU B 476 -18.18 28.86 -5.46
C LEU B 476 -19.27 28.72 -4.42
N PRO B 477 -19.23 27.64 -3.63
CA PRO B 477 -20.35 27.35 -2.73
C PRO B 477 -20.57 28.42 -1.68
N ARG B 478 -19.50 29.06 -1.21
CA ARG B 478 -19.71 29.99 -0.12
C ARG B 478 -20.27 31.29 -0.68
N ILE B 479 -19.89 31.68 -1.90
CA ILE B 479 -20.50 32.83 -2.54
C ILE B 479 -21.98 32.57 -2.79
N GLU B 480 -22.29 31.51 -3.54
CA GLU B 480 -23.68 31.19 -3.83
C GLU B 480 -24.51 31.11 -2.55
N THR B 481 -23.97 30.50 -1.49
CA THR B 481 -24.76 30.41 -0.28
C THR B 481 -25.03 31.78 0.30
N ARG B 482 -23.99 32.64 0.35
CA ARG B 482 -24.14 33.98 0.93
C ARG B 482 -25.18 34.82 0.21
N LEU B 483 -25.12 34.87 -1.11
CA LEU B 483 -26.11 35.62 -1.85
C LEU B 483 -27.50 35.11 -1.56
N TYR B 484 -27.66 33.80 -1.46
CA TYR B 484 -28.99 33.21 -1.38
C TYR B 484 -29.67 33.54 -0.06
N LEU B 485 -28.91 33.68 1.02
CA LEU B 485 -29.52 34.03 2.31
C LEU B 485 -30.38 35.27 2.22
N ASP B 486 -30.01 36.21 1.34
CA ASP B 486 -30.79 37.42 1.16
C ASP B 486 -31.87 37.23 0.11
N GLN B 487 -32.00 36.04 -0.47
CA GLN B 487 -32.95 35.83 -1.55
C GLN B 487 -34.04 34.83 -1.23
N TYR B 488 -33.83 33.96 -0.24
CA TYR B 488 -34.81 32.95 0.14
C TYR B 488 -35.94 33.61 0.91
N GLY B 489 -37.15 33.52 0.36
CA GLY B 489 -38.29 34.26 0.90
C GLY B 489 -38.81 33.72 2.21
N GLY B 490 -38.56 32.44 2.49
CA GLY B 490 -39.11 31.86 3.69
C GLY B 490 -40.60 31.72 3.54
N SER B 491 -41.34 32.13 4.57
CA SER B 491 -42.80 32.11 4.48
C SER B 491 -43.33 33.11 3.47
N GLY B 492 -42.49 34.04 3.01
CA GLY B 492 -42.98 35.10 2.15
C GLY B 492 -43.40 34.60 0.79
N ASP B 493 -42.74 33.58 0.27
CA ASP B 493 -43.07 33.07 -1.05
C ASP B 493 -44.36 32.27 -1.04
N VAL B 494 -45.18 32.49 -2.05
CA VAL B 494 -46.39 31.72 -2.21
C VAL B 494 -46.46 31.22 -3.64
N TRP B 495 -47.18 30.11 -3.82
CA TRP B 495 -47.21 29.31 -5.03
C TRP B 495 -48.60 29.39 -5.66
N ILE B 496 -48.64 29.43 -6.98
CA ILE B 496 -49.86 29.72 -7.71
C ILE B 496 -50.42 28.43 -8.32
N GLY B 497 -51.47 27.92 -7.68
CA GLY B 497 -52.31 26.84 -8.19
C GLY B 497 -53.74 27.28 -8.42
N LYS B 498 -54.70 26.46 -7.98
CA LYS B 498 -56.08 26.94 -7.99
C LYS B 498 -56.30 27.97 -6.89
N VAL B 499 -55.59 27.86 -5.77
CA VAL B 499 -55.63 28.81 -4.67
C VAL B 499 -54.20 29.19 -4.30
N LEU B 500 -54.06 30.23 -3.50
CA LEU B 500 -52.78 30.48 -2.86
C LEU B 500 -52.50 29.38 -1.84
N HIS B 501 -51.37 28.69 -2.00
CA HIS B 501 -50.97 27.68 -1.04
C HIS B 501 -49.50 27.87 -0.71
N ARG B 502 -49.10 27.32 0.43
CA ARG B 502 -47.73 27.42 0.92
C ARG B 502 -47.23 26.06 1.39
N MET B 503 -45.90 25.90 1.41
CA MET B 503 -45.26 24.63 1.76
C MET B 503 -44.63 24.83 3.13
N THR B 504 -45.30 24.36 4.18
CA THR B 504 -44.87 24.68 5.54
C THR B 504 -43.44 24.23 5.81
N LEU B 505 -43.06 23.07 5.25
CA LEU B 505 -41.78 22.40 5.52
C LEU B 505 -40.62 23.08 4.82
N PHE B 506 -40.83 23.40 3.55
CA PHE B 506 -39.81 23.79 2.60
C PHE B 506 -39.80 25.27 2.22
N CYS B 507 -40.88 26.01 2.45
CA CYS B 507 -40.88 27.48 2.39
C CYS B 507 -41.02 28.02 3.81
N ASN B 508 -39.94 27.86 4.56
CA ASN B 508 -39.96 27.97 6.00
C ASN B 508 -39.24 29.23 6.40
N ASP B 509 -39.62 29.76 7.55
CA ASP B 509 -38.90 30.86 8.15
C ASP B 509 -37.78 30.34 9.02
N LEU B 510 -37.93 29.12 9.54
CA LEU B 510 -36.85 28.48 10.29
C LEU B 510 -35.68 28.12 9.40
N TYR B 511 -35.93 27.75 8.13
CA TYR B 511 -34.85 27.51 7.19
C TYR B 511 -33.87 28.69 7.13
N LEU B 512 -34.38 29.93 7.01
CA LEU B 512 -33.50 31.10 6.99
C LEU B 512 -32.84 31.35 8.34
N LYS B 513 -33.60 31.30 9.45
CA LYS B 513 -33.00 31.61 10.75
C LYS B 513 -31.83 30.66 11.06
N ALA B 514 -31.99 29.36 10.79
CA ALA B 514 -30.89 28.43 11.01
C ALA B 514 -29.76 28.64 10.02
N ALA B 515 -30.08 28.85 8.75
CA ALA B 515 -29.02 28.97 7.77
C ALA B 515 -28.18 30.24 8.00
N LYS B 516 -28.83 31.40 8.20
CA LYS B 516 -28.09 32.61 8.51
C LYS B 516 -27.29 32.44 9.78
N ALA B 517 -27.71 31.52 10.63
CA ALA B 517 -26.96 31.24 11.84
C ALA B 517 -25.60 30.60 11.57
N ASP B 518 -25.51 29.32 11.21
CA ASP B 518 -24.16 28.75 11.16
C ASP B 518 -23.32 29.46 10.10
N PHE B 519 -23.93 30.12 9.11
CA PHE B 519 -23.14 30.95 8.22
C PHE B 519 -22.48 32.07 8.99
N SER B 520 -23.18 32.61 9.98
CA SER B 520 -22.55 33.60 10.83
C SER B 520 -21.39 32.97 11.56
N ASN B 521 -21.60 31.76 12.13
CA ASN B 521 -20.51 31.03 12.74
C ASN B 521 -19.35 30.85 11.80
N PHE B 522 -19.64 30.81 10.49
CA PHE B 522 -18.56 30.70 9.53
C PHE B 522 -17.81 32.03 9.42
N GLN B 523 -18.54 33.14 9.32
CA GLN B 523 -17.86 34.43 9.23
C GLN B 523 -17.03 34.70 10.47
N LYS B 524 -17.56 34.34 11.64
CA LYS B 524 -16.82 34.54 12.87
C LYS B 524 -15.54 33.72 12.84
N GLU B 525 -15.67 32.42 12.56
CA GLU B 525 -14.50 31.56 12.45
C GLU B 525 -13.55 31.99 11.33
N CYS B 526 -14.07 32.55 10.25
CA CYS B 526 -13.17 33.03 9.22
C CYS B 526 -12.35 34.20 9.74
N ARG B 527 -12.99 35.13 10.45
CA ARG B 527 -12.28 36.31 10.88
C ARG B 527 -11.12 35.98 11.82
N VAL B 528 -11.29 35.00 12.70
CA VAL B 528 -10.18 34.61 13.58
C VAL B 528 -9.00 34.02 12.80
N GLU B 529 -9.27 33.08 11.87
CA GLU B 529 -8.18 32.49 11.09
C GLU B 529 -7.43 33.57 10.31
N LEU B 530 -8.16 34.56 9.83
CA LEU B 530 -7.51 35.64 9.10
C LEU B 530 -6.42 36.27 9.93
N ASN B 531 -6.70 36.52 11.21
CA ASN B 531 -5.66 37.10 12.05
C ASN B 531 -4.51 36.14 12.23
N GLY B 532 -4.81 34.86 12.38
CA GLY B 532 -3.76 33.87 12.40
C GLY B 532 -2.94 33.91 11.14
N LEU B 533 -3.59 34.16 10.02
CA LEU B 533 -2.84 34.25 8.79
C LEU B 533 -2.05 35.55 8.71
N ARG B 534 -2.67 36.68 9.06
CA ARG B 534 -1.94 37.94 8.98
C ARG B 534 -0.69 37.90 9.82
N ARG B 535 -0.86 37.56 11.10
CA ARG B 535 0.31 37.38 11.94
C ARG B 535 1.28 36.41 11.29
N TRP B 536 0.78 35.24 10.88
CA TRP B 536 1.70 34.28 10.27
C TRP B 536 2.41 34.91 9.08
N TYR B 537 1.67 35.63 8.26
CA TYR B 537 2.27 36.21 7.08
C TYR B 537 3.30 37.27 7.44
N LEU B 538 2.94 38.18 8.33
CA LEU B 538 3.86 39.29 8.61
C LEU B 538 5.14 38.80 9.27
N ARG B 539 5.02 38.07 10.37
CA ARG B 539 6.20 37.68 11.15
CA ARG B 539 6.21 37.71 11.14
C ARG B 539 7.12 36.75 10.40
N SER B 540 6.76 36.32 9.20
CA SER B 540 7.53 35.37 8.42
C SER B 540 8.29 36.00 7.24
N ASN B 541 8.32 37.34 7.16
CA ASN B 541 9.02 38.12 6.11
C ASN B 541 8.54 37.79 4.71
N LEU B 542 7.28 37.40 4.55
CA LEU B 542 6.86 37.06 3.21
C LEU B 542 6.28 38.25 2.42
N GLU B 543 6.01 39.38 3.06
CA GLU B 543 5.52 40.54 2.34
C GLU B 543 6.62 41.26 1.52
N LYS B 544 7.90 40.94 1.73
CA LYS B 544 9.04 41.50 1.00
C LYS B 544 8.88 41.36 -0.52
N PHE B 545 7.82 40.66 -0.92
CA PHE B 545 7.41 40.43 -2.30
C PHE B 545 5.94 40.02 -2.28
N GLY B 546 5.46 39.46 -3.38
CA GLY B 546 4.03 39.20 -3.45
C GLY B 546 3.27 40.48 -3.73
N GLY B 547 3.55 41.05 -4.91
CA GLY B 547 3.05 42.32 -5.38
C GLY B 547 3.55 43.46 -4.50
N THR B 548 2.80 44.57 -4.58
CA THR B 548 3.08 45.75 -3.78
C THR B 548 2.23 45.83 -2.52
N ASP B 549 1.04 45.18 -2.52
CA ASP B 549 0.04 45.44 -1.47
C ASP B 549 -0.41 44.19 -0.69
N PRO B 550 0.51 43.25 -0.36
CA PRO B 550 0.09 41.91 0.04
C PRO B 550 -1.16 41.77 0.90
N GLN B 551 -1.60 42.83 1.61
CA GLN B 551 -2.81 42.70 2.41
C GLN B 551 -4.03 42.25 1.59
N THR B 552 -4.11 42.63 0.31
CA THR B 552 -5.13 42.01 -0.54
C THR B 552 -4.65 40.71 -1.17
N THR B 553 -3.34 40.57 -1.40
CA THR B 553 -2.86 39.28 -1.87
C THR B 553 -3.12 38.20 -0.84
N LEU B 554 -3.08 38.57 0.45
CA LEU B 554 -3.45 37.64 1.53
C LEU B 554 -4.93 37.36 1.52
N MET B 555 -5.73 38.42 1.62
CA MET B 555 -7.17 38.25 1.76
C MET B 555 -7.71 37.35 0.65
N THR B 556 -7.29 37.63 -0.59
CA THR B 556 -7.79 36.92 -1.76
C THR B 556 -7.47 35.44 -1.68
N SER B 557 -6.26 35.11 -1.24
CA SER B 557 -5.88 33.71 -1.18
C SER B 557 -6.63 32.97 -0.07
N TYR B 558 -6.87 33.64 1.06
CA TYR B 558 -7.65 32.98 2.09
C TYR B 558 -9.06 32.80 1.65
N PHE B 559 -9.57 33.72 0.86
CA PHE B 559 -10.96 33.63 0.45
C PHE B 559 -11.19 32.38 -0.39
N LEU B 560 -10.32 32.14 -1.36
CA LEU B 560 -10.49 31.00 -2.26
C LEU B 560 -10.50 29.69 -1.50
N ALA B 561 -9.61 29.55 -0.52
CA ALA B 561 -9.64 28.36 0.31
C ALA B 561 -10.93 28.27 1.12
N SER B 562 -11.41 29.40 1.65
CA SER B 562 -12.62 29.34 2.48
C SER B 562 -13.90 29.28 1.63
N ALA B 563 -13.88 29.85 0.43
CA ALA B 563 -15.07 29.70 -0.40
C ALA B 563 -15.39 28.24 -0.72
N ASN B 564 -14.40 27.35 -0.66
CA ASN B 564 -14.59 25.94 -1.00
C ASN B 564 -14.57 25.03 0.21
N ILE B 565 -13.47 25.02 0.96
CA ILE B 565 -13.34 24.21 2.14
C ILE B 565 -13.65 25.12 3.31
N PHE B 566 -14.93 25.22 3.65
CA PHE B 566 -15.44 26.18 4.61
C PHE B 566 -15.85 25.54 5.93
N GLU B 567 -15.77 24.23 6.04
CA GLU B 567 -16.26 23.56 7.22
C GLU B 567 -15.50 24.04 8.46
N ALA B 568 -16.13 23.86 9.63
CA ALA B 568 -15.48 24.14 10.91
C ALA B 568 -14.22 23.29 11.08
N ASN B 569 -14.40 21.99 10.97
CA ASN B 569 -13.42 20.98 11.28
C ASN B 569 -12.37 20.78 10.20
N ARG B 570 -12.60 21.25 8.98
CA ARG B 570 -11.59 21.14 7.93
C ARG B 570 -10.56 22.28 7.98
N ALA B 571 -10.49 22.99 9.12
CA ALA B 571 -9.66 24.20 9.24
C ALA B 571 -8.20 23.96 8.89
N ALA B 572 -7.66 22.79 9.25
CA ALA B 572 -6.31 22.42 8.84
C ALA B 572 -6.10 22.64 7.36
N GLU B 573 -7.00 22.10 6.56
CA GLU B 573 -6.87 22.19 5.12
C GLU B 573 -7.00 23.65 4.68
N ARG B 574 -8.05 24.32 5.14
CA ARG B 574 -8.29 25.68 4.69
C ARG B 574 -7.05 26.55 4.88
N LEU B 575 -6.53 26.62 6.11
CA LEU B 575 -5.35 27.47 6.33
C LEU B 575 -4.14 26.99 5.53
N GLY B 576 -3.87 25.67 5.59
CA GLY B 576 -2.77 25.10 4.81
C GLY B 576 -2.82 25.46 3.34
N TRP B 577 -4.02 25.38 2.75
CA TRP B 577 -4.21 25.82 1.37
C TRP B 577 -3.74 27.24 1.24
N ALA B 578 -4.35 28.15 2.00
CA ALA B 578 -4.02 29.55 1.87
C ALA B 578 -2.54 29.79 2.14
N ARG B 579 -2.00 29.19 3.20
CA ARG B 579 -0.57 29.35 3.44
C ARG B 579 0.23 28.89 2.25
N VAL B 580 -0.01 27.65 1.79
CA VAL B 580 0.80 27.10 0.70
C VAL B 580 0.65 27.90 -0.59
N ALA B 581 -0.59 28.32 -0.89
CA ALA B 581 -0.79 29.17 -2.06
C ALA B 581 0.02 30.46 -1.94
N LEU B 582 0.05 31.04 -0.74
CA LEU B 582 0.77 32.29 -0.52
C LEU B 582 2.25 32.14 -0.83
N LEU B 583 2.86 31.03 -0.42
CA LEU B 583 4.25 30.81 -0.79
C LEU B 583 4.41 30.79 -2.30
N ALA B 584 3.53 30.08 -3.00
CA ALA B 584 3.65 30.00 -4.46
C ALA B 584 3.59 31.37 -5.12
N ASP B 585 2.68 32.23 -4.68
CA ASP B 585 2.67 33.62 -5.15
C ASP B 585 3.96 34.33 -4.80
N ALA B 586 4.45 34.12 -3.59
CA ALA B 586 5.68 34.76 -3.19
C ALA B 586 6.82 34.41 -4.12
N VAL B 587 7.08 33.12 -4.32
CA VAL B 587 8.17 32.71 -5.20
C VAL B 587 7.91 33.13 -6.65
N SER B 588 6.68 32.90 -7.14
CA SER B 588 6.37 33.25 -8.52
C SER B 588 6.59 34.73 -8.81
N SER B 589 6.09 35.63 -7.94
CA SER B 589 6.35 37.06 -8.15
C SER B 589 7.84 37.34 -8.14
N HIS B 590 8.55 36.77 -7.17
CA HIS B 590 9.99 36.92 -7.14
C HIS B 590 10.65 36.39 -8.40
N PHE B 591 10.12 35.32 -8.97
CA PHE B 591 10.75 34.83 -10.19
C PHE B 591 10.54 35.80 -11.32
N ARG B 592 9.38 36.46 -11.36
CA ARG B 592 9.17 37.46 -12.38
C ARG B 592 10.13 38.62 -12.19
N ARG B 593 10.31 39.05 -10.94
CA ARG B 593 11.04 40.28 -10.69
C ARG B 593 12.54 40.16 -10.96
N ILE B 594 13.07 38.95 -10.99
CA ILE B 594 14.50 38.73 -11.22
C ILE B 594 14.81 38.17 -12.60
N GLY B 595 13.81 37.75 -13.36
CA GLY B 595 14.04 37.26 -14.70
C GLY B 595 14.01 35.77 -14.89
N GLY B 596 13.68 35.00 -13.85
CA GLY B 596 13.49 33.58 -14.00
C GLY B 596 14.36 32.74 -13.10
N PRO B 597 14.03 31.45 -13.03
CA PRO B 597 14.84 30.48 -12.25
C PRO B 597 16.20 30.21 -12.86
N LYS B 598 16.44 30.72 -14.07
CA LYS B 598 17.76 30.70 -14.68
C LYS B 598 18.83 31.14 -13.69
N ASN B 599 18.63 32.32 -13.10
CA ASN B 599 19.49 33.01 -12.15
C ASN B 599 18.96 33.06 -10.71
N SER B 600 18.62 31.93 -10.10
CA SER B 600 18.08 31.91 -8.74
C SER B 600 19.20 32.11 -7.74
N THR B 601 19.19 33.26 -7.05
CA THR B 601 20.25 33.62 -6.12
C THR B 601 20.15 32.94 -4.76
N SER B 602 19.00 32.37 -4.45
CA SER B 602 18.64 31.99 -3.10
C SER B 602 18.35 30.49 -2.99
N ASN B 603 18.20 30.05 -1.74
CA ASN B 603 17.80 28.68 -1.40
C ASN B 603 16.29 28.69 -1.15
N LEU B 604 15.50 28.30 -2.15
CA LEU B 604 14.04 28.38 -1.98
C LEU B 604 13.37 27.10 -1.53
N GLU B 605 14.07 25.98 -1.46
CA GLU B 605 13.39 24.84 -0.91
C GLU B 605 13.00 25.15 0.53
N GLU B 606 13.89 25.86 1.25
CA GLU B 606 13.64 26.04 2.66
C GLU B 606 12.50 26.93 2.92
N LEU B 607 11.68 27.44 2.01
CA LEU B 607 10.59 28.26 2.49
C LEU B 607 9.46 27.47 3.12
N ILE B 608 9.28 26.19 2.82
CA ILE B 608 8.10 25.57 3.41
C ILE B 608 8.24 25.42 4.91
N SER B 609 9.45 25.50 5.45
CA SER B 609 9.52 25.40 6.90
C SER B 609 8.91 26.62 7.58
N LEU B 610 8.41 27.57 6.78
CA LEU B 610 7.54 28.62 7.27
C LEU B 610 6.15 28.11 7.62
N VAL B 611 5.70 27.05 6.96
CA VAL B 611 4.43 26.46 7.38
C VAL B 611 4.65 25.80 8.74
N PRO B 612 3.68 25.89 9.66
CA PRO B 612 3.82 25.20 10.94
C PRO B 612 4.17 23.75 10.70
N PHE B 613 4.97 23.18 11.61
CA PHE B 613 5.54 21.84 11.43
C PHE B 613 4.68 20.82 12.12
N ASP B 614 3.90 20.10 11.35
CA ASP B 614 3.29 18.85 11.81
C ASP B 614 4.21 17.66 11.50
N ASP B 615 4.18 16.63 12.37
CA ASP B 615 5.02 15.45 12.13
C ASP B 615 4.55 14.68 10.89
N ALA B 616 3.26 14.76 10.58
CA ALA B 616 2.72 14.15 9.37
C ALA B 616 2.97 15.00 8.15
N TYR B 617 2.38 16.20 8.12
CA TYR B 617 2.41 17.05 6.94
C TYR B 617 3.83 17.31 6.47
N SER B 618 4.62 17.93 7.33
CA SER B 618 5.77 18.71 6.89
C SER B 618 6.84 17.89 6.20
N GLY B 619 6.70 16.57 6.13
CA GLY B 619 7.69 15.80 5.44
C GLY B 619 7.36 15.60 3.98
N SER B 620 6.11 15.23 3.68
CA SER B 620 5.68 15.19 2.29
C SER B 620 5.34 16.58 1.77
N LEU B 621 4.97 17.53 2.64
CA LEU B 621 4.75 18.88 2.16
C LEU B 621 6.04 19.46 1.60
N ARG B 622 7.16 19.17 2.23
CA ARG B 622 8.43 19.55 1.63
C ARG B 622 8.57 18.92 0.26
N GLU B 623 8.29 17.61 0.15
CA GLU B 623 8.50 16.88 -1.10
C GLU B 623 7.66 17.43 -2.25
N ALA B 624 6.40 17.76 -1.98
CA ALA B 624 5.53 18.34 -2.99
C ALA B 624 6.03 19.70 -3.46
N TRP B 625 6.51 20.51 -2.51
CA TRP B 625 7.03 21.83 -2.83
C TRP B 625 8.31 21.73 -3.62
N LYS B 626 9.22 20.87 -3.19
CA LYS B 626 10.45 20.65 -3.93
C LYS B 626 10.11 20.35 -5.39
N GLN B 627 9.06 19.55 -5.61
CA GLN B 627 8.61 19.17 -6.96
C GLN B 627 8.04 20.34 -7.74
N TRP B 628 7.29 21.22 -7.07
CA TRP B 628 6.72 22.37 -7.75
C TRP B 628 7.83 23.29 -8.25
N LEU B 629 8.88 23.46 -7.44
CA LEU B 629 10.02 24.24 -7.88
C LEU B 629 10.67 23.60 -9.10
N MET B 630 10.80 22.27 -9.09
CA MET B 630 11.39 21.61 -10.24
C MET B 630 10.65 21.92 -11.51
N ALA B 631 9.34 22.16 -11.41
CA ALA B 631 8.60 22.56 -12.59
C ALA B 631 9.11 23.87 -13.14
N TRP B 632 9.58 24.76 -12.28
CA TRP B 632 10.13 25.98 -12.81
C TRP B 632 11.34 25.66 -13.67
N THR B 633 12.29 24.91 -13.12
CA THR B 633 13.52 24.69 -13.87
C THR B 633 13.33 23.86 -15.13
N ALA B 634 12.30 23.00 -15.22
CA ALA B 634 12.01 22.26 -16.45
C ALA B 634 11.08 23.05 -17.38
N LYS B 635 9.96 23.60 -16.86
CA LYS B 635 9.07 24.43 -17.66
C LYS B 635 9.64 25.84 -17.93
N GLU B 636 10.82 26.16 -17.39
CA GLU B 636 11.58 27.31 -17.89
C GLU B 636 12.23 26.87 -19.19
N SER B 637 12.86 27.80 -19.89
CA SER B 637 13.43 27.46 -21.19
C SER B 637 12.35 26.94 -22.12
N SER B 638 11.10 27.25 -21.77
CA SER B 638 9.93 26.79 -22.47
C SER B 638 8.96 27.96 -22.57
N GLN B 639 7.83 27.68 -23.22
CA GLN B 639 6.76 28.66 -23.32
C GLN B 639 5.59 28.32 -22.40
N GLU B 640 5.42 27.04 -22.02
CA GLU B 640 4.33 26.62 -21.14
C GLU B 640 4.38 27.36 -19.81
N SER B 641 3.20 27.72 -19.30
CA SER B 641 3.14 28.44 -18.04
C SER B 641 3.20 27.47 -16.90
N ILE B 642 3.22 27.99 -15.69
CA ILE B 642 3.31 27.13 -14.52
C ILE B 642 2.00 26.97 -13.75
N GLU B 643 0.97 27.78 -14.03
CA GLU B 643 -0.30 27.66 -13.30
C GLU B 643 -0.78 26.22 -13.20
N GLY B 644 -0.49 25.40 -14.22
CA GLY B 644 -0.83 24.01 -14.12
C GLY B 644 -0.20 23.37 -12.91
N ASP B 645 1.10 23.61 -12.71
CA ASP B 645 1.81 22.98 -11.61
C ASP B 645 1.51 23.62 -10.26
N THR B 646 1.20 24.92 -10.25
CA THR B 646 0.75 25.56 -9.02
C THR B 646 -0.56 24.96 -8.55
N ALA B 647 -1.47 24.70 -9.48
CA ALA B 647 -2.74 24.07 -9.11
C ALA B 647 -2.51 22.66 -8.60
N ILE B 648 -1.68 21.89 -9.29
CA ILE B 648 -1.32 20.58 -8.76
C ILE B 648 -0.69 20.73 -7.40
N LEU B 649 0.15 21.75 -7.22
CA LEU B 649 0.84 21.93 -5.94
C LEU B 649 -0.17 22.16 -4.82
N LEU B 650 -1.20 22.96 -5.05
CA LEU B 650 -2.19 23.19 -4.01
C LEU B 650 -2.87 21.88 -3.61
N VAL B 651 -3.50 21.21 -4.58
CA VAL B 651 -4.30 20.04 -4.26
C VAL B 651 -3.44 18.99 -3.56
N ARG B 652 -2.18 18.85 -3.97
CA ARG B 652 -1.30 17.93 -3.27
C ARG B 652 -1.18 18.31 -1.82
N ALA B 653 -1.08 19.61 -1.54
CA ALA B 653 -1.00 20.07 -0.17
C ALA B 653 -2.30 19.81 0.57
N ILE B 654 -3.42 20.19 -0.05
CA ILE B 654 -4.69 20.01 0.64
C ILE B 654 -4.91 18.54 1.00
N GLU B 655 -4.41 17.61 0.18
CA GLU B 655 -4.53 16.19 0.50
C GLU B 655 -3.62 15.79 1.65
N ILE B 656 -2.46 16.42 1.78
CA ILE B 656 -1.60 16.10 2.89
C ILE B 656 -2.22 16.59 4.18
N PHE B 657 -2.79 17.80 4.16
CA PHE B 657 -3.36 18.32 5.40
C PHE B 657 -4.53 17.45 5.85
N GLY B 658 -5.39 17.07 4.92
CA GLY B 658 -6.53 16.20 5.16
C GLY B 658 -6.19 14.73 5.35
N GLY B 659 -4.92 14.39 5.16
CA GLY B 659 -4.40 13.09 5.54
C GLY B 659 -5.06 11.96 4.78
N ARG B 660 -5.33 12.16 3.50
CA ARG B 660 -5.85 11.14 2.60
C ARG B 660 -4.75 10.62 1.68
N HIS B 661 -4.70 9.30 1.52
CA HIS B 661 -3.83 8.62 0.57
C HIS B 661 -4.66 7.87 -0.45
N VAL B 662 -4.00 7.45 -1.52
CA VAL B 662 -4.62 6.58 -2.52
C VAL B 662 -4.28 5.15 -2.15
N LEU B 663 -5.30 4.30 -2.09
CA LEU B 663 -5.04 2.88 -1.90
C LEU B 663 -4.10 2.41 -3.02
N THR B 664 -2.95 1.90 -2.59
CA THR B 664 -1.87 1.46 -3.45
C THR B 664 -2.35 0.62 -4.64
N GLY B 665 -2.48 -0.68 -4.35
CA GLY B 665 -2.94 -1.77 -5.18
C GLY B 665 -4.04 -1.62 -6.19
N GLN B 666 -5.13 -0.94 -5.89
CA GLN B 666 -6.19 -0.87 -6.89
C GLN B 666 -5.71 -0.01 -8.05
N ARG B 667 -5.49 -0.65 -9.21
CA ARG B 667 -4.86 0.05 -10.33
C ARG B 667 -5.64 1.25 -10.82
N PRO B 668 -6.95 1.18 -11.09
CA PRO B 668 -7.63 2.35 -11.66
C PRO B 668 -7.76 3.53 -10.69
N ASP B 669 -7.58 3.29 -9.39
CA ASP B 669 -7.45 4.40 -8.44
C ASP B 669 -6.23 5.26 -8.79
N LEU B 670 -5.08 4.63 -8.99
CA LEU B 670 -3.92 5.37 -9.44
C LEU B 670 -4.23 6.07 -10.74
N TRP B 671 -4.78 5.33 -11.70
CA TRP B 671 -5.03 5.90 -13.00
C TRP B 671 -5.95 7.10 -12.88
N GLU B 672 -7.11 6.92 -12.24
CA GLU B 672 -8.03 8.06 -12.11
C GLU B 672 -7.39 9.22 -11.36
N TYR B 673 -6.54 8.96 -10.37
CA TYR B 673 -5.85 10.10 -9.76
C TYR B 673 -4.99 10.81 -10.79
N SER B 674 -4.10 10.07 -11.47
CA SER B 674 -3.16 10.70 -12.39
C SER B 674 -3.89 11.52 -13.45
N GLN B 675 -5.10 11.10 -13.82
CA GLN B 675 -5.87 11.83 -14.82
C GLN B 675 -6.46 13.10 -14.25
N LEU B 676 -6.88 13.06 -12.99
CA LEU B 676 -7.35 14.28 -12.34
C LEU B 676 -6.25 15.33 -12.31
N GLU B 677 -5.02 14.93 -11.97
CA GLU B 677 -3.90 15.85 -12.08
C GLU B 677 -3.71 16.33 -13.51
N GLN B 678 -3.78 15.42 -14.51
CA GLN B 678 -3.68 15.88 -15.90
C GLN B 678 -4.71 16.97 -16.18
N LEU B 679 -5.98 16.69 -15.86
CA LEU B 679 -7.06 17.60 -16.21
C LEU B 679 -6.91 18.94 -15.51
N THR B 680 -6.54 18.93 -14.25
CA THR B 680 -6.38 20.19 -13.55
C THR B 680 -5.20 20.97 -14.11
N SER B 681 -4.11 20.28 -14.40
CA SER B 681 -2.98 20.95 -15.00
C SER B 681 -3.38 21.57 -16.33
N SER B 682 -4.09 20.82 -17.17
CA SER B 682 -4.47 21.35 -18.47
C SER B 682 -5.39 22.53 -18.30
N ILE B 683 -6.42 22.40 -17.47
CA ILE B 683 -7.41 23.46 -17.33
C ILE B 683 -6.75 24.72 -16.83
N CYS B 684 -5.80 24.60 -15.92
CA CYS B 684 -5.21 25.80 -15.36
C CYS B 684 -4.21 26.42 -16.31
N CYS B 685 -3.51 25.62 -17.11
CA CYS B 685 -2.67 26.17 -18.17
C CYS B 685 -3.52 26.87 -19.23
N LYS B 686 -4.54 26.18 -19.73
CA LYS B 686 -5.45 26.80 -20.67
C LYS B 686 -6.05 28.06 -20.04
N LEU B 687 -6.40 27.97 -18.77
CA LEU B 687 -7.02 29.10 -18.06
C LEU B 687 -6.10 30.31 -18.05
N SER B 688 -4.83 30.11 -17.71
CA SER B 688 -3.86 31.18 -17.65
C SER B 688 -3.41 31.57 -19.04
N ARG B 689 -4.32 31.56 -19.99
CA ARG B 689 -4.03 32.07 -21.31
C ARG B 689 -5.23 32.86 -21.76
N ARG B 690 -6.41 32.45 -21.32
CA ARG B 690 -7.57 33.28 -21.60
C ARG B 690 -7.40 34.62 -20.89
N VAL B 691 -6.99 34.58 -19.62
CA VAL B 691 -6.71 35.81 -18.90
C VAL B 691 -5.40 36.46 -19.31
N LEU B 692 -4.58 35.80 -20.13
CA LEU B 692 -3.44 36.53 -20.66
C LEU B 692 -3.68 37.06 -22.07
N ALA B 693 -4.34 36.30 -22.95
CA ALA B 693 -4.64 36.83 -24.27
C ALA B 693 -5.76 37.86 -24.26
N GLN B 694 -6.58 37.91 -23.20
CA GLN B 694 -7.55 38.98 -23.06
C GLN B 694 -6.95 40.20 -22.38
N GLU B 695 -5.74 40.07 -21.82
CA GLU B 695 -4.94 41.25 -21.54
C GLU B 695 -4.55 41.92 -22.83
N ASN B 696 -3.89 41.17 -23.71
CA ASN B 696 -3.48 41.67 -25.02
C ASN B 696 -4.66 41.59 -25.97
N GLY B 697 -5.83 42.10 -25.53
CA GLY B 697 -7.06 42.21 -26.29
C GLY B 697 -7.04 41.67 -27.71
N GLU B 698 -7.24 40.37 -27.86
CA GLU B 698 -7.06 39.69 -29.14
C GLU B 698 -8.38 39.29 -29.75
N SER B 699 -9.39 40.15 -29.59
CA SER B 699 -10.70 39.97 -30.19
C SER B 699 -11.46 38.84 -29.51
N THR B 700 -12.63 39.19 -28.96
CA THR B 700 -13.50 38.26 -28.24
C THR B 700 -13.75 36.95 -29.00
N GLU B 701 -13.80 36.98 -30.34
CA GLU B 701 -14.02 35.72 -31.05
C GLU B 701 -12.83 34.78 -30.92
N LYS B 702 -11.61 35.33 -30.84
CA LYS B 702 -10.41 34.49 -30.71
C LYS B 702 -10.23 33.95 -29.28
N VAL B 703 -10.45 34.78 -28.26
CA VAL B 703 -10.23 34.34 -26.88
C VAL B 703 -11.27 33.31 -26.48
N GLU B 704 -12.52 33.52 -26.86
CA GLU B 704 -13.60 32.60 -26.55
C GLU B 704 -13.54 31.32 -27.33
N GLU B 705 -12.58 31.20 -28.26
CA GLU B 705 -12.32 29.89 -28.84
C GLU B 705 -11.75 28.98 -27.76
N ILE B 706 -10.88 29.52 -26.90
CA ILE B 706 -10.36 28.81 -25.73
C ILE B 706 -11.43 28.64 -24.65
N ASP B 707 -12.29 29.64 -24.47
CA ASP B 707 -13.32 29.59 -23.43
C ASP B 707 -14.26 28.39 -23.63
N GLN B 708 -14.70 28.13 -24.87
CA GLN B 708 -15.44 26.88 -25.12
C GLN B 708 -14.58 25.64 -24.91
N GLN B 709 -13.29 25.69 -25.22
CA GLN B 709 -12.41 24.53 -25.12
C GLN B 709 -11.98 24.24 -23.68
N VAL B 710 -12.04 25.22 -22.79
CA VAL B 710 -11.93 24.95 -21.36
C VAL B 710 -13.18 24.26 -20.85
N ASP B 711 -14.37 24.72 -21.29
CA ASP B 711 -15.64 24.10 -20.90
C ASP B 711 -15.60 22.59 -21.08
N LEU B 712 -14.91 22.11 -22.12
CA LEU B 712 -14.84 20.68 -22.36
C LEU B 712 -14.13 19.97 -21.23
N GLU B 713 -12.84 20.27 -21.04
CA GLU B 713 -12.08 19.57 -20.00
C GLU B 713 -12.73 19.73 -18.65
N MET B 714 -13.36 20.88 -18.37
CA MET B 714 -14.06 21.03 -17.10
C MET B 714 -15.18 20.01 -16.95
N GLN B 715 -15.89 19.71 -18.04
CA GLN B 715 -16.93 18.70 -17.96
C GLN B 715 -16.35 17.36 -17.58
N GLU B 716 -15.28 16.95 -18.29
CA GLU B 716 -14.63 15.68 -18.00
C GLU B 716 -14.09 15.64 -16.59
N LEU B 717 -13.65 16.77 -16.06
CA LEU B 717 -13.30 16.79 -14.65
C LEU B 717 -14.56 16.68 -13.79
N THR B 718 -15.59 17.49 -14.09
CA THR B 718 -16.82 17.42 -13.31
C THR B 718 -17.42 16.02 -13.33
N ARG B 719 -17.33 15.32 -14.48
CA ARG B 719 -17.73 13.92 -14.54
C ARG B 719 -16.98 13.11 -13.49
N ARG B 720 -15.65 13.14 -13.57
CA ARG B 720 -14.85 12.32 -12.68
C ARG B 720 -15.04 12.71 -11.23
N VAL B 721 -15.52 13.92 -10.93
CA VAL B 721 -15.75 14.27 -9.52
C VAL B 721 -17.09 13.68 -9.04
N LEU B 722 -18.13 13.78 -9.84
CA LEU B 722 -19.46 13.33 -9.44
C LEU B 722 -19.75 11.90 -9.86
N GLN B 723 -18.88 11.27 -10.67
CA GLN B 723 -18.98 9.84 -10.94
C GLN B 723 -18.90 9.17 -9.58
N GLY B 724 -20.00 9.24 -8.81
CA GLY B 724 -20.04 8.82 -7.42
C GLY B 724 -20.00 7.32 -7.21
N CYS B 725 -18.86 6.70 -7.53
CA CYS B 725 -18.65 5.27 -7.31
C CYS B 725 -17.18 4.83 -7.43
N SER B 726 -16.29 5.62 -8.04
CA SER B 726 -14.88 5.20 -8.16
C SER B 726 -14.23 5.11 -6.78
N ALA B 727 -13.17 4.29 -6.70
CA ALA B 727 -12.59 3.92 -5.43
C ALA B 727 -11.65 4.93 -4.92
N ILE B 728 -11.75 6.16 -5.44
CA ILE B 728 -11.02 7.30 -4.92
C ILE B 728 -11.99 8.07 -4.04
N ASN B 729 -11.53 8.38 -2.84
CA ASN B 729 -12.28 9.11 -1.84
C ASN B 729 -13.02 10.31 -2.40
N ARG B 730 -14.28 10.47 -1.99
CA ARG B 730 -15.08 11.63 -2.39
C ARG B 730 -14.37 12.94 -2.07
N LEU B 731 -13.72 13.04 -0.91
CA LEU B 731 -13.06 14.29 -0.53
C LEU B 731 -11.87 14.59 -1.42
N THR B 732 -11.13 13.55 -1.79
CA THR B 732 -10.02 13.75 -2.70
C THR B 732 -10.50 14.36 -4.00
N ARG B 733 -11.56 13.78 -4.58
CA ARG B 733 -12.08 14.32 -5.83
C ARG B 733 -12.59 15.75 -5.65
N GLU B 734 -13.31 16.01 -4.57
CA GLU B 734 -13.81 17.36 -4.34
C GLU B 734 -12.67 18.36 -4.29
N THR B 735 -11.56 17.94 -3.69
CA THR B 735 -10.38 18.78 -3.63
C THR B 735 -9.96 19.22 -5.02
N PHE B 736 -10.03 18.32 -5.99
CA PHE B 736 -9.73 18.71 -7.36
C PHE B 736 -10.72 19.73 -7.88
N LEU B 737 -12.00 19.50 -7.64
CA LEU B 737 -12.99 20.47 -8.08
C LEU B 737 -12.76 21.81 -7.40
N HIS B 738 -12.50 21.78 -6.08
CA HIS B 738 -12.28 22.99 -5.30
C HIS B 738 -11.16 23.86 -5.86
N VAL B 739 -9.96 23.29 -6.01
CA VAL B 739 -8.82 24.07 -6.49
C VAL B 739 -9.12 24.66 -7.86
N VAL B 740 -9.60 23.84 -8.77
CA VAL B 740 -9.81 24.34 -10.12
C VAL B 740 -10.94 25.35 -10.13
N LYS B 741 -12.05 25.06 -9.46
CA LYS B 741 -13.13 26.03 -9.44
C LYS B 741 -12.61 27.39 -9.01
N SER B 742 -11.75 27.42 -7.98
CA SER B 742 -11.17 28.68 -7.54
C SER B 742 -10.24 29.27 -8.62
N PHE B 743 -9.42 28.44 -9.28
CA PHE B 743 -8.61 28.98 -10.36
C PHE B 743 -9.47 29.61 -11.46
N CYS B 744 -10.60 28.97 -11.76
CA CYS B 744 -11.51 29.46 -12.79
C CYS B 744 -12.13 30.78 -12.38
N TYR B 745 -12.64 30.84 -11.15
CA TYR B 745 -13.25 32.04 -10.61
C TYR B 745 -12.40 33.28 -10.84
N VAL B 746 -11.12 33.20 -10.49
CA VAL B 746 -10.24 34.34 -10.72
C VAL B 746 -10.20 34.69 -12.19
N ALA B 747 -10.07 33.67 -13.05
CA ALA B 747 -9.90 33.93 -14.46
C ALA B 747 -11.14 34.54 -15.09
N TYR B 748 -12.32 34.33 -14.51
CA TYR B 748 -13.58 34.79 -15.10
C TYR B 748 -14.24 35.86 -14.25
N CYS B 749 -13.48 36.56 -13.41
CA CYS B 749 -14.11 37.55 -12.55
C CYS B 749 -13.27 38.80 -12.55
N SER B 750 -13.96 39.92 -12.74
CA SER B 750 -13.33 41.22 -12.63
C SER B 750 -12.80 41.38 -11.20
N PRO B 751 -11.59 41.91 -11.05
CA PRO B 751 -11.03 42.06 -9.69
C PRO B 751 -11.88 42.93 -8.78
N GLU B 752 -12.60 43.90 -9.36
CA GLU B 752 -13.58 44.68 -8.61
C GLU B 752 -14.68 43.77 -8.05
N THR B 753 -15.21 42.86 -8.88
CA THR B 753 -16.23 41.91 -8.42
C THR B 753 -15.72 41.03 -7.29
N ILE B 754 -14.44 40.69 -7.31
CA ILE B 754 -13.93 39.72 -6.35
C ILE B 754 -13.88 40.34 -4.98
N ASP B 755 -13.53 41.63 -4.91
CA ASP B 755 -13.50 42.29 -3.61
C ASP B 755 -14.89 42.50 -3.08
N SER B 756 -15.86 42.70 -3.99
CA SER B 756 -17.26 42.75 -3.59
C SER B 756 -17.71 41.41 -2.99
N HIS B 757 -17.27 40.30 -3.58
CA HIS B 757 -17.59 39.00 -2.99
C HIS B 757 -16.96 38.84 -1.62
N ILE B 758 -15.66 39.09 -1.51
CA ILE B 758 -14.95 38.93 -0.25
C ILE B 758 -15.55 39.80 0.83
N ASP B 759 -15.86 41.06 0.51
CA ASP B 759 -16.46 41.92 1.52
C ASP B 759 -17.84 41.40 1.90
N LYS B 760 -18.63 40.99 0.90
CA LYS B 760 -20.00 40.53 1.16
C LYS B 760 -20.02 39.13 1.78
N VAL B 761 -18.97 38.34 1.60
CA VAL B 761 -19.02 36.98 2.11
C VAL B 761 -18.50 36.91 3.53
N ILE B 762 -17.44 37.66 3.83
CA ILE B 762 -16.77 37.60 5.12
C ILE B 762 -17.16 38.78 6.04
N PHE B 763 -17.39 39.96 5.48
CA PHE B 763 -17.45 41.21 6.25
C PHE B 763 -18.85 41.80 6.38
N GLN B 764 -19.71 41.59 5.39
CA GLN B 764 -21.11 42.00 5.50
C GLN B 764 -21.85 40.98 6.36
N ASP B 765 -21.77 41.19 7.68
CA ASP B 765 -22.33 40.26 8.65
C ASP B 765 -23.82 40.07 8.39
N VAL B 766 -24.26 38.80 8.26
CA VAL B 766 -25.69 38.52 8.30
C VAL B 766 -26.10 38.30 9.73
N ILE B 767 -27.34 38.69 10.04
CA ILE B 767 -27.81 38.77 11.40
C ILE B 767 -26.76 39.41 12.31
N THR C 80 -11.69 -8.68 24.12
CA THR C 80 -12.48 -9.77 23.53
C THR C 80 -11.64 -11.03 23.32
N THR C 81 -10.46 -10.86 22.72
CA THR C 81 -9.52 -11.97 22.60
C THR C 81 -9.06 -12.48 23.96
N THR C 82 -9.22 -11.69 25.03
CA THR C 82 -8.81 -12.13 26.36
C THR C 82 -9.46 -13.44 26.73
N MET C 83 -10.79 -13.46 26.62
CA MET C 83 -11.57 -14.62 27.00
C MET C 83 -11.20 -15.83 26.18
N ILE C 84 -10.99 -15.63 24.88
CA ILE C 84 -10.66 -16.74 23.99
C ILE C 84 -9.45 -17.49 24.50
N ASP C 85 -8.42 -16.75 24.94
CA ASP C 85 -7.21 -17.38 25.46
C ASP C 85 -7.46 -18.14 26.73
N GLY C 86 -8.41 -17.68 27.55
CA GLY C 86 -8.79 -18.44 28.73
C GLY C 86 -9.34 -19.80 28.37
N ILE C 87 -10.32 -19.83 27.46
CA ILE C 87 -10.92 -21.08 26.99
C ILE C 87 -9.85 -21.95 26.36
N ARG C 88 -8.94 -21.33 25.61
CA ARG C 88 -7.91 -22.07 24.91
C ARG C 88 -6.97 -22.74 25.89
N THR C 89 -6.52 -22.02 26.90
CA THR C 89 -5.62 -22.71 27.82
C THR C 89 -6.37 -23.79 28.58
N ALA C 90 -7.67 -23.60 28.81
CA ALA C 90 -8.46 -24.64 29.46
C ALA C 90 -8.46 -25.93 28.64
N LEU C 91 -8.62 -25.80 27.32
CA LEU C 91 -8.66 -26.95 26.42
C LEU C 91 -7.29 -27.59 26.24
N ARG C 92 -6.25 -26.76 26.34
CA ARG C 92 -4.88 -27.25 26.33
C ARG C 92 -4.59 -28.11 27.56
N SER C 93 -5.12 -27.70 28.72
CA SER C 93 -4.93 -28.42 29.97
C SER C 93 -5.98 -29.47 30.20
N ILE C 94 -6.53 -30.02 29.11
CA ILE C 94 -7.53 -31.07 29.23
C ILE C 94 -6.86 -32.32 29.78
N GLY C 95 -7.63 -33.13 30.50
CA GLY C 95 -7.03 -34.31 31.09
C GLY C 95 -8.06 -35.31 31.56
N GLU C 96 -7.94 -35.76 32.81
CA GLU C 96 -8.87 -36.77 33.32
C GLU C 96 -10.26 -36.19 33.55
N GLY C 97 -10.36 -34.89 33.80
CA GLY C 97 -11.67 -34.31 33.97
C GLY C 97 -11.78 -33.24 35.02
N GLU C 98 -12.52 -32.18 34.72
CA GLU C 98 -12.84 -31.09 35.65
C GLU C 98 -14.27 -31.28 36.15
N ILE C 99 -14.40 -31.91 37.32
CA ILE C 99 -15.67 -32.24 37.95
C ILE C 99 -15.66 -31.77 39.38
N SER C 100 -16.85 -31.45 39.87
CA SER C 100 -17.00 -30.98 41.23
C SER C 100 -16.92 -32.17 42.15
N ILE C 101 -16.49 -31.91 43.40
CA ILE C 101 -16.33 -32.96 44.39
C ILE C 101 -17.66 -33.33 45.04
N SER C 102 -17.81 -34.62 45.33
CA SER C 102 -18.97 -35.18 46.00
C SER C 102 -18.72 -35.26 47.49
N ALA C 103 -19.65 -34.73 48.28
CA ALA C 103 -19.47 -34.91 49.71
C ALA C 103 -19.67 -36.37 50.06
N TYR C 104 -20.67 -37.00 49.46
CA TYR C 104 -20.99 -38.38 49.79
C TYR C 104 -19.80 -39.29 49.49
N ASP C 105 -19.34 -39.30 48.24
CA ASP C 105 -18.23 -40.18 47.91
C ASP C 105 -16.98 -39.85 48.72
N THR C 106 -16.84 -38.59 49.17
CA THR C 106 -15.61 -38.24 49.86
C THR C 106 -15.55 -38.86 51.23
N SER C 107 -16.63 -38.78 51.98
CA SER C 107 -16.55 -39.30 53.32
C SER C 107 -16.45 -40.82 53.29
N LEU C 108 -17.17 -41.48 52.39
CA LEU C 108 -17.01 -42.92 52.32
C LEU C 108 -15.58 -43.35 52.01
N VAL C 109 -14.75 -42.47 51.46
CA VAL C 109 -13.35 -42.81 51.29
C VAL C 109 -12.57 -42.45 52.55
N ALA C 110 -13.06 -41.47 53.32
CA ALA C 110 -12.46 -41.17 54.61
C ALA C 110 -12.57 -42.34 55.57
N LEU C 111 -13.61 -43.12 55.44
CA LEU C 111 -13.91 -44.22 56.34
C LEU C 111 -12.94 -45.32 56.29
N LEU C 112 -11.75 -45.29 55.73
CA LEU C 112 -10.96 -46.49 55.63
C LEU C 112 -9.83 -46.40 56.64
N LYS C 113 -9.72 -47.40 57.50
CA LYS C 113 -8.73 -47.30 58.57
C LYS C 113 -7.32 -47.34 57.98
N ARG C 114 -6.35 -46.91 58.78
CA ARG C 114 -4.99 -46.77 58.31
C ARG C 114 -4.47 -48.13 57.87
N LEU C 115 -3.76 -48.14 56.74
CA LEU C 115 -3.28 -49.40 56.19
C LEU C 115 -2.22 -50.02 57.09
N ASP C 116 -1.30 -49.19 57.60
CA ASP C 116 -0.31 -49.62 58.59
C ASP C 116 -0.93 -49.68 59.99
N GLY C 117 -2.21 -50.04 60.07
CA GLY C 117 -2.89 -50.19 61.34
C GLY C 117 -2.82 -48.99 62.26
N GLY C 118 -2.34 -47.86 61.75
CA GLY C 118 -2.11 -46.66 62.52
C GLY C 118 -3.32 -46.07 63.20
N ASP C 119 -3.27 -44.78 63.53
CA ASP C 119 -4.37 -44.26 64.33
C ASP C 119 -5.48 -43.69 63.47
N GLY C 120 -5.14 -42.87 62.49
CA GLY C 120 -6.13 -42.10 61.76
C GLY C 120 -6.67 -42.83 60.55
N PRO C 121 -7.53 -42.16 59.79
CA PRO C 121 -8.01 -42.73 58.51
C PRO C 121 -6.91 -42.78 57.49
N GLN C 122 -7.12 -43.63 56.49
CA GLN C 122 -6.09 -43.80 55.48
C GLN C 122 -5.80 -42.47 54.81
N PHE C 123 -6.85 -41.74 54.46
CA PHE C 123 -6.67 -40.47 53.77
C PHE C 123 -7.04 -39.29 54.67
N PRO C 124 -6.09 -38.82 55.47
CA PRO C 124 -6.40 -37.73 56.40
C PRO C 124 -6.91 -36.50 55.72
N SER C 125 -6.75 -36.42 54.40
CA SER C 125 -7.09 -35.21 53.66
C SER C 125 -8.51 -35.23 53.17
N THR C 126 -9.09 -36.42 53.02
CA THR C 126 -10.52 -36.47 52.79
C THR C 126 -11.26 -35.83 53.94
N ILE C 127 -10.76 -36.02 55.16
CA ILE C 127 -11.40 -35.35 56.27
C ILE C 127 -11.12 -33.88 56.21
N ASP C 128 -9.90 -33.50 55.81
CA ASP C 128 -9.57 -32.10 55.63
C ASP C 128 -10.56 -31.43 54.69
N TRP C 129 -10.97 -32.15 53.64
CA TRP C 129 -11.95 -31.59 52.73
C TRP C 129 -13.27 -31.42 53.43
N ILE C 130 -13.69 -32.45 54.16
CA ILE C 130 -14.98 -32.38 54.84
C ILE C 130 -15.01 -31.17 55.77
N VAL C 131 -14.05 -31.09 56.70
CA VAL C 131 -14.09 -30.02 57.70
C VAL C 131 -14.08 -28.61 57.10
N GLN C 132 -13.76 -28.48 55.82
CA GLN C 132 -13.59 -27.17 55.18
C GLN C 132 -14.69 -26.81 54.18
N ASN C 133 -15.75 -27.64 54.06
CA ASN C 133 -16.78 -27.39 53.05
C ASN C 133 -18.20 -27.53 53.58
N GLN C 134 -18.38 -27.68 54.89
CA GLN C 134 -19.68 -27.45 55.53
C GLN C 134 -20.30 -26.19 54.93
N LEU C 135 -21.57 -26.27 54.58
CA LEU C 135 -22.20 -25.09 54.03
C LEU C 135 -22.58 -24.13 55.18
N PRO C 136 -22.81 -22.85 54.90
CA PRO C 136 -23.20 -21.92 56.00
C PRO C 136 -24.47 -22.39 56.67
N ASP C 137 -25.30 -23.05 55.87
CA ASP C 137 -26.53 -23.73 56.15
C ASP C 137 -26.31 -24.94 57.06
N GLY C 138 -25.08 -25.16 57.48
CA GLY C 138 -24.74 -26.30 58.29
C GLY C 138 -24.83 -27.62 57.57
N SER C 139 -24.93 -27.60 56.25
CA SER C 139 -25.18 -28.85 55.55
C SER C 139 -24.08 -29.08 54.54
N TRP C 140 -24.29 -29.98 53.59
CA TRP C 140 -23.25 -30.28 52.63
C TRP C 140 -23.88 -30.44 51.27
N GLY C 141 -23.01 -30.52 50.26
CA GLY C 141 -23.44 -30.89 48.93
C GLY C 141 -23.28 -29.76 47.94
N ASP C 142 -24.11 -29.76 46.90
CA ASP C 142 -24.10 -28.67 45.95
C ASP C 142 -24.79 -27.47 46.60
N ALA C 143 -24.15 -26.31 46.53
CA ALA C 143 -24.57 -25.13 47.26
C ALA C 143 -25.55 -24.33 46.44
N SER C 144 -25.24 -24.23 45.14
CA SER C 144 -26.02 -23.47 44.18
C SER C 144 -27.30 -24.18 43.81
N PHE C 145 -27.37 -25.50 43.98
CA PHE C 145 -28.62 -26.22 43.74
C PHE C 145 -29.02 -26.96 45.01
N PHE C 146 -30.09 -26.48 45.63
CA PHE C 146 -30.60 -27.09 46.83
C PHE C 146 -31.44 -28.28 46.39
N MET C 147 -30.95 -29.48 46.64
CA MET C 147 -31.75 -30.67 46.39
C MET C 147 -31.68 -31.54 47.64
N MET C 148 -32.83 -31.98 48.13
CA MET C 148 -32.82 -32.74 49.37
C MET C 148 -32.03 -34.04 49.19
N GLY C 149 -32.41 -34.86 48.21
CA GLY C 149 -31.69 -36.08 47.91
C GLY C 149 -30.20 -35.89 47.95
N ASP C 150 -29.77 -34.70 47.52
CA ASP C 150 -28.35 -34.34 47.43
C ASP C 150 -27.82 -33.85 48.77
N ARG C 151 -28.57 -32.95 49.43
CA ARG C 151 -28.13 -32.43 50.71
C ARG C 151 -28.23 -33.51 51.78
N ILE C 152 -29.24 -34.38 51.73
CA ILE C 152 -29.34 -35.45 52.71
C ILE C 152 -28.22 -36.44 52.51
N MET C 153 -28.11 -36.97 51.31
CA MET C 153 -27.14 -38.02 51.05
C MET C 153 -25.72 -37.54 51.35
N SER C 154 -25.39 -36.31 50.93
CA SER C 154 -24.08 -35.76 51.20
C SER C 154 -23.88 -35.35 52.66
N THR C 155 -24.90 -34.74 53.29
CA THR C 155 -24.72 -34.28 54.67
C THR C 155 -24.55 -35.44 55.63
N LEU C 156 -25.43 -36.44 55.53
CA LEU C 156 -25.40 -37.51 56.51
C LEU C 156 -24.10 -38.30 56.37
N ALA C 157 -23.67 -38.56 55.14
CA ALA C 157 -22.40 -39.25 54.91
C ALA C 157 -21.26 -38.50 55.56
N CYS C 158 -21.34 -37.17 55.60
CA CYS C 158 -20.33 -36.40 56.29
C CYS C 158 -20.43 -36.55 57.80
N VAL C 159 -21.65 -36.53 58.35
CA VAL C 159 -21.79 -36.61 59.80
C VAL C 159 -21.33 -37.97 60.29
N VAL C 160 -21.84 -39.02 59.62
CA VAL C 160 -21.44 -40.41 59.83
C VAL C 160 -19.95 -40.63 59.57
N ALA C 161 -19.29 -39.67 58.94
CA ALA C 161 -17.84 -39.69 58.85
C ALA C 161 -17.22 -39.07 60.09
N LEU C 162 -17.64 -37.86 60.41
CA LEU C 162 -17.01 -37.13 61.51
C LEU C 162 -17.22 -37.84 62.85
N LYS C 163 -18.45 -38.30 63.13
CA LYS C 163 -18.68 -38.95 64.42
C LYS C 163 -18.04 -40.32 64.43
N SER C 164 -18.02 -40.98 63.28
CA SER C 164 -17.44 -42.30 63.20
C SER C 164 -15.93 -42.27 63.46
N TRP C 165 -15.31 -41.09 63.46
CA TRP C 165 -13.95 -40.93 63.98
C TRP C 165 -13.89 -40.17 65.30
N ASN C 166 -15.04 -39.77 65.86
CA ASN C 166 -15.15 -38.94 67.07
C ASN C 166 -14.16 -37.79 66.96
N ILE C 167 -14.39 -36.99 65.91
CA ILE C 167 -13.60 -35.82 65.59
C ILE C 167 -14.54 -34.69 65.16
N HIS C 168 -14.04 -33.47 65.21
CA HIS C 168 -14.74 -32.25 64.81
C HIS C 168 -16.21 -32.24 65.21
N THR C 169 -16.44 -32.40 66.50
CA THR C 169 -17.80 -32.46 66.98
C THR C 169 -18.57 -31.16 66.83
N ASP C 170 -17.91 -30.04 66.59
CA ASP C 170 -18.66 -28.82 66.38
C ASP C 170 -19.41 -28.84 65.06
N LYS C 171 -18.71 -29.08 63.94
CA LYS C 171 -19.40 -29.13 62.66
C LYS C 171 -20.29 -30.35 62.60
N CYS C 172 -19.91 -31.42 63.30
CA CYS C 172 -20.69 -32.65 63.29
C CYS C 172 -22.11 -32.40 63.72
N GLU C 173 -22.28 -31.64 64.80
CA GLU C 173 -23.62 -31.38 65.30
C GLU C 173 -24.29 -30.26 64.55
N ARG C 174 -23.53 -29.32 64.02
CA ARG C 174 -24.11 -28.20 63.29
C ARG C 174 -24.80 -28.68 62.03
N GLY C 175 -24.38 -29.83 61.51
CA GLY C 175 -24.95 -30.38 60.29
C GLY C 175 -25.94 -31.47 60.58
N LEU C 176 -25.73 -32.14 61.71
CA LEU C 176 -26.77 -32.97 62.32
C LEU C 176 -28.04 -32.19 62.62
N LEU C 177 -27.89 -30.92 63.00
CA LEU C 177 -29.02 -30.02 63.18
C LEU C 177 -29.74 -29.73 61.86
N PHE C 178 -29.00 -29.53 60.76
CA PHE C 178 -29.65 -29.34 59.46
C PHE C 178 -30.53 -30.53 59.09
N ILE C 179 -29.99 -31.75 59.19
CA ILE C 179 -30.76 -32.93 58.82
C ILE C 179 -31.99 -33.02 59.69
N GLN C 180 -31.83 -32.80 61.00
CA GLN C 180 -32.95 -32.88 61.91
C GLN C 180 -34.10 -32.00 61.43
N GLU C 181 -33.76 -30.80 60.94
CA GLU C 181 -34.79 -29.80 60.63
C GLU C 181 -35.40 -29.99 59.25
N ASN C 182 -34.58 -30.34 58.25
CA ASN C 182 -35.06 -30.35 56.87
C ASN C 182 -35.36 -31.75 56.34
N MET C 183 -35.30 -32.78 57.19
CA MET C 183 -35.52 -34.16 56.75
C MET C 183 -36.89 -34.37 56.12
N TRP C 184 -37.87 -33.56 56.50
CA TRP C 184 -39.25 -33.77 56.04
C TRP C 184 -39.43 -33.32 54.60
N ARG C 185 -38.40 -32.73 54.02
CA ARG C 185 -38.45 -32.25 52.65
C ARG C 185 -38.25 -33.35 51.63
N LEU C 186 -37.99 -34.60 52.05
CA LEU C 186 -37.96 -35.68 51.09
C LEU C 186 -39.32 -35.98 50.50
N ALA C 187 -40.40 -35.62 51.21
CA ALA C 187 -41.77 -35.86 50.79
C ALA C 187 -42.27 -34.90 49.70
N HIS C 188 -41.36 -34.17 49.01
CA HIS C 188 -41.72 -33.21 47.95
C HIS C 188 -40.75 -33.25 46.77
N GLU C 189 -40.09 -34.38 46.57
CA GLU C 189 -39.04 -34.51 45.56
C GLU C 189 -39.64 -34.93 44.23
N GLU C 190 -38.84 -34.80 43.16
CA GLU C 190 -39.26 -35.00 41.77
C GLU C 190 -38.90 -36.40 41.29
N GLU C 191 -39.80 -37.01 40.53
CA GLU C 191 -39.54 -38.35 40.03
C GLU C 191 -38.29 -38.36 39.17
N ASP C 192 -38.31 -37.59 38.06
CA ASP C 192 -37.20 -37.60 37.11
C ASP C 192 -35.88 -37.21 37.76
N TRP C 193 -35.91 -36.58 38.94
CA TRP C 193 -34.74 -36.04 39.62
C TRP C 193 -34.51 -36.77 40.94
N MET C 194 -34.17 -38.04 40.85
CA MET C 194 -33.71 -38.79 41.99
C MET C 194 -32.28 -39.22 41.70
N LEU C 195 -31.41 -39.12 42.70
CA LEU C 195 -30.00 -39.44 42.54
C LEU C 195 -29.83 -40.88 42.01
N VAL C 196 -28.60 -41.20 41.58
CA VAL C 196 -28.31 -42.53 41.07
C VAL C 196 -28.02 -43.47 42.22
N GLY C 197 -28.64 -44.65 42.19
CA GLY C 197 -28.53 -45.58 43.30
C GLY C 197 -29.03 -45.01 44.61
N PHE C 198 -29.96 -44.07 44.54
CA PHE C 198 -30.39 -43.39 45.75
C PHE C 198 -31.07 -44.35 46.71
N GLU C 199 -32.00 -45.17 46.22
CA GLU C 199 -32.75 -46.04 47.11
C GLU C 199 -31.92 -47.23 47.58
N ILE C 200 -30.62 -47.21 47.33
CA ILE C 200 -29.71 -48.25 47.72
C ILE C 200 -28.64 -47.72 48.65
N ALA C 201 -28.18 -46.50 48.39
CA ALA C 201 -27.12 -45.91 49.19
C ALA C 201 -27.64 -45.10 50.35
N LEU C 202 -28.88 -44.62 50.26
CA LEU C 202 -29.38 -43.88 51.40
C LEU C 202 -29.76 -44.84 52.52
N PRO C 203 -30.50 -45.91 52.23
CA PRO C 203 -30.80 -46.87 53.30
C PRO C 203 -29.55 -47.47 53.91
N SER C 204 -28.52 -47.77 53.12
CA SER C 204 -27.28 -48.26 53.70
C SER C 204 -26.54 -47.17 54.46
N LEU C 205 -26.87 -45.89 54.22
CA LEU C 205 -26.25 -44.82 54.97
C LEU C 205 -26.98 -44.57 56.28
N LEU C 206 -28.29 -44.76 56.28
CA LEU C 206 -29.06 -44.72 57.51
C LEU C 206 -28.61 -45.82 58.47
N ASP C 207 -28.28 -46.99 57.91
CA ASP C 207 -27.83 -48.07 58.77
C ASP C 207 -26.58 -47.69 59.53
N MET C 208 -25.61 -47.03 58.87
CA MET C 208 -24.41 -46.56 59.57
C MET C 208 -24.73 -45.40 60.47
N ALA C 209 -25.72 -44.62 60.11
CA ALA C 209 -26.13 -43.54 61.01
C ALA C 209 -26.79 -44.14 62.24
N LYS C 210 -27.68 -45.11 62.04
CA LYS C 210 -28.28 -45.83 63.15
C LYS C 210 -27.21 -46.55 63.95
N ASP C 211 -26.31 -47.26 63.27
CA ASP C 211 -25.37 -48.16 63.96
C ASP C 211 -24.28 -47.39 64.72
N LEU C 212 -24.52 -46.11 65.00
CA LEU C 212 -23.74 -45.33 65.95
C LEU C 212 -24.66 -44.23 66.46
N ASP C 213 -24.29 -43.63 67.58
CA ASP C 213 -25.22 -42.67 68.19
C ASP C 213 -25.44 -41.45 67.30
N LEU C 214 -26.51 -41.49 66.49
CA LEU C 214 -26.88 -40.37 65.62
C LEU C 214 -28.35 -40.01 65.81
N ASP C 215 -28.60 -38.74 66.14
CA ASP C 215 -29.94 -38.31 66.53
C ASP C 215 -30.62 -37.66 65.33
N ILE C 216 -31.27 -38.49 64.51
CA ILE C 216 -31.96 -37.99 63.33
C ILE C 216 -33.40 -38.49 63.34
N PRO C 217 -34.31 -37.79 62.61
CA PRO C 217 -35.65 -38.35 62.37
C PRO C 217 -35.63 -39.59 61.49
N TYR C 218 -35.11 -40.71 62.00
CA TYR C 218 -35.28 -41.99 61.34
C TYR C 218 -36.73 -42.25 60.96
N ASP C 219 -37.63 -42.10 61.93
CA ASP C 219 -39.04 -42.32 61.66
C ASP C 219 -39.63 -41.00 61.17
N GLU C 220 -39.42 -40.75 59.88
CA GLU C 220 -40.08 -39.70 59.13
C GLU C 220 -40.98 -40.32 58.08
N PRO C 221 -42.21 -39.81 57.96
CA PRO C 221 -43.14 -40.43 56.99
C PRO C 221 -42.58 -40.50 55.60
N ALA C 222 -41.71 -39.56 55.23
CA ALA C 222 -41.10 -39.62 53.91
C ALA C 222 -40.02 -40.69 53.83
N LEU C 223 -39.41 -41.04 54.96
CA LEU C 223 -38.28 -41.96 54.92
C LEU C 223 -38.72 -43.41 54.85
N LYS C 224 -39.80 -43.77 55.54
CA LYS C 224 -40.25 -45.17 55.49
C LYS C 224 -40.65 -45.57 54.08
N ALA C 225 -41.06 -44.61 53.24
CA ALA C 225 -41.50 -44.94 51.91
C ALA C 225 -40.35 -45.37 50.99
N ILE C 226 -39.16 -44.74 51.09
CA ILE C 226 -38.06 -45.16 50.20
C ILE C 226 -37.20 -46.23 50.83
N TYR C 227 -37.36 -46.52 52.12
CA TYR C 227 -36.74 -47.69 52.72
C TYR C 227 -37.36 -48.97 52.17
N ALA C 228 -38.57 -48.86 51.60
CA ALA C 228 -39.25 -50.00 51.00
C ALA C 228 -38.53 -50.48 49.74
N GLU C 229 -38.22 -49.56 48.83
CA GLU C 229 -37.56 -49.93 47.58
C GLU C 229 -36.25 -50.71 47.81
N ARG C 230 -35.73 -50.75 49.05
CA ARG C 230 -34.54 -51.54 49.35
C ARG C 230 -34.68 -52.98 48.84
N GLU C 231 -35.48 -53.79 49.54
CA GLU C 231 -35.66 -55.18 49.15
C GLU C 231 -36.17 -55.28 47.72
N ARG C 232 -37.12 -54.40 47.35
CA ARG C 232 -37.76 -54.47 46.03
C ARG C 232 -36.72 -54.39 44.91
N LYS C 233 -35.83 -53.39 44.96
CA LYS C 233 -34.80 -53.30 43.94
C LYS C 233 -33.71 -54.35 44.16
N LEU C 234 -33.11 -54.36 45.36
CA LEU C 234 -31.96 -55.23 45.59
C LEU C 234 -32.33 -56.71 45.65
N ALA C 235 -33.59 -57.07 45.40
CA ALA C 235 -33.92 -58.44 45.03
C ALA C 235 -34.21 -58.60 43.54
N LYS C 236 -34.70 -57.56 42.87
CA LYS C 236 -34.83 -57.61 41.41
C LYS C 236 -33.47 -57.73 40.73
N ILE C 237 -32.39 -57.56 41.48
CA ILE C 237 -31.00 -57.71 41.01
C ILE C 237 -30.76 -59.15 40.57
N PRO C 238 -30.13 -59.38 39.43
CA PRO C 238 -29.70 -60.73 39.07
C PRO C 238 -28.37 -61.08 39.73
N ARG C 239 -28.41 -61.98 40.72
CA ARG C 239 -27.20 -62.43 41.40
C ARG C 239 -26.22 -63.09 40.43
N ASP C 240 -26.71 -64.08 39.65
CA ASP C 240 -25.83 -64.86 38.79
C ASP C 240 -25.29 -64.07 37.59
N VAL C 241 -25.96 -62.99 37.17
CA VAL C 241 -25.46 -62.18 36.06
C VAL C 241 -24.51 -61.10 36.54
N LEU C 242 -24.73 -60.61 37.76
CA LEU C 242 -23.93 -59.53 38.31
C LEU C 242 -22.47 -59.89 38.46
N HIS C 243 -22.12 -61.16 38.52
CA HIS C 243 -20.75 -61.60 38.77
C HIS C 243 -20.02 -62.09 37.52
N SER C 244 -20.70 -62.12 36.38
CA SER C 244 -20.14 -62.64 35.14
C SER C 244 -19.67 -61.55 34.16
N MET C 245 -20.43 -60.47 34.00
CA MET C 245 -20.08 -59.40 33.07
C MET C 245 -20.19 -58.05 33.77
N PRO C 246 -19.30 -57.11 33.48
CA PRO C 246 -19.43 -55.78 34.09
C PRO C 246 -20.74 -55.13 33.67
N THR C 247 -21.41 -54.49 34.64
CA THR C 247 -22.66 -53.78 34.42
C THR C 247 -22.64 -52.47 35.21
N THR C 248 -23.64 -51.62 34.95
CA THR C 248 -23.81 -50.36 35.66
C THR C 248 -24.31 -50.56 37.08
N LEU C 249 -24.67 -51.80 37.43
CA LEU C 249 -25.03 -52.11 38.80
C LEU C 249 -23.82 -52.00 39.71
N LEU C 250 -22.65 -52.37 39.20
CA LEU C 250 -21.41 -52.29 39.95
C LEU C 250 -21.15 -50.88 40.49
N HIS C 251 -21.94 -49.90 40.01
CA HIS C 251 -21.81 -48.50 40.43
C HIS C 251 -22.36 -48.21 41.83
N SER C 252 -23.30 -49.01 42.33
CA SER C 252 -23.93 -48.72 43.61
C SER C 252 -23.77 -49.95 44.48
N LEU C 253 -22.56 -50.15 45.00
CA LEU C 253 -22.22 -51.29 45.83
C LEU C 253 -22.16 -50.96 47.31
N GLU C 254 -22.54 -49.76 47.70
CA GLU C 254 -22.48 -49.47 49.12
C GLU C 254 -23.64 -50.10 49.88
N GLY C 255 -24.80 -50.20 49.26
CA GLY C 255 -25.87 -50.87 49.97
C GLY C 255 -26.08 -52.25 49.44
N MET C 256 -25.00 -53.02 49.38
CA MET C 256 -25.08 -54.37 48.89
C MET C 256 -24.35 -55.30 49.83
N VAL C 257 -25.09 -56.28 50.32
CA VAL C 257 -24.59 -57.33 51.17
C VAL C 257 -24.63 -58.61 50.37
N ASP C 258 -23.83 -59.58 50.81
CA ASP C 258 -23.85 -60.95 50.29
C ASP C 258 -23.59 -61.00 48.77
N LEU C 259 -22.32 -60.78 48.39
CA LEU C 259 -21.93 -60.85 46.99
C LEU C 259 -20.49 -61.34 46.87
N ASP C 260 -20.30 -62.40 46.10
CA ASP C 260 -19.04 -63.11 45.91
C ASP C 260 -17.94 -62.23 45.32
N TRP C 261 -16.96 -61.83 46.13
CA TRP C 261 -15.97 -60.94 45.56
C TRP C 261 -15.01 -61.65 44.61
N GLU C 262 -14.78 -62.95 44.77
CA GLU C 262 -13.75 -63.61 43.97
C GLU C 262 -14.03 -63.48 42.49
N LYS C 263 -15.29 -63.57 42.08
CA LYS C 263 -15.66 -63.45 40.68
C LYS C 263 -16.19 -62.07 40.34
N LEU C 264 -16.14 -61.13 41.29
CA LEU C 264 -16.59 -59.77 41.04
C LEU C 264 -15.45 -58.84 40.62
N LEU C 265 -14.27 -59.02 41.19
CA LEU C 265 -13.11 -58.23 40.78
C LEU C 265 -12.70 -58.49 39.33
N LYS C 266 -13.14 -59.59 38.74
CA LYS C 266 -12.88 -59.78 37.32
C LYS C 266 -13.61 -58.75 36.46
N LEU C 267 -14.48 -57.94 37.05
CA LEU C 267 -15.41 -57.13 36.29
C LEU C 267 -15.14 -55.64 36.38
N ARG C 268 -14.14 -55.22 37.14
CA ARG C 268 -13.96 -53.79 37.33
C ARG C 268 -13.29 -53.20 36.09
N CYS C 269 -13.14 -51.89 36.13
CA CYS C 269 -12.57 -51.10 35.04
C CYS C 269 -11.05 -51.28 35.03
N LEU C 270 -10.40 -50.69 34.02
CA LEU C 270 -8.96 -50.80 33.88
C LEU C 270 -8.18 -50.04 34.97
N ASP C 271 -8.74 -48.96 35.50
CA ASP C 271 -8.10 -48.23 36.60
C ASP C 271 -8.31 -48.89 37.97
N GLY C 272 -9.14 -49.92 38.07
CA GLY C 272 -9.47 -50.56 39.33
C GLY C 272 -10.80 -50.16 39.93
N SER C 273 -11.45 -49.14 39.40
CA SER C 273 -12.69 -48.70 40.01
C SER C 273 -13.79 -49.65 39.63
N PHE C 274 -14.86 -49.63 40.41
CA PHE C 274 -16.08 -50.37 40.07
C PHE C 274 -17.02 -49.41 39.37
N HIS C 275 -17.09 -49.53 38.05
CA HIS C 275 -17.84 -48.61 37.21
C HIS C 275 -17.57 -47.17 37.66
N CYS C 276 -16.30 -46.89 37.96
CA CYS C 276 -15.81 -45.52 38.12
C CYS C 276 -16.47 -44.75 39.25
N SER C 277 -16.91 -45.47 40.29
CA SER C 277 -17.43 -44.84 41.50
C SER C 277 -16.39 -44.97 42.61
N PRO C 278 -15.87 -43.89 43.19
CA PRO C 278 -15.00 -44.07 44.35
C PRO C 278 -15.77 -44.55 45.56
N ALA C 279 -17.07 -44.23 45.67
CA ALA C 279 -17.85 -44.80 46.75
C ALA C 279 -17.93 -46.32 46.61
N SER C 280 -18.38 -46.83 45.45
CA SER C 280 -18.47 -48.28 45.26
C SER C 280 -17.11 -48.94 45.33
N THR C 281 -16.06 -48.24 44.96
CA THR C 281 -14.73 -48.81 45.06
C THR C 281 -14.20 -48.73 46.48
N ALA C 282 -14.62 -47.73 47.25
CA ALA C 282 -14.25 -47.71 48.67
C ALA C 282 -14.85 -48.89 49.42
N THR C 283 -16.18 -49.09 49.30
CA THR C 283 -16.80 -50.24 49.97
C THR C 283 -16.20 -51.53 49.44
N ALA C 284 -15.75 -51.54 48.19
CA ALA C 284 -15.10 -52.71 47.65
C ALA C 284 -13.74 -52.96 48.28
N PHE C 285 -13.14 -51.95 48.92
CA PHE C 285 -11.86 -52.13 49.58
C PHE C 285 -11.98 -52.62 51.03
N GLN C 286 -12.96 -52.11 51.78
CA GLN C 286 -13.20 -52.63 53.13
C GLN C 286 -13.37 -54.14 53.12
N GLN C 287 -13.91 -54.69 52.02
CA GLN C 287 -14.23 -56.11 51.94
C GLN C 287 -13.17 -56.95 51.24
N THR C 288 -12.20 -56.33 50.55
CA THR C 288 -11.02 -57.03 50.05
C THR C 288 -9.84 -56.06 49.93
N GLY C 289 -8.70 -56.47 50.47
CA GLY C 289 -7.53 -55.60 50.53
C GLY C 289 -6.80 -55.35 49.24
N ASP C 290 -7.54 -55.36 48.11
CA ASP C 290 -7.00 -55.31 46.73
C ASP C 290 -6.15 -54.06 46.44
N GLN C 291 -4.86 -54.27 46.07
CA GLN C 291 -3.93 -53.15 45.88
C GLN C 291 -4.18 -52.34 44.59
N LYS C 292 -4.72 -52.97 43.52
CA LYS C 292 -5.08 -52.31 42.26
C LYS C 292 -6.40 -51.55 42.37
N CYS C 293 -7.15 -51.79 43.43
CA CYS C 293 -8.34 -51.04 43.75
C CYS C 293 -8.01 -49.90 44.68
N PHE C 294 -6.99 -50.09 45.52
CA PHE C 294 -6.44 -48.99 46.28
C PHE C 294 -5.84 -47.95 45.35
N GLU C 295 -5.10 -48.39 44.32
CA GLU C 295 -4.41 -47.46 43.41
C GLU C 295 -5.35 -46.41 42.83
N TYR C 296 -6.55 -46.83 42.42
CA TYR C 296 -7.54 -45.88 41.92
C TYR C 296 -7.90 -44.90 43.03
N LEU C 297 -8.16 -45.41 44.22
CA LEU C 297 -8.56 -44.54 45.33
C LEU C 297 -7.41 -43.67 45.82
N ASP C 298 -6.22 -44.24 46.00
CA ASP C 298 -5.10 -43.40 46.45
C ASP C 298 -4.85 -42.28 45.46
N GLY C 299 -4.82 -42.59 44.16
CA GLY C 299 -4.54 -41.57 43.18
C GLY C 299 -5.59 -40.48 43.14
N ILE C 300 -6.86 -40.87 43.12
CA ILE C 300 -7.95 -39.90 43.00
C ILE C 300 -7.96 -38.92 44.17
N VAL C 301 -7.54 -39.37 45.36
CA VAL C 301 -7.49 -38.51 46.53
C VAL C 301 -6.24 -37.63 46.53
N LYS C 302 -5.14 -38.14 45.98
CA LYS C 302 -3.95 -37.30 45.78
C LYS C 302 -4.24 -36.22 44.75
N LYS C 303 -4.92 -36.59 43.65
CA LYS C 303 -5.14 -35.64 42.55
C LYS C 303 -6.09 -34.49 42.93
N PHE C 304 -6.90 -34.66 43.96
CA PHE C 304 -7.76 -33.58 44.41
C PHE C 304 -7.36 -33.07 45.79
N ASN C 305 -6.21 -33.51 46.32
CA ASN C 305 -5.70 -33.10 47.63
C ASN C 305 -6.79 -33.15 48.70
N GLY C 306 -7.29 -34.35 48.89
CA GLY C 306 -8.45 -34.59 49.73
C GLY C 306 -9.71 -34.51 48.91
N GLY C 307 -10.69 -35.33 49.28
CA GLY C 307 -11.97 -35.28 48.60
C GLY C 307 -11.95 -35.89 47.21
N VAL C 308 -13.12 -36.34 46.77
CA VAL C 308 -13.23 -37.19 45.57
C VAL C 308 -14.59 -36.95 44.93
N PRO C 309 -14.64 -36.89 43.62
CA PRO C 309 -15.92 -36.67 42.96
C PRO C 309 -16.75 -37.93 43.06
N CYS C 310 -17.93 -37.93 42.46
CA CYS C 310 -18.78 -39.10 42.54
C CYS C 310 -18.60 -39.99 41.33
N ILE C 311 -17.64 -39.67 40.44
CA ILE C 311 -17.38 -40.45 39.23
C ILE C 311 -16.06 -40.02 38.61
N TYR C 312 -15.22 -40.99 38.24
CA TYR C 312 -13.94 -40.59 37.69
C TYR C 312 -13.27 -41.77 37.02
N PRO C 313 -12.48 -41.55 35.95
CA PRO C 313 -12.27 -40.25 35.30
C PRO C 313 -13.29 -39.99 34.16
N LEU C 314 -13.29 -38.83 33.50
CA LEU C 314 -14.26 -38.56 32.43
C LEU C 314 -13.57 -38.13 31.17
N ASP C 315 -12.43 -38.76 30.88
CA ASP C 315 -11.53 -38.26 29.85
C ASP C 315 -12.18 -38.19 28.47
N VAL C 316 -13.15 -39.05 28.18
CA VAL C 316 -13.83 -38.95 26.89
C VAL C 316 -14.97 -37.95 26.95
N TYR C 317 -15.92 -38.21 27.84
CA TYR C 317 -17.13 -37.39 27.99
C TYR C 317 -16.81 -35.92 28.03
N GLU C 318 -15.83 -35.53 28.85
CA GLU C 318 -15.47 -34.12 28.92
C GLU C 318 -15.00 -33.60 27.56
N ARG C 319 -14.12 -34.34 26.90
CA ARG C 319 -13.69 -33.93 25.58
C ARG C 319 -14.88 -33.81 24.63
N LEU C 320 -15.58 -34.92 24.42
CA LEU C 320 -16.71 -34.93 23.49
C LEU C 320 -17.67 -33.80 23.78
N TRP C 321 -17.98 -33.57 25.05
CA TRP C 321 -19.03 -32.60 25.35
C TRP C 321 -18.50 -31.18 25.24
N ALA C 322 -17.23 -30.97 25.59
CA ALA C 322 -16.63 -29.66 25.40
C ALA C 322 -16.66 -29.25 23.93
N VAL C 323 -16.42 -30.19 23.02
CA VAL C 323 -16.41 -29.86 21.58
C VAL C 323 -17.82 -29.50 21.09
N ASP C 324 -18.81 -30.36 21.37
CA ASP C 324 -20.18 -30.06 20.96
C ASP C 324 -20.63 -28.72 21.51
N ARG C 325 -20.19 -28.40 22.72
CA ARG C 325 -20.59 -27.13 23.34
C ARG C 325 -19.92 -25.94 22.65
N LEU C 326 -18.60 -26.03 22.40
CA LEU C 326 -17.95 -24.97 21.65
C LEU C 326 -18.43 -24.91 20.20
N THR C 327 -18.71 -26.05 19.58
CA THR C 327 -19.13 -26.00 18.17
C THR C 327 -20.44 -25.26 18.05
N ARG C 328 -21.43 -25.63 18.86
CA ARG C 328 -22.73 -24.97 18.80
C ARG C 328 -22.60 -23.48 19.13
N LEU C 329 -21.63 -23.11 19.92
CA LEU C 329 -21.49 -21.70 20.20
C LEU C 329 -20.84 -20.89 19.08
N GLY C 330 -20.45 -21.52 17.97
CA GLY C 330 -19.91 -20.74 16.86
C GLY C 330 -18.52 -20.21 17.07
N ILE C 331 -17.91 -20.50 18.22
CA ILE C 331 -16.57 -20.07 18.55
C ILE C 331 -15.60 -21.23 18.49
N SER C 332 -16.07 -22.39 18.02
CA SER C 332 -15.25 -23.57 17.76
C SER C 332 -14.10 -23.25 16.82
N ARG C 333 -14.34 -22.33 15.89
CA ARG C 333 -13.33 -21.99 14.92
C ARG C 333 -12.02 -21.54 15.56
N HIS C 334 -12.08 -20.95 16.75
CA HIS C 334 -10.88 -20.39 17.35
C HIS C 334 -9.94 -21.48 17.88
N PHE C 335 -10.50 -22.65 18.23
CA PHE C 335 -9.76 -23.70 18.94
C PHE C 335 -9.56 -24.96 18.11
N THR C 336 -9.36 -24.82 16.80
CA THR C 336 -9.26 -25.99 15.92
C THR C 336 -8.02 -26.84 16.21
N SER C 337 -6.86 -26.22 16.47
CA SER C 337 -5.70 -27.06 16.76
C SER C 337 -5.90 -27.81 18.08
N GLU C 338 -6.44 -27.13 19.12
CA GLU C 338 -6.73 -27.80 20.38
C GLU C 338 -7.86 -28.84 20.23
N ILE C 339 -8.94 -28.51 19.50
CA ILE C 339 -10.02 -29.48 19.33
C ILE C 339 -9.52 -30.73 18.64
N GLU C 340 -8.93 -30.57 17.45
CA GLU C 340 -8.54 -31.77 16.71
C GLU C 340 -7.53 -32.58 17.51
N ASP C 341 -6.89 -31.98 18.51
CA ASP C 341 -6.06 -32.76 19.41
C ASP C 341 -6.90 -33.68 20.28
N CYS C 342 -7.89 -33.14 20.96
CA CYS C 342 -8.60 -34.08 21.81
C CYS C 342 -9.66 -34.85 21.03
N LEU C 343 -10.10 -34.37 19.86
CA LEU C 343 -10.93 -35.22 19.02
C LEU C 343 -10.15 -36.42 18.54
N ASP C 344 -8.84 -36.25 18.33
CA ASP C 344 -7.97 -37.40 18.11
C ASP C 344 -8.05 -38.38 19.27
N TYR C 345 -8.03 -37.87 20.51
CA TYR C 345 -8.09 -38.74 21.68
C TYR C 345 -9.33 -39.62 21.64
N ILE C 346 -10.46 -39.09 21.19
CA ILE C 346 -11.61 -39.96 21.06
C ILE C 346 -11.32 -40.99 19.98
N PHE C 347 -10.77 -40.54 18.85
CA PHE C 347 -10.52 -41.46 17.75
C PHE C 347 -9.59 -42.60 18.16
N ARG C 348 -8.52 -42.28 18.91
CA ARG C 348 -7.60 -43.35 19.35
C ARG C 348 -8.31 -44.40 20.19
N ASN C 349 -9.32 -43.99 20.94
CA ASN C 349 -10.00 -44.93 21.80
C ASN C 349 -11.38 -45.32 21.27
N TRP C 350 -11.61 -45.22 19.97
CA TRP C 350 -12.85 -45.73 19.38
C TRP C 350 -12.83 -47.26 19.29
N THR C 351 -13.88 -47.92 19.81
CA THR C 351 -13.96 -49.38 19.82
C THR C 351 -15.16 -49.84 19.02
N PRO C 352 -15.12 -51.08 18.50
CA PRO C 352 -16.29 -51.63 17.80
C PRO C 352 -17.50 -51.83 18.71
N ASP C 353 -17.31 -51.77 20.04
CA ASP C 353 -18.37 -51.94 21.03
C ASP C 353 -18.97 -50.64 21.52
N GLY C 354 -18.45 -49.50 21.07
CA GLY C 354 -19.04 -48.21 21.40
C GLY C 354 -18.09 -47.32 22.16
N LEU C 355 -18.62 -46.26 22.77
CA LEU C 355 -17.88 -45.37 23.65
C LEU C 355 -18.52 -45.31 25.04
N ALA C 356 -17.68 -45.19 26.05
CA ALA C 356 -18.06 -44.94 27.43
C ALA C 356 -17.85 -43.48 27.80
N HIS C 357 -18.15 -43.14 29.04
CA HIS C 357 -17.77 -41.81 29.49
C HIS C 357 -16.27 -41.70 29.70
N THR C 358 -15.59 -42.83 29.87
CA THR C 358 -14.13 -42.82 30.00
C THR C 358 -13.53 -43.84 29.04
N LYS C 359 -12.23 -43.67 28.86
CA LYS C 359 -11.48 -44.58 28.01
C LYS C 359 -11.53 -45.99 28.55
N ASN C 360 -11.49 -46.14 29.87
CA ASN C 360 -11.26 -47.43 30.52
C ASN C 360 -12.44 -48.00 31.31
N CYS C 361 -13.64 -47.94 30.73
CA CYS C 361 -14.85 -48.55 31.27
C CYS C 361 -15.46 -49.50 30.26
N PRO C 362 -15.60 -50.79 30.57
CA PRO C 362 -16.01 -51.74 29.53
C PRO C 362 -17.45 -51.55 29.06
N VAL C 363 -18.30 -50.90 29.83
CA VAL C 363 -19.69 -50.72 29.43
C VAL C 363 -19.81 -49.42 28.67
N LYS C 364 -20.37 -49.50 27.48
CA LYS C 364 -20.52 -48.36 26.61
C LYS C 364 -21.99 -47.95 26.66
N ASP C 365 -22.25 -46.71 26.27
CA ASP C 365 -23.61 -46.20 26.31
C ASP C 365 -23.85 -45.38 25.07
N ILE C 366 -25.12 -45.21 24.71
CA ILE C 366 -25.41 -44.59 23.44
C ILE C 366 -25.05 -43.12 23.49
N ASP C 367 -25.25 -42.48 24.65
CA ASP C 367 -25.03 -41.05 24.74
C ASP C 367 -23.61 -40.70 24.36
N ASP C 368 -22.63 -41.41 24.91
CA ASP C 368 -21.26 -41.13 24.55
C ASP C 368 -20.99 -41.51 23.11
N THR C 369 -21.51 -42.65 22.66
CA THR C 369 -21.18 -43.09 21.31
C THR C 369 -21.78 -42.16 20.25
N ALA C 370 -23.06 -41.80 20.39
CA ALA C 370 -23.69 -40.92 19.41
C ALA C 370 -23.02 -39.54 19.36
N MET C 371 -22.69 -38.98 20.52
CA MET C 371 -21.88 -37.76 20.54
C MET C 371 -20.53 -38.00 19.86
N GLY C 372 -19.86 -39.11 20.18
CA GLY C 372 -18.55 -39.38 19.59
C GLY C 372 -18.60 -39.56 18.08
N PHE C 373 -19.57 -40.32 17.61
CA PHE C 373 -19.71 -40.53 16.19
C PHE C 373 -20.01 -39.23 15.48
N ARG C 374 -21.03 -38.50 15.95
CA ARG C 374 -21.43 -37.26 15.31
C ARG C 374 -20.25 -36.31 15.20
N LEU C 375 -19.56 -36.05 16.31
CA LEU C 375 -18.44 -35.11 16.28
C LEU C 375 -17.26 -35.65 15.47
N LEU C 376 -16.92 -36.93 15.59
CA LEU C 376 -15.83 -37.45 14.78
C LEU C 376 -16.13 -37.30 13.29
N ARG C 377 -17.35 -37.67 12.88
CA ARG C 377 -17.72 -37.56 11.47
C ARG C 377 -17.79 -36.11 11.02
N LEU C 378 -18.24 -35.23 11.89
CA LEU C 378 -18.33 -33.83 11.53
C LEU C 378 -16.96 -33.27 11.21
N TYR C 379 -15.94 -33.75 11.92
CA TYR C 379 -14.60 -33.22 11.74
C TYR C 379 -13.84 -34.02 10.70
N GLY C 380 -14.55 -34.85 9.94
CA GLY C 380 -13.93 -35.53 8.85
C GLY C 380 -13.17 -36.76 9.22
N TYR C 381 -13.58 -37.45 10.30
CA TYR C 381 -12.94 -38.70 10.70
C TYR C 381 -13.69 -39.88 10.12
N GLN C 382 -12.99 -40.98 9.86
CA GLN C 382 -13.62 -42.17 9.30
C GLN C 382 -14.20 -43.01 10.43
N VAL C 383 -15.53 -43.03 10.57
CA VAL C 383 -16.19 -43.79 11.64
C VAL C 383 -17.30 -44.61 11.02
N ASP C 384 -17.55 -45.79 11.58
CA ASP C 384 -18.55 -46.69 11.03
C ASP C 384 -19.74 -46.71 11.97
N PRO C 385 -20.94 -46.33 11.53
CA PRO C 385 -22.09 -46.31 12.45
C PRO C 385 -22.51 -47.69 12.95
N CYS C 386 -21.94 -48.77 12.42
CA CYS C 386 -22.35 -50.08 12.88
C CYS C 386 -22.05 -50.29 14.37
N VAL C 387 -21.23 -49.44 14.97
CA VAL C 387 -21.04 -49.51 16.42
C VAL C 387 -22.34 -49.24 17.14
N LEU C 388 -23.35 -48.75 16.44
CA LEU C 388 -24.65 -48.55 17.05
C LEU C 388 -25.47 -49.83 17.13
N LYS C 389 -25.21 -50.81 16.27
CA LYS C 389 -26.01 -52.02 16.33
C LYS C 389 -25.81 -52.78 17.64
N LYS C 390 -24.75 -52.47 18.42
CA LYS C 390 -24.59 -53.04 19.76
C LYS C 390 -25.64 -52.56 20.74
N PHE C 391 -26.38 -51.48 20.42
CA PHE C 391 -27.35 -50.89 21.34
C PHE C 391 -28.77 -51.03 20.85
N GLU C 392 -28.98 -51.78 19.78
CA GLU C 392 -30.30 -52.14 19.29
C GLU C 392 -30.60 -53.52 19.85
N LYS C 393 -31.72 -53.65 20.55
CA LYS C 393 -32.16 -54.95 21.05
C LYS C 393 -33.64 -55.09 20.70
N ASP C 394 -33.91 -55.92 19.69
CA ASP C 394 -35.28 -56.27 19.33
C ASP C 394 -36.10 -55.06 18.91
N GLY C 395 -35.58 -54.31 17.93
CA GLY C 395 -36.35 -53.24 17.30
C GLY C 395 -36.37 -51.92 18.04
N LYS C 396 -35.84 -51.88 19.24
CA LYS C 396 -35.82 -50.70 20.10
C LYS C 396 -34.36 -50.36 20.40
N PHE C 397 -34.12 -49.13 20.87
CA PHE C 397 -32.77 -48.64 21.16
C PHE C 397 -32.67 -48.28 22.64
N PHE C 398 -31.61 -48.74 23.31
CA PHE C 398 -31.48 -48.48 24.74
C PHE C 398 -30.31 -47.53 25.00
N CYS C 399 -29.96 -47.38 26.27
CA CYS C 399 -28.83 -46.55 26.59
C CYS C 399 -27.59 -47.38 26.84
N LEU C 400 -27.76 -48.56 27.42
CA LEU C 400 -26.63 -49.40 27.76
C LEU C 400 -26.84 -50.76 27.15
N HIS C 401 -25.77 -51.51 27.03
CA HIS C 401 -25.85 -52.81 26.40
C HIS C 401 -26.09 -53.85 27.47
N GLY C 402 -27.12 -54.67 27.30
CA GLY C 402 -27.43 -55.69 28.28
C GLY C 402 -28.53 -55.29 29.23
N GLU C 403 -28.45 -54.07 29.77
CA GLU C 403 -29.48 -53.52 30.66
C GLU C 403 -30.46 -52.70 29.84
N SER C 404 -31.58 -53.32 29.45
CA SER C 404 -32.67 -52.59 28.85
C SER C 404 -33.29 -51.63 29.86
N ASN C 405 -32.53 -50.60 30.24
CA ASN C 405 -32.95 -49.62 31.24
C ASN C 405 -34.07 -48.73 30.69
N PRO C 406 -34.91 -48.18 31.58
CA PRO C 406 -35.79 -47.07 31.16
C PRO C 406 -35.03 -45.86 30.56
N SER C 407 -35.15 -45.66 29.24
CA SER C 407 -34.30 -44.74 28.51
C SER C 407 -34.58 -43.25 28.82
N SER C 408 -33.50 -42.46 28.78
CA SER C 408 -33.49 -41.04 29.11
C SER C 408 -33.90 -40.22 27.88
N VAL C 409 -33.88 -38.90 28.01
CA VAL C 409 -34.23 -38.02 26.89
C VAL C 409 -32.99 -37.60 26.13
N THR C 410 -31.99 -37.12 26.86
CA THR C 410 -30.75 -36.66 26.25
C THR C 410 -30.11 -37.65 25.30
N PRO C 411 -30.01 -38.96 25.59
CA PRO C 411 -29.44 -39.89 24.61
C PRO C 411 -30.23 -40.03 23.31
N MET C 412 -31.56 -39.91 23.33
CA MET C 412 -32.26 -40.00 22.05
C MET C 412 -32.05 -38.72 21.24
N TYR C 413 -31.96 -37.59 21.90
CA TYR C 413 -31.56 -36.38 21.22
C TYR C 413 -30.20 -36.57 20.54
N ASN C 414 -29.20 -37.05 21.28
CA ASN C 414 -27.85 -37.12 20.69
C ASN C 414 -27.73 -38.15 19.57
N THR C 415 -28.47 -39.26 19.66
CA THR C 415 -28.50 -40.21 18.54
C THR C 415 -29.20 -39.61 17.34
N TYR C 416 -30.37 -39.00 17.53
CA TYR C 416 -31.02 -38.38 16.38
C TYR C 416 -30.07 -37.41 15.68
N ARG C 417 -29.35 -36.58 16.46
CA ARG C 417 -28.36 -35.69 15.86
C ARG C 417 -27.30 -36.46 15.09
N ALA C 418 -26.72 -37.48 15.69
CA ALA C 418 -25.78 -38.30 14.97
C ALA C 418 -26.43 -39.01 13.78
N SER C 419 -27.72 -39.29 13.83
CA SER C 419 -28.36 -39.93 12.69
C SER C 419 -28.49 -39.00 11.49
N GLN C 420 -28.30 -37.70 11.69
CA GLN C 420 -28.44 -36.73 10.61
C GLN C 420 -27.27 -36.75 9.63
N LEU C 421 -26.09 -37.16 10.09
CA LEU C 421 -24.92 -37.30 9.20
C LEU C 421 -24.83 -38.67 8.54
N LYS C 422 -25.93 -39.22 8.10
CA LYS C 422 -25.90 -40.51 7.42
C LYS C 422 -25.27 -40.32 6.03
N PHE C 423 -24.32 -41.20 5.71
CA PHE C 423 -23.70 -41.42 4.41
C PHE C 423 -24.36 -42.57 3.67
N PRO C 424 -24.28 -42.58 2.33
CA PRO C 424 -24.99 -43.64 1.57
C PRO C 424 -24.41 -45.04 1.76
N GLY C 425 -23.13 -45.16 2.12
CA GLY C 425 -22.57 -46.46 2.34
C GLY C 425 -22.80 -47.01 3.73
N ASP C 426 -23.59 -46.31 4.55
CA ASP C 426 -23.61 -46.57 5.98
C ASP C 426 -24.45 -47.80 6.28
N ASP C 427 -24.18 -48.43 7.42
CA ASP C 427 -25.08 -49.46 7.92
C ASP C 427 -26.45 -48.85 8.19
N GLY C 428 -27.48 -49.64 7.94
CA GLY C 428 -28.84 -49.14 8.04
C GLY C 428 -29.22 -48.62 9.42
N VAL C 429 -28.41 -48.90 10.44
CA VAL C 429 -28.83 -48.64 11.82
C VAL C 429 -29.18 -47.16 12.02
N LEU C 430 -28.44 -46.25 11.39
CA LEU C 430 -28.77 -44.84 11.52
C LEU C 430 -30.14 -44.54 10.95
N GLY C 431 -30.50 -45.22 9.88
CA GLY C 431 -31.84 -45.07 9.37
C GLY C 431 -32.85 -45.43 10.43
N ARG C 432 -32.74 -46.66 10.96
CA ARG C 432 -33.67 -47.06 12.00
C ARG C 432 -33.53 -46.17 13.21
N ALA C 433 -32.30 -45.75 13.52
CA ALA C 433 -32.10 -44.87 14.67
C ALA C 433 -32.86 -43.57 14.49
N GLU C 434 -32.77 -42.97 13.30
CA GLU C 434 -33.48 -41.71 13.09
C GLU C 434 -34.96 -41.85 13.39
N VAL C 435 -35.64 -42.82 12.76
CA VAL C 435 -37.10 -42.94 12.95
C VAL C 435 -37.44 -43.26 14.40
N PHE C 436 -36.64 -44.13 15.06
CA PHE C 436 -36.95 -44.50 16.44
C PHE C 436 -36.92 -43.29 17.36
N CYS C 437 -35.80 -42.56 17.32
CA CYS C 437 -35.69 -41.41 18.18
C CYS C 437 -36.67 -40.33 17.77
N ARG C 438 -36.96 -40.23 16.48
CA ARG C 438 -37.99 -39.31 16.03
C ARG C 438 -39.29 -39.60 16.78
N SER C 439 -39.69 -40.87 16.81
CA SER C 439 -40.90 -41.26 17.53
C SER C 439 -40.72 -41.05 19.02
N PHE C 440 -39.54 -41.38 19.54
CA PHE C 440 -39.32 -41.20 20.96
C PHE C 440 -39.50 -39.75 21.36
N LEU C 441 -38.93 -38.85 20.57
CA LEU C 441 -38.93 -37.44 20.95
C LEU C 441 -40.25 -36.78 20.62
N GLN C 442 -41.08 -37.38 19.76
CA GLN C 442 -42.40 -36.83 19.54
C GLN C 442 -43.34 -37.15 20.70
N ASP C 443 -43.36 -38.42 21.13
CA ASP C 443 -44.20 -38.82 22.25
C ASP C 443 -43.91 -37.95 23.45
N ARG C 444 -42.71 -37.40 23.51
CA ARG C 444 -42.29 -36.57 24.62
C ARG C 444 -42.34 -35.09 24.30
N ARG C 445 -42.37 -34.73 23.02
CA ARG C 445 -42.71 -33.35 22.68
C ARG C 445 -44.15 -33.11 23.03
N GLY C 446 -44.99 -34.11 22.74
CA GLY C 446 -46.42 -34.19 23.02
C GLY C 446 -46.73 -34.40 24.50
N SER C 447 -45.71 -34.24 25.33
CA SER C 447 -45.83 -34.32 26.77
C SER C 447 -44.91 -33.29 27.41
N ASN C 448 -45.31 -32.79 28.56
CA ASN C 448 -44.35 -31.98 29.30
C ASN C 448 -43.23 -32.81 29.93
N ARG C 449 -43.17 -34.13 29.70
CA ARG C 449 -42.11 -34.97 30.24
C ARG C 449 -40.77 -34.86 29.50
N MET C 450 -40.35 -33.63 29.15
CA MET C 450 -39.05 -33.30 28.56
C MET C 450 -37.91 -33.19 29.57
N LYS C 451 -38.17 -33.39 30.85
CA LYS C 451 -37.08 -33.44 31.82
C LYS C 451 -36.16 -34.61 31.52
N ASP C 452 -34.88 -34.46 31.86
CA ASP C 452 -33.95 -35.58 31.77
C ASP C 452 -33.66 -36.12 33.18
N LYS C 453 -33.27 -37.39 33.24
CA LYS C 453 -32.90 -37.97 34.52
C LYS C 453 -31.39 -37.98 34.76
N TRP C 454 -30.59 -37.61 33.76
CA TRP C 454 -29.15 -37.53 33.94
C TRP C 454 -28.64 -36.10 34.18
N ALA C 455 -29.42 -35.08 33.80
CA ALA C 455 -28.91 -33.71 33.76
C ALA C 455 -30.06 -32.71 33.76
N ILE C 456 -29.82 -31.53 34.34
CA ILE C 456 -30.78 -30.44 34.28
C ILE C 456 -30.09 -29.25 33.63
N ALA C 457 -30.67 -28.75 32.55
CA ALA C 457 -30.08 -27.70 31.72
C ALA C 457 -31.12 -26.62 31.43
N LYS C 458 -30.65 -25.39 31.22
CA LYS C 458 -31.51 -24.23 31.00
C LYS C 458 -32.70 -24.46 30.09
N ASP C 459 -32.45 -24.73 28.81
CA ASP C 459 -33.48 -24.91 27.78
C ASP C 459 -33.22 -26.23 27.07
N ILE C 460 -33.92 -27.29 27.48
CA ILE C 460 -33.75 -28.54 26.75
C ILE C 460 -34.77 -28.76 25.64
N PRO C 461 -36.02 -28.29 25.73
CA PRO C 461 -36.90 -28.46 24.57
C PRO C 461 -36.42 -27.66 23.40
N GLY C 462 -35.80 -26.50 23.68
CA GLY C 462 -35.27 -25.67 22.60
C GLY C 462 -34.15 -26.35 21.85
N GLU C 463 -33.17 -26.91 22.58
CA GLU C 463 -32.18 -27.76 21.93
C GLU C 463 -32.86 -28.82 21.07
N VAL C 464 -33.93 -29.42 21.56
CA VAL C 464 -34.58 -30.51 20.81
C VAL C 464 -35.45 -29.98 19.67
N GLU C 465 -36.19 -28.88 19.89
CA GLU C 465 -37.02 -28.33 18.83
C GLU C 465 -36.21 -28.17 17.56
N TYR C 466 -35.09 -27.49 17.68
CA TYR C 466 -34.26 -27.20 16.51
C TYR C 466 -33.89 -28.49 15.82
N ALA C 467 -33.17 -29.37 16.51
CA ALA C 467 -32.65 -30.57 15.87
C ALA C 467 -33.74 -31.36 15.17
N MET C 468 -34.98 -31.25 15.64
CA MET C 468 -36.05 -32.02 15.05
C MET C 468 -36.73 -31.33 13.88
N ASP C 469 -36.79 -30.02 13.89
CA ASP C 469 -37.42 -29.30 12.80
C ASP C 469 -36.43 -29.00 11.67
N TYR C 470 -35.15 -28.85 12.00
CA TYR C 470 -34.10 -28.46 11.07
C TYR C 470 -33.10 -29.58 10.89
N PRO C 471 -33.34 -30.45 9.91
CA PRO C 471 -32.39 -31.52 9.61
C PRO C 471 -31.13 -30.92 9.03
N TRP C 472 -30.12 -31.77 8.87
CA TRP C 472 -28.80 -31.30 8.48
C TRP C 472 -28.83 -30.38 7.26
N LYS C 473 -29.56 -30.78 6.21
CA LYS C 473 -29.57 -29.98 4.99
C LYS C 473 -30.03 -28.56 5.26
N ALA C 474 -30.76 -28.28 6.33
CA ALA C 474 -31.24 -26.92 6.55
C ALA C 474 -30.74 -26.29 7.85
N SER C 475 -29.64 -26.76 8.40
CA SER C 475 -29.18 -26.33 9.70
C SER C 475 -28.03 -25.36 9.44
N LEU C 476 -28.36 -24.08 9.35
CA LEU C 476 -27.36 -23.06 9.03
C LEU C 476 -26.57 -22.68 10.29
N PRO C 477 -25.24 -22.65 10.23
CA PRO C 477 -24.45 -22.52 11.45
C PRO C 477 -24.76 -21.28 12.27
N ARG C 478 -25.10 -20.15 11.65
CA ARG C 478 -25.49 -19.02 12.49
C ARG C 478 -26.90 -19.20 13.07
N ILE C 479 -27.78 -19.90 12.38
CA ILE C 479 -29.10 -20.10 12.94
C ILE C 479 -29.00 -20.95 14.20
N GLU C 480 -28.33 -22.09 14.11
CA GLU C 480 -28.19 -22.92 15.30
C GLU C 480 -27.51 -22.15 16.41
N THR C 481 -26.44 -21.43 16.10
CA THR C 481 -25.71 -20.75 17.16
C THR C 481 -26.57 -19.65 17.78
N ARG C 482 -27.26 -18.86 16.96
CA ARG C 482 -28.09 -17.81 17.56
C ARG C 482 -29.05 -18.42 18.55
N LEU C 483 -29.77 -19.45 18.13
CA LEU C 483 -30.69 -20.11 19.03
C LEU C 483 -29.95 -20.71 20.21
N TYR C 484 -28.76 -21.27 19.96
CA TYR C 484 -28.07 -21.99 21.01
C TYR C 484 -27.61 -21.07 22.12
N LEU C 485 -27.33 -19.80 21.82
CA LEU C 485 -26.89 -18.90 22.88
C LEU C 485 -27.93 -18.78 24.00
N ASP C 486 -29.22 -18.82 23.65
CA ASP C 486 -30.30 -18.68 24.63
C ASP C 486 -30.75 -20.03 25.20
N GLN C 487 -30.07 -21.12 24.86
CA GLN C 487 -30.39 -22.45 25.34
C GLN C 487 -29.26 -23.06 26.15
N TYR C 488 -28.05 -22.52 26.01
CA TYR C 488 -26.91 -23.00 26.75
C TYR C 488 -26.98 -22.43 28.15
N GLY C 489 -27.03 -23.31 29.14
CA GLY C 489 -27.24 -22.86 30.51
C GLY C 489 -26.02 -22.28 31.17
N GLY C 490 -24.83 -22.63 30.67
CA GLY C 490 -23.59 -22.18 31.27
C GLY C 490 -23.31 -22.87 32.59
N SER C 491 -22.94 -22.08 33.60
CA SER C 491 -22.74 -22.60 34.93
C SER C 491 -24.04 -23.05 35.59
N GLY C 492 -25.19 -22.75 34.99
CA GLY C 492 -26.46 -23.12 35.61
C GLY C 492 -26.74 -24.61 35.61
N ASP C 493 -26.18 -25.33 34.63
CA ASP C 493 -26.46 -26.74 34.45
C ASP C 493 -25.87 -27.61 35.55
N VAL C 494 -26.65 -28.60 36.00
CA VAL C 494 -26.22 -29.53 37.02
C VAL C 494 -26.46 -30.95 36.54
N TRP C 495 -25.62 -31.88 37.01
CA TRP C 495 -25.64 -33.26 36.57
C TRP C 495 -26.00 -34.15 37.75
N ILE C 496 -26.79 -35.17 37.48
CA ILE C 496 -27.32 -36.03 38.52
C ILE C 496 -26.51 -37.30 38.51
N GLY C 497 -25.63 -37.46 39.47
CA GLY C 497 -24.94 -38.72 39.65
C GLY C 497 -25.34 -39.34 40.98
N LYS C 498 -24.39 -39.92 41.72
CA LYS C 498 -24.75 -40.32 43.07
C LYS C 498 -25.01 -39.10 43.93
N VAL C 499 -24.32 -38.00 43.61
CA VAL C 499 -24.48 -36.67 44.18
C VAL C 499 -24.69 -35.71 43.03
N LEU C 500 -25.21 -34.52 43.32
CA LEU C 500 -25.12 -33.46 42.33
C LEU C 500 -23.68 -32.99 42.21
N HIS C 501 -23.20 -32.99 40.97
CA HIS C 501 -21.87 -32.54 40.61
C HIS C 501 -22.03 -31.59 39.43
N ARG C 502 -20.97 -30.84 39.14
CA ARG C 502 -21.01 -29.91 38.02
C ARG C 502 -19.76 -30.08 37.16
N MET C 503 -19.87 -29.73 35.89
CA MET C 503 -18.76 -29.90 34.95
C MET C 503 -18.19 -28.51 34.66
N THR C 504 -17.14 -28.15 35.37
CA THR C 504 -16.64 -26.79 35.26
C THR C 504 -16.17 -26.46 33.87
N LEU C 505 -15.59 -27.44 33.16
CA LEU C 505 -14.81 -27.10 31.97
C LEU C 505 -15.71 -26.67 30.81
N PHE C 506 -16.74 -27.44 30.50
CA PHE C 506 -17.60 -27.15 29.36
C PHE C 506 -19.00 -26.65 29.74
N CYS C 507 -19.38 -26.71 31.02
CA CYS C 507 -20.62 -26.06 31.54
C CYS C 507 -20.24 -24.79 32.30
N ASN C 508 -19.80 -23.83 31.50
CA ASN C 508 -19.00 -22.68 31.90
C ASN C 508 -19.75 -21.36 31.70
N ASP C 509 -19.43 -20.36 32.52
CA ASP C 509 -20.01 -19.04 32.25
C ASP C 509 -19.16 -18.25 31.29
N LEU C 510 -17.87 -18.52 31.29
CA LEU C 510 -16.96 -17.92 30.33
C LEU C 510 -17.26 -18.39 28.91
N TYR C 511 -17.68 -19.65 28.76
CA TYR C 511 -18.09 -20.07 27.43
C TYR C 511 -19.16 -19.13 26.88
N LEU C 512 -20.21 -18.86 27.64
CA LEU C 512 -21.23 -17.92 27.17
C LEU C 512 -20.68 -16.51 27.02
N LYS C 513 -19.89 -16.04 27.99
CA LYS C 513 -19.37 -14.68 27.90
C LYS C 513 -18.63 -14.49 26.58
N ALA C 514 -17.82 -15.47 26.18
CA ALA C 514 -17.13 -15.36 24.91
C ALA C 514 -18.10 -15.49 23.75
N ALA C 515 -18.94 -16.52 23.75
CA ALA C 515 -19.76 -16.78 22.58
C ALA C 515 -20.68 -15.62 22.30
N LYS C 516 -21.29 -15.06 23.34
CA LYS C 516 -22.14 -13.88 23.14
C LYS C 516 -21.34 -12.68 22.66
N ALA C 517 -20.06 -12.59 23.06
CA ALA C 517 -19.20 -11.53 22.56
C ALA C 517 -18.91 -11.72 21.08
N ASP C 518 -18.34 -12.88 20.72
CA ASP C 518 -17.96 -13.13 19.34
C ASP C 518 -19.16 -13.05 18.41
N PHE C 519 -20.35 -13.40 18.91
CA PHE C 519 -21.58 -13.25 18.14
C PHE C 519 -22.08 -11.79 18.08
N SER C 520 -21.93 -11.00 19.14
CA SER C 520 -22.38 -9.61 19.03
C SER C 520 -21.57 -8.86 17.99
N ASN C 521 -20.25 -9.03 17.99
CA ASN C 521 -19.44 -8.47 16.91
C ASN C 521 -19.95 -8.92 15.55
N PHE C 522 -20.49 -10.14 15.48
CA PHE C 522 -21.00 -10.62 14.22
C PHE C 522 -22.22 -9.83 13.81
N GLN C 523 -23.15 -9.61 14.75
CA GLN C 523 -24.35 -8.84 14.41
C GLN C 523 -24.02 -7.40 14.09
N LYS C 524 -23.08 -6.81 14.83
CA LYS C 524 -22.73 -5.43 14.55
C LYS C 524 -22.08 -5.30 13.18
N GLU C 525 -21.11 -6.16 12.87
CA GLU C 525 -20.49 -6.13 11.55
C GLU C 525 -21.51 -6.41 10.44
N CYS C 526 -22.51 -7.24 10.71
CA CYS C 526 -23.51 -7.57 9.71
C CYS C 526 -24.39 -6.37 9.35
N ARG C 527 -24.85 -5.64 10.37
CA ARG C 527 -25.73 -4.50 10.14
C ARG C 527 -25.03 -3.41 9.36
N VAL C 528 -23.71 -3.25 9.58
CA VAL C 528 -22.90 -2.36 8.76
C VAL C 528 -22.85 -2.82 7.31
N GLU C 529 -22.56 -4.11 7.09
CA GLU C 529 -22.51 -4.62 5.71
C GLU C 529 -23.86 -4.42 5.03
N LEU C 530 -24.94 -4.73 5.73
CA LEU C 530 -26.30 -4.59 5.20
C LEU C 530 -26.58 -3.17 4.73
N ASN C 531 -26.06 -2.17 5.45
CA ASN C 531 -26.27 -0.80 4.99
C ASN C 531 -25.52 -0.53 3.70
N GLY C 532 -24.28 -0.99 3.61
CA GLY C 532 -23.54 -0.88 2.36
C GLY C 532 -24.18 -1.65 1.22
N LEU C 533 -24.71 -2.83 1.53
CA LEU C 533 -25.35 -3.64 0.51
C LEU C 533 -26.63 -2.97 0.05
N ARG C 534 -27.41 -2.38 0.97
CA ARG C 534 -28.62 -1.68 0.57
C ARG C 534 -28.34 -0.60 -0.47
N ARG C 535 -27.37 0.27 -0.18
CA ARG C 535 -26.98 1.30 -1.11
C ARG C 535 -26.61 0.71 -2.47
N TRP C 536 -25.67 -0.23 -2.47
CA TRP C 536 -25.23 -0.83 -3.72
C TRP C 536 -26.39 -1.39 -4.52
N TYR C 537 -27.35 -1.99 -3.85
CA TYR C 537 -28.50 -2.51 -4.56
C TYR C 537 -29.27 -1.37 -5.21
N LEU C 538 -29.54 -0.30 -4.47
CA LEU C 538 -30.31 0.79 -5.04
C LEU C 538 -29.57 1.46 -6.17
N ARG C 539 -28.45 2.09 -5.85
CA ARG C 539 -27.73 2.93 -6.79
C ARG C 539 -27.19 2.14 -7.98
N SER C 540 -27.37 0.84 -7.98
CA SER C 540 -26.97 0.07 -9.15
C SER C 540 -28.17 -0.32 -9.99
N ASN C 541 -29.35 0.22 -9.66
CA ASN C 541 -30.60 0.10 -10.42
C ASN C 541 -31.04 -1.34 -10.59
N LEU C 542 -30.72 -2.21 -9.63
CA LEU C 542 -31.09 -3.61 -9.73
C LEU C 542 -32.44 -3.90 -9.12
N GLU C 543 -33.03 -2.94 -8.41
CA GLU C 543 -34.38 -3.14 -7.92
C GLU C 543 -35.37 -3.07 -9.06
N LYS C 544 -34.91 -2.57 -10.22
CA LYS C 544 -35.69 -2.54 -11.45
C LYS C 544 -36.29 -3.90 -11.76
N PHE C 545 -35.67 -4.98 -11.28
CA PHE C 545 -36.22 -6.32 -11.51
C PHE C 545 -35.89 -7.28 -10.36
N GLY C 546 -36.05 -6.81 -9.13
CA GLY C 546 -36.07 -7.71 -8.00
C GLY C 546 -37.47 -8.24 -7.79
N GLY C 547 -37.71 -8.74 -6.57
CA GLY C 547 -39.03 -9.15 -6.13
C GLY C 547 -39.95 -7.95 -6.05
N THR C 548 -41.16 -8.18 -5.52
CA THR C 548 -42.11 -7.08 -5.35
C THR C 548 -41.49 -6.04 -4.44
N ASP C 549 -41.59 -6.19 -3.12
CA ASP C 549 -40.69 -5.43 -2.26
C ASP C 549 -39.36 -6.14 -2.20
N PRO C 550 -38.30 -5.53 -2.69
CA PRO C 550 -37.05 -6.24 -2.91
C PRO C 550 -36.11 -5.99 -1.75
N GLN C 551 -36.44 -5.02 -0.88
CA GLN C 551 -35.75 -4.97 0.41
C GLN C 551 -35.77 -6.34 1.07
N THR C 552 -36.78 -7.16 0.78
CA THR C 552 -36.79 -8.52 1.27
C THR C 552 -35.91 -9.42 0.41
N THR C 553 -35.86 -9.18 -0.90
CA THR C 553 -34.95 -9.96 -1.77
C THR C 553 -33.49 -9.65 -1.44
N LEU C 554 -33.22 -8.39 -1.10
CA LEU C 554 -31.90 -8.03 -0.62
C LEU C 554 -31.64 -8.68 0.71
N MET C 555 -32.57 -8.50 1.63
CA MET C 555 -32.36 -8.97 2.99
C MET C 555 -32.06 -10.47 3.01
N THR C 556 -32.91 -11.29 2.39
CA THR C 556 -32.66 -12.73 2.45
C THR C 556 -31.39 -13.11 1.71
N SER C 557 -31.06 -12.41 0.62
CA SER C 557 -29.88 -12.73 -0.16
C SER C 557 -28.59 -12.50 0.63
N TYR C 558 -28.58 -11.47 1.47
CA TYR C 558 -27.42 -11.21 2.32
C TYR C 558 -27.34 -12.24 3.43
N PHE C 559 -28.50 -12.56 4.00
CA PHE C 559 -28.56 -13.42 5.16
C PHE C 559 -28.03 -14.81 4.85
N LEU C 560 -28.41 -15.36 3.70
CA LEU C 560 -27.99 -16.71 3.32
C LEU C 560 -26.47 -16.82 3.31
N ALA C 561 -25.79 -15.86 2.69
CA ALA C 561 -24.34 -15.88 2.71
C ALA C 561 -23.81 -15.70 4.13
N SER C 562 -24.36 -14.73 4.87
CA SER C 562 -23.78 -14.41 6.16
C SER C 562 -24.12 -15.46 7.20
N ALA C 563 -25.30 -16.09 7.06
CA ALA C 563 -25.66 -17.16 7.97
C ALA C 563 -24.69 -18.33 7.91
N ASN C 564 -23.95 -18.49 6.81
CA ASN C 564 -23.05 -19.62 6.61
C ASN C 564 -21.58 -19.25 6.73
N ILE C 565 -21.11 -18.34 5.90
CA ILE C 565 -19.73 -17.86 5.99
C ILE C 565 -19.77 -16.51 6.73
N PHE C 566 -19.66 -16.60 8.05
CA PHE C 566 -19.93 -15.53 9.01
C PHE C 566 -18.69 -14.90 9.60
N GLU C 567 -17.50 -15.39 9.24
CA GLU C 567 -16.25 -15.00 9.89
C GLU C 567 -16.03 -13.49 9.79
N ALA C 568 -15.24 -12.98 10.72
CA ALA C 568 -14.88 -11.57 10.74
C ALA C 568 -14.25 -11.15 9.41
N ASN C 569 -13.17 -11.81 9.03
CA ASN C 569 -12.33 -11.42 7.90
C ASN C 569 -12.89 -11.82 6.56
N ARG C 570 -13.77 -12.80 6.51
CA ARG C 570 -14.19 -13.31 5.22
C ARG C 570 -15.22 -12.43 4.56
N ALA C 571 -15.39 -11.19 5.03
CA ALA C 571 -16.36 -10.28 4.43
C ALA C 571 -16.14 -10.14 2.94
N ALA C 572 -14.86 -10.23 2.52
CA ALA C 572 -14.53 -10.27 1.09
C ALA C 572 -15.43 -11.25 0.35
N GLU C 573 -15.50 -12.48 0.86
CA GLU C 573 -16.35 -13.52 0.30
C GLU C 573 -17.82 -13.22 0.56
N ARG C 574 -18.16 -12.92 1.81
CA ARG C 574 -19.56 -12.74 2.21
C ARG C 574 -20.30 -11.77 1.30
N LEU C 575 -19.80 -10.53 1.22
CA LEU C 575 -20.48 -9.52 0.41
C LEU C 575 -20.50 -9.92 -1.06
N GLY C 576 -19.40 -10.46 -1.57
CA GLY C 576 -19.41 -10.92 -2.94
C GLY C 576 -20.57 -11.87 -3.21
N TRP C 577 -20.68 -12.95 -2.43
CA TRP C 577 -21.78 -13.88 -2.62
C TRP C 577 -23.09 -13.13 -2.61
N ALA C 578 -23.31 -12.28 -1.61
CA ALA C 578 -24.59 -11.60 -1.52
C ALA C 578 -24.87 -10.79 -2.78
N ARG C 579 -23.86 -10.05 -3.24
CA ARG C 579 -24.02 -9.23 -4.43
C ARG C 579 -24.32 -10.07 -5.66
N VAL C 580 -23.45 -11.02 -6.01
CA VAL C 580 -23.63 -11.77 -7.24
C VAL C 580 -24.94 -12.57 -7.22
N ALA C 581 -25.31 -13.11 -6.06
CA ALA C 581 -26.61 -13.79 -5.97
C ALA C 581 -27.74 -12.82 -6.30
N LEU C 582 -27.63 -11.58 -5.85
CA LEU C 582 -28.65 -10.61 -6.22
C LEU C 582 -28.72 -10.41 -7.71
N LEU C 583 -27.57 -10.35 -8.39
CA LEU C 583 -27.60 -10.22 -9.85
C LEU C 583 -28.31 -11.38 -10.51
N ALA C 584 -27.87 -12.60 -10.24
CA ALA C 584 -28.44 -13.73 -10.93
C ALA C 584 -29.94 -13.78 -10.69
N ASP C 585 -30.37 -13.54 -9.46
CA ASP C 585 -31.79 -13.46 -9.20
C ASP C 585 -32.42 -12.36 -10.05
N ALA C 586 -31.76 -11.20 -10.16
CA ALA C 586 -32.28 -10.13 -11.00
C ALA C 586 -32.38 -10.57 -12.45
N VAL C 587 -31.30 -11.10 -13.00
CA VAL C 587 -31.30 -11.54 -14.38
C VAL C 587 -32.33 -12.64 -14.57
N SER C 588 -32.35 -13.61 -13.68
CA SER C 588 -33.33 -14.68 -13.78
C SER C 588 -34.74 -14.12 -13.75
N SER C 589 -35.00 -13.18 -12.84
CA SER C 589 -36.30 -12.55 -12.80
C SER C 589 -36.61 -11.83 -14.11
N HIS C 590 -35.63 -11.09 -14.64
CA HIS C 590 -35.83 -10.41 -15.91
C HIS C 590 -36.06 -11.39 -17.05
N PHE C 591 -35.41 -12.56 -17.03
CA PHE C 591 -35.54 -13.46 -18.16
C PHE C 591 -36.95 -14.03 -18.27
N ARG C 592 -37.59 -14.29 -17.13
CA ARG C 592 -38.96 -14.79 -17.19
C ARG C 592 -39.88 -13.71 -17.75
N ARG C 593 -39.66 -12.46 -17.39
CA ARG C 593 -40.57 -11.42 -17.84
C ARG C 593 -40.37 -11.13 -19.33
N ILE C 594 -39.27 -11.60 -19.90
CA ILE C 594 -38.95 -11.38 -21.31
C ILE C 594 -39.23 -12.60 -22.19
N GLY C 595 -39.37 -13.78 -21.60
CA GLY C 595 -39.64 -14.96 -22.40
C GLY C 595 -38.42 -15.76 -22.72
N GLY C 596 -37.27 -15.39 -22.15
CA GLY C 596 -36.04 -16.12 -22.34
C GLY C 596 -34.97 -15.24 -22.94
N PRO C 597 -33.72 -15.72 -22.97
CA PRO C 597 -32.67 -14.97 -23.68
C PRO C 597 -32.89 -14.93 -25.19
N LYS C 598 -33.86 -15.70 -25.72
CA LYS C 598 -34.26 -15.57 -27.11
C LYS C 598 -34.41 -14.10 -27.43
N ASN C 599 -35.15 -13.40 -26.59
CA ASN C 599 -35.42 -11.98 -26.73
C ASN C 599 -34.56 -11.15 -25.79
N SER C 600 -33.27 -11.46 -25.73
CA SER C 600 -32.37 -10.64 -24.93
C SER C 600 -32.40 -9.26 -25.53
N THR C 601 -33.11 -8.36 -24.87
CA THR C 601 -33.26 -7.03 -25.41
C THR C 601 -31.99 -6.20 -25.27
N SER C 602 -31.02 -6.73 -24.53
CA SER C 602 -29.86 -6.01 -24.03
C SER C 602 -28.71 -6.99 -23.81
N ASN C 603 -27.52 -6.44 -23.52
CA ASN C 603 -26.37 -7.25 -23.15
C ASN C 603 -26.26 -7.36 -21.63
N LEU C 604 -26.24 -8.59 -21.13
CA LEU C 604 -26.17 -8.81 -19.70
C LEU C 604 -24.79 -9.24 -19.22
N GLU C 605 -23.86 -9.49 -20.14
CA GLU C 605 -22.51 -9.81 -19.69
C GLU C 605 -21.98 -8.66 -18.87
N GLU C 606 -22.26 -7.43 -19.29
CA GLU C 606 -21.70 -6.26 -18.63
C GLU C 606 -22.39 -5.89 -17.31
N LEU C 607 -23.32 -6.70 -16.79
CA LEU C 607 -23.94 -6.32 -15.54
C LEU C 607 -23.01 -6.53 -14.37
N ILE C 608 -22.02 -7.40 -14.55
CA ILE C 608 -21.16 -7.76 -13.47
C ILE C 608 -20.17 -6.65 -13.14
N SER C 609 -19.89 -5.75 -14.06
CA SER C 609 -19.05 -4.67 -13.56
C SER C 609 -19.80 -3.75 -12.62
N LEU C 610 -21.07 -4.05 -12.29
CA LEU C 610 -21.75 -3.37 -11.19
C LEU C 610 -21.17 -3.75 -9.84
N VAL C 611 -20.63 -4.95 -9.75
CA VAL C 611 -19.90 -5.37 -8.55
C VAL C 611 -18.65 -4.53 -8.44
N PRO C 612 -18.28 -4.12 -7.25
CA PRO C 612 -17.05 -3.37 -7.06
C PRO C 612 -15.87 -4.07 -7.70
N PHE C 613 -14.90 -3.27 -8.11
CA PHE C 613 -13.76 -3.78 -8.86
C PHE C 613 -12.60 -3.98 -7.90
N ASP C 614 -12.39 -5.23 -7.51
CA ASP C 614 -11.11 -5.64 -6.96
C ASP C 614 -10.16 -5.94 -8.08
N ASP C 615 -8.90 -5.61 -7.87
CA ASP C 615 -7.95 -5.77 -8.96
C ASP C 615 -7.68 -7.24 -9.26
N ALA C 616 -7.82 -8.13 -8.27
CA ALA C 616 -7.70 -9.57 -8.48
C ALA C 616 -9.03 -10.31 -8.65
N TYR C 617 -10.15 -9.77 -8.16
CA TYR C 617 -11.36 -10.60 -8.16
C TYR C 617 -12.06 -10.49 -9.50
N SER C 618 -12.39 -9.26 -9.90
CA SER C 618 -13.33 -9.07 -10.99
C SER C 618 -12.78 -9.52 -12.33
N GLY C 619 -11.48 -9.83 -12.40
CA GLY C 619 -10.99 -10.54 -13.57
C GLY C 619 -11.68 -11.88 -13.79
N SER C 620 -11.43 -12.81 -12.86
CA SER C 620 -12.03 -14.13 -12.95
C SER C 620 -13.51 -14.10 -12.67
N LEU C 621 -13.98 -13.15 -11.89
CA LEU C 621 -15.41 -13.11 -11.61
C LEU C 621 -16.17 -12.85 -12.89
N ARG C 622 -15.61 -12.03 -13.77
CA ARG C 622 -16.27 -11.79 -15.05
C ARG C 622 -16.50 -13.09 -15.81
N GLU C 623 -15.45 -13.89 -15.97
CA GLU C 623 -15.57 -15.11 -16.76
C GLU C 623 -16.56 -16.09 -16.13
N ALA C 624 -16.59 -16.17 -14.81
CA ALA C 624 -17.53 -17.08 -14.16
C ALA C 624 -18.98 -16.73 -14.48
N TRP C 625 -19.30 -15.44 -14.53
CA TRP C 625 -20.63 -14.94 -14.89
C TRP C 625 -20.91 -15.16 -16.36
N LYS C 626 -19.89 -14.91 -17.19
CA LYS C 626 -20.01 -15.11 -18.63
C LYS C 626 -20.46 -16.54 -18.94
N GLN C 627 -19.86 -17.52 -18.24
CA GLN C 627 -20.20 -18.93 -18.38
C GLN C 627 -21.63 -19.18 -17.93
N TRP C 628 -22.07 -18.45 -16.91
CA TRP C 628 -23.41 -18.63 -16.37
C TRP C 628 -24.46 -18.26 -17.39
N LEU C 629 -24.19 -17.22 -18.18
CA LEU C 629 -25.10 -16.83 -19.25
C LEU C 629 -25.21 -17.93 -20.31
N MET C 630 -24.07 -18.54 -20.68
CA MET C 630 -24.08 -19.62 -21.67
C MET C 630 -24.92 -20.78 -21.19
N ALA C 631 -24.92 -21.04 -19.89
CA ALA C 631 -25.83 -22.03 -19.35
C ALA C 631 -27.27 -21.60 -19.52
N TRP C 632 -27.57 -20.30 -19.44
CA TRP C 632 -28.93 -19.88 -19.73
C TRP C 632 -29.27 -20.24 -21.16
N THR C 633 -28.36 -19.90 -22.09
CA THR C 633 -28.64 -20.09 -23.51
C THR C 633 -28.72 -21.56 -23.90
N ALA C 634 -28.06 -22.48 -23.17
CA ALA C 634 -28.12 -23.89 -23.53
C ALA C 634 -29.39 -24.55 -23.00
N LYS C 635 -29.68 -24.34 -21.72
CA LYS C 635 -30.88 -24.82 -21.05
C LYS C 635 -32.11 -24.01 -21.41
N GLU C 636 -31.98 -23.02 -22.30
CA GLU C 636 -33.12 -22.16 -22.63
C GLU C 636 -34.16 -22.88 -23.46
N SER C 637 -33.72 -23.55 -24.50
CA SER C 637 -34.63 -24.26 -25.36
C SER C 637 -35.08 -25.58 -24.74
N SER C 638 -34.98 -25.68 -23.42
CA SER C 638 -35.28 -26.91 -22.70
C SER C 638 -36.14 -26.64 -21.49
N GLN C 639 -36.40 -27.66 -20.69
CA GLN C 639 -37.18 -27.49 -19.47
C GLN C 639 -36.36 -27.56 -18.18
N GLU C 640 -35.19 -28.20 -18.16
CA GLU C 640 -34.42 -28.26 -16.92
C GLU C 640 -34.12 -26.86 -16.44
N SER C 641 -34.12 -26.69 -15.11
CA SER C 641 -34.02 -25.36 -14.58
C SER C 641 -32.57 -24.85 -14.57
N ILE C 642 -32.45 -23.57 -14.28
CA ILE C 642 -31.16 -22.93 -14.31
C ILE C 642 -30.58 -22.91 -12.91
N GLU C 643 -31.39 -23.20 -11.89
CA GLU C 643 -30.95 -23.16 -10.51
C GLU C 643 -29.62 -23.87 -10.30
N GLY C 644 -29.40 -24.98 -11.00
CA GLY C 644 -28.14 -25.67 -10.84
C GLY C 644 -26.96 -24.79 -11.17
N ASP C 645 -27.04 -24.08 -12.28
CA ASP C 645 -25.94 -23.27 -12.75
C ASP C 645 -25.79 -21.98 -11.95
N THR C 646 -26.88 -21.46 -11.37
CA THR C 646 -26.73 -20.36 -10.41
C THR C 646 -25.95 -20.83 -9.17
N ALA C 647 -26.16 -22.08 -8.75
CA ALA C 647 -25.44 -22.59 -7.60
C ALA C 647 -23.95 -22.72 -7.89
N ILE C 648 -23.61 -23.31 -9.04
CA ILE C 648 -22.21 -23.39 -9.41
C ILE C 648 -21.63 -22.00 -9.52
N LEU C 649 -22.43 -21.06 -10.04
CA LEU C 649 -21.95 -19.70 -10.21
C LEU C 649 -21.53 -19.13 -8.87
N LEU C 650 -22.36 -19.39 -7.85
CA LEU C 650 -22.08 -18.94 -6.49
C LEU C 650 -20.79 -19.54 -5.97
N VAL C 651 -20.65 -20.88 -6.00
CA VAL C 651 -19.45 -21.46 -5.38
C VAL C 651 -18.19 -20.92 -6.07
N ARG C 652 -18.26 -20.73 -7.38
CA ARG C 652 -17.11 -20.23 -8.12
C ARG C 652 -16.72 -18.84 -7.69
N ALA C 653 -17.69 -17.95 -7.52
CA ALA C 653 -17.38 -16.61 -7.06
C ALA C 653 -16.76 -16.68 -5.67
N ILE C 654 -17.36 -17.48 -4.79
CA ILE C 654 -16.83 -17.60 -3.43
C ILE C 654 -15.39 -18.05 -3.47
N GLU C 655 -15.04 -18.91 -4.43
CA GLU C 655 -13.66 -19.36 -4.50
C GLU C 655 -12.75 -18.26 -5.03
N ILE C 656 -13.28 -17.36 -5.85
CA ILE C 656 -12.48 -16.23 -6.32
C ILE C 656 -12.23 -15.24 -5.21
N PHE C 657 -13.26 -14.92 -4.42
CA PHE C 657 -13.05 -14.00 -3.31
C PHE C 657 -12.13 -14.60 -2.27
N GLY C 658 -12.22 -15.91 -2.07
CA GLY C 658 -11.31 -16.51 -1.13
C GLY C 658 -9.95 -16.74 -1.71
N GLY C 659 -9.85 -16.54 -3.02
CA GLY C 659 -8.59 -16.46 -3.73
C GLY C 659 -7.73 -17.70 -3.65
N ARG C 660 -8.36 -18.86 -3.52
CA ARG C 660 -7.71 -20.17 -3.64
C ARG C 660 -8.21 -20.87 -4.91
N HIS C 661 -7.29 -21.39 -5.74
CA HIS C 661 -7.69 -22.13 -6.92
C HIS C 661 -7.34 -23.60 -6.70
N VAL C 662 -7.98 -24.51 -7.46
CA VAL C 662 -7.70 -25.95 -7.36
C VAL C 662 -6.75 -26.38 -8.48
N LEU C 663 -5.62 -26.95 -8.11
CA LEU C 663 -4.61 -27.43 -9.04
C LEU C 663 -5.13 -28.43 -10.07
N THR C 664 -5.26 -28.02 -11.34
CA THR C 664 -5.80 -28.96 -12.32
C THR C 664 -4.78 -30.03 -12.69
N GLY C 665 -3.50 -29.70 -12.67
CA GLY C 665 -2.42 -30.67 -12.79
C GLY C 665 -2.61 -31.95 -12.00
N GLN C 666 -3.08 -31.81 -10.74
CA GLN C 666 -3.31 -32.93 -9.84
C GLN C 666 -4.57 -33.73 -10.23
N ARG C 667 -4.40 -35.00 -10.59
CA ARG C 667 -5.52 -35.75 -11.19
C ARG C 667 -6.72 -35.86 -10.26
N PRO C 668 -6.60 -36.32 -9.01
CA PRO C 668 -7.81 -36.45 -8.20
C PRO C 668 -8.34 -35.13 -7.70
N ASP C 669 -7.50 -34.10 -7.58
CA ASP C 669 -8.00 -32.79 -7.21
C ASP C 669 -9.03 -32.34 -8.23
N LEU C 670 -8.68 -32.51 -9.51
CA LEU C 670 -9.59 -32.19 -10.59
C LEU C 670 -10.89 -32.97 -10.49
N TRP C 671 -10.80 -34.29 -10.34
CA TRP C 671 -12.00 -35.12 -10.33
C TRP C 671 -12.90 -34.78 -9.16
N GLU C 672 -12.34 -34.72 -7.96
CA GLU C 672 -13.17 -34.43 -6.80
C GLU C 672 -13.84 -33.08 -6.95
N TYR C 673 -13.13 -32.10 -7.51
CA TYR C 673 -13.77 -30.81 -7.74
C TYR C 673 -14.90 -30.96 -8.75
N SER C 674 -14.59 -31.53 -9.90
CA SER C 674 -15.63 -31.65 -10.91
C SER C 674 -16.85 -32.36 -10.34
N GLN C 675 -16.59 -33.32 -9.44
CA GLN C 675 -17.66 -34.10 -8.86
C GLN C 675 -18.50 -33.27 -7.91
N LEU C 676 -17.82 -32.43 -7.12
CA LEU C 676 -18.52 -31.53 -6.20
C LEU C 676 -19.41 -30.57 -6.95
N GLU C 677 -18.88 -29.97 -8.02
CA GLU C 677 -19.71 -29.10 -8.83
C GLU C 677 -20.88 -29.87 -9.42
N GLN C 678 -20.62 -31.06 -9.99
CA GLN C 678 -21.70 -31.84 -10.58
C GLN C 678 -22.79 -32.12 -9.57
N LEU C 679 -22.41 -32.61 -8.38
CA LEU C 679 -23.40 -32.97 -7.37
C LEU C 679 -24.20 -31.75 -6.92
N THR C 680 -23.52 -30.61 -6.81
CA THR C 680 -24.18 -29.40 -6.36
C THR C 680 -25.25 -28.96 -7.34
N SER C 681 -24.94 -28.95 -8.64
CA SER C 681 -25.94 -28.57 -9.64
C SER C 681 -27.09 -29.57 -9.67
N SER C 682 -26.81 -30.87 -9.55
CA SER C 682 -27.87 -31.85 -9.61
C SER C 682 -28.85 -31.63 -8.46
N ILE C 683 -28.32 -31.43 -7.26
CA ILE C 683 -29.15 -31.29 -6.08
C ILE C 683 -30.02 -30.05 -6.17
N CYS C 684 -29.46 -28.96 -6.69
CA CYS C 684 -30.16 -27.69 -6.69
C CYS C 684 -31.24 -27.62 -7.75
N CYS C 685 -31.05 -28.29 -8.89
CA CYS C 685 -32.17 -28.43 -9.83
C CYS C 685 -33.24 -29.31 -9.24
N LYS C 686 -32.82 -30.46 -8.67
CA LYS C 686 -33.76 -31.35 -8.01
C LYS C 686 -34.54 -30.60 -6.95
N LEU C 687 -33.89 -29.67 -6.27
CA LEU C 687 -34.60 -28.84 -5.30
C LEU C 687 -35.66 -28.00 -6.01
N SER C 688 -35.31 -27.38 -7.14
CA SER C 688 -36.22 -26.50 -7.90
C SER C 688 -37.30 -27.27 -8.64
N ARG C 689 -37.29 -28.58 -8.53
CA ARG C 689 -38.37 -29.41 -9.04
C ARG C 689 -39.39 -29.63 -7.94
N ARG C 690 -38.90 -29.72 -6.70
CA ARG C 690 -39.77 -29.76 -5.54
C ARG C 690 -40.45 -28.42 -5.30
N VAL C 691 -39.69 -27.33 -5.44
CA VAL C 691 -40.23 -25.99 -5.21
C VAL C 691 -41.24 -25.65 -6.28
N LEU C 692 -41.20 -26.35 -7.40
CA LEU C 692 -42.20 -26.15 -8.43
C LEU C 692 -43.36 -27.10 -8.26
N ALA C 693 -43.09 -28.33 -7.82
CA ALA C 693 -44.17 -29.30 -7.64
C ALA C 693 -45.02 -29.04 -6.39
N GLN C 694 -44.54 -28.26 -5.42
CA GLN C 694 -45.38 -27.95 -4.26
C GLN C 694 -46.27 -26.73 -4.50
N GLU C 695 -45.87 -25.80 -5.36
CA GLU C 695 -46.83 -24.83 -5.86
C GLU C 695 -47.75 -25.46 -6.91
N ASN C 696 -47.21 -26.42 -7.68
CA ASN C 696 -48.00 -27.18 -8.65
C ASN C 696 -49.10 -27.93 -7.94
N GLY C 697 -50.26 -27.30 -7.86
CA GLY C 697 -51.47 -27.88 -7.30
C GLY C 697 -51.22 -28.88 -6.20
N GLU C 698 -51.38 -30.17 -6.53
CA GLU C 698 -51.37 -31.28 -5.58
C GLU C 698 -50.24 -32.30 -5.77
N SER C 699 -50.47 -33.47 -5.17
CA SER C 699 -49.72 -34.72 -5.20
C SER C 699 -48.54 -34.74 -4.24
N THR C 700 -48.78 -34.95 -2.94
CA THR C 700 -47.68 -35.04 -1.98
C THR C 700 -46.75 -36.21 -2.29
N GLU C 701 -47.29 -37.43 -2.36
CA GLU C 701 -46.50 -38.63 -2.63
C GLU C 701 -45.44 -38.40 -3.71
N LYS C 702 -45.71 -37.47 -4.62
CA LYS C 702 -44.72 -37.10 -5.62
C LYS C 702 -43.63 -36.24 -5.00
N VAL C 703 -44.03 -35.29 -4.15
CA VAL C 703 -43.10 -34.37 -3.51
C VAL C 703 -42.21 -35.12 -2.53
N GLU C 704 -42.79 -36.11 -1.85
CA GLU C 704 -41.99 -36.89 -0.92
C GLU C 704 -40.97 -37.74 -1.64
N GLU C 705 -41.21 -38.10 -2.90
CA GLU C 705 -40.18 -38.84 -3.61
C GLU C 705 -39.05 -37.94 -4.05
N ILE C 706 -39.34 -36.71 -4.51
CA ILE C 706 -38.27 -35.80 -4.89
C ILE C 706 -37.45 -35.45 -3.65
N ASP C 707 -38.14 -35.19 -2.53
CA ASP C 707 -37.46 -34.96 -1.28
C ASP C 707 -36.59 -36.14 -0.89
N GLN C 708 -37.09 -37.37 -1.16
CA GLN C 708 -36.29 -38.57 -0.92
C GLN C 708 -35.02 -38.55 -1.74
N GLN C 709 -35.10 -38.06 -3.00
CA GLN C 709 -33.92 -38.08 -3.85
C GLN C 709 -32.95 -36.97 -3.49
N VAL C 710 -33.48 -35.85 -2.99
CA VAL C 710 -32.61 -34.78 -2.51
C VAL C 710 -31.83 -35.25 -1.31
N ASP C 711 -32.53 -35.86 -0.34
CA ASP C 711 -31.86 -36.37 0.84
C ASP C 711 -30.74 -37.35 0.48
N LEU C 712 -30.94 -38.16 -0.58
CA LEU C 712 -29.90 -39.10 -0.96
C LEU C 712 -28.68 -38.37 -1.51
N GLU C 713 -28.86 -37.61 -2.60
CA GLU C 713 -27.70 -36.93 -3.19
C GLU C 713 -27.03 -36.04 -2.16
N MET C 714 -27.81 -35.42 -1.27
CA MET C 714 -27.21 -34.58 -0.23
C MET C 714 -26.26 -35.40 0.62
N GLN C 715 -26.61 -36.66 0.91
CA GLN C 715 -25.71 -37.50 1.70
C GLN C 715 -24.37 -37.66 1.00
N GLU C 716 -24.36 -38.03 -0.26
CA GLU C 716 -23.06 -38.21 -0.91
C GLU C 716 -22.31 -36.87 -0.99
N LEU C 717 -23.02 -35.75 -1.06
CA LEU C 717 -22.29 -34.47 -0.99
C LEU C 717 -21.69 -34.29 0.40
N THR C 718 -22.50 -34.49 1.43
CA THR C 718 -22.00 -34.34 2.80
C THR C 718 -20.84 -35.27 3.04
N ARG C 719 -20.87 -36.46 2.46
CA ARG C 719 -19.73 -37.34 2.58
C ARG C 719 -18.50 -36.68 2.01
N ARG C 720 -18.54 -36.35 0.72
CA ARG C 720 -17.34 -35.85 0.06
C ARG C 720 -16.92 -34.51 0.61
N VAL C 721 -17.86 -33.75 1.21
CA VAL C 721 -17.55 -32.42 1.72
C VAL C 721 -16.80 -32.53 3.04
N LEU C 722 -17.20 -33.48 3.87
CA LEU C 722 -16.67 -33.61 5.21
C LEU C 722 -15.47 -34.53 5.28
N GLN C 723 -15.19 -35.31 4.22
CA GLN C 723 -14.10 -36.29 4.23
C GLN C 723 -12.76 -35.64 4.54
N GLY C 724 -12.18 -35.95 5.69
CA GLY C 724 -11.01 -35.20 6.11
C GLY C 724 -9.78 -35.51 5.27
N CYS C 725 -9.71 -36.72 4.74
CA CYS C 725 -8.62 -37.14 3.88
C CYS C 725 -8.87 -36.75 2.42
N SER C 726 -9.80 -35.83 2.19
CA SER C 726 -10.15 -35.34 0.86
C SER C 726 -8.99 -34.63 0.19
N ALA C 727 -9.08 -34.53 -1.11
CA ALA C 727 -8.03 -33.89 -1.87
C ALA C 727 -8.27 -32.40 -2.04
N ILE C 728 -9.48 -31.94 -1.80
CA ILE C 728 -9.81 -30.52 -1.91
C ILE C 728 -9.77 -29.86 -0.55
N ASN C 729 -9.14 -28.67 -0.51
CA ASN C 729 -9.09 -27.80 0.65
C ASN C 729 -10.40 -27.75 1.42
N ARG C 730 -10.29 -27.83 2.75
CA ARG C 730 -11.47 -27.73 3.60
C ARG C 730 -12.30 -26.51 3.26
N LEU C 731 -11.65 -25.38 3.03
CA LEU C 731 -12.43 -24.17 2.81
C LEU C 731 -13.20 -24.27 1.50
N THR C 732 -12.57 -24.84 0.48
CA THR C 732 -13.26 -25.04 -0.79
C THR C 732 -14.44 -25.97 -0.62
N ARG C 733 -14.26 -27.07 0.12
CA ARG C 733 -15.38 -27.98 0.32
C ARG C 733 -16.52 -27.28 1.02
N GLU C 734 -16.20 -26.47 2.04
CA GLU C 734 -17.23 -25.83 2.84
C GLU C 734 -18.10 -24.95 1.95
N THR C 735 -17.47 -24.32 0.97
CA THR C 735 -18.18 -23.46 0.06
C THR C 735 -19.32 -24.18 -0.63
N PHE C 736 -19.08 -25.43 -1.08
CA PHE C 736 -20.12 -26.19 -1.75
C PHE C 736 -21.29 -26.45 -0.82
N LEU C 737 -21.00 -26.95 0.39
CA LEU C 737 -22.01 -27.21 1.41
C LEU C 737 -22.76 -25.93 1.83
N HIS C 738 -22.02 -24.81 2.00
CA HIS C 738 -22.62 -23.52 2.30
C HIS C 738 -23.69 -23.16 1.28
N VAL C 739 -23.31 -23.16 -0.01
CA VAL C 739 -24.25 -22.78 -1.05
C VAL C 739 -25.44 -23.74 -1.06
N VAL C 740 -25.15 -25.03 -0.98
CA VAL C 740 -26.22 -26.01 -1.11
C VAL C 740 -27.18 -25.87 0.07
N LYS C 741 -26.63 -25.81 1.30
CA LYS C 741 -27.47 -25.68 2.50
C LYS C 741 -28.37 -24.47 2.39
N SER C 742 -27.85 -23.37 1.87
CA SER C 742 -28.67 -22.19 1.65
C SER C 742 -29.80 -22.46 0.67
N PHE C 743 -29.53 -23.18 -0.42
CA PHE C 743 -30.62 -23.53 -1.31
C PHE C 743 -31.62 -24.47 -0.64
N CYS C 744 -31.13 -25.42 0.14
CA CYS C 744 -32.00 -26.37 0.83
C CYS C 744 -32.88 -25.66 1.83
N TYR C 745 -32.25 -24.84 2.64
CA TYR C 745 -32.96 -24.02 3.59
C TYR C 745 -34.08 -23.26 2.90
N VAL C 746 -33.73 -22.58 1.81
CA VAL C 746 -34.71 -21.75 1.10
C VAL C 746 -35.90 -22.59 0.67
N ALA C 747 -35.63 -23.79 0.12
CA ALA C 747 -36.68 -24.63 -0.41
C ALA C 747 -37.58 -25.18 0.67
N TYR C 748 -37.07 -25.33 1.90
CA TYR C 748 -37.77 -26.02 2.97
C TYR C 748 -38.22 -25.10 4.09
N CYS C 749 -38.37 -23.82 3.84
CA CYS C 749 -38.68 -22.89 4.93
C CYS C 749 -39.70 -21.85 4.51
N SER C 750 -40.67 -21.64 5.37
CA SER C 750 -41.65 -20.61 5.15
C SER C 750 -40.94 -19.28 5.04
N PRO C 751 -41.36 -18.40 4.14
CA PRO C 751 -40.80 -17.04 4.15
C PRO C 751 -41.06 -16.34 5.46
N GLU C 752 -42.18 -16.65 6.13
CA GLU C 752 -42.41 -16.15 7.48
C GLU C 752 -41.36 -16.69 8.42
N THR C 753 -41.20 -18.01 8.47
CA THR C 753 -40.21 -18.58 9.36
C THR C 753 -38.81 -18.13 8.96
N ILE C 754 -38.61 -17.78 7.69
CA ILE C 754 -37.26 -17.51 7.23
C ILE C 754 -36.77 -16.14 7.66
N ASP C 755 -37.61 -15.11 7.62
CA ASP C 755 -37.11 -13.82 8.08
C ASP C 755 -37.40 -13.58 9.55
N SER C 756 -38.23 -14.39 10.20
CA SER C 756 -38.19 -14.36 11.64
C SER C 756 -36.79 -14.75 12.11
N HIS C 757 -36.17 -15.69 11.40
CA HIS C 757 -34.78 -16.01 11.67
C HIS C 757 -33.89 -14.81 11.44
N ILE C 758 -34.08 -14.11 10.31
CA ILE C 758 -33.27 -12.93 10.01
C ILE C 758 -33.31 -11.99 11.19
N ASP C 759 -34.51 -11.77 11.73
CA ASP C 759 -34.66 -10.85 12.84
C ASP C 759 -33.96 -11.41 14.07
N LYS C 760 -34.11 -12.71 14.33
CA LYS C 760 -33.49 -13.24 15.54
C LYS C 760 -31.97 -13.31 15.43
N VAL C 761 -31.43 -13.46 14.22
CA VAL C 761 -29.99 -13.63 14.15
C VAL C 761 -29.29 -12.31 13.89
N ILE C 762 -29.89 -11.40 13.12
CA ILE C 762 -29.19 -10.17 12.83
C ILE C 762 -29.61 -9.02 13.74
N PHE C 763 -30.86 -8.99 14.14
CA PHE C 763 -31.40 -7.79 14.77
C PHE C 763 -31.73 -7.96 16.24
N GLN C 764 -32.01 -9.17 16.70
CA GLN C 764 -32.22 -9.45 18.12
C GLN C 764 -30.85 -9.43 18.79
N ASP C 765 -30.44 -8.23 19.21
CA ASP C 765 -29.12 -8.05 19.79
C ASP C 765 -28.99 -8.99 20.99
N VAL C 766 -27.93 -9.80 21.04
CA VAL C 766 -27.67 -10.56 22.25
C VAL C 766 -26.88 -9.70 23.24
N ILE C 767 -27.11 -9.96 24.53
CA ILE C 767 -26.56 -9.14 25.61
C ILE C 767 -26.67 -7.60 25.32
N THR D 80 26.32 -22.51 -24.75
CA THR D 80 25.72 -21.23 -25.15
C THR D 80 25.90 -20.27 -23.95
N THR D 81 25.27 -20.63 -22.84
CA THR D 81 25.50 -19.98 -21.54
C THR D 81 26.94 -20.10 -21.07
N THR D 82 27.64 -21.17 -21.47
CA THR D 82 29.02 -21.35 -21.04
C THR D 82 29.92 -20.15 -21.36
N MET D 83 29.77 -19.58 -22.56
CA MET D 83 30.59 -18.43 -22.97
C MET D 83 30.41 -17.22 -22.05
N ILE D 84 29.18 -16.98 -21.59
CA ILE D 84 28.90 -15.87 -20.69
C ILE D 84 29.75 -15.95 -19.44
N ASP D 85 29.83 -17.15 -18.85
CA ASP D 85 30.54 -17.35 -17.59
C ASP D 85 32.02 -17.00 -17.70
N GLY D 86 32.62 -17.20 -18.88
CA GLY D 86 33.99 -16.73 -19.06
C GLY D 86 34.09 -15.23 -18.90
N ILE D 87 33.23 -14.47 -19.60
CA ILE D 87 33.24 -13.02 -19.50
C ILE D 87 33.01 -12.57 -18.06
N ARG D 88 32.11 -13.25 -17.36
CA ARG D 88 31.85 -12.85 -15.99
C ARG D 88 33.11 -13.01 -15.16
N THR D 89 33.82 -14.14 -15.34
CA THR D 89 35.03 -14.37 -14.57
C THR D 89 36.12 -13.36 -14.92
N ALA D 90 36.19 -12.93 -16.17
CA ALA D 90 37.12 -11.85 -16.52
C ALA D 90 36.73 -10.55 -15.84
N LEU D 91 35.45 -10.26 -15.78
CA LEU D 91 35.06 -9.00 -15.16
C LEU D 91 35.25 -9.04 -13.66
N ARG D 92 34.98 -10.18 -13.02
CA ARG D 92 35.08 -10.26 -11.57
C ARG D 92 36.49 -9.96 -11.12
N SER D 93 37.48 -10.45 -11.88
CA SER D 93 38.89 -10.23 -11.64
C SER D 93 39.43 -8.99 -12.35
N ILE D 94 38.58 -8.00 -12.60
CA ILE D 94 39.05 -6.75 -13.17
C ILE D 94 40.00 -6.10 -12.17
N GLY D 95 40.93 -5.29 -12.67
CA GLY D 95 41.92 -4.68 -11.82
C GLY D 95 42.70 -3.55 -12.46
N GLU D 96 44.04 -3.67 -12.41
CA GLU D 96 44.91 -2.62 -12.93
C GLU D 96 44.87 -2.55 -14.46
N GLY D 97 44.52 -3.65 -15.14
CA GLY D 97 44.41 -3.67 -16.59
C GLY D 97 44.97 -4.90 -17.25
N GLU D 98 44.29 -5.43 -18.27
CA GLU D 98 44.85 -6.48 -19.14
C GLU D 98 45.25 -5.83 -20.46
N ILE D 99 46.55 -5.56 -20.61
CA ILE D 99 47.12 -4.92 -21.79
C ILE D 99 48.31 -5.72 -22.32
N SER D 100 48.58 -5.55 -23.62
CA SER D 100 49.68 -6.20 -24.30
C SER D 100 50.99 -5.48 -24.03
N ILE D 101 52.07 -6.24 -24.05
CA ILE D 101 53.40 -5.71 -23.75
C ILE D 101 53.94 -4.90 -24.92
N SER D 102 54.67 -3.84 -24.62
CA SER D 102 55.34 -3.05 -25.63
C SER D 102 56.81 -3.47 -25.71
N ALA D 103 57.26 -3.78 -26.93
CA ALA D 103 58.66 -4.15 -27.08
C ALA D 103 59.55 -2.97 -26.76
N TYR D 104 59.16 -1.77 -27.22
CA TYR D 104 59.98 -0.58 -27.03
C TYR D 104 60.19 -0.33 -25.55
N ASP D 105 59.10 -0.17 -24.81
CA ASP D 105 59.21 0.10 -23.38
C ASP D 105 59.91 -1.05 -22.65
N THR D 106 59.86 -2.28 -23.19
CA THR D 106 60.41 -3.40 -22.43
C THR D 106 61.94 -3.39 -22.42
N SER D 107 62.57 -3.19 -23.57
CA SER D 107 64.03 -3.19 -23.61
C SER D 107 64.61 -1.91 -23.01
N LEU D 108 63.94 -0.76 -23.22
CA LEU D 108 64.40 0.48 -22.61
C LEU D 108 64.44 0.38 -21.10
N VAL D 109 63.72 -0.57 -20.53
CA VAL D 109 63.82 -0.85 -19.10
C VAL D 109 64.92 -1.85 -18.79
N ALA D 110 65.25 -2.72 -19.74
CA ALA D 110 66.36 -3.62 -19.50
C ALA D 110 67.67 -2.86 -19.29
N LEU D 111 67.82 -1.68 -19.92
CA LEU D 111 69.06 -0.87 -19.89
C LEU D 111 69.40 -0.32 -18.54
N LEU D 112 68.79 -0.79 -17.47
CA LEU D 112 68.99 -0.17 -16.17
C LEU D 112 69.86 -1.08 -15.34
N LYS D 113 70.91 -0.48 -14.79
CA LYS D 113 72.01 -1.17 -14.15
C LYS D 113 71.69 -1.30 -12.67
N ARG D 114 72.29 -2.28 -12.02
CA ARG D 114 71.88 -2.64 -10.66
C ARG D 114 71.99 -1.44 -9.72
N LEU D 115 71.16 -1.45 -8.67
CA LEU D 115 71.28 -0.42 -7.63
C LEU D 115 72.53 -0.62 -6.77
N ASP D 116 73.04 -1.86 -6.70
CA ASP D 116 74.23 -2.19 -5.94
C ASP D 116 75.48 -2.33 -6.81
N GLY D 117 75.38 -2.09 -8.11
CA GLY D 117 76.53 -2.13 -8.98
C GLY D 117 76.82 -3.44 -9.66
N GLY D 118 76.07 -4.51 -9.34
CA GLY D 118 76.26 -5.78 -10.01
C GLY D 118 76.24 -5.67 -11.52
N ASP D 119 77.22 -6.29 -12.19
CA ASP D 119 77.47 -6.07 -13.62
C ASP D 119 76.42 -6.72 -14.52
N GLY D 120 75.27 -7.07 -13.96
CA GLY D 120 74.15 -7.57 -14.72
C GLY D 120 72.99 -6.59 -14.64
N PRO D 121 72.06 -6.68 -15.60
CA PRO D 121 70.95 -5.73 -15.63
C PRO D 121 70.09 -5.88 -14.37
N GLN D 122 69.45 -4.79 -13.97
CA GLN D 122 68.69 -4.84 -12.73
C GLN D 122 67.45 -5.73 -12.85
N PHE D 123 66.95 -5.94 -14.06
CA PHE D 123 65.71 -6.70 -14.28
C PHE D 123 65.96 -7.82 -15.28
N PRO D 124 66.39 -9.01 -14.81
CA PRO D 124 66.79 -10.07 -15.75
C PRO D 124 65.63 -10.69 -16.49
N SER D 125 64.41 -10.41 -16.06
CA SER D 125 63.22 -10.98 -16.65
C SER D 125 62.67 -10.11 -17.77
N THR D 126 63.04 -8.83 -17.79
CA THR D 126 62.79 -7.99 -18.96
C THR D 126 63.48 -8.58 -20.18
N ILE D 127 64.69 -9.10 -19.99
CA ILE D 127 65.42 -9.76 -21.07
C ILE D 127 64.84 -11.13 -21.36
N ASP D 128 64.46 -11.87 -20.30
CA ASP D 128 63.86 -13.19 -20.45
C ASP D 128 62.68 -13.13 -21.41
N TRP D 129 61.91 -12.03 -21.38
CA TRP D 129 60.85 -11.85 -22.35
C TRP D 129 61.42 -11.57 -23.75
N ILE D 130 62.42 -10.69 -23.85
CA ILE D 130 62.91 -10.25 -25.16
C ILE D 130 63.29 -11.44 -26.02
N VAL D 131 64.13 -12.33 -25.50
CA VAL D 131 64.58 -13.45 -26.31
C VAL D 131 63.38 -14.28 -26.81
N GLN D 132 62.32 -14.36 -26.00
CA GLN D 132 61.15 -15.18 -26.35
C GLN D 132 60.39 -14.60 -27.54
N ASN D 133 59.92 -13.36 -27.41
CA ASN D 133 58.93 -12.79 -28.34
C ASN D 133 59.61 -12.03 -29.49
N GLN D 134 60.48 -12.72 -30.19
CA GLN D 134 60.93 -12.23 -31.48
C GLN D 134 60.11 -12.97 -32.51
N LEU D 135 59.45 -12.22 -33.39
CA LEU D 135 58.55 -12.87 -34.34
C LEU D 135 59.29 -13.47 -35.53
N PRO D 136 58.70 -14.48 -36.20
CA PRO D 136 59.41 -15.16 -37.30
C PRO D 136 59.80 -14.23 -38.44
N ASP D 137 59.02 -13.18 -38.69
CA ASP D 137 59.39 -12.18 -39.70
C ASP D 137 60.68 -11.35 -39.27
N GLY D 138 61.34 -11.78 -38.19
CA GLY D 138 62.55 -11.13 -37.73
C GLY D 138 62.39 -9.78 -37.08
N SER D 139 61.22 -9.46 -36.56
CA SER D 139 60.97 -8.12 -36.03
C SER D 139 60.49 -8.19 -34.59
N TRP D 140 59.85 -7.12 -34.16
CA TRP D 140 59.18 -7.03 -32.87
C TRP D 140 57.96 -6.14 -33.08
N GLY D 141 57.13 -6.06 -32.05
CA GLY D 141 55.91 -5.27 -32.10
C GLY D 141 54.68 -6.12 -32.35
N ASP D 142 53.61 -5.45 -32.73
CA ASP D 142 52.37 -6.19 -33.00
C ASP D 142 52.55 -7.03 -34.24
N ALA D 143 52.11 -8.27 -34.16
CA ALA D 143 52.35 -9.24 -35.20
C ALA D 143 51.21 -9.21 -36.21
N SER D 144 49.98 -9.29 -35.71
CA SER D 144 48.80 -9.36 -36.58
C SER D 144 48.49 -8.02 -37.21
N PHE D 145 49.05 -6.93 -36.71
CA PHE D 145 48.95 -5.63 -37.37
C PHE D 145 50.34 -5.06 -37.64
N PHE D 146 50.69 -5.03 -38.91
CA PHE D 146 51.97 -4.52 -39.40
C PHE D 146 51.90 -3.00 -39.54
N MET D 147 52.65 -2.29 -38.71
CA MET D 147 52.79 -0.85 -38.85
C MET D 147 54.26 -0.47 -38.77
N MET D 148 54.70 0.45 -39.64
CA MET D 148 56.10 0.85 -39.65
C MET D 148 56.54 1.38 -38.31
N GLY D 149 55.88 2.44 -37.83
CA GLY D 149 56.18 2.98 -36.50
C GLY D 149 56.33 1.91 -35.43
N ASP D 150 55.51 0.86 -35.50
CA ASP D 150 55.56 -0.14 -34.44
C ASP D 150 56.69 -1.11 -34.68
N ARG D 151 56.89 -1.52 -35.92
CA ARG D 151 57.95 -2.47 -36.17
C ARG D 151 59.29 -1.82 -35.95
N ILE D 152 59.43 -0.55 -36.35
CA ILE D 152 60.73 0.11 -36.28
C ILE D 152 61.14 0.32 -34.82
N MET D 153 60.32 1.01 -34.04
CA MET D 153 60.73 1.36 -32.69
C MET D 153 60.84 0.12 -31.82
N SER D 154 59.92 -0.83 -31.99
CA SER D 154 59.96 -2.05 -31.18
C SER D 154 61.20 -2.89 -31.48
N THR D 155 61.56 -3.01 -32.77
CA THR D 155 62.72 -3.82 -33.12
C THR D 155 64.00 -3.16 -32.66
N LEU D 156 64.17 -1.89 -33.03
CA LEU D 156 65.44 -1.23 -32.79
C LEU D 156 65.70 -1.09 -31.31
N ALA D 157 64.66 -0.76 -30.54
CA ALA D 157 64.86 -0.71 -29.11
C ALA D 157 65.26 -2.07 -28.55
N CYS D 158 64.74 -3.17 -29.13
CA CYS D 158 65.21 -4.48 -28.69
C CYS D 158 66.66 -4.70 -29.09
N VAL D 159 67.05 -4.23 -30.27
CA VAL D 159 68.40 -4.47 -30.76
C VAL D 159 69.42 -3.68 -29.94
N VAL D 160 69.24 -2.36 -29.83
CA VAL D 160 70.15 -1.52 -29.05
C VAL D 160 70.21 -1.97 -27.59
N ALA D 161 69.27 -2.80 -27.17
CA ALA D 161 69.36 -3.45 -25.88
C ALA D 161 70.31 -4.63 -25.97
N LEU D 162 70.10 -5.48 -26.97
CA LEU D 162 70.86 -6.71 -27.11
C LEU D 162 72.36 -6.42 -27.23
N LYS D 163 72.71 -5.39 -27.99
CA LYS D 163 74.12 -5.02 -28.17
C LYS D 163 74.68 -4.30 -26.95
N SER D 164 73.88 -3.47 -26.28
CA SER D 164 74.38 -2.73 -25.11
C SER D 164 74.59 -3.63 -23.90
N TRP D 165 73.99 -4.83 -23.90
CA TRP D 165 74.33 -5.86 -22.92
C TRP D 165 75.14 -6.97 -23.55
N ASN D 166 75.40 -6.87 -24.85
CA ASN D 166 76.19 -7.82 -25.63
C ASN D 166 75.77 -9.26 -25.33
N ILE D 167 74.50 -9.56 -25.65
CA ILE D 167 74.02 -10.93 -25.58
C ILE D 167 73.20 -11.19 -26.83
N HIS D 168 73.02 -12.48 -27.11
CA HIS D 168 72.22 -12.98 -28.24
C HIS D 168 72.42 -12.12 -29.48
N THR D 169 73.69 -11.89 -29.79
CA THR D 169 74.01 -11.12 -30.97
C THR D 169 73.71 -11.86 -32.26
N ASP D 170 73.49 -13.19 -32.17
CA ASP D 170 73.06 -13.95 -33.33
C ASP D 170 71.66 -13.52 -33.77
N LYS D 171 70.71 -13.49 -32.83
CA LYS D 171 69.38 -12.97 -33.12
C LYS D 171 69.41 -11.47 -33.38
N CYS D 172 70.42 -10.78 -32.86
CA CYS D 172 70.48 -9.32 -32.95
C CYS D 172 70.41 -8.87 -34.41
N GLU D 173 71.11 -9.57 -35.30
CA GLU D 173 71.07 -9.20 -36.71
C GLU D 173 69.85 -9.76 -37.44
N ARG D 174 69.28 -10.88 -36.97
CA ARG D 174 68.10 -11.49 -37.62
C ARG D 174 66.90 -10.56 -37.67
N GLY D 175 67.11 -9.29 -37.33
CA GLY D 175 66.06 -8.30 -37.32
C GLY D 175 66.65 -6.95 -37.60
N LEU D 176 67.94 -6.83 -37.27
CA LEU D 176 68.72 -5.72 -37.79
C LEU D 176 68.64 -5.68 -39.30
N LEU D 177 68.51 -6.86 -39.94
CA LEU D 177 68.25 -6.93 -41.37
C LEU D 177 66.88 -6.35 -41.75
N PHE D 178 65.86 -6.62 -40.93
CA PHE D 178 64.51 -6.15 -41.24
C PHE D 178 64.46 -4.64 -41.40
N ILE D 179 65.17 -3.91 -40.52
CA ILE D 179 65.17 -2.45 -40.58
C ILE D 179 65.66 -1.98 -41.93
N GLN D 180 66.75 -2.60 -42.41
CA GLN D 180 67.34 -2.20 -43.68
C GLN D 180 66.37 -2.37 -44.84
N GLU D 181 65.60 -3.46 -44.86
CA GLU D 181 64.86 -3.78 -46.08
C GLU D 181 63.57 -2.97 -46.15
N ASN D 182 62.90 -2.80 -45.01
CA ASN D 182 61.59 -2.16 -44.94
C ASN D 182 61.67 -0.70 -44.48
N MET D 183 62.90 -0.16 -44.38
CA MET D 183 63.10 1.22 -43.93
C MET D 183 62.40 2.25 -44.80
N TRP D 184 62.10 1.92 -46.05
CA TRP D 184 61.52 2.87 -47.00
C TRP D 184 60.01 3.02 -46.87
N ARG D 185 59.37 2.29 -45.97
CA ARG D 185 57.93 2.32 -45.82
C ARG D 185 57.47 3.40 -44.85
N LEU D 186 58.40 4.22 -44.36
CA LEU D 186 58.04 5.28 -43.42
C LEU D 186 57.50 6.50 -44.12
N ALA D 187 57.88 6.72 -45.38
CA ALA D 187 57.31 7.80 -46.19
C ALA D 187 55.87 7.52 -46.58
N HIS D 188 55.39 6.32 -46.29
CA HIS D 188 54.04 5.91 -46.64
C HIS D 188 53.14 5.88 -45.41
N GLU D 189 53.58 6.47 -44.30
CA GLU D 189 52.76 6.51 -43.11
C GLU D 189 51.47 7.27 -43.42
N GLU D 190 50.41 6.93 -42.69
CA GLU D 190 49.11 7.55 -42.89
C GLU D 190 49.00 8.86 -42.12
N GLU D 191 48.15 9.75 -42.65
CA GLU D 191 48.11 11.15 -42.20
C GLU D 191 47.74 11.26 -40.72
N ASP D 192 47.00 10.30 -40.19
CA ASP D 192 46.61 10.35 -38.79
C ASP D 192 47.21 9.20 -37.97
N TRP D 193 47.46 8.03 -38.57
CA TRP D 193 48.05 6.89 -37.86
C TRP D 193 49.53 7.15 -37.68
N MET D 194 49.89 7.61 -36.50
CA MET D 194 51.27 7.88 -36.18
C MET D 194 51.42 7.71 -34.68
N LEU D 195 52.50 7.04 -34.29
CA LEU D 195 52.75 6.78 -32.87
C LEU D 195 52.80 8.07 -32.07
N VAL D 196 52.69 7.93 -30.75
CA VAL D 196 52.82 9.07 -29.84
C VAL D 196 54.29 9.24 -29.52
N GLY D 197 54.72 10.50 -29.48
CA GLY D 197 56.15 10.74 -29.32
C GLY D 197 56.95 10.14 -30.45
N PHE D 198 56.36 10.03 -31.64
CA PHE D 198 57.05 9.35 -32.73
C PHE D 198 58.30 10.13 -33.10
N GLU D 199 58.16 11.45 -33.28
CA GLU D 199 59.24 12.36 -33.59
C GLU D 199 59.99 12.84 -32.36
N ILE D 200 59.80 12.20 -31.20
CA ILE D 200 60.42 12.67 -29.97
C ILE D 200 61.24 11.58 -29.29
N ALA D 201 60.78 10.33 -29.31
CA ALA D 201 61.52 9.23 -28.71
C ALA D 201 62.38 8.45 -29.71
N LEU D 202 62.03 8.50 -31.01
CA LEU D 202 62.77 7.77 -32.04
C LEU D 202 64.04 8.49 -32.49
N PRO D 203 64.01 9.80 -32.76
CA PRO D 203 65.29 10.47 -33.02
C PRO D 203 66.22 10.28 -31.85
N SER D 204 65.64 10.28 -30.65
CA SER D 204 66.38 9.91 -29.46
C SER D 204 66.73 8.44 -29.44
N LEU D 205 66.08 7.61 -30.26
CA LEU D 205 66.45 6.20 -30.34
C LEU D 205 67.57 5.96 -31.33
N LEU D 206 67.68 6.81 -32.35
CA LEU D 206 68.82 6.75 -33.25
C LEU D 206 70.11 7.06 -32.53
N ASP D 207 70.08 8.03 -31.62
CA ASP D 207 71.30 8.43 -30.91
C ASP D 207 71.91 7.26 -30.15
N MET D 208 71.10 6.33 -29.67
CA MET D 208 71.64 5.09 -29.11
C MET D 208 72.14 4.14 -30.20
N ALA D 209 71.58 4.24 -31.41
CA ALA D 209 72.07 3.52 -32.58
C ALA D 209 73.38 4.11 -33.16
N LYS D 210 74.06 4.95 -32.37
CA LYS D 210 75.33 5.61 -32.73
C LYS D 210 76.30 5.75 -31.56
N ASP D 211 75.83 5.72 -30.30
CA ASP D 211 76.74 5.49 -29.18
C ASP D 211 77.26 4.06 -29.23
N LEU D 212 76.37 3.13 -29.60
CA LEU D 212 76.70 1.80 -30.07
C LEU D 212 76.64 1.84 -31.59
N ASP D 213 77.68 1.32 -32.26
CA ASP D 213 77.68 1.33 -33.73
C ASP D 213 76.62 0.37 -34.24
N LEU D 214 75.75 0.87 -35.13
CA LEU D 214 74.63 0.10 -35.65
C LEU D 214 74.56 0.30 -37.16
N ASP D 215 74.44 -0.82 -37.88
CA ASP D 215 74.47 -0.81 -39.35
C ASP D 215 73.05 -0.67 -39.88
N ILE D 216 72.69 0.54 -40.27
CA ILE D 216 71.29 0.93 -40.50
C ILE D 216 71.22 2.14 -41.40
N PRO D 217 70.19 2.26 -42.24
CA PRO D 217 70.10 3.32 -43.28
C PRO D 217 69.52 4.66 -42.83
N TYR D 218 70.37 5.47 -42.20
CA TYR D 218 69.93 6.77 -41.69
C TYR D 218 69.43 7.69 -42.80
N ASP D 219 69.94 7.53 -44.02
CA ASP D 219 69.58 8.43 -45.12
C ASP D 219 68.32 7.89 -45.79
N GLU D 220 67.17 8.33 -45.31
CA GLU D 220 65.88 8.06 -45.94
C GLU D 220 65.14 9.35 -46.23
N PRO D 221 64.52 9.47 -47.41
CA PRO D 221 63.73 10.69 -47.71
C PRO D 221 62.62 10.91 -46.70
N ALA D 222 62.18 9.86 -46.01
CA ALA D 222 61.18 9.98 -44.95
C ALA D 222 61.72 10.57 -43.66
N LEU D 223 63.05 10.50 -43.44
CA LEU D 223 63.68 10.98 -42.21
C LEU D 223 63.88 12.49 -42.17
N LYS D 224 64.12 13.13 -43.32
CA LYS D 224 64.36 14.58 -43.36
C LYS D 224 63.14 15.37 -42.88
N ALA D 225 61.92 14.88 -43.16
CA ALA D 225 60.68 15.54 -42.77
C ALA D 225 60.32 15.30 -41.29
N ILE D 226 60.62 14.10 -40.75
CA ILE D 226 60.28 13.81 -39.36
C ILE D 226 61.39 14.21 -38.39
N TYR D 227 62.65 14.23 -38.84
CA TYR D 227 63.73 14.65 -37.96
C TYR D 227 63.68 16.15 -37.71
N ALA D 228 63.31 16.92 -38.74
CA ALA D 228 63.10 18.36 -38.59
C ALA D 228 61.85 18.65 -37.77
N GLU D 229 60.83 17.79 -37.85
CA GLU D 229 59.65 17.87 -36.99
C GLU D 229 59.99 17.67 -35.51
N ARG D 230 61.21 17.22 -35.21
CA ARG D 230 61.69 17.17 -33.83
C ARG D 230 61.94 18.56 -33.28
N GLU D 231 62.73 19.36 -33.99
CA GLU D 231 63.02 20.71 -33.52
C GLU D 231 61.80 21.62 -33.64
N ARG D 232 60.92 21.36 -34.63
CA ARG D 232 59.68 22.13 -34.75
C ARG D 232 58.82 22.00 -33.52
N LYS D 233 58.78 20.79 -32.92
CA LYS D 233 57.98 20.55 -31.72
C LYS D 233 58.74 20.83 -30.43
N LEU D 234 60.07 20.69 -30.41
CA LEU D 234 60.82 21.10 -29.22
C LEU D 234 61.17 22.58 -29.25
N ALA D 235 60.77 23.30 -30.30
CA ALA D 235 60.64 24.75 -30.27
C ALA D 235 59.23 25.20 -29.92
N LYS D 236 58.24 24.31 -29.99
CA LYS D 236 56.86 24.61 -29.59
C LYS D 236 56.63 24.43 -28.08
N ILE D 237 57.39 23.54 -27.44
CA ILE D 237 57.20 23.30 -26.00
C ILE D 237 57.74 24.48 -25.22
N PRO D 238 56.99 25.02 -24.27
CA PRO D 238 57.53 26.02 -23.33
C PRO D 238 58.24 25.32 -22.20
N ARG D 239 59.56 25.49 -22.12
CA ARG D 239 60.39 24.81 -21.14
C ARG D 239 59.90 25.05 -19.70
N ASP D 240 59.62 26.31 -19.35
CA ASP D 240 59.22 26.56 -17.97
C ASP D 240 57.85 25.98 -17.66
N VAL D 241 57.03 25.73 -18.67
CA VAL D 241 55.70 25.15 -18.44
C VAL D 241 55.79 23.62 -18.39
N LEU D 242 56.76 23.03 -19.06
CA LEU D 242 56.97 21.59 -18.92
C LEU D 242 57.34 21.25 -17.48
N HIS D 243 57.90 22.21 -16.75
CA HIS D 243 58.35 22.05 -15.38
C HIS D 243 57.38 22.66 -14.39
N SER D 244 56.33 23.33 -14.86
CA SER D 244 55.39 24.03 -14.00
C SER D 244 54.13 23.22 -13.69
N MET D 245 53.52 22.60 -14.71
CA MET D 245 52.31 21.80 -14.55
C MET D 245 52.47 20.48 -15.29
N PRO D 246 51.99 19.37 -14.72
CA PRO D 246 52.15 18.09 -15.40
C PRO D 246 51.44 18.17 -16.74
N THR D 247 52.07 17.60 -17.76
CA THR D 247 51.55 17.65 -19.12
C THR D 247 51.73 16.32 -19.82
N THR D 248 51.14 16.26 -21.02
CA THR D 248 51.24 15.08 -21.87
C THR D 248 52.62 14.91 -22.46
N LEU D 249 53.43 15.96 -22.45
CA LEU D 249 54.80 15.81 -22.92
C LEU D 249 55.57 14.92 -21.97
N LEU D 250 55.26 14.99 -20.69
CA LEU D 250 55.86 14.14 -19.67
C LEU D 250 55.71 12.67 -20.01
N HIS D 251 54.87 12.35 -21.00
CA HIS D 251 54.67 10.94 -21.38
C HIS D 251 55.88 10.37 -22.11
N SER D 252 56.52 11.19 -22.96
CA SER D 252 57.66 10.77 -23.78
C SER D 252 58.75 11.83 -23.62
N LEU D 253 59.46 11.79 -22.49
CA LEU D 253 60.56 12.71 -22.21
C LEU D 253 61.92 12.04 -22.30
N GLU D 254 61.99 10.83 -22.85
CA GLU D 254 63.29 10.16 -22.94
C GLU D 254 64.19 10.86 -23.95
N GLY D 255 63.60 11.48 -24.98
CA GLY D 255 64.40 12.24 -25.93
C GLY D 255 64.29 13.72 -25.70
N MET D 256 64.65 14.13 -24.48
CA MET D 256 64.54 15.51 -24.05
C MET D 256 65.80 15.90 -23.31
N VAL D 257 66.24 17.14 -23.51
CA VAL D 257 67.40 17.67 -22.80
C VAL D 257 66.87 18.62 -21.74
N ASP D 258 67.75 19.39 -21.11
CA ASP D 258 67.36 20.36 -20.08
C ASP D 258 66.64 19.65 -18.93
N LEU D 259 67.45 18.91 -18.17
CA LEU D 259 66.99 18.08 -17.05
C LEU D 259 66.92 18.91 -15.77
N ASP D 260 65.73 19.36 -15.39
CA ASP D 260 65.58 20.08 -14.12
C ASP D 260 64.62 19.29 -13.25
N TRP D 261 65.15 18.23 -12.61
CA TRP D 261 64.31 17.35 -11.81
C TRP D 261 63.92 17.98 -10.50
N GLU D 262 64.70 18.98 -10.06
CA GLU D 262 64.40 19.65 -8.81
C GLU D 262 62.98 20.18 -8.86
N LYS D 263 62.60 20.72 -10.02
CA LYS D 263 61.25 21.25 -10.23
C LYS D 263 60.38 20.31 -11.05
N LEU D 264 60.87 19.13 -11.44
CA LEU D 264 60.06 18.23 -12.26
C LEU D 264 59.49 17.01 -11.53
N LEU D 265 60.24 16.38 -10.62
CA LEU D 265 59.69 15.18 -9.98
C LEU D 265 58.40 15.45 -9.24
N LYS D 266 58.17 16.70 -8.86
CA LYS D 266 56.94 17.18 -8.25
C LYS D 266 55.73 17.07 -9.18
N LEU D 267 55.94 16.62 -10.41
CA LEU D 267 54.91 16.63 -11.45
C LEU D 267 54.44 15.23 -11.82
N ARG D 268 55.03 14.19 -11.24
CA ARG D 268 54.72 12.84 -11.66
C ARG D 268 53.40 12.38 -11.03
N CYS D 269 52.98 11.17 -11.37
CA CYS D 269 51.74 10.56 -10.89
C CYS D 269 51.84 10.04 -9.46
N LEU D 270 50.67 9.65 -8.93
CA LEU D 270 50.58 9.04 -7.61
C LEU D 270 51.30 7.71 -7.60
N ASP D 271 51.43 7.08 -8.77
CA ASP D 271 52.22 5.86 -8.87
C ASP D 271 53.71 6.14 -8.77
N GLY D 272 54.10 7.39 -9.01
CA GLY D 272 55.50 7.72 -9.18
C GLY D 272 55.91 7.76 -10.63
N SER D 273 55.07 7.23 -11.53
CA SER D 273 55.37 7.12 -12.95
C SER D 273 55.20 8.47 -13.64
N PHE D 274 55.87 8.63 -14.78
CA PHE D 274 55.75 9.87 -15.55
C PHE D 274 54.68 9.70 -16.61
N HIS D 275 53.54 10.35 -16.37
CA HIS D 275 52.35 10.22 -17.20
C HIS D 275 52.12 8.77 -17.60
N CYS D 276 52.34 7.86 -16.66
CA CYS D 276 51.97 6.46 -16.77
C CYS D 276 52.72 5.74 -17.87
N SER D 277 53.91 6.22 -18.22
CA SER D 277 54.78 5.54 -19.18
C SER D 277 55.99 4.97 -18.47
N PRO D 278 56.25 3.67 -18.59
CA PRO D 278 57.48 3.11 -18.02
C PRO D 278 58.73 3.55 -18.74
N ALA D 279 58.64 3.88 -20.03
CA ALA D 279 59.80 4.41 -20.74
C ALA D 279 60.26 5.72 -20.10
N SER D 280 59.32 6.64 -19.90
CA SER D 280 59.65 7.92 -19.30
C SER D 280 60.20 7.75 -17.89
N THR D 281 59.85 6.67 -17.21
CA THR D 281 60.35 6.46 -15.86
C THR D 281 61.75 5.85 -15.85
N ALA D 282 62.11 5.07 -16.87
CA ALA D 282 63.49 4.56 -16.96
C ALA D 282 64.49 5.70 -17.05
N THR D 283 64.23 6.66 -17.94
CA THR D 283 65.10 7.84 -18.04
C THR D 283 65.14 8.59 -16.71
N ALA D 284 64.01 8.66 -16.03
CA ALA D 284 63.93 9.39 -14.76
C ALA D 284 64.61 8.67 -13.61
N PHE D 285 64.84 7.37 -13.72
CA PHE D 285 65.50 6.79 -12.57
C PHE D 285 67.01 6.87 -12.64
N GLN D 286 67.63 6.65 -13.81
CA GLN D 286 69.07 6.87 -13.90
C GLN D 286 69.43 8.25 -13.42
N GLN D 287 68.52 9.19 -13.61
CA GLN D 287 68.79 10.58 -13.29
C GLN D 287 68.29 10.94 -11.90
N THR D 288 67.59 10.05 -11.21
CA THR D 288 67.31 10.27 -9.80
C THR D 288 67.13 8.94 -9.11
N GLY D 289 67.85 8.73 -8.00
CA GLY D 289 67.76 7.46 -7.30
C GLY D 289 66.48 7.32 -6.48
N ASP D 290 65.41 7.98 -6.93
CA ASP D 290 64.12 8.06 -6.24
C ASP D 290 63.50 6.69 -6.01
N GLN D 291 63.45 6.23 -4.76
CA GLN D 291 62.99 4.87 -4.50
C GLN D 291 61.48 4.74 -4.69
N LYS D 292 60.70 5.83 -4.55
CA LYS D 292 59.27 5.81 -4.87
C LYS D 292 59.04 5.80 -6.38
N CYS D 293 60.08 6.13 -7.14
CA CYS D 293 60.01 6.11 -8.58
C CYS D 293 60.51 4.79 -9.14
N PHE D 294 61.48 4.17 -8.47
CA PHE D 294 61.80 2.78 -8.74
C PHE D 294 60.62 1.87 -8.43
N GLU D 295 59.95 2.09 -7.29
CA GLU D 295 58.90 1.19 -6.83
C GLU D 295 57.87 0.93 -7.92
N TYR D 296 57.53 1.96 -8.69
CA TYR D 296 56.65 1.75 -9.84
C TYR D 296 57.26 0.79 -10.83
N LEU D 297 58.56 0.94 -11.10
CA LEU D 297 59.21 0.08 -12.07
C LEU D 297 59.32 -1.35 -11.55
N ASP D 298 59.72 -1.52 -10.28
CA ASP D 298 59.82 -2.87 -9.74
C ASP D 298 58.48 -3.58 -9.85
N GLY D 299 57.40 -2.86 -9.49
CA GLY D 299 56.06 -3.44 -9.55
C GLY D 299 55.62 -3.79 -10.96
N ILE D 300 55.94 -2.92 -11.93
CA ILE D 300 55.48 -3.12 -13.30
C ILE D 300 55.99 -4.46 -13.83
N VAL D 301 57.20 -4.87 -13.43
CA VAL D 301 57.76 -6.13 -13.90
C VAL D 301 57.30 -7.33 -13.05
N LYS D 302 57.05 -7.12 -11.75
CA LYS D 302 56.51 -8.20 -10.94
C LYS D 302 55.14 -8.64 -11.44
N LYS D 303 54.24 -7.68 -11.73
CA LYS D 303 52.87 -8.03 -12.05
C LYS D 303 52.74 -8.69 -13.42
N PHE D 304 53.71 -8.49 -14.31
CA PHE D 304 53.72 -9.19 -15.59
C PHE D 304 54.82 -10.23 -15.66
N ASN D 305 55.52 -10.47 -14.55
CA ASN D 305 56.61 -11.45 -14.42
C ASN D 305 57.51 -11.42 -15.65
N GLY D 306 58.08 -10.23 -15.87
CA GLY D 306 58.82 -9.89 -17.06
C GLY D 306 58.00 -9.20 -18.13
N GLY D 307 58.63 -8.27 -18.83
CA GLY D 307 57.99 -7.52 -19.89
C GLY D 307 57.08 -6.44 -19.32
N VAL D 308 56.84 -5.42 -20.11
CA VAL D 308 56.17 -4.22 -19.62
C VAL D 308 55.48 -3.49 -20.76
N PRO D 309 54.23 -3.06 -20.59
CA PRO D 309 53.51 -2.35 -21.65
C PRO D 309 53.99 -0.91 -21.76
N CYS D 310 53.36 -0.17 -22.66
CA CYS D 310 53.74 1.21 -22.94
C CYS D 310 52.93 2.22 -22.16
N ILE D 311 52.03 1.77 -21.28
CA ILE D 311 51.22 2.66 -20.49
C ILE D 311 50.56 1.85 -19.37
N TYR D 312 50.65 2.34 -18.13
CA TYR D 312 50.08 1.65 -16.99
C TYR D 312 49.99 2.53 -15.74
N PRO D 313 48.94 2.36 -14.92
CA PRO D 313 47.79 1.46 -15.14
C PRO D 313 46.64 2.08 -15.92
N LEU D 314 45.61 1.28 -16.17
CA LEU D 314 44.49 1.75 -16.95
C LEU D 314 43.20 1.43 -16.24
N ASP D 315 43.20 1.60 -14.92
CA ASP D 315 42.09 1.11 -14.11
C ASP D 315 40.77 1.80 -14.47
N VAL D 316 40.81 3.06 -14.90
CA VAL D 316 39.56 3.75 -15.24
C VAL D 316 39.14 3.44 -16.67
N TYR D 317 40.03 3.73 -17.63
CA TYR D 317 39.77 3.49 -19.05
C TYR D 317 39.22 2.08 -19.27
N GLU D 318 39.92 1.07 -18.75
CA GLU D 318 39.52 -0.33 -18.98
C GLU D 318 38.11 -0.59 -18.49
N ARG D 319 37.80 -0.19 -17.26
CA ARG D 319 36.47 -0.41 -16.72
C ARG D 319 35.44 0.28 -17.58
N LEU D 320 35.54 1.61 -17.69
CA LEU D 320 34.57 2.37 -18.47
C LEU D 320 34.36 1.74 -19.81
N TRP D 321 35.44 1.33 -20.44
CA TRP D 321 35.29 0.83 -21.79
C TRP D 321 34.82 -0.61 -21.77
N ALA D 322 35.25 -1.40 -20.79
CA ALA D 322 34.69 -2.75 -20.66
C ALA D 322 33.20 -2.67 -20.51
N VAL D 323 32.73 -1.66 -19.78
CA VAL D 323 31.30 -1.46 -19.63
C VAL D 323 30.67 -1.08 -20.95
N ASP D 324 31.22 -0.04 -21.59
CA ASP D 324 30.60 0.45 -22.81
C ASP D 324 30.41 -0.67 -23.79
N ARG D 325 31.38 -1.59 -23.84
CA ARG D 325 31.30 -2.63 -24.85
C ARG D 325 30.20 -3.62 -24.52
N LEU D 326 30.22 -4.16 -23.32
CA LEU D 326 29.22 -5.14 -22.96
C LEU D 326 27.83 -4.54 -23.06
N THR D 327 27.69 -3.24 -22.82
CA THR D 327 26.38 -2.63 -22.88
C THR D 327 25.84 -2.65 -24.31
N ARG D 328 26.60 -2.09 -25.24
CA ARG D 328 26.14 -2.01 -26.62
C ARG D 328 25.98 -3.38 -27.26
N LEU D 329 26.75 -4.36 -26.80
CA LEU D 329 26.50 -5.70 -27.33
C LEU D 329 25.23 -6.33 -26.75
N GLY D 330 24.47 -5.62 -25.92
CA GLY D 330 23.20 -6.13 -25.46
C GLY D 330 23.29 -7.22 -24.42
N ILE D 331 24.50 -7.63 -24.04
CA ILE D 331 24.61 -8.68 -23.04
C ILE D 331 24.94 -8.09 -21.67
N SER D 332 24.83 -6.78 -21.53
CA SER D 332 24.97 -6.14 -20.24
C SER D 332 24.04 -6.77 -19.21
N ARG D 333 22.88 -7.26 -19.66
CA ARG D 333 21.88 -7.77 -18.73
C ARG D 333 22.45 -8.85 -17.83
N HIS D 334 23.40 -9.66 -18.31
CA HIS D 334 23.86 -10.80 -17.54
C HIS D 334 24.82 -10.42 -16.44
N PHE D 335 25.56 -9.34 -16.62
CA PHE D 335 26.65 -9.03 -15.72
C PHE D 335 26.33 -7.83 -14.86
N THR D 336 25.07 -7.71 -14.49
CA THR D 336 24.63 -6.52 -13.78
C THR D 336 25.42 -6.33 -12.50
N SER D 337 25.69 -7.41 -11.78
CA SER D 337 26.47 -7.25 -10.56
C SER D 337 27.91 -6.86 -10.87
N GLU D 338 28.50 -7.43 -11.95
CA GLU D 338 29.91 -7.14 -12.28
C GLU D 338 30.08 -5.69 -12.70
N ILE D 339 29.18 -5.21 -13.57
CA ILE D 339 29.28 -3.85 -14.09
C ILE D 339 29.16 -2.88 -12.94
N GLU D 340 28.13 -3.08 -12.13
CA GLU D 340 27.88 -2.17 -11.02
C GLU D 340 29.08 -2.09 -10.08
N ASP D 341 29.84 -3.19 -9.96
CA ASP D 341 30.99 -3.15 -9.08
C ASP D 341 32.04 -2.22 -9.62
N CYS D 342 32.40 -2.37 -10.89
CA CYS D 342 33.45 -1.51 -11.41
C CYS D 342 32.93 -0.16 -11.86
N LEU D 343 31.63 -0.03 -12.13
CA LEU D 343 31.11 1.32 -12.28
C LEU D 343 31.20 2.09 -10.97
N ASP D 344 30.99 1.40 -9.85
CA ASP D 344 31.24 1.99 -8.54
C ASP D 344 32.67 2.52 -8.47
N TYR D 345 33.64 1.75 -8.99
CA TYR D 345 35.02 2.20 -9.00
C TYR D 345 35.15 3.56 -9.70
N ILE D 346 34.33 3.85 -10.71
CA ILE D 346 34.39 5.18 -11.29
C ILE D 346 33.80 6.22 -10.36
N PHE D 347 32.62 5.94 -9.77
CA PHE D 347 31.98 6.94 -8.93
C PHE D 347 32.88 7.37 -7.78
N ARG D 348 33.56 6.41 -7.14
CA ARG D 348 34.47 6.76 -6.06
C ARG D 348 35.60 7.65 -6.56
N ASN D 349 36.13 7.37 -7.76
CA ASN D 349 37.32 8.05 -8.26
C ASN D 349 37.00 9.19 -9.19
N TRP D 350 35.79 9.71 -9.11
CA TRP D 350 35.44 10.92 -9.85
C TRP D 350 36.12 12.14 -9.24
N THR D 351 36.64 13.01 -10.08
CA THR D 351 37.27 14.24 -9.66
C THR D 351 36.53 15.44 -10.27
N PRO D 352 36.61 16.61 -9.66
CA PRO D 352 35.94 17.76 -10.26
C PRO D 352 36.60 18.19 -11.54
N ASP D 353 37.81 17.70 -11.80
CA ASP D 353 38.58 18.04 -12.99
C ASP D 353 38.43 17.01 -14.11
N GLY D 354 37.67 15.94 -13.89
CA GLY D 354 37.40 15.00 -14.95
C GLY D 354 37.88 13.61 -14.63
N LEU D 355 38.03 12.77 -15.64
CA LEU D 355 38.58 11.44 -15.47
C LEU D 355 39.82 11.32 -16.34
N ALA D 356 40.81 10.60 -15.85
CA ALA D 356 41.96 10.22 -16.64
C ALA D 356 41.78 8.78 -17.06
N HIS D 357 42.74 8.22 -17.78
CA HIS D 357 42.66 6.79 -18.03
C HIS D 357 42.97 5.98 -16.77
N THR D 358 43.54 6.62 -15.75
CA THR D 358 43.75 5.94 -14.49
C THR D 358 43.36 6.82 -13.33
N LYS D 359 43.24 6.11 -12.19
CA LYS D 359 42.89 6.71 -10.91
C LYS D 359 43.92 7.75 -10.54
N ASN D 360 45.18 7.46 -10.83
CA ASN D 360 46.30 8.24 -10.34
C ASN D 360 47.05 9.01 -11.44
N CYS D 361 46.32 9.69 -12.33
CA CYS D 361 46.94 10.59 -13.29
C CYS D 361 46.33 11.97 -13.16
N PRO D 362 47.10 12.98 -12.77
CA PRO D 362 46.49 14.30 -12.51
C PRO D 362 46.03 15.06 -13.74
N VAL D 363 46.49 14.73 -14.96
CA VAL D 363 46.01 15.43 -16.15
C VAL D 363 44.86 14.64 -16.75
N LYS D 364 43.72 15.29 -16.87
CA LYS D 364 42.51 14.57 -17.20
C LYS D 364 42.15 14.85 -18.65
N ASP D 365 41.31 13.99 -19.21
CA ASP D 365 41.01 14.01 -20.64
C ASP D 365 39.52 13.88 -20.90
N ILE D 366 39.09 14.42 -22.05
CA ILE D 366 37.66 14.43 -22.34
C ILE D 366 37.20 13.05 -22.74
N ASP D 367 38.07 12.24 -23.35
CA ASP D 367 37.66 10.90 -23.78
C ASP D 367 37.19 10.07 -22.58
N ASP D 368 38.01 10.03 -21.52
CA ASP D 368 37.60 9.29 -20.32
C ASP D 368 36.47 10.00 -19.58
N THR D 369 36.51 11.32 -19.51
CA THR D 369 35.49 12.06 -18.78
C THR D 369 34.11 11.90 -19.40
N ALA D 370 34.02 11.98 -20.72
CA ALA D 370 32.73 11.80 -21.37
C ALA D 370 32.22 10.37 -21.22
N MET D 371 33.11 9.38 -21.34
CA MET D 371 32.69 8.02 -21.12
C MET D 371 32.18 7.81 -19.69
N GLY D 372 32.92 8.33 -18.71
CA GLY D 372 32.50 8.18 -17.32
C GLY D 372 31.19 8.88 -17.00
N PHE D 373 31.05 10.12 -17.44
CA PHE D 373 29.79 10.82 -17.20
C PHE D 373 28.64 10.05 -17.82
N ARG D 374 28.78 9.67 -19.10
CA ARG D 374 27.73 8.99 -19.86
C ARG D 374 27.33 7.67 -19.23
N LEU D 375 28.31 6.82 -18.97
CA LEU D 375 27.99 5.50 -18.40
C LEU D 375 27.44 5.63 -17.00
N LEU D 376 28.01 6.51 -16.20
CA LEU D 376 27.50 6.69 -14.84
C LEU D 376 26.08 7.22 -14.88
N ARG D 377 25.81 8.24 -15.70
CA ARG D 377 24.45 8.76 -15.73
C ARG D 377 23.49 7.74 -16.27
N LEU D 378 23.95 6.94 -17.23
CA LEU D 378 23.10 5.92 -17.83
C LEU D 378 22.70 4.87 -16.80
N TYR D 379 23.61 4.56 -15.91
CA TYR D 379 23.42 3.53 -14.93
C TYR D 379 22.83 4.06 -13.61
N GLY D 380 22.24 5.26 -13.65
CA GLY D 380 21.49 5.76 -12.52
C GLY D 380 22.30 6.41 -11.43
N TYR D 381 23.44 6.99 -11.79
CA TYR D 381 24.30 7.70 -10.84
C TYR D 381 24.11 9.21 -10.91
N GLN D 382 24.38 9.87 -9.78
CA GLN D 382 24.33 11.33 -9.72
C GLN D 382 25.66 11.84 -10.22
N VAL D 383 25.68 12.44 -11.41
CA VAL D 383 26.90 13.02 -12.00
C VAL D 383 26.62 14.43 -12.47
N ASP D 384 27.61 15.29 -12.32
CA ASP D 384 27.43 16.68 -12.67
C ASP D 384 28.18 16.94 -13.96
N PRO D 385 27.51 17.32 -15.05
CA PRO D 385 28.22 17.54 -16.32
C PRO D 385 29.09 18.78 -16.33
N CYS D 386 29.02 19.67 -15.34
CA CYS D 386 29.88 20.85 -15.37
C CYS D 386 31.34 20.47 -15.31
N VAL D 387 31.66 19.21 -15.00
CA VAL D 387 33.00 18.70 -15.11
C VAL D 387 33.55 18.83 -16.53
N LEU D 388 32.69 19.15 -17.49
CA LEU D 388 33.11 19.33 -18.87
C LEU D 388 33.68 20.71 -19.13
N LYS D 389 33.18 21.75 -18.44
CA LYS D 389 33.64 23.11 -18.72
C LYS D 389 35.13 23.26 -18.44
N LYS D 390 35.72 22.32 -17.71
CA LYS D 390 37.17 22.25 -17.53
C LYS D 390 37.89 21.92 -18.83
N PHE D 391 37.16 21.53 -19.88
CA PHE D 391 37.73 21.25 -21.19
C PHE D 391 37.24 22.22 -22.24
N GLU D 392 36.51 23.27 -21.85
CA GLU D 392 36.08 24.29 -22.79
C GLU D 392 37.08 25.45 -22.74
N LYS D 393 37.63 25.78 -23.89
CA LYS D 393 38.51 26.93 -24.05
C LYS D 393 37.97 27.73 -25.23
N ASP D 394 37.19 28.77 -24.93
CA ASP D 394 36.73 29.71 -25.94
C ASP D 394 35.94 29.01 -27.07
N GLY D 395 34.90 28.28 -26.68
CA GLY D 395 33.97 27.73 -27.64
C GLY D 395 34.34 26.38 -28.24
N LYS D 396 35.56 25.91 -28.04
CA LYS D 396 36.03 24.63 -28.57
C LYS D 396 36.37 23.70 -27.41
N PHE D 397 36.50 22.40 -27.68
CA PHE D 397 36.57 21.45 -26.58
C PHE D 397 37.86 20.65 -26.47
N PHE D 398 38.59 20.44 -27.55
CA PHE D 398 39.91 19.80 -27.50
C PHE D 398 39.79 18.45 -26.80
N CYS D 399 40.62 18.16 -25.81
CA CYS D 399 40.70 16.85 -25.17
C CYS D 399 41.28 17.02 -23.78
N LEU D 400 42.07 18.09 -23.59
CA LEU D 400 42.80 18.39 -22.35
C LEU D 400 42.52 19.84 -21.91
N HIS D 401 42.98 20.16 -20.69
CA HIS D 401 42.72 21.44 -20.04
C HIS D 401 43.72 22.47 -20.55
N GLY D 402 43.21 23.55 -21.14
CA GLY D 402 44.04 24.58 -21.73
C GLY D 402 44.70 24.16 -23.05
N GLU D 403 45.35 22.99 -23.03
CA GLU D 403 46.14 22.49 -24.16
C GLU D 403 45.32 22.29 -25.42
N SER D 404 45.39 23.26 -26.33
CA SER D 404 44.56 23.32 -27.53
C SER D 404 45.20 22.47 -28.64
N ASN D 405 44.65 21.30 -28.89
CA ASN D 405 45.34 20.29 -29.69
C ASN D 405 44.51 19.77 -30.85
N PRO D 406 45.17 19.21 -31.88
CA PRO D 406 44.43 18.54 -32.96
C PRO D 406 43.48 17.48 -32.42
N SER D 407 42.21 17.85 -32.33
CA SER D 407 41.19 16.95 -31.79
C SER D 407 40.99 15.75 -32.71
N SER D 408 40.82 14.57 -32.13
CA SER D 408 40.55 13.36 -32.90
C SER D 408 39.04 13.20 -33.09
N VAL D 409 38.64 12.07 -33.63
CA VAL D 409 37.22 11.80 -33.89
C VAL D 409 36.59 10.99 -32.76
N THR D 410 37.22 9.87 -32.34
CA THR D 410 36.58 9.07 -31.28
C THR D 410 36.32 9.87 -30.01
N PRO D 411 37.24 10.68 -29.47
CA PRO D 411 36.85 11.45 -28.29
C PRO D 411 35.70 12.40 -28.55
N MET D 412 35.60 12.96 -29.76
CA MET D 412 34.44 13.82 -30.04
C MET D 412 33.18 13.01 -30.21
N TYR D 413 33.30 11.80 -30.77
CA TYR D 413 32.15 10.90 -30.78
C TYR D 413 31.64 10.66 -29.36
N ASN D 414 32.55 10.29 -28.46
CA ASN D 414 32.18 9.91 -27.12
C ASN D 414 31.62 11.07 -26.30
N THR D 415 32.10 12.28 -26.54
CA THR D 415 31.43 13.41 -25.90
C THR D 415 30.01 13.53 -26.44
N TYR D 416 29.85 13.53 -27.76
CA TYR D 416 28.53 13.70 -28.34
C TYR D 416 27.55 12.71 -27.74
N ARG D 417 27.98 11.45 -27.57
CA ARG D 417 27.11 10.45 -26.97
C ARG D 417 26.67 10.89 -25.57
N ALA D 418 27.64 11.35 -24.77
CA ALA D 418 27.29 11.81 -23.44
C ALA D 418 26.33 12.99 -23.49
N SER D 419 26.41 13.80 -24.53
CA SER D 419 25.51 14.92 -24.60
C SER D 419 24.06 14.49 -24.81
N GLN D 420 23.83 13.24 -25.18
CA GLN D 420 22.45 12.84 -25.45
C GLN D 420 21.63 12.75 -24.17
N LEU D 421 22.28 12.51 -23.05
CA LEU D 421 21.60 12.38 -21.77
C LEU D 421 21.43 13.69 -21.02
N LYS D 422 21.24 14.83 -21.69
CA LYS D 422 21.10 16.06 -20.93
C LYS D 422 19.73 16.10 -20.26
N PHE D 423 19.73 16.43 -18.93
CA PHE D 423 18.59 16.74 -18.10
C PHE D 423 18.32 18.24 -18.20
N PRO D 424 17.10 18.71 -18.00
CA PRO D 424 16.87 20.15 -18.18
C PRO D 424 17.64 21.01 -17.17
N GLY D 425 18.01 20.46 -16.02
CA GLY D 425 18.73 21.19 -15.00
C GLY D 425 20.22 21.28 -15.16
N ASP D 426 20.78 20.84 -16.30
CA ASP D 426 22.22 20.66 -16.38
C ASP D 426 22.94 21.97 -16.71
N ASP D 427 24.24 21.97 -16.41
CA ASP D 427 25.11 23.07 -16.81
C ASP D 427 25.09 23.20 -18.33
N GLY D 428 25.23 24.43 -18.80
CA GLY D 428 25.12 24.67 -20.22
C GLY D 428 26.12 23.92 -21.09
N VAL D 429 27.20 23.36 -20.52
CA VAL D 429 28.25 22.79 -21.37
C VAL D 429 27.69 21.70 -22.26
N LEU D 430 26.73 20.91 -21.77
CA LEU D 430 26.15 19.83 -22.57
C LEU D 430 25.45 20.37 -23.80
N GLY D 431 24.81 21.54 -23.68
CA GLY D 431 24.31 22.23 -24.85
C GLY D 431 25.43 22.57 -25.82
N ARG D 432 26.49 23.22 -25.32
CA ARG D 432 27.61 23.57 -26.18
C ARG D 432 28.32 22.32 -26.72
N ALA D 433 28.50 21.29 -25.89
CA ALA D 433 29.22 20.11 -26.37
C ALA D 433 28.52 19.48 -27.55
N GLU D 434 27.21 19.32 -27.46
CA GLU D 434 26.46 18.69 -28.53
C GLU D 434 26.60 19.45 -29.84
N VAL D 435 26.30 20.75 -29.81
CA VAL D 435 26.29 21.53 -31.04
C VAL D 435 27.69 21.54 -31.65
N PHE D 436 28.71 21.72 -30.83
CA PHE D 436 30.07 21.74 -31.34
C PHE D 436 30.43 20.40 -31.96
N CYS D 437 30.30 19.32 -31.18
CA CYS D 437 30.68 18.02 -31.69
C CYS D 437 29.78 17.60 -32.84
N ARG D 438 28.52 18.08 -32.85
CA ARG D 438 27.65 17.85 -33.99
C ARG D 438 28.33 18.35 -35.27
N SER D 439 28.88 19.56 -35.22
CA SER D 439 29.62 20.07 -36.38
C SER D 439 30.89 19.30 -36.59
N PHE D 440 31.66 19.06 -35.53
CA PHE D 440 32.94 18.41 -35.72
C PHE D 440 32.78 17.05 -36.34
N LEU D 441 31.75 16.32 -35.93
CA LEU D 441 31.50 15.01 -36.53
C LEU D 441 30.72 15.10 -37.83
N GLN D 442 30.04 16.22 -38.12
CA GLN D 442 29.43 16.37 -39.44
C GLN D 442 30.49 16.73 -40.48
N ASP D 443 31.26 17.79 -40.21
CA ASP D 443 32.37 18.23 -41.05
C ASP D 443 33.44 17.16 -41.23
N ARG D 444 33.46 16.15 -40.39
CA ARG D 444 34.41 15.07 -40.53
C ARG D 444 33.79 13.84 -41.19
N ARG D 445 32.44 13.77 -41.28
CA ARG D 445 31.73 12.56 -41.74
C ARG D 445 31.96 12.23 -43.21
N GLY D 446 31.84 13.22 -44.09
CA GLY D 446 31.99 12.92 -45.50
C GLY D 446 33.40 12.53 -45.86
N SER D 447 34.34 13.48 -45.74
CA SER D 447 35.73 13.18 -46.05
C SER D 447 36.14 11.92 -45.32
N ASN D 448 36.97 11.12 -45.96
CA ASN D 448 37.42 9.95 -45.22
C ASN D 448 38.44 10.32 -44.16
N ARG D 449 38.32 11.53 -43.61
CA ARG D 449 39.03 11.84 -42.39
C ARG D 449 38.36 11.22 -41.14
N MET D 450 37.61 10.11 -41.32
CA MET D 450 37.03 9.38 -40.20
C MET D 450 38.03 8.46 -39.55
N LYS D 451 39.24 8.40 -40.08
CA LYS D 451 40.30 7.65 -39.43
C LYS D 451 40.58 8.33 -38.09
N ASP D 452 40.95 7.53 -37.10
CA ASP D 452 41.25 8.08 -35.79
C ASP D 452 42.74 8.11 -35.53
N LYS D 453 43.15 9.12 -34.78
CA LYS D 453 44.55 9.33 -34.43
C LYS D 453 44.95 8.60 -33.16
N TRP D 454 43.98 8.12 -32.38
CA TRP D 454 44.16 7.40 -31.12
C TRP D 454 43.89 5.91 -31.23
N ALA D 455 42.81 5.53 -31.94
CA ALA D 455 42.25 4.20 -31.98
C ALA D 455 42.18 3.72 -33.42
N ILE D 456 42.17 2.42 -33.62
CA ILE D 456 41.85 1.90 -34.94
C ILE D 456 41.04 0.61 -34.83
N ALA D 457 39.97 0.53 -35.59
CA ALA D 457 38.90 -0.41 -35.31
C ALA D 457 38.01 -0.54 -36.52
N LYS D 458 37.40 -1.73 -36.63
CA LYS D 458 36.59 -2.18 -37.75
C LYS D 458 35.71 -1.10 -38.38
N ASP D 459 34.73 -0.57 -37.66
CA ASP D 459 33.83 0.43 -38.24
C ASP D 459 33.71 1.67 -37.38
N ILE D 460 34.54 2.67 -37.65
CA ILE D 460 34.48 3.91 -36.88
C ILE D 460 33.42 4.82 -37.47
N PRO D 461 33.27 4.95 -38.79
CA PRO D 461 32.19 5.82 -39.30
C PRO D 461 30.80 5.24 -39.10
N GLY D 462 30.64 3.92 -39.09
CA GLY D 462 29.32 3.36 -38.86
C GLY D 462 28.78 3.66 -37.48
N GLU D 463 29.64 3.48 -36.46
CA GLU D 463 29.32 3.94 -35.12
C GLU D 463 28.83 5.39 -35.13
N VAL D 464 29.54 6.27 -35.85
CA VAL D 464 29.15 7.67 -35.79
C VAL D 464 27.90 7.91 -36.63
N GLU D 465 27.80 7.25 -37.79
CA GLU D 465 26.61 7.41 -38.62
C GLU D 465 25.37 7.16 -37.78
N TYR D 466 25.35 6.04 -37.06
CA TYR D 466 24.21 5.74 -36.19
C TYR D 466 24.01 6.86 -35.17
N ALA D 467 25.03 7.08 -34.34
CA ALA D 467 24.90 8.07 -33.27
C ALA D 467 24.46 9.41 -33.83
N MET D 468 24.76 9.66 -35.09
CA MET D 468 24.44 10.92 -35.70
C MET D 468 23.03 10.94 -36.27
N ASP D 469 22.54 9.80 -36.77
CA ASP D 469 21.22 9.71 -37.36
C ASP D 469 20.14 9.42 -36.32
N TYR D 470 20.49 8.72 -35.25
CA TYR D 470 19.54 8.27 -34.24
C TYR D 470 19.86 8.88 -32.87
N PRO D 471 19.22 9.98 -32.52
CA PRO D 471 19.41 10.55 -31.18
C PRO D 471 18.83 9.68 -30.07
N TRP D 472 19.02 10.07 -28.82
CA TRP D 472 18.56 9.25 -27.70
C TRP D 472 17.08 8.90 -27.85
N LYS D 473 16.26 9.90 -28.15
CA LYS D 473 14.82 9.64 -28.25
C LYS D 473 14.47 8.54 -29.24
N ALA D 474 15.31 8.24 -30.23
CA ALA D 474 14.94 7.19 -31.18
C ALA D 474 15.97 6.06 -31.27
N SER D 475 16.79 5.88 -30.26
CA SER D 475 17.88 4.91 -30.32
C SER D 475 17.41 3.68 -29.56
N LEU D 476 16.75 2.78 -30.29
CA LEU D 476 16.12 1.62 -29.65
C LEU D 476 17.17 0.53 -29.39
N PRO D 477 17.22 -0.07 -28.20
CA PRO D 477 18.39 -0.90 -27.87
C PRO D 477 18.67 -2.06 -28.82
N ARG D 478 17.65 -2.74 -29.36
CA ARG D 478 17.98 -3.82 -30.26
C ARG D 478 18.49 -3.30 -31.60
N ILE D 479 18.04 -2.12 -32.02
CA ILE D 479 18.55 -1.53 -33.26
C ILE D 479 20.03 -1.23 -33.15
N GLU D 480 20.42 -0.46 -32.13
CA GLU D 480 21.83 -0.18 -31.91
C GLU D 480 22.64 -1.47 -31.74
N THR D 481 22.14 -2.43 -30.96
CA THR D 481 22.95 -3.62 -30.72
C THR D 481 23.13 -4.43 -32.00
N ARG D 482 22.07 -4.64 -32.78
CA ARG D 482 22.23 -5.41 -34.02
C ARG D 482 23.26 -4.75 -34.90
N LEU D 483 23.10 -3.44 -35.14
CA LEU D 483 24.06 -2.70 -35.95
C LEU D 483 25.45 -2.77 -35.32
N TYR D 484 25.52 -2.71 -33.98
CA TYR D 484 26.81 -2.72 -33.34
C TYR D 484 27.51 -4.07 -33.49
N LEU D 485 26.73 -5.16 -33.63
CA LEU D 485 27.34 -6.48 -33.82
C LEU D 485 28.23 -6.54 -35.06
N ASP D 486 27.84 -5.84 -36.11
CA ASP D 486 28.61 -5.90 -37.31
C ASP D 486 29.72 -4.86 -37.32
N GLN D 487 29.86 -4.06 -36.25
CA GLN D 487 30.92 -3.05 -36.16
C GLN D 487 31.88 -3.25 -34.99
N TYR D 488 31.66 -4.23 -34.12
CA TYR D 488 32.60 -4.51 -33.04
C TYR D 488 33.79 -5.30 -33.62
N GLY D 489 35.01 -4.81 -33.34
CA GLY D 489 36.22 -5.34 -33.94
C GLY D 489 36.72 -6.67 -33.39
N GLY D 490 36.36 -7.01 -32.17
CA GLY D 490 36.91 -8.23 -31.60
C GLY D 490 38.38 -8.01 -31.33
N SER D 491 39.21 -8.96 -31.79
CA SER D 491 40.65 -8.76 -31.78
C SER D 491 41.08 -7.73 -32.81
N GLY D 492 40.18 -7.30 -33.68
CA GLY D 492 40.57 -6.41 -34.77
C GLY D 492 41.03 -5.05 -34.30
N ASP D 493 40.51 -4.59 -33.17
CA ASP D 493 40.88 -3.26 -32.71
C ASP D 493 42.33 -3.27 -32.21
N VAL D 494 43.09 -2.25 -32.59
CA VAL D 494 44.41 -2.01 -32.02
C VAL D 494 44.51 -0.54 -31.65
N TRP D 495 45.31 -0.26 -30.63
CA TRP D 495 45.34 1.06 -30.00
C TRP D 495 46.73 1.65 -30.19
N ILE D 496 46.77 2.96 -30.40
CA ILE D 496 47.98 3.68 -30.80
C ILE D 496 48.56 4.36 -29.56
N GLY D 497 49.63 3.80 -29.01
CA GLY D 497 50.34 4.50 -27.96
C GLY D 497 51.71 4.90 -28.45
N LYS D 498 52.75 4.79 -27.62
CA LYS D 498 54.09 4.94 -28.17
C LYS D 498 54.43 3.74 -29.05
N VAL D 499 53.84 2.59 -28.74
CA VAL D 499 53.93 1.36 -29.49
C VAL D 499 52.48 0.88 -29.71
N LEU D 500 52.31 -0.05 -30.62
CA LEU D 500 51.01 -0.71 -30.74
C LEU D 500 50.73 -1.68 -29.59
N HIS D 501 49.57 -1.50 -28.96
CA HIS D 501 49.07 -2.35 -27.88
C HIS D 501 47.60 -2.67 -28.14
N ARG D 502 47.12 -3.77 -27.51
CA ARG D 502 45.72 -4.19 -27.61
C ARG D 502 45.21 -4.53 -26.21
N MET D 503 43.89 -4.47 -26.02
CA MET D 503 43.28 -4.64 -24.69
C MET D 503 42.58 -6.00 -24.61
N THR D 504 43.24 -6.95 -23.91
CA THR D 504 42.78 -8.34 -23.91
C THR D 504 41.36 -8.46 -23.40
N LEU D 505 41.07 -7.76 -22.30
CA LEU D 505 39.82 -8.00 -21.58
C LEU D 505 38.64 -7.45 -22.35
N PHE D 506 38.80 -6.24 -22.85
CA PHE D 506 37.75 -5.39 -23.39
C PHE D 506 37.73 -5.31 -24.91
N CYS D 507 38.83 -5.64 -25.59
CA CYS D 507 38.87 -5.80 -27.06
C CYS D 507 38.99 -7.29 -27.38
N ASN D 508 37.89 -7.99 -27.16
CA ASN D 508 37.89 -9.43 -26.97
C ASN D 508 37.17 -10.06 -28.15
N ASP D 509 37.54 -11.30 -28.49
CA ASP D 509 36.76 -12.04 -29.49
C ASP D 509 35.61 -12.81 -28.87
N LEU D 510 35.79 -13.27 -27.63
CA LEU D 510 34.72 -13.93 -26.93
C LEU D 510 33.54 -12.99 -26.73
N TYR D 511 33.81 -11.69 -26.53
CA TYR D 511 32.73 -10.72 -26.46
C TYR D 511 31.83 -10.84 -27.69
N LEU D 512 32.41 -10.86 -28.89
CA LEU D 512 31.60 -11.02 -30.10
C LEU D 512 30.99 -12.41 -30.18
N LYS D 513 31.77 -13.43 -29.86
CA LYS D 513 31.24 -14.79 -29.89
C LYS D 513 30.01 -14.92 -29.00
N ALA D 514 30.07 -14.33 -27.79
CA ALA D 514 28.94 -14.41 -26.88
C ALA D 514 27.76 -13.59 -27.39
N ALA D 515 28.01 -12.35 -27.80
CA ALA D 515 26.90 -11.47 -28.16
C ALA D 515 26.15 -12.01 -29.37
N LYS D 516 26.88 -12.40 -30.42
CA LYS D 516 26.18 -12.91 -31.59
C LYS D 516 25.34 -14.13 -31.25
N ALA D 517 25.77 -14.92 -30.26
CA ALA D 517 24.93 -16.02 -29.80
C ALA D 517 23.66 -15.48 -29.13
N ASP D 518 23.84 -14.66 -28.08
CA ASP D 518 22.69 -14.15 -27.32
C ASP D 518 21.73 -13.39 -28.20
N PHE D 519 22.24 -12.74 -29.23
CA PHE D 519 21.32 -12.07 -30.14
C PHE D 519 20.60 -13.08 -31.02
N SER D 520 21.28 -14.14 -31.45
CA SER D 520 20.61 -15.11 -32.29
C SER D 520 19.50 -15.79 -31.52
N ASN D 521 19.77 -16.23 -30.30
CA ASN D 521 18.70 -16.77 -29.48
C ASN D 521 17.58 -15.77 -29.30
N PHE D 522 17.87 -14.47 -29.38
CA PHE D 522 16.79 -13.49 -29.28
C PHE D 522 15.93 -13.47 -30.55
N GLN D 523 16.55 -13.39 -31.72
CA GLN D 523 15.76 -13.35 -32.95
C GLN D 523 15.02 -14.66 -33.17
N LYS D 524 15.62 -15.79 -32.78
CA LYS D 524 14.90 -17.05 -32.90
C LYS D 524 13.61 -16.99 -32.11
N GLU D 525 13.70 -16.57 -30.85
CA GLU D 525 12.51 -16.41 -30.02
C GLU D 525 11.57 -15.33 -30.56
N CYS D 526 12.12 -14.30 -31.24
CA CYS D 526 11.26 -13.28 -31.84
C CYS D 526 10.41 -13.87 -32.96
N ARG D 527 11.03 -14.69 -33.82
CA ARG D 527 10.31 -15.32 -34.90
C ARG D 527 9.22 -16.24 -34.36
N VAL D 528 9.52 -16.97 -33.28
CA VAL D 528 8.52 -17.84 -32.67
C VAL D 528 7.31 -17.04 -32.21
N GLU D 529 7.56 -15.97 -31.45
CA GLU D 529 6.46 -15.15 -30.98
C GLU D 529 5.64 -14.59 -32.14
N LEU D 530 6.32 -14.24 -33.25
CA LEU D 530 5.63 -13.69 -34.42
C LEU D 530 4.57 -14.65 -34.97
N ASN D 531 4.88 -15.94 -35.01
CA ASN D 531 3.89 -16.87 -35.52
C ASN D 531 2.69 -16.94 -34.61
N GLY D 532 2.93 -16.92 -33.29
CA GLY D 532 1.84 -16.81 -32.34
C GLY D 532 1.05 -15.52 -32.47
N LEU D 533 1.74 -14.41 -32.71
CA LEU D 533 1.02 -13.16 -32.94
C LEU D 533 0.27 -13.24 -34.25
N ARG D 534 0.91 -13.82 -35.27
CA ARG D 534 0.23 -13.95 -36.55
C ARG D 534 -1.04 -14.77 -36.41
N ARG D 535 -0.92 -15.95 -35.79
CA ARG D 535 -2.11 -16.75 -35.55
C ARG D 535 -3.13 -15.95 -34.79
N TRP D 536 -2.73 -15.38 -33.67
CA TRP D 536 -3.67 -14.66 -32.82
C TRP D 536 -4.38 -13.54 -33.56
N TYR D 537 -3.65 -12.80 -34.40
CA TYR D 537 -4.26 -11.70 -35.15
C TYR D 537 -5.29 -12.22 -36.15
N LEU D 538 -4.90 -13.24 -36.92
CA LEU D 538 -5.77 -13.76 -37.96
C LEU D 538 -7.05 -14.30 -37.37
N ARG D 539 -6.90 -15.24 -36.43
CA ARG D 539 -8.01 -15.98 -35.85
C ARG D 539 -8.90 -15.09 -35.03
N SER D 540 -8.43 -13.95 -34.61
CA SER D 540 -9.30 -13.07 -33.86
C SER D 540 -10.22 -12.23 -34.73
N ASN D 541 -10.25 -12.43 -36.05
CA ASN D 541 -11.05 -11.59 -36.94
C ASN D 541 -10.72 -10.13 -36.67
N LEU D 542 -9.47 -9.86 -36.32
CA LEU D 542 -9.13 -8.51 -35.94
C LEU D 542 -8.64 -7.69 -37.13
N GLU D 543 -8.29 -8.35 -38.25
CA GLU D 543 -7.92 -7.65 -39.48
C GLU D 543 -9.13 -7.04 -40.14
N LYS D 544 -10.33 -7.46 -39.74
CA LYS D 544 -11.59 -6.99 -40.33
C LYS D 544 -11.60 -5.48 -40.48
N PHE D 545 -11.30 -4.75 -39.41
CA PHE D 545 -10.95 -3.35 -39.58
C PHE D 545 -9.52 -3.13 -39.09
N GLY D 546 -8.98 -1.97 -39.49
CA GLY D 546 -7.62 -1.61 -39.13
C GLY D 546 -6.82 -1.22 -40.36
N GLY D 547 -5.50 -1.23 -40.18
CA GLY D 547 -4.58 -0.86 -41.24
C GLY D 547 -4.74 -1.76 -42.43
N THR D 548 -5.12 -1.17 -43.59
CA THR D 548 -5.53 -1.83 -44.83
C THR D 548 -4.40 -2.78 -45.46
N ASP D 549 -3.31 -2.97 -44.73
CA ASP D 549 -2.36 -4.05 -44.99
C ASP D 549 -2.04 -4.66 -43.63
N PRO D 550 -2.86 -5.61 -43.17
CA PRO D 550 -2.62 -6.21 -41.84
C PRO D 550 -1.17 -6.56 -41.53
N GLN D 551 -0.46 -7.24 -42.45
CA GLN D 551 0.77 -7.94 -42.09
C GLN D 551 1.89 -7.00 -41.67
N THR D 552 1.97 -5.80 -42.25
CA THR D 552 3.00 -4.86 -41.78
C THR D 552 2.57 -4.11 -40.53
N THR D 553 1.26 -3.91 -40.30
CA THR D 553 0.86 -3.29 -39.04
C THR D 553 1.24 -4.17 -37.87
N LEU D 554 1.07 -5.48 -38.03
CA LEU D 554 1.49 -6.41 -36.99
C LEU D 554 3.00 -6.41 -36.85
N MET D 555 3.70 -6.61 -37.98
CA MET D 555 5.15 -6.74 -37.97
C MET D 555 5.83 -5.55 -37.27
N THR D 556 5.48 -4.33 -37.66
CA THR D 556 6.10 -3.16 -37.03
C THR D 556 5.69 -3.04 -35.58
N SER D 557 4.39 -3.24 -35.32
CA SER D 557 3.87 -3.04 -33.97
C SER D 557 4.47 -4.05 -33.01
N TYR D 558 4.74 -5.26 -33.47
CA TYR D 558 5.50 -6.18 -32.64
C TYR D 558 6.95 -5.73 -32.52
N PHE D 559 7.52 -5.20 -33.60
CA PHE D 559 8.94 -4.84 -33.59
C PHE D 559 9.22 -3.80 -32.51
N LEU D 560 8.36 -2.79 -32.42
CA LEU D 560 8.57 -1.75 -31.44
C LEU D 560 8.62 -2.36 -30.05
N ALA D 561 7.68 -3.25 -29.73
CA ALA D 561 7.72 -3.87 -28.42
C ALA D 561 8.98 -4.69 -28.22
N SER D 562 9.39 -5.45 -29.22
CA SER D 562 10.54 -6.32 -29.01
C SER D 562 11.86 -5.56 -29.06
N ALA D 563 11.94 -4.48 -29.82
CA ALA D 563 13.19 -3.72 -29.83
C ALA D 563 13.54 -3.17 -28.46
N ASN D 564 12.53 -2.93 -27.63
CA ASN D 564 12.70 -2.27 -26.33
C ASN D 564 12.65 -3.26 -25.17
N ILE D 565 11.53 -3.96 -25.04
CA ILE D 565 11.39 -4.98 -24.01
C ILE D 565 11.68 -6.32 -24.70
N PHE D 566 12.97 -6.66 -24.70
CA PHE D 566 13.52 -7.75 -25.50
C PHE D 566 13.93 -8.94 -24.68
N GLU D 567 13.90 -8.86 -23.37
CA GLU D 567 14.51 -9.91 -22.55
C GLU D 567 13.90 -11.27 -22.86
N ALA D 568 14.63 -12.30 -22.45
CA ALA D 568 14.12 -13.66 -22.57
C ALA D 568 12.76 -13.80 -21.89
N ASN D 569 12.74 -13.59 -20.57
CA ASN D 569 11.62 -13.91 -19.71
C ASN D 569 10.49 -12.91 -19.78
N ARG D 570 10.76 -11.72 -20.30
CA ARG D 570 9.74 -10.68 -20.29
C ARG D 570 8.77 -10.84 -21.43
N ALA D 571 8.77 -12.02 -22.08
CA ALA D 571 7.88 -12.30 -23.21
C ALA D 571 6.44 -11.96 -22.86
N ALA D 572 6.06 -12.19 -21.60
CA ALA D 572 4.75 -11.83 -21.06
C ALA D 572 4.37 -10.40 -21.43
N GLU D 573 5.26 -9.45 -21.14
CA GLU D 573 5.01 -8.04 -21.45
C GLU D 573 5.08 -7.78 -22.95
N ARG D 574 6.17 -8.23 -23.60
CA ARG D 574 6.44 -7.97 -25.01
C ARG D 574 5.23 -8.30 -25.89
N LEU D 575 4.76 -9.55 -25.80
CA LEU D 575 3.59 -9.94 -26.58
C LEU D 575 2.38 -9.11 -26.19
N GLY D 576 2.15 -8.98 -24.88
CA GLY D 576 1.05 -8.16 -24.39
C GLY D 576 1.06 -6.75 -24.93
N TRP D 577 2.22 -6.10 -24.88
CA TRP D 577 2.36 -4.78 -25.49
C TRP D 577 1.96 -4.84 -26.96
N ALA D 578 2.58 -5.74 -27.72
CA ALA D 578 2.27 -5.79 -29.13
C ALA D 578 0.78 -6.08 -29.36
N ARG D 579 0.22 -7.05 -28.63
CA ARG D 579 -1.18 -7.39 -28.82
C ARG D 579 -2.09 -6.18 -28.59
N VAL D 580 -1.93 -5.51 -27.43
CA VAL D 580 -2.84 -4.41 -27.11
C VAL D 580 -2.69 -3.28 -28.11
N ALA D 581 -1.45 -3.04 -28.57
CA ALA D 581 -1.22 -1.98 -29.55
C ALA D 581 -2.08 -2.20 -30.79
N LEU D 582 -2.16 -3.45 -31.25
CA LEU D 582 -2.93 -3.81 -32.42
C LEU D 582 -4.40 -3.50 -32.24
N LEU D 583 -4.95 -3.79 -31.05
CA LEU D 583 -6.32 -3.43 -30.73
C LEU D 583 -6.57 -1.93 -30.87
N ALA D 584 -5.67 -1.12 -30.30
CA ALA D 584 -5.84 0.32 -30.37
C ALA D 584 -5.83 0.81 -31.82
N ASP D 585 -4.82 0.40 -32.58
CA ASP D 585 -4.77 0.77 -33.98
C ASP D 585 -6.03 0.32 -34.72
N ALA D 586 -6.49 -0.91 -34.44
CA ALA D 586 -7.73 -1.39 -35.01
C ALA D 586 -8.91 -0.51 -34.59
N VAL D 587 -9.03 -0.21 -33.30
CA VAL D 587 -10.15 0.64 -32.87
C VAL D 587 -10.04 2.02 -33.50
N SER D 588 -8.82 2.56 -33.56
CA SER D 588 -8.64 3.90 -34.13
C SER D 588 -9.13 3.98 -35.57
N SER D 589 -8.69 3.04 -36.41
CA SER D 589 -9.07 3.03 -37.81
C SER D 589 -10.59 2.95 -37.96
N HIS D 590 -11.21 2.07 -37.20
CA HIS D 590 -12.67 1.97 -37.24
C HIS D 590 -13.27 3.34 -36.96
N PHE D 591 -12.63 4.11 -36.08
CA PHE D 591 -13.16 5.43 -35.76
C PHE D 591 -13.02 6.40 -36.93
N ARG D 592 -11.98 6.27 -37.75
CA ARG D 592 -11.94 7.13 -38.92
C ARG D 592 -13.07 6.81 -39.88
N ARG D 593 -13.37 5.52 -40.08
CA ARG D 593 -14.33 5.13 -41.11
C ARG D 593 -15.75 5.52 -40.75
N ILE D 594 -16.05 5.63 -39.45
CA ILE D 594 -17.40 6.01 -39.05
C ILE D 594 -17.49 7.46 -38.72
N GLY D 595 -16.35 8.13 -38.57
CA GLY D 595 -16.33 9.55 -38.30
C GLY D 595 -16.16 9.87 -36.82
N GLY D 596 -15.96 8.88 -35.97
CA GLY D 596 -15.80 9.10 -34.55
C GLY D 596 -16.75 8.27 -33.69
N PRO D 597 -16.55 8.33 -32.36
CA PRO D 597 -17.48 7.63 -31.45
C PRO D 597 -18.89 8.17 -31.45
N LYS D 598 -19.11 9.37 -32.00
CA LYS D 598 -20.46 9.85 -32.24
C LYS D 598 -21.26 8.83 -33.05
N ASN D 599 -20.66 8.28 -34.11
CA ASN D 599 -21.28 7.25 -34.92
C ASN D 599 -20.75 5.86 -34.58
N SER D 600 -20.45 5.59 -33.32
CA SER D 600 -19.98 4.25 -32.94
C SER D 600 -21.19 3.37 -32.71
N THR D 601 -21.47 2.52 -33.68
CA THR D 601 -22.62 1.65 -33.57
C THR D 601 -22.33 0.43 -32.71
N SER D 602 -21.08 0.26 -32.31
CA SER D 602 -20.60 -1.01 -31.84
C SER D 602 -20.17 -0.97 -30.38
N ASN D 603 -20.02 -2.18 -29.83
CA ASN D 603 -19.49 -2.42 -28.49
C ASN D 603 -18.00 -2.77 -28.57
N LEU D 604 -17.23 -1.79 -29.03
CA LEU D 604 -15.78 -1.89 -29.05
C LEU D 604 -15.16 -2.06 -27.66
N GLU D 605 -15.93 -1.94 -26.58
CA GLU D 605 -15.32 -2.17 -25.27
C GLU D 605 -14.87 -3.61 -25.09
N GLU D 606 -15.77 -4.56 -25.36
CA GLU D 606 -15.43 -5.94 -25.05
C GLU D 606 -14.47 -6.52 -26.06
N LEU D 607 -13.90 -5.67 -26.89
CA LEU D 607 -12.92 -6.13 -27.86
C LEU D 607 -11.69 -6.60 -27.12
N ILE D 608 -11.57 -6.20 -25.86
CA ILE D 608 -10.36 -6.51 -25.12
C ILE D 608 -10.29 -8.00 -24.80
N SER D 609 -11.44 -8.68 -24.67
CA SER D 609 -11.35 -10.09 -24.35
C SER D 609 -10.78 -10.93 -25.49
N LEU D 610 -10.37 -10.27 -26.59
CA LEU D 610 -9.54 -10.90 -27.62
C LEU D 610 -8.12 -11.16 -27.15
N VAL D 611 -7.66 -10.46 -26.13
CA VAL D 611 -6.41 -10.85 -25.51
C VAL D 611 -6.65 -12.14 -24.73
N PRO D 612 -5.69 -13.06 -24.68
CA PRO D 612 -5.81 -14.23 -23.81
C PRO D 612 -6.15 -13.83 -22.38
N PHE D 613 -6.85 -14.71 -21.70
CA PHE D 613 -7.32 -14.47 -20.35
C PHE D 613 -6.43 -15.18 -19.34
N ASP D 614 -5.53 -14.41 -18.72
CA ASP D 614 -4.93 -14.76 -17.44
C ASP D 614 -5.82 -14.17 -16.34
N ASP D 615 -5.91 -14.87 -15.19
CA ASP D 615 -6.79 -14.40 -14.13
C ASP D 615 -6.29 -13.10 -13.52
N ALA D 616 -4.98 -12.92 -13.44
CA ALA D 616 -4.44 -11.68 -12.90
C ALA D 616 -4.29 -10.55 -13.92
N TYR D 617 -4.13 -10.86 -15.21
CA TYR D 617 -3.79 -9.80 -16.15
C TYR D 617 -5.02 -9.06 -16.64
N SER D 618 -6.01 -9.82 -17.08
CA SER D 618 -7.18 -9.19 -17.68
C SER D 618 -8.02 -8.58 -16.56
N GLY D 619 -9.09 -7.89 -16.96
CA GLY D 619 -10.01 -7.30 -16.02
C GLY D 619 -9.51 -6.05 -15.34
N SER D 620 -8.27 -6.04 -14.83
CA SER D 620 -7.63 -4.76 -14.67
C SER D 620 -7.17 -4.28 -16.04
N LEU D 621 -6.82 -5.22 -16.91
CA LEU D 621 -6.56 -4.83 -18.28
C LEU D 621 -7.82 -4.28 -18.91
N ARG D 622 -8.95 -4.93 -18.65
CA ARG D 622 -10.21 -4.39 -19.14
C ARG D 622 -10.40 -2.96 -18.67
N GLU D 623 -10.06 -2.68 -17.40
CA GLU D 623 -10.27 -1.33 -16.86
C GLU D 623 -9.37 -0.32 -17.55
N ALA D 624 -8.14 -0.72 -17.89
CA ALA D 624 -7.24 0.19 -18.59
C ALA D 624 -7.81 0.54 -19.96
N TRP D 625 -8.31 -0.48 -20.66
CA TRP D 625 -8.89 -0.31 -21.98
C TRP D 625 -10.14 0.55 -21.92
N LYS D 626 -10.99 0.25 -20.94
CA LYS D 626 -12.21 1.02 -20.76
C LYS D 626 -11.87 2.50 -20.65
N GLN D 627 -10.79 2.82 -19.96
CA GLN D 627 -10.39 4.21 -19.81
C GLN D 627 -9.94 4.81 -21.14
N TRP D 628 -9.27 4.01 -21.98
CA TRP D 628 -8.78 4.50 -23.26
C TRP D 628 -9.92 4.91 -24.18
N LEU D 629 -10.97 4.10 -24.23
CA LEU D 629 -12.15 4.47 -24.99
C LEU D 629 -12.73 5.74 -24.41
N MET D 630 -12.75 5.84 -23.09
CA MET D 630 -13.28 7.02 -22.44
C MET D 630 -12.52 8.25 -22.90
N ALA D 631 -11.22 8.11 -23.17
CA ALA D 631 -10.45 9.22 -23.74
C ALA D 631 -11.01 9.62 -25.10
N TRP D 632 -11.49 8.65 -25.85
CA TRP D 632 -11.99 8.94 -27.18
C TRP D 632 -13.22 9.83 -27.13
N THR D 633 -14.24 9.42 -26.38
CA THR D 633 -15.51 10.15 -26.40
C THR D 633 -15.39 11.53 -25.75
N ALA D 634 -14.44 11.69 -24.82
CA ALA D 634 -14.31 12.96 -24.12
C ALA D 634 -13.48 13.98 -24.90
N LYS D 635 -12.36 13.55 -25.48
CA LYS D 635 -11.58 14.42 -26.36
C LYS D 635 -12.21 14.57 -27.76
N GLU D 636 -13.38 13.98 -28.00
CA GLU D 636 -13.91 13.95 -29.37
C GLU D 636 -14.45 15.30 -29.82
N SER D 637 -15.19 16.00 -28.97
CA SER D 637 -15.76 17.27 -29.41
C SER D 637 -14.68 18.34 -29.48
N SER D 638 -13.44 17.89 -29.62
CA SER D 638 -12.29 18.77 -29.67
C SER D 638 -11.38 18.36 -30.82
N GLN D 639 -10.22 19.00 -30.91
CA GLN D 639 -9.24 18.71 -31.93
C GLN D 639 -8.09 17.87 -31.42
N GLU D 640 -7.90 17.84 -30.10
CA GLU D 640 -6.75 17.20 -29.48
C GLU D 640 -6.58 15.75 -29.95
N SER D 641 -5.32 15.33 -29.98
CA SER D 641 -5.00 14.00 -30.43
C SER D 641 -5.20 13.01 -29.31
N ILE D 642 -5.30 11.73 -29.69
CA ILE D 642 -5.42 10.65 -28.72
C ILE D 642 -4.14 9.84 -28.59
N GLU D 643 -3.15 10.04 -29.48
CA GLU D 643 -1.89 9.30 -29.37
C GLU D 643 -1.35 9.38 -27.94
N GLY D 644 -1.57 10.50 -27.27
CA GLY D 644 -1.17 10.60 -25.87
C GLY D 644 -1.83 9.53 -25.01
N ASP D 645 -3.15 9.38 -25.14
CA ASP D 645 -3.82 8.42 -24.28
C ASP D 645 -3.53 6.99 -24.71
N THR D 646 -3.26 6.77 -26.00
CA THR D 646 -2.85 5.45 -26.45
C THR D 646 -1.48 5.08 -25.88
N ALA D 647 -0.56 6.03 -25.81
CA ALA D 647 0.73 5.70 -25.20
C ALA D 647 0.57 5.39 -23.70
N ILE D 648 -0.23 6.20 -22.98
CA ILE D 648 -0.52 5.91 -21.59
C ILE D 648 -1.14 4.53 -21.47
N LEU D 649 -2.05 4.20 -22.38
CA LEU D 649 -2.71 2.89 -22.34
C LEU D 649 -1.72 1.75 -22.45
N LEU D 650 -0.72 1.89 -23.30
CA LEU D 650 0.29 0.84 -23.40
C LEU D 650 1.03 0.65 -22.08
N VAL D 651 1.63 1.72 -21.55
CA VAL D 651 2.42 1.61 -20.32
C VAL D 651 1.55 1.07 -19.18
N ARG D 652 0.28 1.49 -19.13
CA ARG D 652 -0.63 0.87 -18.18
C ARG D 652 -0.71 -0.62 -18.43
N ALA D 653 -0.85 -1.01 -19.68
CA ALA D 653 -0.91 -2.42 -20.04
C ALA D 653 0.41 -3.13 -19.74
N ILE D 654 1.53 -2.57 -20.18
CA ILE D 654 2.78 -3.28 -19.95
C ILE D 654 2.98 -3.50 -18.48
N GLU D 655 2.54 -2.54 -17.67
CA GLU D 655 2.68 -2.63 -16.23
C GLU D 655 1.74 -3.69 -15.63
N ILE D 656 0.58 -3.90 -16.25
CA ILE D 656 -0.31 -4.97 -15.81
C ILE D 656 0.33 -6.31 -16.06
N PHE D 657 0.94 -6.50 -17.22
CA PHE D 657 1.81 -7.64 -17.41
C PHE D 657 2.99 -7.44 -16.49
N GLY D 658 3.79 -8.48 -16.28
CA GLY D 658 4.91 -8.31 -15.35
C GLY D 658 4.55 -7.83 -13.94
N GLY D 659 3.29 -7.48 -13.74
CA GLY D 659 2.67 -7.43 -12.43
C GLY D 659 3.34 -6.52 -11.43
N ARG D 660 3.70 -5.32 -11.82
CA ARG D 660 4.27 -4.38 -10.88
C ARG D 660 3.19 -3.39 -10.47
N HIS D 661 3.06 -3.17 -9.16
CA HIS D 661 2.12 -2.20 -8.61
C HIS D 661 2.89 -1.05 -8.00
N VAL D 662 2.20 0.07 -7.86
CA VAL D 662 2.76 1.28 -7.26
C VAL D 662 2.18 1.45 -5.86
N LEU D 663 2.99 1.15 -4.85
CA LEU D 663 2.61 1.34 -3.45
C LEU D 663 2.26 2.82 -3.29
N THR D 664 0.97 3.14 -3.28
CA THR D 664 0.54 4.54 -3.26
C THR D 664 0.37 5.08 -1.84
N GLY D 665 0.59 4.23 -0.82
CA GLY D 665 0.73 4.76 0.53
C GLY D 665 1.73 5.89 0.57
N GLN D 666 2.91 5.69 -0.04
CA GLN D 666 3.93 6.72 -0.09
C GLN D 666 3.60 7.78 -1.14
N ARG D 667 3.62 9.04 -0.74
CA ARG D 667 3.12 10.08 -1.64
C ARG D 667 3.97 10.34 -2.87
N PRO D 668 5.28 10.55 -2.77
CA PRO D 668 6.02 11.03 -3.96
C PRO D 668 6.08 10.01 -5.06
N ASP D 669 5.86 8.74 -4.72
CA ASP D 669 5.66 7.70 -5.73
C ASP D 669 4.45 8.01 -6.59
N LEU D 670 3.33 8.36 -5.94
CA LEU D 670 2.14 8.75 -6.68
C LEU D 670 2.45 9.92 -7.59
N TRP D 671 3.10 10.93 -7.04
CA TRP D 671 3.39 12.09 -7.86
C TRP D 671 4.27 11.73 -9.04
N GLU D 672 5.42 11.10 -8.77
CA GLU D 672 6.33 10.75 -9.85
C GLU D 672 5.66 9.90 -10.91
N TYR D 673 4.80 8.97 -10.50
CA TYR D 673 4.06 8.24 -11.51
C TYR D 673 3.13 9.18 -12.26
N SER D 674 2.28 9.91 -11.53
CA SER D 674 1.29 10.75 -12.17
C SER D 674 1.90 11.69 -13.19
N GLN D 675 3.11 12.18 -12.90
CA GLN D 675 3.83 13.08 -13.82
C GLN D 675 4.42 12.32 -14.99
N LEU D 676 4.86 11.08 -14.78
CA LEU D 676 5.28 10.30 -15.93
C LEU D 676 4.13 10.14 -16.89
N GLU D 677 2.93 9.85 -16.40
CA GLU D 677 1.80 9.77 -17.31
C GLU D 677 1.61 11.09 -18.04
N GLN D 678 1.69 12.22 -17.34
CA GLN D 678 1.56 13.51 -18.02
C GLN D 678 2.58 13.66 -19.13
N LEU D 679 3.86 13.43 -18.83
CA LEU D 679 4.93 13.70 -19.79
C LEU D 679 4.81 12.82 -21.02
N THR D 680 4.47 11.54 -20.85
CA THR D 680 4.31 10.69 -22.02
C THR D 680 3.09 11.12 -22.82
N SER D 681 1.96 11.35 -22.14
CA SER D 681 0.80 11.83 -22.86
C SER D 681 1.14 13.13 -23.55
N SER D 682 1.86 14.02 -22.86
CA SER D 682 2.22 15.30 -23.46
C SER D 682 3.20 15.12 -24.62
N ILE D 683 4.28 14.35 -24.43
CA ILE D 683 5.25 14.21 -25.51
C ILE D 683 4.62 13.60 -26.72
N CYS D 684 3.73 12.63 -26.51
CA CYS D 684 3.19 11.91 -27.65
C CYS D 684 2.17 12.72 -28.42
N CYS D 685 1.46 13.63 -27.74
CA CYS D 685 0.58 14.54 -28.45
C CYS D 685 1.37 15.47 -29.38
N LYS D 686 2.46 16.06 -28.86
CA LYS D 686 3.33 16.88 -29.72
C LYS D 686 3.84 16.08 -30.92
N LEU D 687 4.22 14.82 -30.73
CA LEU D 687 4.66 14.02 -31.88
C LEU D 687 3.54 13.93 -32.91
N SER D 688 2.30 13.73 -32.45
CA SER D 688 1.17 13.62 -33.36
C SER D 688 0.80 14.93 -34.01
N ARG D 689 1.40 16.02 -33.57
CA ARG D 689 1.22 17.31 -34.21
C ARG D 689 2.35 17.64 -35.15
N ARG D 690 3.55 17.15 -34.86
CA ARG D 690 4.68 17.33 -35.76
C ARG D 690 4.51 16.53 -37.04
N VAL D 691 4.10 15.28 -36.92
CA VAL D 691 3.89 14.46 -38.10
C VAL D 691 2.69 14.93 -38.89
N LEU D 692 1.91 15.87 -38.36
CA LEU D 692 0.88 16.51 -39.16
C LEU D 692 1.40 17.73 -39.89
N ALA D 693 2.37 18.44 -39.31
CA ALA D 693 2.99 19.52 -40.05
C ALA D 693 3.99 19.01 -41.10
N GLN D 694 4.42 17.75 -41.01
CA GLN D 694 5.26 17.18 -42.07
C GLN D 694 4.41 16.62 -43.21
N GLU D 695 3.16 16.23 -42.94
CA GLU D 695 2.21 15.96 -44.02
C GLU D 695 1.82 17.24 -44.73
N ASN D 696 1.57 18.30 -43.96
CA ASN D 696 1.08 19.57 -44.45
C ASN D 696 2.18 20.47 -45.00
N GLY D 697 3.42 19.97 -45.09
CA GLY D 697 4.50 20.69 -45.71
C GLY D 697 4.67 22.10 -45.18
N GLU D 698 4.88 22.24 -43.88
CA GLU D 698 4.86 23.52 -43.24
C GLU D 698 6.30 23.92 -42.92
N SER D 699 6.58 25.21 -43.11
CA SER D 699 7.88 25.85 -42.86
C SER D 699 8.84 25.02 -42.03
N THR D 700 10.01 24.73 -42.61
CA THR D 700 11.04 23.96 -41.93
C THR D 700 11.27 24.50 -40.53
N GLU D 701 11.19 25.82 -40.37
CA GLU D 701 11.38 26.46 -39.08
C GLU D 701 10.21 26.17 -38.11
N LYS D 702 8.99 25.96 -38.64
CA LYS D 702 7.86 25.64 -37.79
C LYS D 702 7.96 24.24 -37.21
N VAL D 703 8.43 23.28 -38.01
CA VAL D 703 8.64 21.94 -37.52
C VAL D 703 9.79 21.93 -36.51
N GLU D 704 10.81 22.75 -36.75
CA GLU D 704 11.93 22.87 -35.81
C GLU D 704 11.52 23.51 -34.49
N GLU D 705 10.41 24.22 -34.47
CA GLU D 705 9.86 24.73 -33.23
C GLU D 705 9.28 23.60 -32.39
N ILE D 706 8.57 22.68 -33.05
CA ILE D 706 7.96 21.55 -32.37
C ILE D 706 9.00 20.55 -31.92
N ASP D 707 10.04 20.33 -32.73
CA ASP D 707 11.07 19.36 -32.38
C ASP D 707 11.80 19.72 -31.09
N GLN D 708 12.16 21.00 -30.90
CA GLN D 708 12.77 21.42 -29.64
C GLN D 708 11.80 21.27 -28.47
N GLN D 709 10.53 21.57 -28.68
CA GLN D 709 9.54 21.57 -27.60
C GLN D 709 9.28 20.16 -27.11
N VAL D 710 9.41 19.18 -28.00
CA VAL D 710 9.41 17.75 -27.67
C VAL D 710 10.69 17.34 -27.02
N ASP D 711 11.81 17.70 -27.63
CA ASP D 711 13.10 17.34 -27.05
C ASP D 711 13.21 17.79 -25.60
N LEU D 712 12.64 18.96 -25.26
CA LEU D 712 12.73 19.44 -23.88
C LEU D 712 12.02 18.49 -22.93
N GLU D 713 10.74 18.21 -23.20
CA GLU D 713 10.02 17.30 -22.32
C GLU D 713 10.77 15.98 -22.23
N MET D 714 11.33 15.54 -23.34
CA MET D 714 12.05 14.27 -23.35
C MET D 714 13.18 14.24 -22.33
N GLN D 715 13.90 15.34 -22.19
CA GLN D 715 14.96 15.43 -21.18
C GLN D 715 14.38 15.28 -19.78
N GLU D 716 13.30 16.00 -19.49
CA GLU D 716 12.71 15.90 -18.17
C GLU D 716 12.26 14.48 -17.88
N LEU D 717 11.72 13.79 -18.89
CA LEU D 717 11.34 12.40 -18.70
C LEU D 717 12.58 11.52 -18.53
N THR D 718 13.58 11.70 -19.40
CA THR D 718 14.79 10.92 -19.29
C THR D 718 15.46 11.12 -17.95
N ARG D 719 15.42 12.36 -17.43
CA ARG D 719 15.90 12.59 -16.06
C ARG D 719 15.17 11.68 -15.08
N ARG D 720 13.85 11.77 -15.06
CA ARG D 720 13.09 11.00 -14.09
C ARG D 720 13.22 9.52 -14.33
N VAL D 721 13.49 9.09 -15.55
CA VAL D 721 13.56 7.66 -15.72
C VAL D 721 14.90 7.14 -15.22
N LEU D 722 15.99 7.90 -15.43
CA LEU D 722 17.29 7.43 -15.00
C LEU D 722 17.74 7.88 -13.62
N GLN D 723 17.14 8.94 -13.05
CA GLN D 723 17.50 9.34 -11.70
C GLN D 723 17.14 8.22 -10.70
N GLY D 724 18.17 7.59 -10.11
CA GLY D 724 18.05 6.52 -9.12
C GLY D 724 17.65 6.97 -7.72
N CYS D 725 17.11 8.19 -7.59
CA CYS D 725 16.66 8.78 -6.30
C CYS D 725 15.20 8.47 -5.96
N SER D 726 14.25 9.11 -6.65
CA SER D 726 12.84 8.91 -6.33
C SER D 726 12.43 7.46 -6.56
N ALA D 727 11.61 6.95 -5.63
CA ALA D 727 11.36 5.52 -5.52
C ALA D 727 10.10 5.04 -6.23
N ILE D 728 10.26 4.53 -7.44
CA ILE D 728 9.29 3.64 -8.08
C ILE D 728 10.14 2.62 -8.80
N ASN D 729 9.69 1.37 -8.77
CA ASN D 729 10.43 0.28 -9.40
C ASN D 729 11.05 0.80 -10.70
N ARG D 730 12.35 0.55 -10.85
CA ARG D 730 13.06 1.00 -12.06
C ARG D 730 12.33 0.52 -13.30
N LEU D 731 11.77 -0.68 -13.25
CA LEU D 731 11.06 -1.22 -14.39
C LEU D 731 9.83 -0.39 -14.70
N THR D 732 9.13 0.09 -13.68
CA THR D 732 8.03 0.99 -13.96
C THR D 732 8.50 2.23 -14.69
N ARG D 733 9.60 2.84 -14.23
CA ARG D 733 10.12 4.00 -14.95
C ARG D 733 10.54 3.64 -16.36
N GLU D 734 11.26 2.53 -16.53
CA GLU D 734 11.74 2.11 -17.84
C GLU D 734 10.59 1.80 -18.79
N THR D 735 9.52 1.22 -18.28
CA THR D 735 8.37 0.97 -19.13
C THR D 735 7.89 2.27 -19.78
N PHE D 736 7.97 3.37 -19.06
CA PHE D 736 7.66 4.67 -19.64
C PHE D 736 8.61 5.02 -20.77
N LEU D 737 9.91 4.93 -20.52
CA LEU D 737 10.88 5.32 -21.52
C LEU D 737 10.70 4.49 -22.78
N HIS D 738 10.45 3.18 -22.60
CA HIS D 738 10.20 2.21 -23.69
C HIS D 738 9.05 2.64 -24.60
N VAL D 739 7.86 2.86 -24.03
CA VAL D 739 6.73 3.25 -24.85
C VAL D 739 7.08 4.52 -25.61
N VAL D 740 7.64 5.50 -24.90
CA VAL D 740 7.90 6.78 -25.54
C VAL D 740 8.98 6.63 -26.60
N LYS D 741 10.10 5.99 -26.25
CA LYS D 741 11.15 5.84 -27.26
C LYS D 741 10.61 5.16 -28.52
N SER D 742 9.72 4.19 -28.37
CA SER D 742 9.12 3.60 -29.56
C SER D 742 8.32 4.65 -30.35
N PHE D 743 7.55 5.49 -29.68
CA PHE D 743 6.81 6.53 -30.40
C PHE D 743 7.74 7.50 -31.10
N CYS D 744 8.87 7.83 -30.48
CA CYS D 744 9.80 8.77 -31.09
C CYS D 744 10.43 8.19 -32.34
N TYR D 745 10.94 6.97 -32.21
CA TYR D 745 11.52 6.25 -33.35
C TYR D 745 10.59 6.29 -34.56
N VAL D 746 9.31 5.98 -34.34
CA VAL D 746 8.33 5.94 -35.42
C VAL D 746 8.19 7.31 -36.09
N ALA D 747 8.03 8.36 -35.29
CA ALA D 747 7.77 9.68 -35.86
C ALA D 747 8.98 10.25 -36.59
N TYR D 748 10.19 9.82 -36.23
CA TYR D 748 11.42 10.36 -36.79
C TYR D 748 12.10 9.36 -37.73
N CYS D 749 11.37 8.40 -38.27
CA CYS D 749 11.98 7.40 -39.11
C CYS D 749 11.06 7.13 -40.26
N SER D 750 11.66 7.11 -41.45
CA SER D 750 10.99 6.76 -42.70
C SER D 750 10.52 5.32 -42.68
N PRO D 751 9.34 5.04 -43.21
CA PRO D 751 8.91 3.64 -43.32
C PRO D 751 9.90 2.76 -44.09
N GLU D 752 10.61 3.31 -45.10
CA GLU D 752 11.68 2.58 -45.75
C GLU D 752 12.76 2.18 -44.75
N THR D 753 13.27 3.17 -44.00
CA THR D 753 14.29 2.88 -43.01
C THR D 753 13.75 1.97 -41.92
N ILE D 754 12.44 2.02 -41.68
CA ILE D 754 11.93 1.39 -40.48
C ILE D 754 11.97 -0.12 -40.58
N ASP D 755 11.60 -0.70 -41.73
CA ASP D 755 11.65 -2.16 -41.76
C ASP D 755 12.97 -2.70 -42.28
N SER D 756 13.84 -1.88 -42.87
CA SER D 756 15.20 -2.36 -43.04
C SER D 756 15.75 -2.74 -41.68
N HIS D 757 15.36 -1.97 -40.67
CA HIS D 757 15.68 -2.29 -39.29
C HIS D 757 15.02 -3.60 -38.86
N ILE D 758 13.71 -3.77 -39.11
CA ILE D 758 13.04 -5.01 -38.72
C ILE D 758 13.79 -6.21 -39.29
N ASP D 759 14.16 -6.14 -40.58
CA ASP D 759 14.86 -7.25 -41.20
C ASP D 759 16.25 -7.42 -40.64
N LYS D 760 16.97 -6.32 -40.39
CA LYS D 760 18.34 -6.50 -39.96
C LYS D 760 18.38 -7.11 -38.56
N VAL D 761 17.37 -6.85 -37.77
CA VAL D 761 17.42 -7.32 -36.39
C VAL D 761 16.73 -8.67 -36.22
N ILE D 762 15.61 -8.94 -36.88
CA ILE D 762 14.85 -10.16 -36.61
C ILE D 762 15.20 -11.27 -37.59
N PHE D 763 15.40 -10.94 -38.87
CA PHE D 763 15.46 -11.90 -39.96
C PHE D 763 16.84 -12.08 -40.55
N GLN D 764 17.65 -11.04 -40.45
CA GLN D 764 19.03 -11.08 -40.88
C GLN D 764 19.78 -11.90 -39.85
N ASP D 765 19.77 -13.21 -40.05
CA ASP D 765 20.32 -14.14 -39.09
C ASP D 765 21.77 -13.78 -38.78
N VAL D 766 22.09 -13.66 -37.51
CA VAL D 766 23.48 -13.69 -37.12
C VAL D 766 23.85 -15.15 -36.97
N ILE D 767 25.12 -15.50 -37.21
CA ILE D 767 25.55 -16.90 -37.22
C ILE D 767 24.56 -17.86 -37.92
N THR E 80 3.29 -46.32 -49.54
CA THR E 80 2.01 -46.05 -48.86
C THR E 80 2.04 -44.72 -48.13
N THR E 81 2.94 -44.56 -47.15
CA THR E 81 3.18 -43.21 -46.64
C THR E 81 3.93 -42.39 -47.69
N THR E 82 4.69 -43.05 -48.55
CA THR E 82 5.29 -42.39 -49.70
C THR E 82 4.21 -41.74 -50.57
N MET E 83 3.08 -42.43 -50.75
CA MET E 83 1.94 -41.90 -51.50
C MET E 83 1.39 -40.61 -50.88
N ILE E 84 1.38 -40.54 -49.54
CA ILE E 84 0.88 -39.36 -48.84
C ILE E 84 1.62 -38.11 -49.28
N ASP E 85 2.94 -38.21 -49.41
CA ASP E 85 3.78 -37.05 -49.71
C ASP E 85 3.35 -36.37 -50.98
N GLY E 86 2.85 -37.15 -51.93
CA GLY E 86 2.27 -36.60 -53.14
C GLY E 86 1.08 -35.73 -52.83
N ILE E 87 0.17 -36.22 -51.99
CA ILE E 87 -0.92 -35.38 -51.55
C ILE E 87 -0.36 -34.18 -50.78
N ARG E 88 0.72 -34.41 -50.01
CA ARG E 88 1.26 -33.41 -49.08
C ARG E 88 1.89 -32.21 -49.79
N THR E 89 2.87 -32.46 -50.67
CA THR E 89 3.45 -31.32 -51.41
C THR E 89 2.45 -30.74 -52.39
N ALA E 90 1.47 -31.52 -52.83
CA ALA E 90 0.40 -30.97 -53.65
C ALA E 90 -0.32 -29.88 -52.89
N LEU E 91 -0.61 -30.12 -51.60
CA LEU E 91 -1.26 -29.12 -50.76
C LEU E 91 -0.33 -27.99 -50.38
N ARG E 92 0.95 -28.29 -50.19
CA ARG E 92 1.86 -27.27 -49.70
C ARG E 92 1.96 -26.11 -50.69
N SER E 93 1.99 -26.42 -52.00
CA SER E 93 2.07 -25.41 -53.06
C SER E 93 0.71 -24.99 -53.57
N ILE E 94 -0.34 -25.07 -52.74
CA ILE E 94 -1.67 -24.68 -53.15
C ILE E 94 -1.70 -23.19 -53.52
N GLY E 95 -2.63 -22.82 -54.39
CA GLY E 95 -2.67 -21.45 -54.86
C GLY E 95 -3.96 -21.04 -55.54
N GLU E 96 -3.84 -20.48 -56.76
CA GLU E 96 -4.99 -19.98 -57.48
C GLU E 96 -5.87 -21.10 -58.03
N GLY E 97 -5.30 -22.28 -58.24
CA GLY E 97 -6.10 -23.40 -58.67
C GLY E 97 -5.44 -24.25 -59.73
N GLU E 98 -5.55 -25.58 -59.57
CA GLU E 98 -5.16 -26.54 -60.60
C GLU E 98 -6.47 -27.03 -61.21
N ILE E 99 -6.79 -26.52 -62.41
CA ILE E 99 -8.03 -26.77 -63.14
C ILE E 99 -7.67 -27.18 -64.57
N SER E 100 -8.62 -27.82 -65.26
CA SER E 100 -8.43 -28.32 -66.62
C SER E 100 -8.58 -27.21 -67.66
N ILE E 101 -7.84 -27.35 -68.77
CA ILE E 101 -7.86 -26.34 -69.82
C ILE E 101 -9.13 -26.49 -70.63
N SER E 102 -9.76 -25.35 -70.92
CA SER E 102 -10.97 -25.27 -71.72
C SER E 102 -10.57 -24.94 -73.15
N ALA E 103 -10.98 -25.79 -74.09
CA ALA E 103 -10.65 -25.50 -75.47
C ALA E 103 -11.38 -24.25 -75.91
N TYR E 104 -12.65 -24.12 -75.50
CA TYR E 104 -13.45 -22.97 -75.92
C TYR E 104 -12.78 -21.68 -75.50
N ASP E 105 -12.56 -21.49 -74.20
CA ASP E 105 -11.95 -20.24 -73.76
C ASP E 105 -10.57 -20.04 -74.37
N THR E 106 -9.86 -21.12 -74.69
CA THR E 106 -8.48 -20.94 -75.16
C THR E 106 -8.44 -20.31 -76.53
N SER E 107 -9.31 -20.77 -77.44
CA SER E 107 -9.29 -20.24 -78.79
C SER E 107 -9.85 -18.82 -78.83
N LEU E 108 -10.88 -18.51 -78.04
CA LEU E 108 -11.36 -17.13 -78.01
C LEU E 108 -10.32 -16.14 -77.54
N VAL E 109 -9.26 -16.59 -76.89
CA VAL E 109 -8.17 -15.67 -76.59
C VAL E 109 -7.18 -15.59 -77.74
N ALA E 110 -7.06 -16.66 -78.52
CA ALA E 110 -6.25 -16.61 -79.73
C ALA E 110 -6.73 -15.52 -80.66
N LEU E 111 -8.01 -15.23 -80.63
CA LEU E 111 -8.78 -14.30 -81.42
C LEU E 111 -8.44 -12.86 -81.17
N LEU E 112 -7.37 -12.44 -80.52
CA LEU E 112 -7.21 -11.04 -80.16
C LEU E 112 -6.10 -10.40 -80.98
N LYS E 113 -6.40 -9.25 -81.57
CA LYS E 113 -5.44 -8.58 -82.43
C LYS E 113 -4.23 -8.20 -81.59
N ARG E 114 -3.04 -8.63 -82.04
CA ARG E 114 -1.78 -8.16 -81.44
C ARG E 114 -1.81 -6.66 -81.21
N LEU E 115 -1.34 -6.23 -80.04
CA LEU E 115 -1.34 -4.79 -79.78
C LEU E 115 -0.26 -4.07 -80.57
N ASP E 116 0.85 -4.75 -80.87
CA ASP E 116 1.96 -4.16 -81.63
C ASP E 116 1.68 -4.32 -83.12
N GLY E 117 1.40 -3.20 -83.79
CA GLY E 117 1.16 -3.23 -85.21
C GLY E 117 -0.01 -4.11 -85.63
N GLY E 118 0.13 -5.43 -85.48
CA GLY E 118 -0.97 -6.34 -85.74
C GLY E 118 -0.64 -7.48 -86.68
N ASP E 119 0.50 -8.12 -86.48
CA ASP E 119 0.98 -9.14 -87.40
C ASP E 119 0.91 -10.52 -86.74
N GLY E 120 -0.32 -10.96 -86.43
CA GLY E 120 -0.54 -12.28 -85.86
C GLY E 120 -1.41 -12.34 -84.62
N PRO E 121 -1.23 -13.38 -83.80
CA PRO E 121 -2.06 -13.55 -82.60
C PRO E 121 -1.43 -12.90 -81.37
N GLN E 122 -2.25 -12.18 -80.61
CA GLN E 122 -1.74 -11.50 -79.42
C GLN E 122 -1.17 -12.50 -78.43
N PHE E 123 -1.83 -13.66 -78.28
CA PHE E 123 -1.35 -14.73 -77.41
C PHE E 123 -1.09 -15.96 -78.28
N PRO E 124 0.08 -16.02 -78.92
CA PRO E 124 0.44 -17.20 -79.73
C PRO E 124 0.50 -18.50 -78.95
N SER E 125 0.38 -18.47 -77.63
CA SER E 125 0.47 -19.72 -76.93
C SER E 125 -0.88 -20.42 -76.87
N THR E 126 -1.97 -19.66 -77.01
CA THR E 126 -3.27 -20.29 -77.18
C THR E 126 -3.25 -21.19 -78.40
N ILE E 127 -2.66 -20.70 -79.50
CA ILE E 127 -2.60 -21.49 -80.72
C ILE E 127 -1.64 -22.66 -80.56
N ASP E 128 -0.47 -22.42 -79.93
CA ASP E 128 0.48 -23.50 -79.67
C ASP E 128 -0.17 -24.66 -78.92
N TRP E 129 -1.07 -24.34 -77.98
CA TRP E 129 -1.75 -25.41 -77.28
C TRP E 129 -2.68 -26.17 -78.22
N ILE E 130 -3.48 -25.44 -79.00
CA ILE E 130 -4.48 -26.08 -79.84
C ILE E 130 -3.82 -27.18 -80.67
N VAL E 131 -2.74 -26.81 -81.36
CA VAL E 131 -2.01 -27.69 -82.28
C VAL E 131 -1.45 -28.93 -81.60
N GLN E 132 -1.68 -29.10 -80.31
CA GLN E 132 -1.17 -30.30 -79.67
C GLN E 132 -2.24 -31.16 -79.02
N ASN E 133 -3.27 -30.54 -78.45
CA ASN E 133 -4.31 -31.28 -77.73
C ASN E 133 -5.58 -31.36 -78.57
N GLN E 134 -5.43 -31.96 -79.73
CA GLN E 134 -6.54 -32.41 -80.54
C GLN E 134 -6.71 -33.91 -80.30
N LEU E 135 -7.92 -34.34 -79.99
CA LEU E 135 -8.16 -35.74 -79.72
C LEU E 135 -8.28 -36.52 -81.05
N PRO E 136 -8.04 -37.84 -81.03
CA PRO E 136 -7.97 -38.61 -82.29
C PRO E 136 -9.24 -38.53 -83.12
N ASP E 137 -10.39 -38.42 -82.48
CA ASP E 137 -11.67 -38.24 -83.16
C ASP E 137 -11.76 -36.88 -83.92
N GLY E 138 -10.67 -36.12 -83.98
CA GLY E 138 -10.74 -34.86 -84.68
C GLY E 138 -11.55 -33.80 -83.96
N SER E 139 -11.74 -33.94 -82.65
CA SER E 139 -12.58 -32.98 -81.95
C SER E 139 -11.82 -32.38 -80.77
N TRP E 140 -12.53 -31.65 -79.94
CA TRP E 140 -11.94 -31.00 -78.79
C TRP E 140 -12.84 -31.25 -77.57
N GLY E 141 -12.47 -30.69 -76.43
CA GLY E 141 -13.09 -31.06 -75.17
C GLY E 141 -12.38 -32.23 -74.54
N ASP E 142 -12.81 -32.61 -73.34
CA ASP E 142 -12.10 -33.66 -72.61
C ASP E 142 -12.48 -35.03 -73.16
N ALA E 143 -11.49 -35.90 -73.21
CA ALA E 143 -11.64 -37.17 -73.92
C ALA E 143 -12.47 -38.16 -73.13
N SER E 144 -12.14 -38.36 -71.84
CA SER E 144 -12.73 -39.44 -71.08
C SER E 144 -14.23 -39.26 -70.82
N PHE E 145 -14.80 -38.07 -71.01
CA PHE E 145 -16.26 -37.92 -70.95
C PHE E 145 -16.79 -37.22 -72.20
N PHE E 146 -17.58 -37.95 -72.99
CA PHE E 146 -18.27 -37.38 -74.14
C PHE E 146 -19.58 -36.72 -73.74
N MET E 147 -19.67 -35.41 -73.91
CA MET E 147 -20.94 -34.71 -73.76
C MET E 147 -21.12 -33.87 -75.00
N MET E 148 -22.33 -33.90 -75.56
CA MET E 148 -22.58 -33.20 -76.82
C MET E 148 -22.35 -31.70 -76.68
N GLY E 149 -23.05 -31.07 -75.72
CA GLY E 149 -22.85 -29.67 -75.42
C GLY E 149 -21.38 -29.29 -75.41
N ASP E 150 -20.53 -30.26 -75.02
CA ASP E 150 -19.10 -30.01 -74.88
C ASP E 150 -18.40 -30.10 -76.22
N ARG E 151 -18.79 -31.05 -77.06
CA ARG E 151 -18.08 -31.20 -78.32
C ARG E 151 -18.38 -30.06 -79.29
N ILE E 152 -19.61 -29.55 -79.30
CA ILE E 152 -19.94 -28.46 -80.21
C ILE E 152 -19.17 -27.20 -79.84
N MET E 153 -19.29 -26.75 -78.58
CA MET E 153 -18.60 -25.53 -78.18
C MET E 153 -17.09 -25.71 -78.21
N SER E 154 -16.59 -26.88 -77.77
CA SER E 154 -15.15 -27.11 -77.78
C SER E 154 -14.58 -27.25 -79.19
N THR E 155 -15.26 -28.00 -80.06
CA THR E 155 -14.71 -28.20 -81.40
C THR E 155 -14.87 -26.94 -82.26
N LEU E 156 -16.06 -26.32 -82.25
CA LEU E 156 -16.32 -25.16 -83.10
C LEU E 156 -15.48 -23.96 -82.71
N ALA E 157 -15.30 -23.72 -81.41
CA ALA E 157 -14.44 -22.62 -80.98
C ALA E 157 -13.00 -22.76 -81.48
N CYS E 158 -12.48 -23.99 -81.58
CA CYS E 158 -11.19 -24.14 -82.28
C CYS E 158 -11.31 -23.81 -83.75
N VAL E 159 -12.46 -24.13 -84.35
CA VAL E 159 -12.63 -23.91 -85.78
C VAL E 159 -12.57 -22.41 -86.08
N VAL E 160 -13.47 -21.64 -85.47
CA VAL E 160 -13.46 -20.20 -85.72
C VAL E 160 -12.16 -19.55 -85.29
N ALA E 161 -11.32 -20.25 -84.54
CA ALA E 161 -10.01 -19.69 -84.26
C ALA E 161 -9.00 -19.99 -85.36
N LEU E 162 -8.83 -21.28 -85.67
CA LEU E 162 -7.77 -21.73 -86.57
C LEU E 162 -7.93 -21.17 -87.98
N LYS E 163 -9.17 -21.12 -88.48
CA LYS E 163 -9.41 -20.54 -89.78
C LYS E 163 -9.32 -19.02 -89.71
N SER E 164 -9.65 -18.45 -88.54
CA SER E 164 -9.59 -16.99 -88.37
C SER E 164 -8.16 -16.46 -88.48
N TRP E 165 -7.16 -17.30 -88.25
CA TRP E 165 -5.76 -16.97 -88.53
C TRP E 165 -5.22 -17.71 -89.75
N ASN E 166 -6.02 -18.59 -90.33
CA ASN E 166 -5.64 -19.40 -91.47
C ASN E 166 -4.24 -19.98 -91.30
N ILE E 167 -4.09 -20.78 -90.24
CA ILE E 167 -2.89 -21.59 -90.04
C ILE E 167 -3.38 -22.96 -89.62
N HIS E 168 -2.50 -23.96 -89.80
CA HIS E 168 -2.75 -25.38 -89.49
C HIS E 168 -4.19 -25.76 -89.82
N THR E 169 -4.63 -25.39 -91.03
CA THR E 169 -5.99 -25.66 -91.51
C THR E 169 -6.24 -27.13 -91.92
N ASP E 170 -5.23 -28.01 -91.92
CA ASP E 170 -5.48 -29.41 -92.24
C ASP E 170 -6.42 -30.07 -91.22
N LYS E 171 -6.09 -29.96 -89.93
CA LYS E 171 -6.93 -30.48 -88.87
C LYS E 171 -8.26 -29.75 -88.81
N CYS E 172 -8.30 -28.53 -89.36
CA CYS E 172 -9.43 -27.62 -89.21
C CYS E 172 -10.76 -28.25 -89.63
N GLU E 173 -10.79 -28.90 -90.79
CA GLU E 173 -12.03 -29.55 -91.18
C GLU E 173 -12.18 -30.93 -90.54
N ARG E 174 -11.08 -31.57 -90.10
CA ARG E 174 -11.15 -32.92 -89.54
C ARG E 174 -12.07 -33.04 -88.32
N GLY E 175 -12.83 -32.00 -88.06
CA GLY E 175 -13.71 -31.93 -86.92
C GLY E 175 -14.92 -31.12 -87.34
N LEU E 176 -14.73 -30.23 -88.32
CA LEU E 176 -15.89 -29.76 -89.06
C LEU E 176 -16.62 -30.95 -89.67
N LEU E 177 -15.85 -31.98 -90.04
CA LEU E 177 -16.41 -33.26 -90.43
C LEU E 177 -17.14 -33.91 -89.26
N PHE E 178 -16.56 -33.81 -88.06
CA PHE E 178 -17.18 -34.34 -86.85
C PHE E 178 -18.50 -33.66 -86.53
N ILE E 179 -18.54 -32.31 -86.54
CA ILE E 179 -19.75 -31.56 -86.21
C ILE E 179 -20.86 -31.78 -87.22
N GLN E 180 -20.51 -31.83 -88.52
CA GLN E 180 -21.50 -32.02 -89.58
C GLN E 180 -22.37 -33.24 -89.31
N GLU E 181 -21.74 -34.33 -88.84
CA GLU E 181 -22.44 -35.61 -88.73
C GLU E 181 -23.20 -35.67 -87.43
N ASN E 182 -22.60 -35.15 -86.36
CA ASN E 182 -23.10 -35.37 -85.03
C ASN E 182 -24.04 -34.27 -84.59
N MET E 183 -24.29 -33.29 -85.47
CA MET E 183 -25.16 -32.16 -85.14
C MET E 183 -26.56 -32.62 -84.77
N TRP E 184 -26.93 -33.87 -85.11
CA TRP E 184 -28.26 -34.38 -84.84
C TRP E 184 -28.42 -34.83 -83.39
N ARG E 185 -27.32 -35.01 -82.64
CA ARG E 185 -27.36 -35.54 -81.28
C ARG E 185 -27.63 -34.44 -80.25
N LEU E 186 -28.31 -33.37 -80.66
CA LEU E 186 -28.72 -32.28 -79.77
C LEU E 186 -30.18 -32.43 -79.32
N ALA E 187 -30.76 -33.61 -79.46
CA ALA E 187 -32.00 -33.97 -78.82
C ALA E 187 -31.86 -35.12 -77.82
N HIS E 188 -30.82 -35.97 -77.95
CA HIS E 188 -30.42 -36.91 -76.90
C HIS E 188 -30.17 -36.18 -75.59
N GLU E 189 -30.01 -34.86 -75.66
CA GLU E 189 -29.42 -34.09 -74.58
C GLU E 189 -30.30 -34.17 -73.34
N GLU E 190 -29.72 -34.67 -72.25
CA GLU E 190 -30.43 -34.83 -70.99
C GLU E 190 -30.73 -33.46 -70.38
N GLU E 191 -31.68 -33.45 -69.44
CA GLU E 191 -32.23 -32.19 -68.96
C GLU E 191 -31.24 -31.42 -68.08
N ASP E 192 -30.43 -32.11 -67.29
CA ASP E 192 -29.48 -31.51 -66.37
C ASP E 192 -28.06 -31.47 -66.93
N TRP E 193 -27.93 -31.43 -68.27
CA TRP E 193 -26.65 -31.43 -68.97
C TRP E 193 -26.62 -30.33 -70.03
N MET E 194 -26.76 -29.09 -69.57
CA MET E 194 -26.59 -27.92 -70.41
C MET E 194 -25.52 -27.05 -69.77
N LEU E 195 -24.47 -26.74 -70.52
CA LEU E 195 -23.40 -25.90 -70.00
C LEU E 195 -23.93 -24.51 -69.67
N VAL E 196 -23.12 -23.71 -69.01
CA VAL E 196 -23.56 -22.38 -68.61
C VAL E 196 -23.43 -21.39 -69.76
N GLY E 197 -24.43 -20.51 -69.87
CA GLY E 197 -24.49 -19.56 -70.97
C GLY E 197 -24.54 -20.23 -72.32
N PHE E 198 -25.08 -21.45 -72.37
CA PHE E 198 -25.01 -22.25 -73.59
C PHE E 198 -25.83 -21.61 -74.70
N GLU E 199 -27.07 -21.21 -74.40
CA GLU E 199 -27.98 -20.60 -75.37
C GLU E 199 -27.68 -19.13 -75.60
N ILE E 200 -26.54 -18.65 -75.11
CA ILE E 200 -26.10 -17.27 -75.31
C ILE E 200 -24.73 -17.23 -75.98
N ALA E 201 -23.85 -18.17 -75.65
CA ALA E 201 -22.54 -18.22 -76.26
C ALA E 201 -22.50 -19.06 -77.53
N LEU E 202 -23.44 -20.02 -77.70
CA LEU E 202 -23.47 -20.83 -78.92
C LEU E 202 -24.21 -20.17 -80.08
N PRO E 203 -25.41 -19.59 -79.90
CA PRO E 203 -25.98 -18.77 -80.99
C PRO E 203 -25.07 -17.60 -81.38
N SER E 204 -24.40 -17.00 -80.40
CA SER E 204 -23.37 -16.01 -80.68
C SER E 204 -22.12 -16.63 -81.27
N LEU E 205 -21.91 -17.94 -81.13
CA LEU E 205 -20.78 -18.55 -81.81
C LEU E 205 -21.14 -18.92 -83.24
N LEU E 206 -22.44 -19.10 -83.53
CA LEU E 206 -22.87 -19.23 -84.92
C LEU E 206 -22.67 -17.94 -85.68
N ASP E 207 -23.06 -16.80 -85.09
CA ASP E 207 -22.82 -15.51 -85.76
C ASP E 207 -21.33 -15.28 -85.95
N MET E 208 -20.52 -15.71 -84.99
CA MET E 208 -19.07 -15.69 -85.17
C MET E 208 -18.67 -16.79 -86.15
N ALA E 209 -19.44 -17.89 -86.22
CA ALA E 209 -19.25 -18.93 -87.22
C ALA E 209 -19.85 -18.59 -88.58
N LYS E 210 -20.74 -17.58 -88.66
CA LYS E 210 -21.35 -17.23 -89.95
C LYS E 210 -20.46 -16.28 -90.76
N ASP E 211 -19.79 -15.33 -90.10
CA ASP E 211 -18.83 -14.49 -90.83
C ASP E 211 -17.67 -15.30 -91.38
N LEU E 212 -17.58 -16.59 -91.08
CA LEU E 212 -16.84 -17.56 -91.87
C LEU E 212 -17.83 -18.52 -92.50
N ASP E 213 -17.51 -19.01 -93.70
CA ASP E 213 -18.39 -19.99 -94.35
C ASP E 213 -17.92 -21.39 -93.98
N LEU E 214 -18.62 -22.01 -93.03
CA LEU E 214 -18.25 -23.32 -92.52
C LEU E 214 -19.42 -24.27 -92.62
N ASP E 215 -19.14 -25.50 -93.05
CA ASP E 215 -20.13 -26.51 -93.43
C ASP E 215 -20.77 -27.09 -92.17
N ILE E 216 -21.81 -26.42 -91.70
CA ILE E 216 -22.57 -26.89 -90.53
C ILE E 216 -24.05 -26.65 -90.76
N PRO E 217 -24.88 -27.60 -90.33
CA PRO E 217 -26.33 -27.38 -90.44
C PRO E 217 -26.86 -26.22 -89.59
N TYR E 218 -26.49 -24.94 -89.85
CA TYR E 218 -27.03 -23.80 -89.11
C TYR E 218 -28.55 -23.71 -89.07
N ASP E 219 -29.26 -24.83 -89.20
CA ASP E 219 -30.70 -24.74 -89.22
C ASP E 219 -31.31 -25.80 -88.31
N GLU E 220 -30.64 -26.97 -88.14
CA GLU E 220 -31.18 -28.18 -87.50
C GLU E 220 -31.94 -27.81 -86.22
N PRO E 221 -33.28 -27.96 -86.22
CA PRO E 221 -34.16 -27.10 -85.41
C PRO E 221 -33.76 -26.81 -83.98
N ALA E 222 -32.99 -27.69 -83.31
CA ALA E 222 -32.60 -27.55 -81.90
C ALA E 222 -32.07 -26.17 -81.57
N LEU E 223 -31.62 -25.43 -82.59
CA LEU E 223 -31.08 -24.09 -82.39
C LEU E 223 -32.22 -23.12 -82.12
N LYS E 224 -33.37 -23.33 -82.78
CA LYS E 224 -34.54 -22.49 -82.60
C LYS E 224 -35.07 -22.56 -81.16
N ALA E 225 -34.86 -23.69 -80.47
CA ALA E 225 -35.34 -23.81 -79.10
C ALA E 225 -34.47 -23.00 -78.14
N ILE E 226 -33.15 -22.98 -78.36
CA ILE E 226 -32.23 -22.20 -77.50
C ILE E 226 -31.96 -20.80 -78.05
N TYR E 227 -31.97 -20.62 -79.39
CA TYR E 227 -31.88 -19.27 -79.98
C TYR E 227 -33.06 -18.41 -79.56
N ALA E 228 -34.17 -19.04 -79.18
CA ALA E 228 -35.30 -18.40 -78.51
C ALA E 228 -35.11 -18.37 -77.00
N GLU E 229 -34.62 -19.46 -76.39
CA GLU E 229 -34.32 -19.46 -74.96
C GLU E 229 -33.35 -18.34 -74.61
N ARG E 230 -32.47 -18.01 -75.55
CA ARG E 230 -31.69 -16.79 -75.59
C ARG E 230 -32.41 -15.63 -74.88
N GLU E 231 -33.57 -15.23 -75.41
CA GLU E 231 -34.28 -14.04 -74.93
C GLU E 231 -34.93 -14.28 -73.58
N ILE E 237 -34.54 -11.45 -68.68
CA ILE E 237 -33.22 -10.82 -68.54
C ILE E 237 -33.39 -9.38 -68.03
N PRO E 238 -32.68 -9.00 -66.91
CA PRO E 238 -32.72 -7.61 -66.44
C PRO E 238 -31.65 -6.71 -67.02
N ARG E 239 -32.02 -5.78 -67.91
CA ARG E 239 -31.05 -4.88 -68.53
C ARG E 239 -30.42 -3.87 -67.56
N ASP E 240 -31.15 -2.80 -67.20
CA ASP E 240 -30.53 -1.71 -66.43
C ASP E 240 -30.13 -2.13 -65.03
N VAL E 241 -30.63 -3.26 -64.53
CA VAL E 241 -30.20 -3.68 -63.20
C VAL E 241 -28.91 -4.49 -63.29
N LEU E 242 -28.64 -5.15 -64.42
CA LEU E 242 -27.38 -5.88 -64.57
C LEU E 242 -26.17 -4.95 -64.54
N HIS E 243 -26.37 -3.63 -64.55
CA HIS E 243 -25.27 -2.68 -64.58
C HIS E 243 -24.90 -2.14 -63.20
N SER E 244 -25.71 -2.42 -62.18
CA SER E 244 -25.46 -1.99 -60.79
C SER E 244 -24.99 -3.11 -59.87
N MET E 245 -25.37 -4.36 -60.14
CA MET E 245 -24.98 -5.47 -59.28
C MET E 245 -24.29 -6.56 -60.09
N PRO E 246 -23.11 -7.01 -59.65
CA PRO E 246 -22.41 -8.09 -60.37
C PRO E 246 -23.26 -9.33 -60.32
N THR E 247 -23.27 -10.07 -61.41
CA THR E 247 -24.11 -11.26 -61.42
C THR E 247 -23.44 -12.40 -62.18
N THR E 248 -24.10 -13.57 -62.12
CA THR E 248 -23.66 -14.75 -62.86
C THR E 248 -23.91 -14.64 -64.36
N LEU E 249 -24.72 -13.67 -64.79
CA LEU E 249 -24.82 -13.43 -66.22
C LEU E 249 -23.51 -12.85 -66.74
N LEU E 250 -22.85 -11.99 -65.96
CA LEU E 250 -21.54 -11.51 -66.38
C LEU E 250 -20.55 -12.63 -66.64
N HIS E 251 -20.86 -13.88 -66.28
CA HIS E 251 -19.98 -15.01 -66.58
C HIS E 251 -19.97 -15.34 -68.06
N SER E 252 -21.04 -15.01 -68.76
CA SER E 252 -21.25 -15.34 -70.17
C SER E 252 -21.65 -14.03 -70.88
N LEU E 253 -20.66 -13.16 -71.12
CA LEU E 253 -20.85 -11.85 -71.74
C LEU E 253 -20.32 -11.76 -73.16
N GLU E 254 -19.86 -12.87 -73.76
CA GLU E 254 -19.31 -12.82 -75.12
C GLU E 254 -20.40 -12.72 -76.19
N GLY E 255 -21.56 -13.32 -75.92
CA GLY E 255 -22.69 -13.26 -76.81
C GLY E 255 -23.71 -12.28 -76.27
N MET E 256 -23.34 -11.01 -76.21
CA MET E 256 -24.19 -10.01 -75.56
C MET E 256 -24.43 -8.84 -76.50
N VAL E 257 -25.68 -8.39 -76.50
CA VAL E 257 -26.10 -7.24 -77.28
C VAL E 257 -26.21 -6.09 -76.32
N ASP E 258 -25.82 -4.91 -76.79
CA ASP E 258 -25.81 -3.66 -76.03
C ASP E 258 -24.98 -3.90 -74.77
N LEU E 259 -23.92 -3.13 -74.58
CA LEU E 259 -22.90 -3.49 -73.61
C LEU E 259 -22.80 -2.54 -72.43
N ASP E 260 -22.76 -1.22 -72.68
CA ASP E 260 -22.75 -0.20 -71.62
C ASP E 260 -21.61 -0.39 -70.62
N TRP E 261 -20.38 -0.32 -71.11
CA TRP E 261 -19.19 -0.54 -70.30
C TRP E 261 -18.93 0.61 -69.34
N GLU E 262 -19.59 1.76 -69.54
CA GLU E 262 -19.36 2.92 -68.68
C GLU E 262 -19.64 2.59 -67.21
N LYS E 263 -20.77 1.91 -66.94
CA LYS E 263 -21.12 1.43 -65.61
C LYS E 263 -21.10 -0.08 -65.49
N LEU E 264 -20.67 -0.80 -66.55
CA LEU E 264 -20.52 -2.25 -66.51
C LEU E 264 -19.13 -2.67 -66.06
N LEU E 265 -18.12 -1.88 -66.41
CA LEU E 265 -16.78 -2.14 -65.89
C LEU E 265 -16.76 -1.99 -64.38
N LYS E 266 -17.74 -1.25 -63.82
CA LYS E 266 -17.90 -1.06 -62.39
C LYS E 266 -18.27 -2.35 -61.66
N LEU E 267 -18.53 -3.44 -62.37
CA LEU E 267 -19.11 -4.66 -61.81
C LEU E 267 -18.17 -5.86 -61.82
N ARG E 268 -16.96 -5.72 -62.30
CA ARG E 268 -16.18 -6.93 -62.46
C ARG E 268 -15.61 -7.37 -61.13
N CYS E 269 -14.92 -8.51 -61.16
CA CYS E 269 -14.30 -9.03 -59.97
C CYS E 269 -13.10 -8.18 -59.59
N LEU E 270 -12.58 -8.45 -58.42
CA LEU E 270 -11.38 -7.76 -57.96
C LEU E 270 -10.20 -8.10 -58.85
N ASP E 271 -10.28 -9.27 -59.49
CA ASP E 271 -9.22 -9.77 -60.35
C ASP E 271 -9.06 -8.93 -61.61
N GLY E 272 -10.04 -8.11 -61.90
CA GLY E 272 -10.16 -7.45 -63.17
C GLY E 272 -11.08 -8.21 -64.11
N SER E 273 -11.38 -9.48 -63.80
CA SER E 273 -12.16 -10.36 -64.65
C SER E 273 -13.65 -10.08 -64.51
N PHE E 274 -14.41 -10.51 -65.51
CA PHE E 274 -15.87 -10.45 -65.47
C PHE E 274 -16.36 -11.82 -65.02
N HIS E 275 -16.85 -11.88 -63.77
CA HIS E 275 -17.24 -13.11 -63.08
C HIS E 275 -16.31 -14.30 -63.36
N CYS E 276 -15.01 -14.05 -63.37
CA CYS E 276 -14.03 -15.14 -63.32
C CYS E 276 -14.13 -16.05 -64.53
N SER E 277 -14.58 -15.50 -65.65
CA SER E 277 -14.55 -16.18 -66.96
C SER E 277 -13.58 -15.46 -67.88
N PRO E 278 -12.57 -16.16 -68.42
CA PRO E 278 -11.66 -15.51 -69.37
C PRO E 278 -12.32 -15.18 -70.68
N ALA E 279 -13.32 -15.96 -71.10
CA ALA E 279 -14.02 -15.65 -72.34
C ALA E 279 -14.67 -14.28 -72.25
N SER E 280 -15.50 -14.08 -71.23
CA SER E 280 -16.18 -12.80 -71.08
C SER E 280 -15.20 -11.67 -70.88
N THR E 281 -14.00 -11.96 -70.38
CA THR E 281 -13.00 -10.91 -70.19
C THR E 281 -12.26 -10.58 -71.46
N ALA E 282 -12.06 -11.55 -72.33
CA ALA E 282 -11.51 -11.26 -73.65
C ALA E 282 -12.46 -10.35 -74.41
N THR E 283 -13.76 -10.69 -74.40
CA THR E 283 -14.79 -9.87 -75.01
C THR E 283 -14.83 -8.47 -74.40
N ALA E 284 -14.51 -8.38 -73.10
CA ALA E 284 -14.42 -7.07 -72.43
C ALA E 284 -13.15 -6.31 -72.79
N PHE E 285 -12.08 -6.99 -73.17
CA PHE E 285 -10.93 -6.19 -73.55
C PHE E 285 -10.99 -5.77 -75.00
N GLN E 286 -11.43 -6.68 -75.88
CA GLN E 286 -11.63 -6.31 -77.27
C GLN E 286 -12.53 -5.09 -77.38
N GLN E 287 -13.42 -4.89 -76.42
CA GLN E 287 -14.37 -3.79 -76.47
C GLN E 287 -13.97 -2.57 -75.63
N THR E 288 -13.04 -2.73 -74.71
CA THR E 288 -12.53 -1.63 -73.87
C THR E 288 -11.07 -1.88 -73.58
N GLY E 289 -10.24 -0.87 -73.80
CA GLY E 289 -8.82 -1.04 -73.65
C GLY E 289 -8.40 -1.17 -72.21
N ASP E 290 -9.26 -1.76 -71.36
CA ASP E 290 -9.07 -1.80 -69.92
C ASP E 290 -7.74 -2.41 -69.50
N GLN E 291 -7.02 -1.61 -68.72
CA GLN E 291 -5.66 -1.94 -68.32
C GLN E 291 -5.61 -3.11 -67.34
N LYS E 292 -6.63 -3.29 -66.49
CA LYS E 292 -6.70 -4.41 -65.55
C LYS E 292 -7.26 -5.70 -66.15
N CYS E 293 -7.90 -5.66 -67.31
CA CYS E 293 -8.36 -6.92 -67.87
C CYS E 293 -7.30 -7.56 -68.72
N PHE E 294 -6.47 -6.74 -69.37
CA PHE E 294 -5.26 -7.27 -69.96
C PHE E 294 -4.38 -7.88 -68.87
N GLU E 295 -4.30 -7.19 -67.71
CA GLU E 295 -3.50 -7.71 -66.60
C GLU E 295 -3.92 -9.12 -66.26
N TYR E 296 -5.24 -9.37 -66.21
CA TYR E 296 -5.81 -10.69 -65.92
C TYR E 296 -5.52 -11.70 -67.03
N LEU E 297 -5.71 -11.30 -68.29
CA LEU E 297 -5.56 -12.26 -69.37
C LEU E 297 -4.11 -12.69 -69.53
N ASP E 298 -3.18 -11.72 -69.53
CA ASP E 298 -1.78 -12.10 -69.67
C ASP E 298 -1.38 -13.08 -68.58
N GLY E 299 -1.81 -12.83 -67.36
CA GLY E 299 -1.47 -13.70 -66.25
C GLY E 299 -1.99 -15.12 -66.43
N ILE E 300 -3.22 -15.24 -66.91
CA ILE E 300 -3.84 -16.57 -67.03
C ILE E 300 -2.97 -17.43 -67.94
N VAL E 301 -2.35 -16.82 -68.96
CA VAL E 301 -1.60 -17.56 -69.96
C VAL E 301 -0.18 -17.84 -69.50
N LYS E 302 0.42 -16.93 -68.73
CA LYS E 302 1.76 -17.16 -68.24
C LYS E 302 1.79 -18.36 -67.29
N LYS E 303 0.82 -18.43 -66.37
CA LYS E 303 0.83 -19.50 -65.37
C LYS E 303 0.56 -20.86 -65.99
N PHE E 304 -0.04 -20.94 -67.16
CA PHE E 304 -0.27 -22.22 -67.80
C PHE E 304 0.57 -22.44 -69.06
N ASN E 305 1.44 -21.48 -69.40
CA ASN E 305 2.27 -21.54 -70.60
C ASN E 305 1.45 -22.01 -71.81
N GLY E 306 0.43 -21.22 -72.09
CA GLY E 306 -0.60 -21.53 -73.06
C GLY E 306 -1.82 -22.17 -72.43
N GLY E 307 -2.97 -21.90 -73.03
CA GLY E 307 -4.22 -22.50 -72.60
C GLY E 307 -4.78 -21.85 -71.36
N VAL E 308 -6.09 -21.98 -71.22
CA VAL E 308 -6.86 -21.26 -70.21
C VAL E 308 -8.16 -21.97 -69.89
N PRO E 309 -8.52 -22.13 -68.63
CA PRO E 309 -9.79 -22.79 -68.26
C PRO E 309 -10.99 -21.88 -68.48
N CYS E 310 -12.16 -22.42 -68.15
CA CYS E 310 -13.44 -21.74 -68.35
C CYS E 310 -13.90 -20.98 -67.12
N ILE E 311 -13.09 -20.97 -66.06
CA ILE E 311 -13.38 -20.29 -64.81
C ILE E 311 -12.07 -20.26 -64.03
N TYR E 312 -11.69 -19.06 -63.55
CA TYR E 312 -10.45 -18.83 -62.80
C TYR E 312 -10.51 -17.48 -62.10
N PRO E 313 -9.92 -17.36 -60.91
CA PRO E 313 -9.28 -18.44 -60.14
C PRO E 313 -10.28 -19.13 -59.23
N LEU E 314 -9.83 -20.15 -58.53
CA LEU E 314 -10.71 -20.84 -57.59
C LEU E 314 -10.03 -21.01 -56.24
N ASP E 315 -9.34 -19.96 -55.79
CA ASP E 315 -8.51 -20.08 -54.60
C ASP E 315 -9.31 -20.47 -53.36
N VAL E 316 -10.59 -20.10 -53.29
CA VAL E 316 -11.43 -20.51 -52.15
C VAL E 316 -12.00 -21.91 -52.37
N TYR E 317 -12.75 -22.07 -53.47
CA TYR E 317 -13.39 -23.34 -53.80
C TYR E 317 -12.41 -24.51 -53.70
N GLU E 318 -11.25 -24.40 -54.37
CA GLU E 318 -10.32 -25.52 -54.40
C GLU E 318 -9.84 -25.90 -53.01
N ARG E 319 -9.46 -24.91 -52.19
CA ARG E 319 -9.02 -25.20 -50.83
C ARG E 319 -10.13 -25.86 -49.98
N LEU E 320 -11.27 -25.20 -49.83
CA LEU E 320 -12.36 -25.78 -49.05
C LEU E 320 -12.64 -27.25 -49.42
N TRP E 321 -12.67 -27.55 -50.72
CA TRP E 321 -13.07 -28.88 -51.12
C TRP E 321 -11.94 -29.89 -50.98
N ALA E 322 -10.69 -29.45 -51.12
CA ALA E 322 -9.57 -30.34 -50.82
C ALA E 322 -9.60 -30.81 -49.39
N VAL E 323 -9.99 -29.93 -48.46
CA VAL E 323 -10.10 -30.34 -47.06
C VAL E 323 -11.22 -31.34 -46.88
N ASP E 324 -12.44 -30.98 -47.31
CA ASP E 324 -13.57 -31.88 -47.09
C ASP E 324 -13.27 -33.28 -47.61
N ARG E 325 -12.54 -33.37 -48.72
CA ARG E 325 -12.16 -34.66 -49.30
C ARG E 325 -11.08 -35.35 -48.46
N LEU E 326 -10.01 -34.61 -48.10
CA LEU E 326 -8.97 -35.22 -47.27
C LEU E 326 -9.53 -35.63 -45.91
N THR E 327 -10.47 -34.85 -45.38
CA THR E 327 -11.09 -35.18 -44.11
C THR E 327 -11.91 -36.45 -44.19
N ARG E 328 -12.90 -36.48 -45.12
CA ARG E 328 -13.78 -37.63 -45.22
C ARG E 328 -13.02 -38.90 -45.54
N LEU E 329 -11.91 -38.80 -46.24
CA LEU E 329 -11.10 -39.97 -46.50
C LEU E 329 -10.26 -40.37 -45.29
N GLY E 330 -10.36 -39.65 -44.17
CA GLY E 330 -9.72 -40.07 -42.95
C GLY E 330 -8.22 -39.83 -42.89
N ILE E 331 -7.65 -39.22 -43.92
CA ILE E 331 -6.23 -38.98 -43.96
C ILE E 331 -5.86 -37.54 -43.60
N SER E 332 -6.86 -36.73 -43.24
CA SER E 332 -6.61 -35.36 -42.80
C SER E 332 -5.60 -35.31 -41.67
N ARG E 333 -5.56 -36.34 -40.83
CA ARG E 333 -4.64 -36.34 -39.71
C ARG E 333 -3.20 -36.11 -40.14
N HIS E 334 -2.82 -36.54 -41.34
CA HIS E 334 -1.40 -36.46 -41.74
C HIS E 334 -0.97 -35.05 -42.11
N PHE E 335 -1.90 -34.22 -42.57
CA PHE E 335 -1.60 -32.92 -43.14
C PHE E 335 -2.07 -31.78 -42.23
N THR E 336 -1.89 -31.96 -40.92
CA THR E 336 -2.46 -31.03 -39.95
C THR E 336 -1.99 -29.61 -40.16
N SER E 337 -0.70 -29.41 -40.44
CA SER E 337 -0.22 -28.03 -40.63
C SER E 337 -0.77 -27.43 -41.91
N GLU E 338 -0.80 -28.20 -43.00
CA GLU E 338 -1.30 -27.67 -44.27
C GLU E 338 -2.79 -27.38 -44.22
N ILE E 339 -3.58 -28.28 -43.64
CA ILE E 339 -5.02 -28.04 -43.58
C ILE E 339 -5.30 -26.76 -42.82
N GLU E 340 -4.68 -26.58 -41.64
CA GLU E 340 -4.85 -25.30 -40.96
C GLU E 340 -4.17 -24.19 -41.73
N ASP E 341 -3.18 -24.51 -42.59
CA ASP E 341 -2.58 -23.46 -43.40
C ASP E 341 -3.60 -22.92 -44.39
N CYS E 342 -4.25 -23.78 -45.16
CA CYS E 342 -5.20 -23.24 -46.12
C CYS E 342 -6.59 -23.00 -45.54
N LEU E 343 -6.97 -23.64 -44.44
CA LEU E 343 -8.22 -23.22 -43.81
C LEU E 343 -8.14 -21.80 -43.26
N ASP E 344 -6.97 -21.37 -42.76
CA ASP E 344 -6.77 -19.99 -42.36
C ASP E 344 -7.09 -19.02 -43.49
N TYR E 345 -6.60 -19.35 -44.68
CA TYR E 345 -6.85 -18.52 -45.85
C TYR E 345 -8.36 -18.29 -46.05
N ILE E 346 -9.17 -19.28 -45.72
CA ILE E 346 -10.62 -19.10 -45.81
C ILE E 346 -11.10 -18.12 -44.74
N PHE E 347 -10.63 -18.33 -43.51
CA PHE E 347 -11.04 -17.48 -42.41
C PHE E 347 -10.71 -16.03 -42.71
N ARG E 348 -9.50 -15.80 -43.24
CA ARG E 348 -9.08 -14.44 -43.56
C ARG E 348 -10.03 -13.82 -44.56
N ASN E 349 -10.52 -14.60 -45.52
CA ASN E 349 -11.34 -14.06 -46.58
C ASN E 349 -12.83 -14.35 -46.40
N TRP E 350 -13.26 -14.60 -45.17
CA TRP E 350 -14.69 -14.76 -44.92
C TRP E 350 -15.39 -13.42 -45.13
N THR E 351 -16.53 -13.45 -45.80
CA THR E 351 -17.24 -12.20 -45.90
C THR E 351 -18.61 -12.32 -45.24
N PRO E 352 -19.16 -11.21 -44.73
CA PRO E 352 -20.52 -11.25 -44.18
C PRO E 352 -21.56 -11.47 -45.23
N ASP E 353 -21.19 -11.40 -46.50
CA ASP E 353 -22.10 -11.65 -47.60
C ASP E 353 -22.02 -13.08 -48.08
N GLY E 354 -21.10 -13.88 -47.54
CA GLY E 354 -21.01 -15.27 -47.93
C GLY E 354 -19.64 -15.54 -48.49
N LEU E 355 -19.47 -16.63 -49.25
CA LEU E 355 -18.23 -16.96 -49.94
C LEU E 355 -18.49 -17.16 -51.43
N ALA E 356 -17.49 -16.82 -52.25
CA ALA E 356 -17.48 -17.16 -53.67
C ALA E 356 -16.55 -18.35 -53.95
N HIS E 357 -16.44 -18.73 -55.22
CA HIS E 357 -15.49 -19.76 -55.58
C HIS E 357 -14.06 -19.25 -55.55
N THR E 358 -13.87 -17.94 -55.52
CA THR E 358 -12.56 -17.35 -55.36
C THR E 358 -12.60 -16.25 -54.32
N LYS E 359 -11.40 -15.84 -53.90
CA LYS E 359 -11.24 -14.77 -52.92
C LYS E 359 -11.88 -13.50 -53.42
N ASN E 360 -11.75 -13.25 -54.71
CA ASN E 360 -12.08 -11.93 -55.23
C ASN E 360 -13.32 -11.90 -56.14
N CYS E 361 -14.41 -12.54 -55.75
CA CYS E 361 -15.62 -12.49 -56.57
C CYS E 361 -16.81 -11.92 -55.80
N PRO E 362 -17.35 -10.76 -56.19
CA PRO E 362 -18.35 -10.11 -55.34
C PRO E 362 -19.67 -10.85 -55.24
N VAL E 363 -19.96 -11.81 -56.10
CA VAL E 363 -21.20 -12.57 -55.98
C VAL E 363 -20.93 -13.87 -55.23
N LYS E 364 -21.68 -14.10 -54.15
CA LYS E 364 -21.48 -15.26 -53.32
C LYS E 364 -22.62 -16.28 -53.51
N ASP E 365 -22.32 -17.54 -53.15
CA ASP E 365 -23.21 -18.68 -53.34
C ASP E 365 -23.15 -19.61 -52.13
N ILE E 366 -24.22 -20.39 -51.94
CA ILE E 366 -24.33 -21.21 -50.74
C ILE E 366 -23.41 -22.42 -50.79
N ASP E 367 -23.13 -22.96 -51.97
CA ASP E 367 -22.29 -24.15 -52.02
C ASP E 367 -20.92 -23.89 -51.40
N ASP E 368 -20.31 -22.75 -51.75
CA ASP E 368 -19.03 -22.38 -51.13
C ASP E 368 -19.20 -21.94 -49.68
N THR E 369 -20.26 -21.17 -49.40
CA THR E 369 -20.48 -20.66 -48.05
C THR E 369 -20.78 -21.77 -47.06
N ALA E 370 -21.68 -22.69 -47.41
CA ALA E 370 -22.04 -23.76 -46.49
C ALA E 370 -20.87 -24.70 -46.22
N MET E 371 -20.10 -25.02 -47.26
CA MET E 371 -18.89 -25.80 -47.03
C MET E 371 -17.91 -25.02 -46.17
N GLY E 372 -17.79 -23.72 -46.41
CA GLY E 372 -16.84 -22.90 -45.65
C GLY E 372 -17.16 -22.84 -44.17
N PHE E 373 -18.43 -22.61 -43.84
CA PHE E 373 -18.84 -22.53 -42.44
C PHE E 373 -18.62 -23.85 -41.72
N ARG E 374 -19.08 -24.95 -42.31
CA ARG E 374 -18.95 -26.25 -41.68
C ARG E 374 -17.50 -26.57 -41.35
N LEU E 375 -16.61 -26.48 -42.34
CA LEU E 375 -15.22 -26.85 -42.10
C LEU E 375 -14.55 -25.93 -41.09
N LEU E 376 -14.87 -24.65 -41.14
CA LEU E 376 -14.29 -23.72 -40.19
C LEU E 376 -14.75 -24.05 -38.77
N ARG E 377 -16.06 -24.20 -38.58
CA ARG E 377 -16.56 -24.53 -37.25
C ARG E 377 -16.10 -25.91 -36.81
N LEU E 378 -16.01 -26.86 -37.74
CA LEU E 378 -15.52 -28.18 -37.41
C LEU E 378 -14.08 -28.14 -36.92
N TYR E 379 -13.25 -27.27 -37.49
CA TYR E 379 -11.84 -27.24 -37.12
C TYR E 379 -11.54 -26.21 -36.05
N GLY E 380 -12.55 -25.67 -35.40
CA GLY E 380 -12.31 -24.80 -34.26
C GLY E 380 -12.13 -23.34 -34.57
N TYR E 381 -12.75 -22.83 -35.62
CA TYR E 381 -12.71 -21.40 -35.84
C TYR E 381 -14.01 -20.77 -35.38
N GLN E 382 -13.94 -19.51 -34.99
CA GLN E 382 -15.11 -18.76 -34.56
C GLN E 382 -15.81 -18.26 -35.82
N VAL E 383 -16.98 -18.82 -36.12
CA VAL E 383 -17.73 -18.43 -37.31
C VAL E 383 -19.18 -18.22 -36.92
N ASP E 384 -19.82 -17.25 -37.54
CA ASP E 384 -21.20 -17.00 -37.17
C ASP E 384 -22.13 -17.37 -38.31
N PRO E 385 -22.99 -18.38 -38.14
CA PRO E 385 -23.83 -18.84 -39.24
C PRO E 385 -24.86 -17.85 -39.71
N CYS E 386 -24.98 -16.68 -39.09
CA CYS E 386 -25.99 -15.75 -39.60
C CYS E 386 -25.73 -15.34 -41.05
N VAL E 387 -24.54 -15.65 -41.60
CA VAL E 387 -24.22 -15.42 -43.01
C VAL E 387 -25.17 -16.13 -43.94
N LEU E 388 -25.97 -17.05 -43.43
CA LEU E 388 -26.89 -17.82 -44.25
C LEU E 388 -28.17 -17.05 -44.55
N LYS E 389 -28.59 -16.17 -43.63
CA LYS E 389 -29.80 -15.39 -43.85
C LYS E 389 -29.69 -14.45 -45.05
N LYS E 390 -28.47 -14.26 -45.56
CA LYS E 390 -28.29 -13.60 -46.85
C LYS E 390 -28.89 -14.41 -48.00
N PHE E 391 -29.20 -15.69 -47.77
CA PHE E 391 -29.73 -16.57 -48.82
C PHE E 391 -31.16 -17.01 -48.52
N GLU E 392 -31.80 -16.39 -47.53
CA GLU E 392 -33.21 -16.59 -47.23
C GLU E 392 -34.03 -15.47 -47.85
N LYS E 393 -35.00 -15.85 -48.68
CA LYS E 393 -35.97 -14.93 -49.27
C LYS E 393 -37.37 -15.51 -49.04
N ASP E 394 -38.06 -15.01 -48.02
CA ASP E 394 -39.44 -15.40 -47.77
C ASP E 394 -39.55 -16.92 -47.59
N GLY E 395 -38.75 -17.46 -46.66
CA GLY E 395 -38.87 -18.87 -46.33
C GLY E 395 -38.09 -19.79 -47.23
N LYS E 396 -37.46 -19.27 -48.26
CA LYS E 396 -36.79 -20.09 -49.25
C LYS E 396 -35.28 -19.84 -49.18
N PHE E 397 -34.50 -20.88 -49.46
CA PHE E 397 -33.04 -20.91 -49.28
C PHE E 397 -32.38 -21.27 -50.61
N PHE E 398 -32.23 -20.29 -51.49
CA PHE E 398 -31.63 -20.53 -52.80
C PHE E 398 -30.12 -20.78 -52.74
N CYS E 399 -29.53 -20.76 -53.93
CA CYS E 399 -28.12 -21.02 -54.19
C CYS E 399 -27.35 -19.75 -54.48
N LEU E 400 -28.01 -18.68 -54.90
CA LEU E 400 -27.37 -17.41 -55.20
C LEU E 400 -28.02 -16.31 -54.39
N HIS E 401 -27.40 -15.14 -54.43
CA HIS E 401 -27.69 -14.07 -53.49
C HIS E 401 -29.01 -13.37 -53.76
N GLY E 402 -29.66 -13.67 -54.88
CA GLY E 402 -30.97 -13.13 -55.17
C GLY E 402 -31.64 -13.87 -56.32
N GLU E 403 -30.92 -14.83 -56.89
CA GLU E 403 -31.36 -15.52 -58.10
C GLU E 403 -32.25 -16.70 -57.73
N SER E 404 -33.53 -16.39 -57.52
CA SER E 404 -34.55 -17.42 -57.32
C SER E 404 -34.60 -18.35 -58.53
N ASN E 405 -33.62 -19.26 -58.64
CA ASN E 405 -33.44 -20.23 -59.72
C ASN E 405 -33.92 -21.62 -59.27
N PRO E 406 -34.20 -22.53 -60.24
CA PRO E 406 -34.38 -23.94 -59.89
C PRO E 406 -33.18 -24.50 -59.13
N SER E 407 -33.35 -24.74 -57.82
CA SER E 407 -32.24 -25.03 -56.92
C SER E 407 -31.55 -26.35 -57.24
N SER E 408 -30.23 -26.37 -57.10
CA SER E 408 -29.46 -27.57 -57.42
C SER E 408 -29.53 -28.51 -56.22
N VAL E 409 -28.87 -29.66 -56.30
CA VAL E 409 -29.00 -30.60 -55.18
C VAL E 409 -27.84 -30.55 -54.19
N THR E 410 -26.59 -30.70 -54.65
CA THR E 410 -25.46 -30.72 -53.72
C THR E 410 -25.33 -29.43 -52.90
N PRO E 411 -25.63 -28.21 -53.39
CA PRO E 411 -25.60 -27.05 -52.51
C PRO E 411 -26.52 -27.18 -51.30
N MET E 412 -27.68 -27.84 -51.45
CA MET E 412 -28.55 -28.11 -50.31
C MET E 412 -28.02 -29.24 -49.43
N TYR E 413 -27.41 -30.27 -50.04
CA TYR E 413 -26.69 -31.28 -49.27
C TYR E 413 -25.57 -30.66 -48.44
N ASN E 414 -24.71 -29.85 -49.08
CA ASN E 414 -23.58 -29.26 -48.36
C ASN E 414 -24.03 -28.32 -47.27
N THR E 415 -25.16 -27.67 -47.46
CA THR E 415 -25.73 -26.91 -46.36
C THR E 415 -26.16 -27.82 -45.23
N TYR E 416 -26.91 -28.89 -45.55
CA TYR E 416 -27.39 -29.77 -44.49
C TYR E 416 -26.25 -30.25 -43.60
N ARG E 417 -25.12 -30.65 -44.19
CA ARG E 417 -23.99 -31.08 -43.37
C ARG E 417 -23.58 -30.02 -42.36
N ALA E 418 -23.49 -28.77 -42.80
CA ALA E 418 -23.14 -27.67 -41.91
C ALA E 418 -24.21 -27.38 -40.85
N SER E 419 -25.49 -27.62 -41.14
CA SER E 419 -26.47 -27.31 -40.11
C SER E 419 -26.36 -28.24 -38.93
N GLN E 420 -25.68 -29.39 -39.10
CA GLN E 420 -25.56 -30.37 -38.02
C GLN E 420 -24.66 -29.88 -36.89
N LEU E 421 -23.74 -28.95 -37.18
CA LEU E 421 -22.91 -28.33 -36.16
C LEU E 421 -23.62 -27.14 -35.52
N LYS E 422 -24.89 -27.31 -35.22
CA LYS E 422 -25.62 -26.25 -34.54
C LYS E 422 -25.13 -26.19 -33.11
N PHE E 423 -24.71 -24.97 -32.65
CA PHE E 423 -24.41 -24.63 -31.27
C PHE E 423 -25.65 -24.06 -30.63
N PRO E 424 -25.80 -24.19 -29.31
CA PRO E 424 -27.00 -23.66 -28.67
C PRO E 424 -27.08 -22.14 -28.69
N GLY E 425 -25.96 -21.42 -28.82
CA GLY E 425 -26.19 -20.01 -28.85
C GLY E 425 -26.56 -19.43 -30.19
N ASP E 426 -26.80 -20.27 -31.20
CA ASP E 426 -26.74 -19.84 -32.60
C ASP E 426 -27.92 -18.99 -33.02
N ASP E 427 -27.70 -18.28 -34.13
CA ASP E 427 -28.76 -17.57 -34.83
C ASP E 427 -29.78 -18.56 -35.36
N GLY E 428 -31.03 -18.10 -35.44
CA GLY E 428 -32.11 -18.96 -35.88
C GLY E 428 -32.00 -19.52 -37.29
N VAL E 429 -31.11 -18.97 -38.14
CA VAL E 429 -31.09 -19.41 -39.54
C VAL E 429 -30.71 -20.88 -39.66
N LEU E 430 -29.78 -21.38 -38.83
CA LEU E 430 -29.45 -22.80 -38.88
C LEU E 430 -30.62 -23.67 -38.45
N GLY E 431 -31.46 -23.18 -37.54
CA GLY E 431 -32.69 -23.89 -37.24
C GLY E 431 -33.53 -24.07 -38.49
N ARG E 432 -33.81 -22.96 -39.19
CA ARG E 432 -34.62 -23.02 -40.41
C ARG E 432 -33.92 -23.80 -41.51
N ALA E 433 -32.61 -23.65 -41.65
CA ALA E 433 -31.89 -24.30 -42.74
C ALA E 433 -32.00 -25.82 -42.66
N GLU E 434 -31.85 -26.40 -41.47
CA GLU E 434 -31.91 -27.86 -41.38
C GLU E 434 -33.22 -28.41 -41.92
N VAL E 435 -34.35 -27.81 -41.50
CA VAL E 435 -35.65 -28.33 -41.92
C VAL E 435 -35.83 -28.23 -43.43
N PHE E 436 -35.37 -27.13 -44.04
CA PHE E 436 -35.56 -26.91 -45.48
C PHE E 436 -34.83 -27.99 -46.28
N CYS E 437 -33.52 -28.14 -46.06
CA CYS E 437 -32.78 -29.17 -46.77
C CYS E 437 -33.28 -30.55 -46.39
N ARG E 438 -33.78 -30.70 -45.16
CA ARG E 438 -34.43 -31.95 -44.82
C ARG E 438 -35.60 -32.21 -45.77
N SER E 439 -36.46 -31.20 -45.94
CA SER E 439 -37.56 -31.33 -46.89
C SER E 439 -37.04 -31.41 -48.33
N PHE E 440 -36.03 -30.59 -48.66
CA PHE E 440 -35.52 -30.52 -50.02
C PHE E 440 -34.95 -31.86 -50.49
N LEU E 441 -34.16 -32.52 -49.66
CA LEU E 441 -33.62 -33.82 -50.05
C LEU E 441 -34.57 -34.95 -49.74
N GLN E 442 -35.64 -34.72 -48.98
CA GLN E 442 -36.66 -35.76 -48.80
C GLN E 442 -37.57 -35.87 -50.02
N ASP E 443 -38.10 -34.74 -50.49
CA ASP E 443 -38.91 -34.71 -51.72
C ASP E 443 -38.16 -35.26 -52.91
N ARG E 444 -36.83 -35.23 -52.86
CA ARG E 444 -35.93 -35.64 -53.93
C ARG E 444 -35.32 -37.01 -53.69
N ARG E 445 -35.45 -37.56 -52.48
CA ARG E 445 -34.66 -38.69 -52.01
C ARG E 445 -34.92 -39.97 -52.79
N GLY E 446 -36.18 -40.42 -52.79
CA GLY E 446 -36.67 -41.60 -53.46
C GLY E 446 -36.85 -41.44 -54.96
N SER E 447 -36.42 -40.32 -55.50
CA SER E 447 -36.52 -40.04 -56.92
C SER E 447 -35.10 -39.91 -57.43
N ASN E 448 -34.87 -40.38 -58.61
CA ASN E 448 -33.55 -40.12 -59.16
C ASN E 448 -33.37 -38.65 -59.62
N ARG E 449 -34.27 -37.72 -59.27
CA ARG E 449 -34.07 -36.30 -59.55
C ARG E 449 -33.00 -35.66 -58.66
N MET E 450 -31.97 -36.44 -58.30
CA MET E 450 -30.81 -36.02 -57.51
C MET E 450 -29.70 -35.41 -58.36
N LYS E 451 -29.91 -35.23 -59.66
CA LYS E 451 -28.92 -34.66 -60.56
C LYS E 451 -28.56 -33.22 -60.20
N ASP E 452 -27.31 -32.84 -60.48
CA ASP E 452 -26.88 -31.47 -60.25
C ASP E 452 -26.68 -30.74 -61.58
N LYS E 453 -26.90 -29.43 -61.54
CA LYS E 453 -26.84 -28.51 -62.68
C LYS E 453 -25.50 -27.78 -62.75
N TRP E 454 -24.45 -28.43 -62.24
CA TRP E 454 -23.14 -27.85 -61.94
C TRP E 454 -22.07 -28.96 -61.96
N ALA E 455 -22.38 -30.10 -61.36
CA ALA E 455 -21.42 -31.19 -61.21
C ALA E 455 -22.08 -32.50 -61.62
N ILE E 456 -21.32 -33.58 -61.45
CA ILE E 456 -21.89 -34.92 -61.51
C ILE E 456 -20.84 -35.88 -60.97
N ALA E 457 -21.26 -36.79 -60.10
CA ALA E 457 -20.32 -37.49 -59.25
C ALA E 457 -20.73 -38.94 -59.04
N LYS E 458 -19.71 -39.78 -58.88
CA LYS E 458 -19.83 -41.23 -58.73
C LYS E 458 -21.03 -41.61 -57.88
N ASP E 459 -21.03 -41.28 -56.60
CA ASP E 459 -22.11 -41.66 -55.70
C ASP E 459 -22.63 -40.39 -55.03
N ILE E 460 -23.56 -39.70 -55.68
CA ILE E 460 -24.12 -38.48 -55.11
C ILE E 460 -25.30 -38.76 -54.18
N PRO E 461 -26.24 -39.65 -54.49
CA PRO E 461 -27.23 -39.99 -53.45
C PRO E 461 -26.61 -40.83 -52.34
N GLY E 462 -25.57 -41.62 -52.62
CA GLY E 462 -24.89 -42.36 -51.56
C GLY E 462 -24.30 -41.42 -50.52
N GLU E 463 -23.68 -40.33 -50.97
CA GLU E 463 -23.34 -39.23 -50.07
C GLU E 463 -24.54 -38.75 -49.25
N VAL E 464 -25.70 -38.54 -49.90
CA VAL E 464 -26.84 -37.98 -49.16
C VAL E 464 -27.42 -39.01 -48.20
N GLU E 465 -27.37 -40.29 -48.56
CA GLU E 465 -27.90 -41.30 -47.66
C GLU E 465 -27.33 -41.15 -46.26
N TYR E 466 -26.01 -41.27 -46.15
CA TYR E 466 -25.37 -41.28 -44.84
C TYR E 466 -25.74 -40.05 -44.03
N ALA E 467 -25.40 -38.87 -44.55
CA ALA E 467 -25.66 -37.65 -43.79
C ALA E 467 -27.13 -37.49 -43.43
N MET E 468 -28.04 -38.10 -44.21
CA MET E 468 -29.46 -37.95 -43.91
C MET E 468 -29.96 -38.96 -42.88
N ASP E 469 -29.38 -40.16 -42.87
CA ASP E 469 -29.75 -41.21 -41.93
C ASP E 469 -28.96 -41.12 -40.64
N TYR E 470 -27.74 -40.59 -40.69
CA TYR E 470 -26.87 -40.52 -39.53
C TYR E 470 -26.66 -39.08 -39.14
N PRO E 471 -27.45 -38.55 -38.21
CA PRO E 471 -27.22 -37.18 -37.75
C PRO E 471 -25.90 -37.07 -36.98
N TRP E 472 -25.56 -35.84 -36.60
CA TRP E 472 -24.25 -35.54 -36.04
C TRP E 472 -23.93 -36.42 -34.84
N LYS E 473 -24.89 -36.54 -33.91
CA LYS E 473 -24.66 -37.27 -32.66
C LYS E 473 -24.20 -38.69 -32.91
N ALA E 474 -24.52 -39.28 -34.08
CA ALA E 474 -24.24 -40.68 -34.37
C ALA E 474 -23.29 -40.88 -35.55
N SER E 475 -22.51 -39.89 -35.92
CA SER E 475 -21.69 -39.96 -37.12
C SER E 475 -20.22 -40.16 -36.71
N LEU E 476 -19.79 -41.39 -36.70
CA LEU E 476 -18.44 -41.73 -36.27
C LEU E 476 -17.44 -41.61 -37.44
N PRO E 477 -16.20 -41.20 -37.17
CA PRO E 477 -15.25 -40.94 -38.27
C PRO E 477 -14.88 -42.15 -39.13
N ARG E 478 -14.72 -43.34 -38.57
CA ARG E 478 -14.41 -44.45 -39.47
C ARG E 478 -15.63 -44.95 -40.23
N ILE E 479 -16.83 -44.81 -39.65
CA ILE E 479 -18.06 -45.13 -40.37
C ILE E 479 -18.21 -44.23 -41.59
N GLU E 480 -18.15 -42.91 -41.38
CA GLU E 480 -18.23 -41.99 -42.51
C GLU E 480 -17.15 -42.31 -43.53
N THR E 481 -15.94 -42.65 -43.07
CA THR E 481 -14.81 -42.87 -43.97
C THR E 481 -15.02 -44.10 -44.85
N ARG E 482 -15.42 -45.22 -44.26
CA ARG E 482 -15.61 -46.43 -45.07
C ARG E 482 -16.63 -46.19 -46.16
N LEU E 483 -17.81 -45.69 -45.80
CA LEU E 483 -18.82 -45.38 -46.82
C LEU E 483 -18.31 -44.39 -47.87
N TYR E 484 -17.43 -43.46 -47.49
CA TYR E 484 -16.99 -42.48 -48.50
C TYR E 484 -16.07 -43.12 -49.55
N LEU E 485 -15.28 -44.12 -49.16
CA LEU E 485 -14.33 -44.72 -50.11
C LEU E 485 -15.02 -45.23 -51.39
N ASP E 486 -16.23 -45.78 -51.24
CA ASP E 486 -17.02 -46.30 -52.35
C ASP E 486 -17.97 -45.25 -52.94
N GLN E 487 -17.86 -43.99 -52.48
CA GLN E 487 -18.65 -42.88 -53.00
C GLN E 487 -17.83 -41.76 -53.64
N TYR E 488 -16.52 -41.69 -53.37
CA TYR E 488 -15.69 -40.61 -53.88
C TYR E 488 -15.39 -40.82 -55.36
N GLY E 489 -15.69 -39.79 -56.16
CA GLY E 489 -15.64 -39.94 -57.60
C GLY E 489 -14.25 -40.06 -58.18
N GLY E 490 -13.24 -39.54 -57.48
CA GLY E 490 -11.89 -39.65 -58.00
C GLY E 490 -11.80 -38.85 -59.27
N SER E 491 -11.20 -39.46 -60.29
CA SER E 491 -11.18 -38.86 -61.62
C SER E 491 -12.56 -38.85 -62.25
N GLY E 492 -13.51 -39.58 -61.69
CA GLY E 492 -14.79 -39.69 -62.34
C GLY E 492 -15.58 -38.40 -62.34
N ASP E 493 -15.42 -37.57 -61.33
CA ASP E 493 -16.24 -36.38 -61.23
C ASP E 493 -15.81 -35.34 -62.27
N VAL E 494 -16.80 -34.76 -62.96
CA VAL E 494 -16.57 -33.69 -63.94
C VAL E 494 -17.55 -32.57 -63.69
N TRP E 495 -17.14 -31.37 -64.06
CA TRP E 495 -17.83 -30.17 -63.64
C TRP E 495 -18.39 -29.39 -64.82
N ILE E 496 -19.58 -28.86 -64.61
CA ILE E 496 -20.38 -28.23 -65.66
C ILE E 496 -20.17 -26.73 -65.50
N GLY E 497 -19.33 -26.16 -66.36
CA GLY E 497 -19.19 -24.73 -66.43
C GLY E 497 -19.64 -24.22 -67.77
N LYS E 498 -18.84 -23.34 -68.39
CA LYS E 498 -19.07 -23.05 -69.79
C LYS E 498 -18.62 -24.24 -70.63
N VAL E 499 -17.62 -24.97 -70.15
CA VAL E 499 -17.10 -26.19 -70.75
C VAL E 499 -17.06 -27.24 -69.65
N LEU E 500 -16.90 -28.50 -70.06
CA LEU E 500 -16.56 -29.55 -69.11
C LEU E 500 -15.12 -29.39 -68.62
N HIS E 501 -14.95 -29.35 -67.30
CA HIS E 501 -13.63 -29.24 -66.70
C HIS E 501 -13.51 -30.23 -65.55
N ARG E 502 -12.27 -30.45 -65.12
CA ARG E 502 -11.98 -31.28 -63.97
C ARG E 502 -11.00 -30.55 -63.05
N MET E 503 -11.03 -30.89 -61.75
CA MET E 503 -10.22 -30.24 -60.72
C MET E 503 -9.13 -31.22 -60.30
N THR E 504 -7.93 -31.03 -60.85
CA THR E 504 -6.88 -32.03 -60.72
C THR E 504 -6.50 -32.32 -59.27
N LEU E 505 -6.53 -31.33 -58.38
CA LEU E 505 -5.93 -31.49 -57.05
C LEU E 505 -6.79 -32.33 -56.10
N PHE E 506 -8.09 -32.04 -56.01
CA PHE E 506 -9.00 -32.70 -55.07
C PHE E 506 -10.02 -33.65 -55.71
N CYS E 507 -10.15 -33.66 -57.04
CA CYS E 507 -10.95 -34.67 -57.76
C CYS E 507 -9.99 -35.67 -58.39
N ASN E 508 -9.30 -36.40 -57.51
CA ASN E 508 -8.04 -37.08 -57.81
C ASN E 508 -8.13 -38.59 -57.67
N ASP E 509 -7.24 -39.29 -58.38
CA ASP E 509 -7.10 -40.73 -58.18
C ASP E 509 -6.03 -41.10 -57.15
N LEU E 510 -4.98 -40.29 -56.98
CA LEU E 510 -4.04 -40.55 -55.90
C LEU E 510 -4.69 -40.30 -54.54
N TYR E 511 -5.66 -39.39 -54.48
CA TYR E 511 -6.44 -39.20 -53.24
C TYR E 511 -7.02 -40.52 -52.76
N LEU E 512 -7.76 -41.22 -53.62
CA LEU E 512 -8.34 -42.49 -53.19
C LEU E 512 -7.27 -43.56 -52.96
N LYS E 513 -6.29 -43.66 -53.87
CA LYS E 513 -5.21 -44.65 -53.71
C LYS E 513 -4.51 -44.51 -52.36
N ALA E 514 -4.22 -43.29 -51.95
CA ALA E 514 -3.55 -43.08 -50.66
C ALA E 514 -4.49 -43.38 -49.49
N ALA E 515 -5.74 -42.92 -49.55
CA ALA E 515 -6.68 -43.06 -48.42
C ALA E 515 -7.05 -44.52 -48.16
N LYS E 516 -7.41 -45.27 -49.21
CA LYS E 516 -7.66 -46.70 -49.05
C LYS E 516 -6.41 -47.43 -48.58
N ALA E 517 -5.22 -46.87 -48.83
CA ALA E 517 -3.97 -47.43 -48.30
C ALA E 517 -3.92 -47.32 -46.79
N ASP E 518 -4.04 -46.09 -46.27
CA ASP E 518 -4.00 -45.84 -44.82
C ASP E 518 -5.16 -46.51 -44.08
N PHE E 519 -6.32 -46.66 -44.74
CA PHE E 519 -7.50 -47.29 -44.11
C PHE E 519 -7.30 -48.79 -43.93
N SER E 520 -6.65 -49.46 -44.88
CA SER E 520 -6.38 -50.89 -44.75
C SER E 520 -5.34 -51.14 -43.66
N ASN E 521 -4.28 -50.33 -43.62
CA ASN E 521 -3.31 -50.41 -42.53
C ASN E 521 -4.00 -50.30 -41.17
N PHE E 522 -5.15 -49.63 -41.15
CA PHE E 522 -6.03 -49.57 -39.97
C PHE E 522 -6.81 -50.88 -39.78
N GLN E 523 -7.43 -51.40 -40.86
CA GLN E 523 -8.19 -52.64 -40.74
C GLN E 523 -7.31 -53.84 -40.42
N LYS E 524 -6.10 -53.89 -40.99
CA LYS E 524 -5.18 -54.95 -40.61
C LYS E 524 -4.74 -54.81 -39.15
N GLU E 525 -4.37 -53.60 -38.73
CA GLU E 525 -3.97 -53.41 -37.33
C GLU E 525 -5.14 -53.62 -36.35
N CYS E 526 -6.38 -53.34 -36.75
CA CYS E 526 -7.55 -53.57 -35.89
C CYS E 526 -7.79 -55.05 -35.64
N ARG E 527 -7.73 -55.85 -36.71
CA ARG E 527 -7.97 -57.28 -36.57
C ARG E 527 -6.91 -57.90 -35.65
N VAL E 528 -5.66 -57.43 -35.76
CA VAL E 528 -4.62 -57.79 -34.79
C VAL E 528 -5.02 -57.34 -33.39
N GLU E 529 -5.55 -56.11 -33.29
CA GLU E 529 -5.91 -55.58 -31.98
C GLU E 529 -6.95 -56.45 -31.29
N LEU E 530 -7.99 -56.89 -32.03
CA LEU E 530 -9.09 -57.66 -31.45
C LEU E 530 -8.59 -58.92 -30.75
N ASN E 531 -7.72 -59.68 -31.42
CA ASN E 531 -7.17 -60.89 -30.83
C ASN E 531 -6.20 -60.59 -29.68
N GLY E 532 -5.54 -59.42 -29.70
CA GLY E 532 -4.81 -58.97 -28.53
C GLY E 532 -5.72 -58.77 -27.32
N LEU E 533 -6.96 -58.29 -27.57
CA LEU E 533 -7.96 -58.11 -26.54
C LEU E 533 -8.52 -59.46 -26.05
N ARG E 534 -8.83 -60.36 -26.99
CA ARG E 534 -9.41 -61.67 -26.64
C ARG E 534 -8.54 -62.42 -25.66
N ARG E 535 -7.22 -62.45 -25.90
CA ARG E 535 -6.30 -63.02 -24.93
C ARG E 535 -6.56 -62.44 -23.57
N TRP E 536 -6.53 -61.10 -23.47
CA TRP E 536 -6.77 -60.45 -22.19
C TRP E 536 -8.14 -60.80 -21.60
N TYR E 537 -9.19 -60.86 -22.45
CA TYR E 537 -10.54 -61.17 -21.97
C TYR E 537 -10.59 -62.55 -21.33
N LEU E 538 -10.02 -63.53 -22.01
CA LEU E 538 -9.99 -64.88 -21.47
C LEU E 538 -9.03 -64.95 -20.28
N ARG E 539 -7.76 -64.56 -20.49
CA ARG E 539 -6.71 -64.64 -19.48
C ARG E 539 -7.02 -63.88 -18.20
N SER E 540 -8.03 -63.02 -18.19
CA SER E 540 -8.44 -62.33 -16.98
C SER E 540 -9.72 -62.88 -16.39
N ASN E 541 -10.25 -63.95 -16.96
CA ASN E 541 -11.39 -64.67 -16.40
C ASN E 541 -12.60 -63.76 -16.18
N LEU E 542 -12.79 -62.76 -17.02
CA LEU E 542 -13.82 -61.76 -16.77
C LEU E 542 -15.19 -62.28 -17.22
N GLU E 543 -15.38 -63.60 -17.19
CA GLU E 543 -16.64 -64.19 -17.61
C GLU E 543 -17.78 -64.02 -16.62
N LYS E 544 -17.48 -63.70 -15.37
CA LYS E 544 -18.49 -63.38 -14.35
C LYS E 544 -19.48 -62.24 -14.73
N GLN E 551 -20.05 -62.06 -25.27
CA GLN E 551 -18.94 -62.16 -26.23
C GLN E 551 -19.08 -61.17 -27.37
N THR E 552 -20.33 -60.89 -27.75
CA THR E 552 -20.63 -59.83 -28.71
C THR E 552 -20.63 -58.46 -28.04
N THR E 553 -20.81 -58.42 -26.71
CA THR E 553 -20.60 -57.18 -25.96
C THR E 553 -19.14 -56.76 -26.03
N LEU E 554 -18.22 -57.76 -26.13
CA LEU E 554 -16.81 -57.49 -26.39
C LEU E 554 -16.60 -56.89 -27.78
N MET E 555 -17.21 -57.51 -28.79
CA MET E 555 -17.04 -57.03 -30.16
C MET E 555 -17.48 -55.57 -30.28
N THR E 556 -18.72 -55.27 -29.86
CA THR E 556 -19.22 -53.92 -29.98
C THR E 556 -18.39 -52.94 -29.14
N SER E 557 -17.92 -53.37 -27.97
CA SER E 557 -17.15 -52.48 -27.11
C SER E 557 -15.80 -52.07 -27.74
N TYR E 558 -15.15 -52.96 -28.51
CA TYR E 558 -13.94 -52.49 -29.20
C TYR E 558 -14.28 -51.67 -30.44
N PHE E 559 -15.31 -52.03 -31.19
CA PHE E 559 -15.60 -51.31 -32.43
C PHE E 559 -15.80 -49.83 -32.14
N LEU E 560 -16.49 -49.54 -31.05
CA LEU E 560 -16.65 -48.15 -30.61
C LEU E 560 -15.29 -47.54 -30.27
N ALA E 561 -14.41 -48.31 -29.63
CA ALA E 561 -13.06 -47.80 -29.31
C ALA E 561 -12.28 -47.39 -30.56
N SER E 562 -12.40 -48.15 -31.67
CA SER E 562 -11.69 -47.88 -32.91
C SER E 562 -12.38 -46.90 -33.86
N ALA E 563 -13.72 -46.94 -33.95
CA ALA E 563 -14.45 -46.06 -34.87
C ALA E 563 -14.25 -44.59 -34.57
N ASN E 564 -13.87 -44.25 -33.35
CA ASN E 564 -13.64 -42.87 -32.97
C ASN E 564 -12.15 -42.60 -32.84
N ILE E 565 -11.47 -43.28 -31.93
CA ILE E 565 -10.03 -43.13 -31.75
C ILE E 565 -9.29 -44.24 -32.50
N PHE E 566 -8.93 -43.93 -33.76
CA PHE E 566 -8.35 -44.87 -34.70
C PHE E 566 -6.87 -44.67 -34.99
N GLU E 567 -6.24 -43.62 -34.49
CA GLU E 567 -4.90 -43.27 -34.94
C GLU E 567 -3.89 -44.41 -34.82
N ALA E 568 -2.79 -44.28 -35.57
CA ALA E 568 -1.72 -45.27 -35.56
C ALA E 568 -1.16 -45.50 -34.15
N ASN E 569 -0.54 -44.48 -33.58
CA ASN E 569 0.19 -44.66 -32.34
C ASN E 569 -0.73 -44.71 -31.15
N ARG E 570 -1.97 -44.28 -31.33
CA ARG E 570 -2.93 -44.17 -30.24
C ARG E 570 -3.58 -45.50 -29.91
N ALA E 571 -3.03 -46.61 -30.40
CA ALA E 571 -3.57 -47.92 -30.04
C ALA E 571 -3.60 -48.06 -28.53
N ALA E 572 -2.58 -47.51 -27.86
CA ALA E 572 -2.51 -47.52 -26.39
C ALA E 572 -3.85 -47.13 -25.77
N GLU E 573 -4.39 -46.00 -26.20
CA GLU E 573 -5.66 -45.52 -25.69
C GLU E 573 -6.82 -46.41 -26.14
N ARG E 574 -6.90 -46.67 -27.44
CA ARG E 574 -8.02 -47.44 -27.99
C ARG E 574 -8.19 -48.75 -27.24
N LEU E 575 -7.08 -49.47 -27.05
CA LEU E 575 -7.12 -50.72 -26.30
C LEU E 575 -7.63 -50.46 -24.89
N GLY E 576 -7.01 -49.46 -24.21
CA GLY E 576 -7.43 -49.08 -22.88
C GLY E 576 -8.93 -48.80 -22.79
N TRP E 577 -9.48 -48.06 -23.75
CA TRP E 577 -10.92 -47.80 -23.76
C TRP E 577 -11.70 -49.10 -23.76
N ALA E 578 -11.44 -49.99 -24.70
CA ALA E 578 -12.24 -51.21 -24.80
C ALA E 578 -12.10 -52.08 -23.55
N ARG E 579 -10.87 -52.28 -23.08
CA ARG E 579 -10.66 -53.16 -21.94
C ARG E 579 -11.48 -52.69 -20.74
N VAL E 580 -11.23 -51.46 -20.29
CA VAL E 580 -11.90 -50.95 -19.10
C VAL E 580 -13.41 -50.92 -19.31
N ALA E 581 -13.87 -50.62 -20.53
CA ALA E 581 -15.30 -50.66 -20.84
C ALA E 581 -15.90 -52.01 -20.52
N LEU E 582 -15.13 -53.07 -20.77
CA LEU E 582 -15.60 -54.41 -20.46
C LEU E 582 -15.81 -54.60 -18.96
N LEU E 583 -14.88 -54.09 -18.12
CA LEU E 583 -15.03 -54.17 -16.66
C LEU E 583 -16.36 -53.59 -16.22
N ALA E 584 -16.66 -52.39 -16.67
CA ALA E 584 -17.93 -51.77 -16.32
C ALA E 584 -19.11 -52.62 -16.79
N ASP E 585 -19.07 -53.08 -18.05
CA ASP E 585 -20.12 -54.00 -18.51
C ASP E 585 -20.14 -55.29 -17.69
N ALA E 586 -18.96 -55.85 -17.40
CA ALA E 586 -18.88 -57.06 -16.57
C ALA E 586 -19.39 -56.81 -15.16
N VAL E 587 -18.81 -55.82 -14.47
CA VAL E 587 -19.18 -55.55 -13.08
C VAL E 587 -20.64 -55.14 -12.96
N SER E 588 -21.14 -54.30 -13.88
CA SER E 588 -22.54 -53.87 -13.81
C SER E 588 -23.49 -55.04 -13.83
N SER E 589 -23.24 -56.00 -14.72
CA SER E 589 -24.06 -57.21 -14.73
C SER E 589 -23.91 -57.98 -13.41
N HIS E 590 -22.67 -58.13 -12.92
CA HIS E 590 -22.45 -58.83 -11.65
C HIS E 590 -23.23 -58.18 -10.52
N PHE E 591 -23.30 -56.84 -10.52
CA PHE E 591 -24.03 -56.14 -9.47
C PHE E 591 -25.54 -56.33 -9.62
N ARG E 592 -26.05 -56.43 -10.86
CA ARG E 592 -27.49 -56.64 -11.01
C ARG E 592 -27.90 -58.01 -10.49
N ARG E 593 -27.10 -59.06 -10.74
CA ARG E 593 -27.46 -60.39 -10.30
C ARG E 593 -27.23 -60.62 -8.81
N ILE E 594 -26.60 -59.66 -8.12
CA ILE E 594 -26.40 -59.70 -6.68
C ILE E 594 -27.46 -58.87 -5.95
N GLY E 595 -28.25 -58.09 -6.69
CA GLY E 595 -29.32 -57.34 -6.07
C GLY E 595 -28.94 -55.92 -5.75
N GLY E 596 -27.75 -55.51 -6.15
CA GLY E 596 -27.18 -54.22 -5.87
C GLY E 596 -25.80 -54.41 -5.27
N PRO E 597 -25.05 -53.31 -5.15
CA PRO E 597 -23.71 -53.38 -4.53
C PRO E 597 -23.71 -53.60 -3.01
N LYS E 598 -24.84 -53.44 -2.31
CA LYS E 598 -24.88 -53.74 -0.88
C LYS E 598 -24.34 -55.12 -0.56
N ASN E 599 -24.77 -56.14 -1.30
CA ASN E 599 -24.39 -57.51 -0.97
C ASN E 599 -23.13 -57.95 -1.70
N SER E 600 -22.19 -57.04 -1.90
CA SER E 600 -20.93 -57.36 -2.55
C SER E 600 -19.98 -57.92 -1.49
N THR E 601 -19.68 -59.21 -1.59
CA THR E 601 -18.79 -59.89 -0.64
C THR E 601 -17.31 -59.63 -0.91
N SER E 602 -16.95 -58.97 -2.01
CA SER E 602 -15.59 -58.99 -2.50
C SER E 602 -14.97 -57.59 -2.48
N ASN E 603 -13.64 -57.55 -2.66
CA ASN E 603 -12.88 -56.29 -2.77
C ASN E 603 -12.57 -55.94 -4.23
N LEU E 604 -13.62 -55.59 -4.97
CA LEU E 604 -13.54 -55.13 -6.36
C LEU E 604 -12.60 -53.93 -6.57
N GLU E 605 -12.07 -53.32 -5.52
CA GLU E 605 -11.16 -52.21 -5.74
C GLU E 605 -9.87 -52.70 -6.40
N GLU E 606 -9.31 -53.80 -5.91
CA GLU E 606 -8.07 -54.33 -6.49
C GLU E 606 -8.32 -55.07 -7.79
N LEU E 607 -9.52 -54.92 -8.33
CA LEU E 607 -9.94 -55.59 -9.56
C LEU E 607 -9.40 -54.97 -10.85
N ILE E 608 -8.98 -53.70 -10.86
CA ILE E 608 -8.47 -53.10 -12.10
C ILE E 608 -7.05 -53.52 -12.46
N SER E 609 -6.28 -54.07 -11.54
CA SER E 609 -4.93 -54.47 -11.90
C SER E 609 -4.90 -55.58 -12.95
N LEU E 610 -6.07 -55.93 -13.52
CA LEU E 610 -6.16 -56.78 -14.71
C LEU E 610 -5.80 -56.08 -16.04
N VAL E 611 -6.07 -54.78 -16.18
CA VAL E 611 -5.71 -54.00 -17.37
C VAL E 611 -4.20 -53.77 -17.42
N PRO E 612 -3.62 -53.23 -18.50
CA PRO E 612 -2.16 -53.06 -18.52
C PRO E 612 -1.66 -52.33 -17.30
N PHE E 613 -0.52 -52.79 -16.80
CA PHE E 613 0.07 -52.37 -15.53
C PHE E 613 1.32 -51.56 -15.83
N ASP E 614 1.16 -50.46 -16.57
CA ASP E 614 2.21 -49.45 -16.66
C ASP E 614 2.12 -48.53 -15.44
N ASP E 615 3.29 -48.13 -14.93
CA ASP E 615 3.39 -47.25 -13.75
C ASP E 615 3.10 -45.78 -14.03
N ALA E 616 3.22 -45.32 -15.30
CA ALA E 616 2.84 -43.95 -15.67
C ALA E 616 1.46 -43.56 -15.16
N TYR E 617 0.65 -44.56 -14.80
CA TYR E 617 -0.69 -44.39 -14.24
C TYR E 617 -0.78 -45.26 -12.98
N SER E 618 0.06 -44.93 -12.00
CA SER E 618 0.37 -45.87 -10.92
C SER E 618 -0.88 -46.18 -10.08
N GLY E 619 -1.48 -45.15 -9.49
CA GLY E 619 -2.70 -45.35 -8.74
C GLY E 619 -3.68 -44.32 -9.20
N SER E 620 -3.29 -43.64 -10.28
CA SER E 620 -4.17 -42.67 -10.89
C SER E 620 -5.31 -43.38 -11.58
N LEU E 621 -5.03 -44.58 -12.09
CA LEU E 621 -6.11 -45.38 -12.62
C LEU E 621 -6.88 -46.05 -11.48
N ARG E 622 -6.18 -46.48 -10.43
CA ARG E 622 -6.86 -47.09 -9.30
C ARG E 622 -7.90 -46.14 -8.71
N GLU E 623 -7.48 -44.89 -8.45
CA GLU E 623 -8.37 -43.89 -7.88
C GLU E 623 -9.51 -43.56 -8.84
N ALA E 624 -9.23 -43.55 -10.13
CA ALA E 624 -10.26 -43.30 -11.12
C ALA E 624 -11.33 -44.39 -11.08
N TRP E 625 -10.90 -45.63 -10.88
CA TRP E 625 -11.85 -46.74 -10.76
C TRP E 625 -12.63 -46.68 -9.45
N LYS E 626 -11.91 -46.46 -8.34
CA LYS E 626 -12.55 -46.31 -7.03
C LYS E 626 -13.68 -45.30 -7.10
N GLN E 627 -13.45 -44.20 -7.81
CA GLN E 627 -14.50 -43.20 -7.96
C GLN E 627 -15.68 -43.77 -8.71
N TRP E 628 -15.43 -44.64 -9.69
CA TRP E 628 -16.56 -45.24 -10.40
C TRP E 628 -17.34 -46.15 -9.47
N LEU E 629 -16.64 -46.88 -8.60
CA LEU E 629 -17.35 -47.76 -7.68
C LEU E 629 -18.24 -46.97 -6.74
N MET E 630 -17.71 -45.91 -6.15
CA MET E 630 -18.49 -45.18 -5.17
C MET E 630 -19.77 -44.63 -5.79
N ALA E 631 -19.73 -44.30 -7.08
CA ALA E 631 -20.95 -43.89 -7.76
C ALA E 631 -21.99 -44.99 -7.72
N TRP E 632 -21.54 -46.25 -7.70
CA TRP E 632 -22.48 -47.36 -7.47
C TRP E 632 -23.07 -47.26 -6.06
N THR E 633 -22.20 -47.13 -5.05
CA THR E 633 -22.64 -47.19 -3.67
C THR E 633 -23.55 -46.03 -3.31
N ALA E 634 -23.40 -44.90 -3.99
CA ALA E 634 -24.24 -43.73 -3.74
C ALA E 634 -25.51 -43.76 -4.54
N LYS E 635 -25.41 -44.02 -5.85
CA LYS E 635 -26.60 -44.04 -6.70
C LYS E 635 -27.41 -45.31 -6.49
N GLU E 636 -26.98 -46.18 -5.57
CA GLU E 636 -27.70 -47.40 -5.27
C GLU E 636 -28.97 -47.04 -4.50
N SER E 637 -29.98 -47.90 -4.61
CA SER E 637 -31.27 -47.66 -3.96
C SER E 637 -31.90 -46.33 -4.40
N SER E 638 -31.61 -45.90 -5.63
CA SER E 638 -32.09 -44.65 -6.17
C SER E 638 -32.63 -44.88 -7.59
N GLN E 639 -33.02 -43.79 -8.25
CA GLN E 639 -33.56 -43.86 -9.60
C GLN E 639 -32.53 -43.52 -10.66
N GLU E 640 -31.51 -42.74 -10.30
CA GLU E 640 -30.45 -42.34 -11.23
C GLU E 640 -29.69 -43.55 -11.77
N SER E 641 -29.27 -43.44 -13.02
CA SER E 641 -28.50 -44.48 -13.65
C SER E 641 -27.05 -44.36 -13.25
N ILE E 642 -26.29 -45.42 -13.47
CA ILE E 642 -24.85 -45.30 -13.28
C ILE E 642 -24.13 -45.13 -14.60
N GLU E 643 -24.84 -45.31 -15.72
CA GLU E 643 -24.22 -45.18 -17.04
C GLU E 643 -23.41 -43.89 -17.19
N GLY E 644 -23.93 -42.76 -16.69
CA GLY E 644 -23.19 -41.52 -16.76
C GLY E 644 -21.82 -41.61 -16.13
N ASP E 645 -21.74 -42.21 -14.95
CA ASP E 645 -20.47 -42.26 -14.26
C ASP E 645 -19.53 -43.24 -14.94
N THR E 646 -20.09 -44.23 -15.63
CA THR E 646 -19.25 -45.11 -16.44
C THR E 646 -18.59 -44.34 -17.58
N ALA E 647 -19.33 -43.42 -18.21
CA ALA E 647 -18.75 -42.64 -19.30
C ALA E 647 -17.63 -41.75 -18.76
N ILE E 648 -17.88 -41.06 -17.64
CA ILE E 648 -16.81 -40.28 -17.04
C ILE E 648 -15.66 -41.21 -16.70
N LEU E 649 -15.97 -42.45 -16.31
CA LEU E 649 -14.94 -43.43 -16.01
C LEU E 649 -14.06 -43.64 -17.24
N LEU E 650 -14.70 -43.75 -18.40
CA LEU E 650 -14.00 -43.98 -19.67
C LEU E 650 -13.06 -42.83 -20.04
N VAL E 651 -13.61 -41.61 -20.19
CA VAL E 651 -12.79 -40.52 -20.69
C VAL E 651 -11.59 -40.30 -19.77
N ARG E 652 -11.78 -40.49 -18.47
CA ARG E 652 -10.68 -40.37 -17.53
C ARG E 652 -9.63 -41.41 -17.82
N ALA E 653 -10.05 -42.64 -18.12
CA ALA E 653 -9.09 -43.68 -18.45
C ALA E 653 -8.34 -43.31 -19.72
N ILE E 654 -9.07 -42.90 -20.76
CA ILE E 654 -8.41 -42.53 -22.00
C ILE E 654 -7.38 -41.44 -21.75
N GLU E 655 -7.68 -40.49 -20.87
CA GLU E 655 -6.73 -39.42 -20.69
C GLU E 655 -5.49 -39.88 -19.98
N ILE E 656 -5.63 -40.84 -19.07
CA ILE E 656 -4.47 -41.38 -18.39
C ILE E 656 -3.69 -42.27 -19.34
N PHE E 657 -4.39 -43.07 -20.12
CA PHE E 657 -3.69 -43.78 -21.18
C PHE E 657 -3.17 -42.71 -22.13
N GLY E 658 -1.89 -42.43 -22.08
CA GLY E 658 -1.36 -41.34 -22.87
C GLY E 658 -1.00 -40.13 -22.03
N GLY E 659 -1.38 -40.14 -20.75
CA GLY E 659 -0.71 -39.25 -19.81
C GLY E 659 -0.77 -37.78 -20.12
N ARG E 660 -1.90 -37.28 -20.58
CA ARG E 660 -2.05 -35.85 -20.71
C ARG E 660 -2.84 -35.39 -19.50
N HIS E 661 -2.37 -34.34 -18.89
CA HIS E 661 -3.01 -33.74 -17.76
C HIS E 661 -3.61 -32.42 -18.20
N VAL E 662 -4.34 -31.80 -17.30
CA VAL E 662 -4.90 -30.51 -17.63
C VAL E 662 -3.86 -29.46 -17.27
N LEU E 663 -2.83 -29.42 -18.11
CA LEU E 663 -1.67 -28.51 -18.15
C LEU E 663 -1.38 -27.86 -16.80
N THR E 664 -1.58 -26.54 -16.66
CA THR E 664 -1.36 -25.84 -15.39
C THR E 664 -2.66 -25.30 -14.82
N GLY E 665 -3.47 -24.74 -15.69
CA GLY E 665 -4.81 -24.43 -15.30
C GLY E 665 -5.10 -23.04 -14.83
N GLN E 666 -5.70 -22.27 -15.71
CA GLN E 666 -6.36 -21.05 -15.32
C GLN E 666 -7.71 -21.42 -14.71
N ARG E 667 -8.36 -20.46 -14.07
CA ARG E 667 -9.63 -20.79 -13.42
C ARG E 667 -10.65 -21.33 -14.40
N PRO E 668 -10.90 -20.71 -15.54
CA PRO E 668 -11.93 -21.24 -16.40
C PRO E 668 -11.52 -22.55 -17.04
N ASP E 669 -10.22 -22.86 -17.06
CA ASP E 669 -9.81 -24.20 -17.49
C ASP E 669 -10.47 -25.24 -16.61
N LEU E 670 -10.44 -25.01 -15.30
CA LEU E 670 -11.12 -25.86 -14.35
C LEU E 670 -12.59 -26.00 -14.71
N TRP E 671 -13.24 -24.88 -14.94
CA TRP E 671 -14.68 -24.90 -15.22
C TRP E 671 -14.94 -25.67 -16.49
N GLU E 672 -14.18 -25.38 -17.55
CA GLU E 672 -14.37 -26.08 -18.80
C GLU E 672 -14.28 -27.59 -18.64
N TYR E 673 -13.33 -28.08 -17.83
CA TYR E 673 -13.26 -29.52 -17.60
C TYR E 673 -14.49 -29.98 -16.83
N SER E 674 -14.72 -29.40 -15.65
CA SER E 674 -15.84 -29.83 -14.82
C SER E 674 -17.15 -29.78 -15.60
N GLN E 675 -17.24 -28.84 -16.53
CA GLN E 675 -18.44 -28.70 -17.32
C GLN E 675 -18.55 -29.80 -18.34
N LEU E 676 -17.43 -30.17 -18.96
CA LEU E 676 -17.45 -31.26 -19.91
C LEU E 676 -17.79 -32.58 -19.24
N GLU E 677 -17.21 -32.85 -18.06
CA GLU E 677 -17.59 -34.07 -17.37
C GLU E 677 -19.08 -34.04 -17.05
N GLN E 678 -19.56 -32.90 -16.56
CA GLN E 678 -20.97 -32.75 -16.25
C GLN E 678 -21.86 -33.02 -17.46
N LEU E 679 -21.53 -32.45 -18.62
CA LEU E 679 -22.39 -32.62 -19.80
C LEU E 679 -22.48 -34.08 -20.26
N THR E 680 -21.35 -34.80 -20.28
CA THR E 680 -21.38 -36.19 -20.72
C THR E 680 -22.10 -37.09 -19.73
N SER E 681 -21.80 -36.94 -18.44
CA SER E 681 -22.51 -37.70 -17.43
C SER E 681 -24.01 -37.43 -17.59
N SER E 682 -24.38 -36.18 -17.88
CA SER E 682 -25.78 -35.83 -18.10
C SER E 682 -26.35 -36.46 -19.36
N ILE E 683 -25.61 -36.42 -20.45
CA ILE E 683 -26.13 -36.95 -21.70
C ILE E 683 -26.32 -38.46 -21.62
N CYS E 684 -25.39 -39.19 -20.99
CA CYS E 684 -25.50 -40.64 -20.98
C CYS E 684 -26.58 -41.14 -20.01
N CYS E 685 -26.80 -40.42 -18.91
CA CYS E 685 -27.91 -40.73 -18.00
C CYS E 685 -29.24 -40.48 -18.71
N LYS E 686 -29.39 -39.30 -19.30
CA LYS E 686 -30.57 -39.01 -20.10
C LYS E 686 -30.71 -40.06 -21.21
N LEU E 687 -29.58 -40.45 -21.81
CA LEU E 687 -29.57 -41.47 -22.86
C LEU E 687 -30.06 -42.81 -22.35
N SER E 688 -29.65 -43.22 -21.14
CA SER E 688 -30.07 -44.54 -20.67
C SER E 688 -31.55 -44.60 -20.32
N ARG E 689 -32.30 -43.51 -20.45
CA ARG E 689 -33.75 -43.55 -20.34
C ARG E 689 -34.40 -43.67 -21.71
N ARG E 690 -33.68 -43.23 -22.73
CA ARG E 690 -34.09 -43.49 -24.11
C ARG E 690 -34.09 -44.99 -24.41
N VAL E 691 -33.09 -45.72 -23.91
CA VAL E 691 -32.97 -47.17 -24.09
C VAL E 691 -34.08 -47.91 -23.34
N LEU E 692 -34.90 -47.17 -22.58
CA LEU E 692 -36.11 -47.71 -21.96
C LEU E 692 -37.39 -47.49 -22.76
N ALA E 693 -37.54 -46.35 -23.44
CA ALA E 693 -38.76 -46.14 -24.22
C ALA E 693 -38.79 -46.92 -25.53
N GLN E 694 -37.66 -47.43 -26.00
CA GLN E 694 -37.66 -48.32 -27.15
C GLN E 694 -37.98 -49.74 -26.70
N GLU E 695 -37.41 -50.15 -25.56
CA GLU E 695 -37.67 -51.47 -25.01
C GLU E 695 -39.00 -51.52 -24.27
N ASN E 696 -39.16 -50.68 -23.25
CA ASN E 696 -40.37 -50.73 -22.44
C ASN E 696 -41.60 -50.27 -23.19
N GLY E 697 -41.50 -50.03 -24.49
CA GLY E 697 -42.69 -49.80 -25.27
C GLY E 697 -43.47 -48.57 -24.88
N GLU E 698 -42.86 -47.39 -25.01
CA GLU E 698 -43.51 -46.17 -24.58
C GLU E 698 -43.80 -45.30 -25.80
N SER E 699 -44.97 -44.66 -25.75
CA SER E 699 -45.48 -43.73 -26.76
C SER E 699 -44.42 -42.90 -27.47
N THR E 700 -44.53 -42.80 -28.81
CA THR E 700 -43.61 -41.93 -29.57
C THR E 700 -43.70 -40.47 -29.11
N GLU E 701 -44.86 -40.02 -28.59
CA GLU E 701 -44.96 -38.64 -28.13
C GLU E 701 -44.01 -38.36 -26.96
N LYS E 702 -43.79 -39.34 -26.10
CA LYS E 702 -42.78 -39.16 -25.06
C LYS E 702 -41.35 -39.50 -25.50
N VAL E 703 -41.15 -40.53 -26.32
CA VAL E 703 -39.78 -40.91 -26.66
C VAL E 703 -39.12 -39.89 -27.59
N GLU E 704 -39.85 -39.35 -28.60
CA GLU E 704 -39.19 -38.28 -29.37
C GLU E 704 -39.08 -36.98 -28.60
N GLU E 705 -39.79 -36.85 -27.47
CA GLU E 705 -39.57 -35.73 -26.56
C GLU E 705 -38.21 -35.87 -25.87
N ILE E 706 -37.82 -37.10 -25.51
CA ILE E 706 -36.53 -37.33 -24.90
C ILE E 706 -35.42 -37.09 -25.91
N ASP E 707 -35.61 -37.55 -27.16
CA ASP E 707 -34.57 -37.39 -28.18
C ASP E 707 -34.23 -35.93 -28.39
N GLN E 708 -35.24 -35.07 -28.47
CA GLN E 708 -34.96 -33.65 -28.61
C GLN E 708 -34.13 -33.15 -27.44
N GLN E 709 -34.36 -33.70 -26.24
CA GLN E 709 -33.68 -33.22 -25.05
C GLN E 709 -32.23 -33.66 -24.97
N VAL E 710 -31.87 -34.81 -25.55
CA VAL E 710 -30.47 -35.20 -25.63
C VAL E 710 -29.76 -34.44 -26.74
N ASP E 711 -30.36 -34.38 -27.93
CA ASP E 711 -29.71 -33.67 -29.04
C ASP E 711 -29.43 -32.22 -28.64
N LEU E 712 -30.33 -31.61 -27.87
CA LEU E 712 -30.15 -30.23 -27.45
C LEU E 712 -28.91 -30.08 -26.59
N GLU E 713 -28.82 -30.86 -25.49
CA GLU E 713 -27.62 -30.83 -24.68
C GLU E 713 -26.40 -31.14 -25.52
N MET E 714 -26.55 -32.02 -26.51
CA MET E 714 -25.43 -32.41 -27.36
C MET E 714 -24.79 -31.20 -28.06
N GLN E 715 -25.60 -30.22 -28.46
CA GLN E 715 -25.04 -29.05 -29.14
C GLN E 715 -24.02 -28.37 -28.24
N GLU E 716 -24.43 -28.06 -27.00
CA GLU E 716 -23.53 -27.40 -26.06
C GLU E 716 -22.29 -28.24 -25.79
N LEU E 717 -22.43 -29.55 -25.81
CA LEU E 717 -21.24 -30.37 -25.71
C LEU E 717 -20.41 -30.20 -26.97
N THR E 718 -21.07 -30.26 -28.14
CA THR E 718 -20.36 -30.09 -29.40
C THR E 718 -19.67 -28.74 -29.45
N ARG E 719 -20.35 -27.69 -29.00
CA ARG E 719 -19.74 -26.37 -28.95
C ARG E 719 -18.46 -26.39 -28.12
N ARG E 720 -18.55 -26.81 -26.87
CA ARG E 720 -17.41 -26.79 -25.96
C ARG E 720 -16.27 -27.67 -26.43
N VAL E 721 -16.55 -28.66 -27.30
CA VAL E 721 -15.51 -29.58 -27.73
C VAL E 721 -14.68 -29.03 -28.86
N LEU E 722 -15.33 -28.52 -29.90
CA LEU E 722 -14.60 -28.04 -31.07
C LEU E 722 -14.42 -26.54 -31.09
N GLN E 723 -14.76 -25.84 -30.01
CA GLN E 723 -14.69 -24.38 -29.99
C GLN E 723 -13.27 -23.88 -30.25
N GLY E 724 -12.27 -24.72 -30.02
CA GLY E 724 -10.84 -24.40 -30.15
C GLY E 724 -10.28 -23.07 -29.65
N CYS E 725 -11.07 -22.29 -28.94
CA CYS E 725 -10.52 -21.17 -28.20
C CYS E 725 -10.22 -21.55 -26.75
N SER E 726 -10.76 -22.68 -26.28
CA SER E 726 -10.48 -23.14 -24.92
C SER E 726 -9.01 -23.51 -24.74
N ALA E 727 -8.54 -23.39 -23.48
CA ALA E 727 -7.14 -23.62 -23.14
C ALA E 727 -6.88 -25.02 -22.57
N ILE E 728 -7.81 -25.96 -22.74
CA ILE E 728 -7.57 -27.36 -22.36
C ILE E 728 -7.20 -28.11 -23.62
N ASN E 729 -6.21 -28.98 -23.50
CA ASN E 729 -5.65 -29.75 -24.60
C ASN E 729 -6.74 -30.24 -25.55
N ARG E 730 -6.53 -30.00 -26.85
CA ARG E 730 -7.51 -30.39 -27.88
C ARG E 730 -7.84 -31.87 -27.86
N LEU E 731 -6.85 -32.71 -27.58
CA LEU E 731 -7.07 -34.15 -27.54
C LEU E 731 -7.95 -34.55 -26.36
N THR E 732 -7.72 -33.92 -25.20
CA THR E 732 -8.62 -34.10 -24.07
C THR E 732 -10.03 -33.66 -24.45
N ARG E 733 -10.14 -32.50 -25.10
CA ARG E 733 -11.45 -32.00 -25.51
C ARG E 733 -12.13 -32.99 -26.45
N GLU E 734 -11.40 -33.53 -27.41
CA GLU E 734 -11.99 -34.50 -28.34
C GLU E 734 -12.41 -35.79 -27.63
N THR E 735 -11.63 -36.22 -26.64
CA THR E 735 -11.91 -37.46 -25.94
C THR E 735 -13.33 -37.51 -25.38
N PHE E 736 -13.82 -36.38 -24.85
CA PHE E 736 -15.20 -36.32 -24.39
C PHE E 736 -16.16 -36.61 -25.54
N LEU E 737 -15.96 -35.95 -26.68
CA LEU E 737 -16.87 -36.14 -27.79
C LEU E 737 -16.79 -37.57 -28.30
N HIS E 738 -15.57 -38.15 -28.30
CA HIS E 738 -15.41 -39.55 -28.69
C HIS E 738 -16.37 -40.43 -27.90
N VAL E 739 -16.28 -40.36 -26.58
CA VAL E 739 -17.09 -41.22 -25.74
C VAL E 739 -18.58 -40.92 -25.94
N VAL E 740 -18.97 -39.65 -25.90
CA VAL E 740 -20.40 -39.37 -25.92
C VAL E 740 -21.04 -39.83 -27.22
N LYS E 741 -20.42 -39.53 -28.35
CA LYS E 741 -20.99 -39.96 -29.63
C LYS E 741 -21.15 -41.47 -29.69
N SER E 742 -20.14 -42.22 -29.22
CA SER E 742 -20.24 -43.67 -29.26
C SER E 742 -21.42 -44.12 -28.40
N PHE E 743 -21.59 -43.51 -27.24
CA PHE E 743 -22.79 -43.80 -26.45
C PHE E 743 -24.03 -43.39 -27.22
N CYS E 744 -23.99 -42.27 -27.94
CA CYS E 744 -25.16 -41.86 -28.73
C CYS E 744 -25.44 -42.85 -29.84
N TYR E 745 -24.39 -43.22 -30.57
CA TYR E 745 -24.52 -44.16 -31.67
C TYR E 745 -25.32 -45.41 -31.27
N VAL E 746 -24.94 -46.07 -30.18
CA VAL E 746 -25.57 -47.33 -29.80
C VAL E 746 -27.07 -47.12 -29.58
N ALA E 747 -27.43 -46.07 -28.87
CA ALA E 747 -28.83 -45.85 -28.55
C ALA E 747 -29.65 -45.49 -29.77
N TYR E 748 -28.99 -45.00 -30.82
CA TYR E 748 -29.64 -44.54 -32.04
C TYR E 748 -29.38 -45.47 -33.23
N CYS E 749 -29.02 -46.72 -32.96
CA CYS E 749 -28.64 -47.70 -33.98
C CYS E 749 -29.32 -49.02 -33.69
N SER E 750 -29.93 -49.60 -34.74
CA SER E 750 -30.48 -50.94 -34.64
C SER E 750 -29.35 -51.92 -34.35
N PRO E 751 -29.56 -52.89 -33.47
CA PRO E 751 -28.49 -53.89 -33.25
C PRO E 751 -28.10 -54.56 -34.53
N GLU E 752 -29.04 -54.65 -35.48
CA GLU E 752 -28.75 -55.13 -36.84
C GLU E 752 -27.78 -54.21 -37.57
N THR E 753 -28.10 -52.91 -37.63
CA THR E 753 -27.21 -51.96 -38.29
C THR E 753 -25.86 -51.87 -37.57
N ILE E 754 -25.85 -52.11 -36.26
CA ILE E 754 -24.68 -51.83 -35.44
C ILE E 754 -23.54 -52.75 -35.81
N ASP E 755 -23.84 -54.00 -36.13
CA ASP E 755 -22.83 -54.94 -36.56
C ASP E 755 -22.71 -55.06 -38.07
N SER E 756 -23.71 -54.60 -38.83
CA SER E 756 -23.47 -54.41 -40.26
C SER E 756 -22.37 -53.38 -40.46
N HIS E 757 -22.36 -52.32 -39.64
CA HIS E 757 -21.25 -51.38 -39.64
C HIS E 757 -19.98 -52.08 -39.20
N ILE E 758 -20.06 -52.86 -38.12
CA ILE E 758 -18.91 -53.63 -37.66
C ILE E 758 -18.38 -54.46 -38.82
N ASP E 759 -19.30 -55.05 -39.59
CA ASP E 759 -18.91 -55.84 -40.75
C ASP E 759 -18.24 -54.98 -41.82
N LYS E 760 -18.87 -53.85 -42.18
CA LYS E 760 -18.41 -53.08 -43.34
C LYS E 760 -17.11 -52.32 -43.06
N VAL E 761 -16.80 -51.99 -41.81
CA VAL E 761 -15.62 -51.19 -41.47
C VAL E 761 -14.44 -52.05 -41.03
N ILE E 762 -14.65 -53.11 -40.27
CA ILE E 762 -13.53 -53.84 -39.72
C ILE E 762 -13.24 -55.01 -40.64
N PHE E 763 -14.29 -55.51 -41.29
CA PHE E 763 -14.24 -56.77 -42.03
C PHE E 763 -14.36 -56.68 -43.56
N GLN E 764 -15.22 -55.82 -44.14
CA GLN E 764 -15.35 -55.75 -45.61
C GLN E 764 -14.19 -54.96 -46.22
N ASP E 765 -13.05 -55.64 -46.37
CA ASP E 765 -11.85 -54.99 -46.86
C ASP E 765 -12.08 -54.41 -48.26
N VAL E 766 -11.78 -53.14 -48.44
CA VAL E 766 -11.49 -52.63 -49.78
C VAL E 766 -10.01 -52.89 -49.99
N ILE E 767 -9.59 -53.07 -51.25
CA ILE E 767 -8.28 -53.66 -51.62
C ILE E 767 -8.00 -54.93 -50.80
N THR F 79 -5.51 58.58 39.69
CA THR F 79 -5.56 57.09 39.68
C THR F 79 -4.57 56.36 38.79
N THR F 80 -4.33 55.08 39.11
CA THR F 80 -3.36 54.27 38.37
C THR F 80 -3.95 53.74 37.08
N THR F 81 -5.23 53.42 37.14
CA THR F 81 -5.87 52.91 35.95
C THR F 81 -5.96 53.97 34.88
N THR F 82 -6.28 55.20 35.26
CA THR F 82 -6.37 56.23 34.24
C THR F 82 -5.03 56.46 33.58
N MET F 83 -3.96 56.55 34.37
CA MET F 83 -2.64 56.79 33.80
C MET F 83 -2.26 55.69 32.82
N ILE F 84 -2.58 54.44 33.14
CA ILE F 84 -2.34 53.38 32.19
C ILE F 84 -3.16 53.63 30.95
N ASP F 85 -4.43 54.03 31.13
CA ASP F 85 -5.30 54.37 30.00
C ASP F 85 -4.78 55.57 29.23
N GLY F 86 -4.15 56.52 29.94
CA GLY F 86 -3.52 57.63 29.26
C GLY F 86 -2.43 57.16 28.32
N ILE F 87 -1.49 56.39 28.83
CA ILE F 87 -0.44 55.87 27.96
C ILE F 87 -1.04 55.00 26.86
N ARG F 88 -2.10 54.26 27.17
CA ARG F 88 -2.66 53.35 26.19
C ARG F 88 -3.28 54.10 25.03
N THR F 89 -4.21 55.02 25.30
CA THR F 89 -4.91 55.64 24.20
C THR F 89 -3.96 56.44 23.35
N ALA F 90 -2.89 56.97 23.95
CA ALA F 90 -1.79 57.58 23.21
C ALA F 90 -1.02 56.58 22.38
N LEU F 91 -0.81 55.38 22.89
CA LEU F 91 -0.08 54.40 22.09
C LEU F 91 -0.89 53.95 20.90
N ARG F 92 -2.21 53.86 21.03
CA ARG F 92 -3.06 53.42 19.93
C ARG F 92 -3.04 54.42 18.79
N SER F 93 -2.94 55.71 19.13
CA SER F 93 -2.91 56.86 18.24
C SER F 93 -1.50 57.22 17.74
N ILE F 94 -0.58 56.25 17.70
CA ILE F 94 0.78 56.55 17.27
C ILE F 94 0.75 56.95 15.81
N GLY F 95 1.74 57.72 15.40
CA GLY F 95 1.78 58.11 14.01
C GLY F 95 3.09 58.67 13.53
N GLU F 96 3.01 59.80 12.81
CA GLU F 96 4.20 60.36 12.19
C GLU F 96 5.17 60.98 13.21
N GLY F 97 4.70 61.29 14.40
CA GLY F 97 5.53 61.90 15.42
C GLY F 97 4.71 62.87 16.25
N GLU F 98 5.05 62.99 17.53
CA GLU F 98 4.41 63.99 18.36
C GLU F 98 5.26 65.24 18.56
N ILE F 99 6.48 65.27 18.05
CA ILE F 99 7.50 66.33 18.15
C ILE F 99 7.06 67.80 18.26
N SER F 100 7.94 68.60 18.84
CA SER F 100 7.75 70.01 19.13
C SER F 100 8.07 70.90 17.94
N ILE F 101 7.40 72.07 17.91
CA ILE F 101 7.57 73.04 16.82
C ILE F 101 8.89 73.79 16.93
N SER F 102 9.54 73.97 15.78
CA SER F 102 10.78 74.72 15.65
C SER F 102 10.47 76.10 15.15
N ALA F 103 10.98 77.12 15.84
CA ALA F 103 10.81 78.49 15.36
C ALA F 103 11.58 78.69 14.07
N TYR F 104 12.77 78.09 13.96
CA TYR F 104 13.59 78.24 12.75
C TYR F 104 12.92 77.58 11.54
N ASP F 105 12.63 76.28 11.64
CA ASP F 105 12.02 75.62 10.49
C ASP F 105 10.68 76.28 10.14
N THR F 106 9.99 76.87 11.12
CA THR F 106 8.69 77.47 10.83
C THR F 106 8.85 78.81 10.12
N SER F 107 9.74 79.68 10.60
CA SER F 107 9.84 81.00 9.99
C SER F 107 10.42 80.90 8.59
N LEU F 108 11.32 79.94 8.34
CA LEU F 108 11.79 79.68 6.98
C LEU F 108 10.68 79.22 6.03
N VAL F 109 9.57 78.70 6.53
CA VAL F 109 8.47 78.34 5.65
C VAL F 109 7.53 79.52 5.40
N ALA F 110 7.48 80.48 6.31
CA ALA F 110 6.76 81.71 6.04
C ALA F 110 7.39 82.48 4.87
N LEU F 111 8.70 82.32 4.66
CA LEU F 111 9.31 83.02 3.53
C LEU F 111 8.87 82.48 2.18
N LEU F 112 7.85 81.63 2.07
CA LEU F 112 7.50 81.05 0.81
C LEU F 112 6.26 81.77 0.32
N LYS F 113 6.35 82.30 -0.93
CA LYS F 113 5.36 83.21 -1.46
C LYS F 113 4.25 82.40 -2.11
N ARG F 114 3.08 83.01 -2.23
CA ARG F 114 1.90 82.22 -2.57
C ARG F 114 2.06 81.58 -3.94
N LEU F 115 1.60 80.33 -4.05
CA LEU F 115 1.72 79.64 -5.33
C LEU F 115 0.90 80.32 -6.40
N ASP F 116 -0.34 80.69 -6.07
CA ASP F 116 -1.21 81.39 -7.00
C ASP F 116 -0.80 82.84 -7.21
N GLY F 117 0.50 83.10 -7.34
CA GLY F 117 0.96 84.45 -7.66
C GLY F 117 0.33 85.54 -6.84
N GLY F 118 0.22 85.34 -5.55
CA GLY F 118 -0.29 86.37 -4.66
C GLY F 118 0.78 86.85 -3.70
N ASP F 119 0.57 88.00 -3.08
CA ASP F 119 1.60 88.63 -2.25
C ASP F 119 1.46 88.30 -0.76
N GLY F 120 0.49 87.48 -0.36
CA GLY F 120 0.50 86.94 0.98
C GLY F 120 1.26 85.64 1.04
N PRO F 121 2.11 85.45 2.06
CA PRO F 121 2.85 84.20 2.21
C PRO F 121 1.97 82.98 2.10
N GLN F 122 2.51 81.91 1.51
CA GLN F 122 1.68 80.79 1.09
C GLN F 122 0.93 80.17 2.25
N PHE F 123 1.62 80.00 3.39
CA PHE F 123 1.00 79.46 4.60
C PHE F 123 0.92 80.56 5.63
N PRO F 124 -0.15 81.34 5.70
CA PRO F 124 -0.17 82.42 6.69
C PRO F 124 -0.14 81.88 8.11
N SER F 125 -0.41 80.59 8.30
CA SER F 125 -0.47 80.04 9.65
C SER F 125 0.91 79.91 10.29
N THR F 126 1.99 79.85 9.48
CA THR F 126 3.32 79.92 10.06
C THR F 126 3.54 81.23 10.79
N ILE F 127 3.14 82.35 10.19
CA ILE F 127 3.31 83.63 10.85
C ILE F 127 2.34 83.77 12.00
N ASP F 128 1.14 83.22 11.85
CA ASP F 128 0.23 83.23 12.99
C ASP F 128 0.89 82.60 14.20
N TRP F 129 1.63 81.50 13.99
CA TRP F 129 2.37 80.85 15.08
C TRP F 129 3.50 81.70 15.58
N ILE F 130 4.25 82.32 14.67
CA ILE F 130 5.38 83.12 15.09
C ILE F 130 4.92 84.12 16.13
N VAL F 131 4.02 84.95 15.73
CA VAL F 131 3.56 86.03 16.63
C VAL F 131 3.22 85.45 17.99
N GLN F 132 2.54 84.34 18.01
CA GLN F 132 2.02 83.88 19.31
C GLN F 132 3.12 83.37 20.22
N ASN F 133 4.23 82.88 19.70
CA ASN F 133 5.22 82.36 20.68
C ASN F 133 6.56 83.08 20.69
N GLN F 134 6.58 84.34 21.06
CA GLN F 134 7.81 85.04 21.37
C GLN F 134 8.05 84.94 22.87
N LEU F 135 9.27 84.53 23.24
CA LEU F 135 9.60 84.38 24.64
C LEU F 135 9.78 85.74 25.29
N PRO F 136 9.66 85.83 26.63
CA PRO F 136 9.69 87.15 27.27
C PRO F 136 10.98 87.92 27.04
N ASP F 137 12.14 87.26 27.05
CA ASP F 137 13.34 88.05 26.68
C ASP F 137 13.40 88.40 25.17
N GLY F 138 12.33 88.20 24.44
CA GLY F 138 12.28 88.42 23.00
C GLY F 138 12.97 87.34 22.19
N SER F 139 13.29 86.23 22.81
CA SER F 139 13.96 85.15 22.11
C SER F 139 12.88 84.31 21.48
N TRP F 140 13.31 83.27 20.78
CA TRP F 140 12.41 82.20 20.39
C TRP F 140 13.19 80.91 20.59
N GLY F 141 12.46 79.80 20.62
CA GLY F 141 13.08 78.52 20.87
C GLY F 141 12.54 77.89 22.14
N ASP F 142 13.42 77.18 22.83
CA ASP F 142 12.98 76.34 23.93
C ASP F 142 12.95 77.13 25.23
N ALA F 143 11.72 77.37 25.70
CA ALA F 143 11.53 78.16 26.89
C ALA F 143 12.12 77.45 28.07
N SER F 144 11.84 76.17 28.18
CA SER F 144 12.27 75.46 29.36
C SER F 144 13.75 75.15 29.37
N PHE F 145 14.41 75.10 28.22
CA PHE F 145 15.86 74.88 28.15
C PHE F 145 16.54 75.97 27.34
N PHE F 146 17.34 76.79 28.02
CA PHE F 146 18.04 77.88 27.37
C PHE F 146 19.36 77.40 26.77
N MET F 147 19.50 77.52 25.47
CA MET F 147 20.80 77.27 24.85
C MET F 147 21.09 78.43 23.88
N MET F 148 22.30 78.98 23.92
CA MET F 148 22.57 80.18 23.13
C MET F 148 22.39 79.93 21.64
N GLY F 149 23.13 78.96 21.10
CA GLY F 149 22.95 78.56 19.72
C GLY F 149 21.50 78.40 19.35
N ASP F 150 20.69 77.92 20.29
CA ASP F 150 19.28 77.65 20.02
C ASP F 150 18.52 78.94 19.91
N ARG F 151 18.79 79.88 20.80
CA ARG F 151 18.00 81.10 20.84
C ARG F 151 18.33 82.02 19.69
N ILE F 152 19.59 82.08 19.30
CA ILE F 152 19.99 82.99 18.21
C ILE F 152 19.30 82.58 16.93
N MET F 153 19.55 81.35 16.50
CA MET F 153 19.07 80.94 15.19
C MET F 153 17.56 80.98 15.12
N SER F 154 16.90 80.46 16.14
CA SER F 154 15.46 80.55 16.14
C SER F 154 14.99 82.01 16.27
N THR F 155 15.70 82.83 17.06
CA THR F 155 15.21 84.19 17.25
C THR F 155 15.38 85.01 16.00
N LEU F 156 16.56 84.98 15.37
CA LEU F 156 16.70 85.87 14.23
C LEU F 156 15.85 85.37 13.07
N ALA F 157 15.79 84.04 12.89
CA ALA F 157 14.98 83.50 11.82
C ALA F 157 13.55 84.04 11.89
N CYS F 158 13.03 84.27 13.09
CA CYS F 158 11.73 84.91 13.21
C CYS F 158 11.74 86.36 12.73
N VAL F 159 12.86 87.05 12.96
CA VAL F 159 12.95 88.43 12.50
C VAL F 159 13.01 88.45 10.98
N VAL F 160 13.97 87.71 10.41
CA VAL F 160 14.10 87.67 8.97
C VAL F 160 12.85 87.16 8.32
N ALA F 161 11.94 86.57 9.11
CA ALA F 161 10.59 86.36 8.61
C ALA F 161 9.75 87.61 8.79
N LEU F 162 9.62 88.07 10.03
CA LEU F 162 8.68 89.16 10.28
C LEU F 162 9.05 90.40 9.50
N LYS F 163 10.35 90.71 9.40
CA LYS F 163 10.74 91.92 8.70
C LYS F 163 10.61 91.74 7.21
N SER F 164 10.81 90.51 6.74
CA SER F 164 10.74 90.25 5.32
C SER F 164 9.32 90.37 4.79
N TRP F 165 8.31 90.34 5.65
CA TRP F 165 6.96 90.71 5.27
C TRP F 165 6.61 92.07 5.81
N ASN F 166 7.57 92.73 6.46
CA ASN F 166 7.42 94.07 7.04
C ASN F 166 6.12 94.18 7.82
N ILE F 167 6.01 93.29 8.80
CA ILE F 167 4.88 93.24 9.72
C ILE F 167 5.46 93.10 11.10
N HIS F 168 4.63 93.43 12.09
CA HIS F 168 5.02 93.37 13.50
C HIS F 168 6.44 93.84 13.69
N THR F 169 6.77 95.00 13.13
CA THR F 169 8.14 95.46 13.33
C THR F 169 8.37 95.90 14.76
N ASP F 170 7.29 96.10 15.53
CA ASP F 170 7.44 96.47 16.94
C ASP F 170 8.08 95.33 17.71
N LYS F 171 7.44 94.15 17.71
CA LYS F 171 8.09 92.99 18.33
C LYS F 171 9.25 92.52 17.48
N CYS F 172 9.29 92.88 16.20
CA CYS F 172 10.46 92.52 15.42
C CYS F 172 11.71 93.09 16.07
N GLU F 173 11.61 94.30 16.62
CA GLU F 173 12.77 94.94 17.24
C GLU F 173 13.05 94.38 18.63
N ARG F 174 12.02 94.29 19.48
CA ARG F 174 12.22 93.70 20.80
C ARG F 174 12.63 92.26 20.58
N GLY F 175 13.92 91.95 20.75
CA GLY F 175 14.42 90.64 20.42
C GLY F 175 15.31 90.67 19.20
N LEU F 176 15.13 91.65 18.34
CA LEU F 176 16.27 91.99 17.53
C LEU F 176 17.41 92.45 18.44
N LEU F 177 17.09 93.19 19.52
CA LEU F 177 18.16 93.52 20.46
C LEU F 177 18.61 92.31 21.23
N PHE F 178 17.72 91.33 21.46
CA PHE F 178 18.20 90.12 22.10
C PHE F 178 19.38 89.59 21.30
N ILE F 179 19.24 89.52 19.98
CA ILE F 179 20.37 89.06 19.16
C ILE F 179 21.56 90.00 19.32
N GLN F 180 21.30 91.31 19.40
CA GLN F 180 22.37 92.28 19.55
C GLN F 180 23.16 92.03 20.83
N GLU F 181 22.47 91.78 21.93
CA GLU F 181 23.18 91.76 23.19
C GLU F 181 23.86 90.43 23.41
N ASN F 182 23.20 89.34 23.06
CA ASN F 182 23.68 88.04 23.44
C ASN F 182 24.45 87.34 22.33
N MET F 183 24.62 88.01 21.20
CA MET F 183 25.31 87.37 20.10
C MET F 183 26.72 86.99 20.51
N TRP F 184 27.33 87.80 21.38
CA TRP F 184 28.72 87.59 21.74
C TRP F 184 28.91 86.28 22.50
N ARG F 185 27.83 85.82 23.11
CA ARG F 185 27.84 84.63 23.94
C ARG F 185 27.85 83.36 23.13
N LEU F 186 27.65 83.45 21.81
CA LEU F 186 27.79 82.23 21.01
C LEU F 186 29.12 81.56 21.23
N ALA F 187 30.07 82.23 21.89
CA ALA F 187 31.44 81.80 22.06
C ALA F 187 31.61 80.84 23.21
N HIS F 188 30.61 80.73 24.07
CA HIS F 188 30.69 79.91 25.26
C HIS F 188 30.16 78.49 25.09
N GLU F 189 29.29 78.24 24.10
CA GLU F 189 28.49 77.03 24.05
C GLU F 189 29.33 75.78 24.27
N GLU F 190 28.68 74.76 24.85
CA GLU F 190 29.30 73.48 25.17
C GLU F 190 29.78 72.79 23.91
N GLU F 191 31.09 72.82 23.68
CA GLU F 191 31.78 72.21 22.54
C GLU F 191 31.04 70.99 22.01
N ASP F 192 30.52 70.16 22.93
CA ASP F 192 29.97 68.85 22.58
C ASP F 192 28.64 68.95 21.84
N TRP F 193 27.67 69.67 22.39
CA TRP F 193 26.33 69.73 21.78
C TRP F 193 26.10 71.08 21.12
N MET F 194 26.73 71.24 19.97
CA MET F 194 26.34 72.29 19.04
C MET F 194 25.23 71.74 18.18
N LEU F 195 24.32 72.60 17.75
CA LEU F 195 23.18 72.22 16.94
C LEU F 195 23.58 71.54 15.62
N VAL F 196 22.58 70.98 14.94
CA VAL F 196 22.82 70.30 13.67
C VAL F 196 22.87 71.30 12.54
N GLY F 197 23.81 71.11 11.64
CA GLY F 197 23.97 72.01 10.52
C GLY F 197 24.18 73.41 10.98
N PHE F 198 24.67 73.59 12.22
CA PHE F 198 24.77 74.93 12.76
C PHE F 198 25.75 75.72 11.94
N GLU F 199 26.89 75.12 11.64
CA GLU F 199 27.93 75.81 10.91
C GLU F 199 27.60 75.98 9.44
N ILE F 200 26.38 75.71 9.03
CA ILE F 200 26.05 75.89 7.63
C ILE F 200 24.80 76.75 7.54
N ALA F 201 23.90 76.55 8.49
CA ALA F 201 22.64 77.26 8.42
C ALA F 201 22.68 78.64 9.07
N LEU F 202 23.62 78.89 10.00
CA LEU F 202 23.69 80.21 10.64
C LEU F 202 24.39 81.23 9.77
N PRO F 203 25.56 80.91 9.20
CA PRO F 203 26.14 81.83 8.22
C PRO F 203 25.20 82.10 7.06
N SER F 204 24.40 81.11 6.66
CA SER F 204 23.40 81.39 5.65
C SER F 204 22.38 82.39 6.14
N LEU F 205 22.27 82.56 7.45
CA LEU F 205 21.31 83.50 7.98
C LEU F 205 21.86 84.92 8.13
N LEU F 206 23.18 85.10 8.28
CA LEU F 206 23.72 86.45 8.14
C LEU F 206 23.32 87.01 6.78
N ASP F 207 23.51 86.21 5.73
CA ASP F 207 23.24 86.72 4.41
C ASP F 207 21.79 87.17 4.27
N MET F 208 20.83 86.45 4.84
CA MET F 208 19.47 86.96 4.75
C MET F 208 19.23 88.16 5.67
N ALA F 209 19.95 88.29 6.77
CA ALA F 209 19.77 89.51 7.56
C ALA F 209 20.48 90.70 6.91
N LYS F 210 21.70 90.49 6.41
CA LYS F 210 22.39 91.56 5.69
C LYS F 210 21.49 92.14 4.62
N ASP F 211 20.75 91.29 3.93
CA ASP F 211 19.89 91.77 2.86
C ASP F 211 18.75 92.63 3.39
N LEU F 212 18.04 92.15 4.40
CA LEU F 212 16.99 92.99 4.97
C LEU F 212 17.56 94.18 5.71
N ASP F 213 18.89 94.27 5.79
CA ASP F 213 19.65 95.29 6.52
C ASP F 213 19.13 95.44 7.93
N LEU F 214 19.73 94.68 8.84
CA LEU F 214 19.39 94.67 10.25
C LEU F 214 20.61 95.07 11.08
N ASP F 215 20.39 95.67 12.25
CA ASP F 215 21.50 96.08 13.10
C ASP F 215 21.94 94.87 13.89
N ILE F 216 23.01 94.22 13.43
CA ILE F 216 23.45 92.98 14.04
C ILE F 216 24.96 92.94 14.05
N PRO F 217 25.56 92.32 15.06
CA PRO F 217 27.00 92.16 15.09
C PRO F 217 27.58 91.16 14.11
N TYR F 218 27.38 91.38 12.80
CA TYR F 218 28.02 90.55 11.76
C TYR F 218 29.52 90.54 11.92
N ASP F 219 30.05 91.56 12.59
CA ASP F 219 31.45 91.64 13.03
C ASP F 219 31.58 91.15 14.46
N GLU F 220 31.03 90.00 14.73
CA GLU F 220 31.28 89.49 16.07
C GLU F 220 32.43 88.53 16.05
N PRO F 221 33.45 88.74 16.89
CA PRO F 221 34.61 87.85 16.85
C PRO F 221 34.25 86.44 17.19
N ALA F 222 33.10 86.24 17.83
CA ALA F 222 32.70 84.88 18.20
C ALA F 222 32.34 84.04 16.98
N LEU F 223 31.89 84.69 15.92
CA LEU F 223 31.45 84.02 14.70
C LEU F 223 32.61 83.56 13.82
N LYS F 224 33.71 84.29 13.82
CA LYS F 224 34.80 83.95 12.91
C LYS F 224 35.15 82.47 13.02
N ALA F 225 34.98 81.90 14.22
CA ALA F 225 35.35 80.52 14.45
C ALA F 225 34.39 79.55 13.76
N ILE F 226 33.12 79.92 13.67
CA ILE F 226 32.12 79.08 13.02
C ILE F 226 32.06 79.35 11.52
N TYR F 227 32.30 80.60 11.13
CA TYR F 227 32.34 80.96 9.74
C TYR F 227 33.37 80.14 8.99
N ALA F 228 34.64 80.29 9.36
CA ALA F 228 35.71 79.69 8.57
C ALA F 228 35.79 78.17 8.78
N GLU F 229 35.17 77.63 9.84
CA GLU F 229 34.98 76.19 9.94
C GLU F 229 33.61 75.75 9.42
N ARG F 230 32.88 76.64 8.75
CA ARG F 230 31.92 76.19 7.76
C ARG F 230 32.64 75.75 6.50
N GLU F 231 33.48 76.64 5.97
CA GLU F 231 34.14 76.39 4.71
C GLU F 231 34.84 75.05 4.72
N ARG F 232 35.54 74.73 5.81
CA ARG F 232 36.22 73.45 5.85
C ARG F 232 35.26 72.31 6.16
N LYS F 233 34.17 72.60 6.86
CA LYS F 233 33.07 71.63 6.93
C LYS F 233 32.53 71.36 5.54
N LEU F 234 32.20 72.43 4.82
CA LEU F 234 31.76 72.46 3.45
C LEU F 234 32.89 72.19 2.46
N ALA F 235 33.84 71.36 2.86
CA ALA F 235 34.86 70.85 1.95
C ALA F 235 34.55 69.44 1.52
N LYS F 236 34.07 68.60 2.45
CA LYS F 236 33.58 67.27 2.08
C LYS F 236 32.41 67.31 1.10
N ILE F 237 31.86 68.48 0.75
CA ILE F 237 30.99 68.58 -0.42
C ILE F 237 31.82 68.30 -1.65
N PRO F 238 31.44 67.35 -2.45
CA PRO F 238 31.89 67.38 -3.84
C PRO F 238 30.66 67.54 -4.70
N ARG F 239 30.79 68.15 -5.88
CA ARG F 239 29.69 68.04 -6.80
C ARG F 239 29.34 66.57 -6.93
N ASP F 240 30.36 65.74 -7.14
CA ASP F 240 30.12 64.36 -7.52
C ASP F 240 29.46 63.53 -6.42
N VAL F 241 29.75 63.76 -5.14
CA VAL F 241 29.10 62.90 -4.15
C VAL F 241 27.80 63.49 -3.60
N LEU F 242 27.75 64.82 -3.47
CA LEU F 242 26.53 65.38 -2.90
C LEU F 242 25.33 65.18 -3.82
N HIS F 243 25.56 65.08 -5.12
CA HIS F 243 24.47 65.05 -6.08
C HIS F 243 24.17 63.65 -6.62
N SER F 244 24.95 62.65 -6.27
CA SER F 244 24.71 61.33 -6.85
C SER F 244 23.94 60.37 -5.94
N MET F 245 24.32 60.29 -4.66
CA MET F 245 23.72 59.44 -3.61
C MET F 245 23.47 60.28 -2.37
N PRO F 246 22.36 60.05 -1.68
CA PRO F 246 21.94 60.92 -0.58
C PRO F 246 22.92 60.95 0.58
N THR F 247 23.09 62.13 1.16
CA THR F 247 23.95 62.31 2.31
C THR F 247 23.19 63.18 3.30
N THR F 248 23.71 63.27 4.53
CA THR F 248 23.01 64.10 5.52
C THR F 248 23.12 65.58 5.25
N LEU F 249 23.95 66.01 4.29
CA LEU F 249 23.98 67.43 3.96
C LEU F 249 22.62 67.88 3.49
N LEU F 250 21.90 66.99 2.83
CA LEU F 250 20.58 67.33 2.35
C LEU F 250 19.68 67.82 3.48
N HIS F 251 20.04 67.55 4.76
CA HIS F 251 19.22 68.01 5.88
C HIS F 251 19.34 69.49 6.06
N SER F 252 20.48 70.05 5.71
CA SER F 252 20.73 71.45 5.94
C SER F 252 21.33 72.07 4.68
N LEU F 253 20.50 72.25 3.67
CA LEU F 253 20.87 73.00 2.48
C LEU F 253 20.07 74.31 2.39
N GLU F 254 19.83 74.93 3.55
CA GLU F 254 19.05 76.16 3.58
C GLU F 254 19.85 77.27 2.93
N GLY F 255 21.14 77.26 3.22
CA GLY F 255 22.15 78.07 2.62
C GLY F 255 23.03 77.09 1.90
N MET F 256 23.09 77.21 0.58
CA MET F 256 23.91 76.38 -0.28
C MET F 256 23.92 77.09 -1.62
N VAL F 257 25.08 77.24 -2.22
CA VAL F 257 25.16 77.90 -3.51
C VAL F 257 25.50 76.90 -4.58
N ASP F 258 25.09 77.22 -5.80
CA ASP F 258 25.47 76.53 -7.00
C ASP F 258 25.32 75.01 -6.81
N LEU F 259 24.07 74.64 -6.72
CA LEU F 259 23.71 73.24 -6.68
C LEU F 259 22.78 72.97 -7.86
N ASP F 260 22.88 71.75 -8.36
CA ASP F 260 22.17 71.29 -9.56
C ASP F 260 20.96 70.50 -9.12
N TRP F 261 19.82 71.17 -9.04
CA TRP F 261 18.67 70.46 -8.49
C TRP F 261 18.22 69.30 -9.37
N GLU F 262 18.52 69.34 -10.68
CA GLU F 262 18.10 68.24 -11.54
C GLU F 262 18.64 66.91 -11.08
N LYS F 263 19.86 66.87 -10.53
CA LYS F 263 20.41 65.62 -10.05
C LYS F 263 20.19 65.47 -8.56
N LEU F 264 19.59 66.46 -7.95
CA LEU F 264 19.37 66.48 -6.51
C LEU F 264 17.99 65.99 -6.14
N LEU F 265 16.99 66.33 -6.95
CA LEU F 265 15.65 65.84 -6.68
C LEU F 265 15.58 64.32 -6.74
N LYS F 266 16.51 63.69 -7.47
CA LYS F 266 16.63 62.24 -7.54
C LYS F 266 17.04 61.62 -6.23
N LEU F 267 17.27 62.45 -5.20
CA LEU F 267 17.86 62.00 -3.94
C LEU F 267 16.93 62.06 -2.73
N ARG F 268 15.79 62.72 -2.81
CA ARG F 268 15.11 63.04 -1.55
C ARG F 268 14.37 61.84 -0.97
N CYS F 269 13.77 62.06 0.18
CA CYS F 269 13.04 60.99 0.85
C CYS F 269 11.70 60.75 0.18
N LEU F 270 11.07 59.62 0.51
CA LEU F 270 9.82 59.29 -0.16
C LEU F 270 8.71 60.28 0.12
N ASP F 271 8.70 60.91 1.27
CA ASP F 271 7.60 61.88 1.38
C ASP F 271 7.86 63.12 0.56
N GLY F 272 9.03 63.23 -0.07
CA GLY F 272 9.38 64.42 -0.81
C GLY F 272 10.31 65.37 -0.11
N SER F 273 10.61 65.14 1.17
CA SER F 273 11.44 66.04 1.94
C SER F 273 12.91 65.83 1.60
N PHE F 274 13.70 66.86 1.86
CA PHE F 274 15.14 66.73 1.72
C PHE F 274 15.65 66.31 3.09
N HIS F 275 15.99 65.03 3.20
CA HIS F 275 16.41 64.42 4.46
C HIS F 275 15.55 64.91 5.62
N CYS F 276 14.25 64.95 5.39
CA CYS F 276 13.25 65.13 6.45
C CYS F 276 13.37 66.45 7.14
N SER F 277 13.96 67.43 6.48
CA SER F 277 14.01 68.76 7.02
C SER F 277 12.98 69.61 6.33
N PRO F 278 12.03 70.17 7.06
CA PRO F 278 11.09 71.09 6.43
C PRO F 278 11.78 72.35 5.99
N ALA F 279 12.83 72.73 6.69
CA ALA F 279 13.59 73.88 6.25
C ALA F 279 14.24 73.61 4.89
N SER F 280 15.03 72.53 4.79
CA SER F 280 15.75 72.29 3.54
C SER F 280 14.80 72.06 2.38
N THR F 281 13.61 71.58 2.66
CA THR F 281 12.67 71.39 1.58
C THR F 281 12.09 72.72 1.11
N ALA F 282 11.94 73.68 2.02
CA ALA F 282 11.53 75.03 1.62
C ALA F 282 12.55 75.69 0.70
N THR F 283 13.84 75.67 1.08
CA THR F 283 14.85 76.24 0.18
C THR F 283 14.82 75.52 -1.16
N ALA F 284 14.58 74.20 -1.14
CA ALA F 284 14.48 73.46 -2.39
C ALA F 284 13.22 73.83 -3.14
N PHE F 285 12.23 74.38 -2.46
CA PHE F 285 11.03 74.83 -3.15
C PHE F 285 11.20 76.24 -3.71
N GLN F 286 11.83 77.17 -2.97
CA GLN F 286 12.06 78.50 -3.53
C GLN F 286 12.70 78.39 -4.89
N GLN F 287 13.51 77.36 -5.08
CA GLN F 287 14.30 77.15 -6.28
C GLN F 287 13.76 76.07 -7.22
N THR F 288 12.74 75.32 -6.83
CA THR F 288 12.14 74.32 -7.72
C THR F 288 10.65 74.26 -7.45
N GLY F 289 9.82 74.44 -8.46
CA GLY F 289 8.41 74.50 -8.14
C GLY F 289 7.76 73.16 -7.87
N ASP F 290 8.54 72.19 -7.40
CA ASP F 290 8.11 70.81 -7.26
C ASP F 290 6.91 70.71 -6.33
N GLN F 291 5.71 70.54 -6.90
CA GLN F 291 4.44 70.49 -6.17
C GLN F 291 4.21 69.16 -5.44
N LYS F 292 4.88 68.09 -5.87
CA LYS F 292 4.91 66.79 -5.19
C LYS F 292 5.86 66.80 -3.98
N CYS F 293 6.68 67.82 -3.86
CA CYS F 293 7.51 68.12 -2.72
C CYS F 293 6.91 69.20 -1.82
N PHE F 294 6.18 70.15 -2.40
CA PHE F 294 5.33 71.06 -1.63
C PHE F 294 4.38 70.27 -0.75
N GLU F 295 3.81 69.19 -1.28
CA GLU F 295 2.82 68.42 -0.52
C GLU F 295 3.34 68.09 0.86
N TYR F 296 4.64 67.77 0.96
CA TYR F 296 5.28 67.50 2.26
C TYR F 296 5.16 68.71 3.19
N LEU F 297 5.45 69.91 2.68
CA LEU F 297 5.39 71.09 3.52
C LEU F 297 3.95 71.41 3.88
N ASP F 298 3.03 71.37 2.91
CA ASP F 298 1.63 71.58 3.24
C ASP F 298 1.18 70.56 4.27
N GLY F 299 1.63 69.31 4.11
CA GLY F 299 1.21 68.27 5.03
C GLY F 299 1.59 68.59 6.46
N ILE F 300 2.82 69.06 6.66
CA ILE F 300 3.22 69.42 8.01
C ILE F 300 2.36 70.56 8.51
N VAL F 301 2.12 71.56 7.68
CA VAL F 301 1.50 72.78 8.16
C VAL F 301 0.02 72.58 8.44
N LYS F 302 -0.66 71.69 7.72
CA LYS F 302 -2.02 71.39 8.10
C LYS F 302 -2.08 70.64 9.44
N LYS F 303 -1.27 69.58 9.59
CA LYS F 303 -1.44 68.74 10.76
C LYS F 303 -0.90 69.37 12.02
N PHE F 304 -0.05 70.39 11.91
CA PHE F 304 0.46 71.08 13.09
C PHE F 304 -0.16 72.46 13.24
N ASN F 305 -1.20 72.75 12.47
CA ASN F 305 -1.96 73.98 12.56
C ASN F 305 -1.06 75.22 12.56
N GLY F 306 -0.25 75.31 11.50
CA GLY F 306 0.75 76.35 11.46
C GLY F 306 1.99 75.87 12.17
N GLY F 307 3.13 76.34 11.72
CA GLY F 307 4.30 75.93 12.47
C GLY F 307 4.73 74.51 12.18
N VAL F 308 5.99 74.25 12.44
CA VAL F 308 6.73 73.18 11.77
C VAL F 308 7.84 72.66 12.65
N PRO F 309 8.04 71.36 12.74
CA PRO F 309 9.14 70.81 13.53
C PRO F 309 10.45 70.99 12.81
N CYS F 310 11.52 70.53 13.42
CA CYS F 310 12.82 70.67 12.78
C CYS F 310 13.23 69.41 12.04
N ILE F 311 12.37 68.39 12.07
CA ILE F 311 12.59 67.11 11.42
C ILE F 311 11.27 66.37 11.42
N TYR F 312 10.92 65.76 10.30
CA TYR F 312 9.66 65.03 10.22
C TYR F 312 9.72 64.14 9.00
N PRO F 313 9.03 62.99 9.02
CA PRO F 313 8.33 62.45 10.18
C PRO F 313 9.23 61.55 11.03
N LEU F 314 8.76 61.03 12.16
CA LEU F 314 9.65 60.21 12.97
C LEU F 314 9.00 58.88 13.33
N ASP F 315 8.30 58.29 12.37
CA ASP F 315 7.44 57.15 12.67
C ASP F 315 8.18 55.93 13.21
N VAL F 316 9.43 55.72 12.83
CA VAL F 316 10.16 54.57 13.33
C VAL F 316 10.75 54.88 14.70
N TYR F 317 11.56 55.94 14.77
CA TYR F 317 12.17 56.38 16.02
C TYR F 317 11.17 56.47 17.13
N GLU F 318 10.07 57.22 16.93
CA GLU F 318 9.13 57.43 18.02
C GLU F 318 8.61 56.09 18.56
N ARG F 319 8.27 55.17 17.67
CA ARG F 319 7.86 53.84 18.11
C ARG F 319 8.99 53.17 18.89
N LEU F 320 10.14 52.99 18.26
CA LEU F 320 11.24 52.33 18.93
C LEU F 320 11.49 52.90 20.32
N TRP F 321 11.43 54.22 20.47
CA TRP F 321 11.79 54.80 21.76
C TRP F 321 10.66 54.65 22.77
N ALA F 322 9.42 54.78 22.31
CA ALA F 322 8.30 54.51 23.19
C ALA F 322 8.36 53.10 23.74
N VAL F 323 8.76 52.13 22.91
CA VAL F 323 8.88 50.77 23.43
C VAL F 323 10.00 50.67 24.45
N ASP F 324 11.23 51.10 24.09
CA ASP F 324 12.33 50.93 25.04
C ASP F 324 12.01 51.61 26.37
N ARG F 325 11.36 52.77 26.33
CA ARG F 325 11.05 53.47 27.56
C ARG F 325 10.01 52.73 28.39
N LEU F 326 8.89 52.36 27.77
CA LEU F 326 7.87 51.62 28.50
C LEU F 326 8.40 50.29 28.99
N THR F 327 9.27 49.65 28.21
CA THR F 327 9.84 48.39 28.62
C THR F 327 10.74 48.56 29.85
N ARG F 328 11.71 49.49 29.78
CA ARG F 328 12.60 49.74 30.92
C ARG F 328 11.83 50.31 32.11
N LEU F 329 10.77 51.04 31.88
CA LEU F 329 9.94 51.48 32.98
C LEU F 329 9.09 50.35 33.58
N GLY F 330 9.21 49.10 33.11
CA GLY F 330 8.59 47.89 33.66
C GLY F 330 7.10 47.71 33.38
N ILE F 331 6.47 48.65 32.73
CA ILE F 331 5.04 48.61 32.50
C ILE F 331 4.70 48.20 31.06
N SER F 332 5.67 47.64 30.34
CA SER F 332 5.41 47.18 28.98
C SER F 332 4.19 46.25 28.96
N ARG F 333 4.11 45.34 29.94
CA ARG F 333 3.08 44.30 29.97
C ARG F 333 1.66 44.85 29.89
N HIS F 334 1.41 46.05 30.35
CA HIS F 334 0.05 46.55 30.30
C HIS F 334 -0.37 46.86 28.89
N PHE F 335 0.60 47.10 28.03
CA PHE F 335 0.41 47.48 26.64
C PHE F 335 0.91 46.40 25.70
N THR F 336 0.77 45.12 26.08
CA THR F 336 1.34 44.07 25.27
C THR F 336 0.76 44.11 23.87
N SER F 337 -0.53 44.41 23.77
CA SER F 337 -1.13 44.53 22.45
C SER F 337 -0.64 45.77 21.74
N GLU F 338 -0.54 46.90 22.44
CA GLU F 338 -0.17 48.13 21.78
C GLU F 338 1.25 48.04 21.24
N ILE F 339 2.19 47.54 22.06
CA ILE F 339 3.58 47.42 21.61
C ILE F 339 3.67 46.48 20.43
N GLU F 340 3.07 45.29 20.55
CA GLU F 340 3.14 44.31 19.50
C GLU F 340 2.54 44.83 18.20
N ASP F 341 1.69 45.86 18.28
CA ASP F 341 1.22 46.52 17.08
C ASP F 341 2.31 47.29 16.38
N CYS F 342 2.93 48.22 17.07
CA CYS F 342 3.90 49.03 16.37
C CYS F 342 5.25 48.35 16.28
N LEU F 343 5.55 47.38 17.12
CA LEU F 343 6.73 46.59 16.82
C LEU F 343 6.57 45.89 15.49
N ASP F 344 5.35 45.43 15.18
CA ASP F 344 5.06 44.92 13.85
C ASP F 344 5.38 45.97 12.80
N TYR F 345 4.99 47.21 13.05
CA TYR F 345 5.27 48.30 12.10
C TYR F 345 6.75 48.39 11.80
N ILE F 346 7.59 48.04 12.74
CA ILE F 346 9.02 48.05 12.46
C ILE F 346 9.44 46.83 11.65
N PHE F 347 8.97 45.64 12.04
CA PHE F 347 9.35 44.43 11.29
C PHE F 347 9.00 44.58 9.81
N ARG F 348 7.84 45.16 9.54
CA ARG F 348 7.43 45.35 8.16
C ARG F 348 8.44 46.23 7.42
N ASN F 349 8.97 47.26 8.09
CA ASN F 349 9.86 48.22 7.43
C ASN F 349 11.33 48.01 7.75
N TRP F 350 11.69 46.85 8.28
CA TRP F 350 13.09 46.52 8.42
C TRP F 350 13.70 46.36 7.04
N THR F 351 14.83 46.97 6.82
CA THR F 351 15.53 46.87 5.56
C THR F 351 16.90 46.26 5.78
N PRO F 352 17.50 45.65 4.77
CA PRO F 352 18.88 45.17 4.88
C PRO F 352 19.90 46.30 5.02
N ASP F 353 19.48 47.54 4.86
CA ASP F 353 20.35 48.69 4.98
C ASP F 353 20.31 49.30 6.37
N GLY F 354 19.35 48.90 7.18
CA GLY F 354 19.21 49.39 8.52
C GLY F 354 17.92 50.16 8.60
N LEU F 355 17.78 50.91 9.67
CA LEU F 355 16.59 51.73 9.87
C LEU F 355 16.99 53.20 9.96
N ALA F 356 16.11 54.05 9.50
CA ALA F 356 16.25 55.46 9.77
C ALA F 356 15.27 55.85 10.85
N HIS F 357 15.24 57.14 11.15
CA HIS F 357 14.22 57.61 12.06
C HIS F 357 12.83 57.62 11.44
N THR F 358 12.74 57.49 10.13
CA THR F 358 11.45 57.39 9.46
C THR F 358 11.47 56.22 8.52
N LYS F 359 10.26 55.87 8.10
CA LYS F 359 10.04 54.78 7.16
C LYS F 359 10.72 55.08 5.84
N ASN F 360 10.71 56.35 5.46
CA ASN F 360 11.06 56.75 4.11
C ASN F 360 12.36 57.55 4.02
N CYS F 361 13.40 57.14 4.74
CA CYS F 361 14.67 57.82 4.61
C CYS F 361 15.75 56.82 4.21
N PRO F 362 16.35 56.97 3.04
CA PRO F 362 17.26 55.95 2.52
C PRO F 362 18.60 55.87 3.23
N VAL F 363 19.02 56.89 3.98
CA VAL F 363 20.25 56.80 4.75
C VAL F 363 19.90 56.33 6.16
N LYS F 364 20.49 55.23 6.56
CA LYS F 364 20.11 54.57 7.79
C LYS F 364 21.17 54.91 8.82
N ASP F 365 20.82 54.74 10.09
CA ASP F 365 21.69 55.11 11.18
C ASP F 365 21.71 54.02 12.25
N ILE F 366 22.83 53.96 12.96
CA ILE F 366 23.03 52.86 13.89
C ILE F 366 22.12 53.03 15.09
N ASP F 367 21.83 54.26 15.49
CA ASP F 367 20.97 54.48 16.64
C ASP F 367 19.59 53.84 16.43
N ASP F 368 18.93 54.13 15.30
CA ASP F 368 17.63 53.51 15.05
C ASP F 368 17.80 52.03 14.70
N THR F 369 18.83 51.72 13.90
CA THR F 369 19.06 50.34 13.52
C THR F 369 19.35 49.49 14.74
N ALA F 370 20.20 49.99 15.64
CA ALA F 370 20.50 49.20 16.83
C ALA F 370 19.28 49.04 17.73
N MET F 371 18.51 50.11 17.94
CA MET F 371 17.32 49.97 18.76
C MET F 371 16.34 48.98 18.15
N GLY F 372 16.09 49.09 16.86
CA GLY F 372 15.14 48.17 16.25
C GLY F 372 15.57 46.72 16.41
N PHE F 373 16.85 46.44 16.20
CA PHE F 373 17.32 45.07 16.27
C PHE F 373 17.07 44.48 17.64
N ARG F 374 17.46 45.22 18.69
CA ARG F 374 17.33 44.74 20.06
C ARG F 374 15.88 44.53 20.44
N LEU F 375 15.06 45.57 20.30
CA LEU F 375 13.67 45.46 20.73
C LEU F 375 12.93 44.40 19.93
N LEU F 376 13.23 44.30 18.63
CA LEU F 376 12.63 43.25 17.84
C LEU F 376 13.06 41.88 18.36
N ARG F 377 14.36 41.66 18.52
CA ARG F 377 14.84 40.35 18.98
C ARG F 377 14.38 40.07 20.40
N LEU F 378 14.25 41.12 21.20
CA LEU F 378 13.78 40.96 22.57
C LEU F 378 12.35 40.44 22.59
N TYR F 379 11.52 40.94 21.69
CA TYR F 379 10.11 40.62 21.71
C TYR F 379 9.77 39.41 20.84
N GLY F 380 10.77 38.59 20.53
CA GLY F 380 10.51 37.31 19.89
C GLY F 380 10.37 37.40 18.41
N TYR F 381 11.00 38.40 17.79
CA TYR F 381 11.03 38.50 16.36
C TYR F 381 12.33 37.92 15.82
N GLN F 382 12.25 37.47 14.58
CA GLN F 382 13.39 36.94 13.83
C GLN F 382 14.16 38.10 13.21
N VAL F 383 15.37 38.40 13.69
CA VAL F 383 16.19 39.46 13.12
C VAL F 383 17.65 39.04 13.00
N ASP F 384 18.33 39.54 11.98
CA ASP F 384 19.72 39.16 11.69
C ASP F 384 20.63 40.34 11.98
N PRO F 385 21.62 40.23 12.85
CA PRO F 385 22.45 41.39 13.14
C PRO F 385 23.37 41.80 11.99
N CYS F 386 23.46 41.00 10.92
CA CYS F 386 24.42 41.32 9.86
C CYS F 386 24.18 42.67 9.22
N VAL F 387 23.02 43.28 9.45
CA VAL F 387 22.75 44.65 9.03
C VAL F 387 23.69 45.64 9.69
N LEU F 388 24.42 45.23 10.71
CA LEU F 388 25.30 46.16 11.42
C LEU F 388 26.56 46.43 10.64
N LYS F 389 27.07 45.45 9.90
CA LYS F 389 28.28 45.66 9.13
C LYS F 389 28.08 46.73 8.08
N LYS F 390 26.84 47.18 7.84
CA LYS F 390 26.66 48.39 7.03
C LYS F 390 27.29 49.61 7.69
N PHE F 391 27.59 49.52 8.98
CA PHE F 391 28.17 50.63 9.73
C PHE F 391 29.58 50.32 10.20
N GLU F 392 30.14 49.20 9.80
CA GLU F 392 31.51 48.91 10.17
C GLU F 392 32.40 49.40 9.04
N LYS F 393 33.37 50.23 9.38
CA LYS F 393 34.37 50.72 8.43
C LYS F 393 35.71 50.35 9.04
N ASP F 394 36.28 49.23 8.53
CA ASP F 394 37.49 48.56 9.00
C ASP F 394 37.80 48.89 10.46
N GLY F 395 37.21 48.08 11.33
CA GLY F 395 37.46 48.07 12.75
C GLY F 395 36.66 49.05 13.57
N LYS F 396 36.02 50.03 12.96
CA LYS F 396 35.34 51.05 13.73
C LYS F 396 33.84 51.05 13.40
N PHE F 397 33.04 51.60 14.31
CA PHE F 397 31.57 51.56 14.20
C PHE F 397 31.04 52.98 14.20
N PHE F 398 30.86 53.56 13.01
CA PHE F 398 30.30 54.90 12.89
C PHE F 398 28.77 54.87 12.98
N CYS F 399 28.14 56.02 12.72
CA CYS F 399 26.70 56.15 12.84
C CYS F 399 26.01 56.04 11.50
N LEU F 400 26.72 56.31 10.40
CA LEU F 400 26.16 56.29 9.05
C LEU F 400 26.97 55.38 8.13
N HIS F 401 26.41 55.08 6.97
CA HIS F 401 27.02 54.05 6.13
C HIS F 401 28.21 54.63 5.39
N GLY F 402 27.98 55.64 4.57
CA GLY F 402 29.09 56.28 3.89
C GLY F 402 29.93 57.07 4.86
N GLU F 403 29.38 58.20 5.31
CA GLU F 403 30.09 59.15 6.15
C GLU F 403 30.64 58.50 7.41
N SER F 404 31.95 58.57 7.59
CA SER F 404 32.61 58.20 8.84
C SER F 404 32.81 59.48 9.65
N ASN F 405 32.17 59.54 10.81
CA ASN F 405 32.05 60.75 11.63
C ASN F 405 32.52 60.46 13.04
N PRO F 406 32.73 61.50 13.84
CA PRO F 406 32.88 61.28 15.29
C PRO F 406 31.60 60.68 15.85
N SER F 407 31.74 59.50 16.43
CA SER F 407 30.60 58.76 16.97
C SER F 407 30.18 59.35 18.32
N SER F 408 28.88 59.45 18.56
CA SER F 408 28.42 59.98 19.84
C SER F 408 28.23 58.84 20.84
N VAL F 409 27.67 59.15 22.02
CA VAL F 409 27.58 58.19 23.13
C VAL F 409 26.33 57.33 23.04
N THR F 410 25.17 57.98 22.98
CA THR F 410 23.91 57.24 22.94
C THR F 410 23.85 56.22 21.82
N PRO F 411 24.26 56.53 20.59
CA PRO F 411 24.27 55.48 19.57
C PRO F 411 25.19 54.33 19.92
N MET F 412 26.32 54.56 20.58
CA MET F 412 27.13 53.40 20.98
C MET F 412 26.49 52.64 22.14
N TYR F 413 25.90 53.35 23.10
CA TYR F 413 25.14 52.69 24.15
C TYR F 413 24.06 51.81 23.54
N ASN F 414 23.26 52.37 22.65
CA ASN F 414 22.13 51.61 22.15
C ASN F 414 22.56 50.41 21.30
N THR F 415 23.67 50.49 20.57
CA THR F 415 24.13 49.23 19.98
C THR F 415 24.65 48.31 21.08
N TYR F 416 25.44 48.84 22.03
CA TYR F 416 26.00 47.97 23.06
C TYR F 416 24.88 47.18 23.73
N ARG F 417 23.77 47.84 24.07
CA ARG F 417 22.66 47.12 24.66
C ARG F 417 22.20 46.01 23.74
N ALA F 418 22.06 46.33 22.45
CA ALA F 418 21.68 45.32 21.48
C ALA F 418 22.73 44.23 21.36
N SER F 419 24.01 44.54 21.54
CA SER F 419 25.00 43.49 21.41
C SER F 419 24.87 42.43 22.51
N GLN F 420 24.10 42.71 23.56
CA GLN F 420 23.96 41.74 24.64
C GLN F 420 23.12 40.55 24.22
N LEU F 421 22.21 40.74 23.28
CA LEU F 421 21.39 39.63 22.81
C LEU F 421 22.05 38.84 21.69
N LYS F 422 23.35 38.61 21.74
CA LYS F 422 23.96 37.80 20.71
C LYS F 422 23.53 36.35 20.90
N PHE F 423 23.02 35.71 19.77
CA PHE F 423 22.77 34.28 19.69
C PHE F 423 23.99 33.59 19.12
N PRO F 424 24.26 32.34 19.44
CA PRO F 424 25.45 31.68 18.89
C PRO F 424 25.39 31.49 17.36
N GLY F 425 24.22 31.57 16.74
CA GLY F 425 24.26 31.46 15.30
C GLY F 425 24.59 32.74 14.55
N ASP F 426 24.94 33.84 15.22
CA ASP F 426 24.89 35.14 14.57
C ASP F 426 26.09 35.40 13.69
N ASP F 427 25.90 36.31 12.75
CA ASP F 427 27.04 36.85 12.00
C ASP F 427 27.96 37.55 12.98
N GLY F 428 29.26 37.44 12.73
CA GLY F 428 30.20 37.90 13.75
C GLY F 428 30.14 39.39 14.10
N VAL F 429 29.56 40.23 13.24
CA VAL F 429 29.68 41.68 13.45
C VAL F 429 29.06 42.10 14.77
N LEU F 430 27.99 41.44 15.21
CA LEU F 430 27.40 41.79 16.50
C LEU F 430 28.36 41.47 17.64
N GLY F 431 29.14 40.39 17.51
CA GLY F 431 30.18 40.15 18.48
C GLY F 431 31.18 41.29 18.54
N ARG F 432 31.76 41.64 17.40
CA ARG F 432 32.78 42.69 17.36
C ARG F 432 32.25 44.04 17.81
N ALA F 433 31.01 44.38 17.45
CA ALA F 433 30.44 45.65 17.89
C ALA F 433 30.39 45.74 19.40
N GLU F 434 29.97 44.65 20.06
CA GLU F 434 29.97 44.63 21.52
C GLU F 434 31.31 45.08 22.02
N VAL F 435 32.36 44.51 21.44
CA VAL F 435 33.73 44.74 21.88
C VAL F 435 34.13 46.20 21.67
N PHE F 436 33.74 46.77 20.54
CA PHE F 436 34.08 48.15 20.25
C PHE F 436 33.40 49.10 21.20
N CYS F 437 32.07 49.04 21.28
CA CYS F 437 31.38 50.01 22.13
C CYS F 437 31.67 49.82 23.61
N ARG F 438 31.91 48.58 24.06
CA ARG F 438 32.39 48.44 25.43
C ARG F 438 33.61 49.32 25.61
N SER F 439 34.58 49.21 24.70
CA SER F 439 35.78 50.04 24.78
C SER F 439 35.46 51.51 24.53
N PHE F 440 34.62 51.82 23.56
CA PHE F 440 34.30 53.22 23.30
C PHE F 440 33.72 53.87 24.54
N LEU F 441 32.85 53.15 25.24
CA LEU F 441 32.22 53.71 26.42
C LEU F 441 33.14 53.69 27.62
N GLN F 442 34.15 52.82 27.62
CA GLN F 442 35.08 52.82 28.73
C GLN F 442 35.99 54.04 28.66
N ASP F 443 36.57 54.31 27.49
CA ASP F 443 37.38 55.52 27.32
C ASP F 443 36.60 56.75 27.74
N ARG F 444 35.28 56.67 27.65
CA ARG F 444 34.46 57.84 27.93
C ARG F 444 33.87 57.80 29.32
N ARG F 445 33.82 56.64 29.96
CA ARG F 445 33.18 56.58 31.27
C ARG F 445 34.01 57.38 32.28
N GLY F 446 35.31 57.08 32.33
CA GLY F 446 36.27 57.86 33.09
C GLY F 446 36.58 59.15 32.34
N SER F 447 35.65 60.11 32.39
CA SER F 447 35.80 61.33 31.63
C SER F 447 34.69 62.33 31.94
N ASN F 448 34.98 63.62 31.75
CA ASN F 448 33.93 64.63 31.77
C ASN F 448 32.97 64.40 30.63
N ARG F 449 33.50 63.90 29.51
CA ARG F 449 32.72 63.61 28.32
C ARG F 449 31.79 62.45 28.60
N MET F 450 30.49 62.75 28.53
CA MET F 450 29.37 61.83 28.66
C MET F 450 28.18 62.62 28.15
N LYS F 451 28.46 63.85 27.77
CA LYS F 451 27.43 64.62 27.10
C LYS F 451 27.12 63.90 25.81
N ASP F 452 25.89 63.98 25.38
CA ASP F 452 25.54 63.36 24.11
C ASP F 452 25.39 64.47 23.06
N LYS F 453 25.63 64.12 21.79
CA LYS F 453 25.33 65.06 20.71
C LYS F 453 23.87 65.01 20.31
N TRP F 454 23.16 63.97 20.66
CA TRP F 454 21.78 63.82 20.22
C TRP F 454 20.78 64.12 21.31
N ALA F 455 21.09 63.79 22.56
CA ALA F 455 20.13 63.90 23.65
C ALA F 455 20.77 64.53 24.88
N ILE F 456 19.97 65.28 25.60
CA ILE F 456 20.39 65.79 26.89
C ILE F 456 19.36 65.29 27.89
N ALA F 457 19.77 64.29 28.65
CA ALA F 457 18.87 63.49 29.46
C ALA F 457 19.28 63.58 30.91
N LYS F 458 18.29 63.46 31.78
CA LYS F 458 18.47 63.53 33.23
C LYS F 458 19.74 62.78 33.64
N ASP F 459 19.73 61.47 33.56
CA ASP F 459 20.82 60.63 34.02
C ASP F 459 21.23 59.79 32.83
N ILE F 460 22.21 60.28 32.07
CA ILE F 460 22.67 59.51 30.93
C ILE F 460 23.79 58.55 31.36
N PRO F 461 24.69 58.90 32.29
CA PRO F 461 25.69 57.89 32.67
C PRO F 461 25.12 56.73 33.47
N GLY F 462 24.03 56.94 34.22
CA GLY F 462 23.45 55.84 34.98
C GLY F 462 22.91 54.72 34.09
N GLU F 463 22.17 55.10 33.05
CA GLU F 463 21.81 54.18 31.99
C GLU F 463 23.05 53.45 31.50
N VAL F 464 24.12 54.18 31.24
CA VAL F 464 25.32 53.55 30.72
C VAL F 464 25.98 52.75 31.83
N GLU F 465 25.91 53.23 33.06
CA GLU F 465 26.45 52.48 34.17
C GLU F 465 25.94 51.06 34.17
N TYR F 466 24.61 50.92 34.25
CA TYR F 466 24.03 49.60 34.40
C TYR F 466 24.45 48.71 33.25
N ALA F 467 24.06 49.06 32.03
CA ALA F 467 24.35 48.21 30.89
C ALA F 467 25.84 47.85 30.83
N MET F 468 26.68 48.69 31.46
CA MET F 468 28.11 48.48 31.46
C MET F 468 28.53 47.55 32.59
N ASP F 469 27.84 47.61 33.72
CA ASP F 469 28.15 46.76 34.86
C ASP F 469 27.36 45.45 34.88
N TYR F 470 26.12 45.47 34.37
CA TYR F 470 25.19 44.34 34.43
C TYR F 470 24.81 43.85 33.03
N PRO F 471 25.53 42.87 32.52
CA PRO F 471 25.22 42.30 31.21
C PRO F 471 23.92 41.53 31.25
N TRP F 472 23.52 40.97 30.11
CA TRP F 472 22.22 40.33 30.02
C TRP F 472 22.05 39.24 31.05
N LYS F 473 23.01 38.32 31.14
CA LYS F 473 22.77 37.18 32.01
C LYS F 473 22.46 37.57 33.45
N ALA F 474 22.87 38.73 33.91
CA ALA F 474 22.64 39.10 35.30
C ALA F 474 21.78 40.36 35.43
N SER F 475 20.92 40.61 34.44
CA SER F 475 20.15 41.84 34.36
C SER F 475 18.76 41.47 34.81
N LEU F 476 18.47 41.74 36.06
CA LEU F 476 17.12 41.31 36.46
C LEU F 476 16.11 42.42 36.16
N PRO F 477 14.94 42.11 35.61
CA PRO F 477 14.05 43.18 35.12
C PRO F 477 13.62 44.17 36.17
N ARG F 478 13.39 43.74 37.43
CA ARG F 478 12.96 44.68 38.46
C ARG F 478 14.09 45.55 38.94
N ILE F 479 15.31 45.06 38.92
CA ILE F 479 16.43 45.90 39.27
C ILE F 479 16.58 47.00 38.24
N GLU F 480 16.69 46.62 36.98
CA GLU F 480 16.89 47.63 35.96
C GLU F 480 15.79 48.64 36.08
N THR F 481 14.56 48.17 36.25
CA THR F 481 13.45 49.11 36.29
C THR F 481 13.57 50.02 37.51
N ARG F 482 13.95 49.45 38.67
CA ARG F 482 14.08 50.28 39.86
C ARG F 482 15.04 51.41 39.57
N LEU F 483 16.20 51.07 39.04
CA LEU F 483 17.22 52.05 38.69
C LEU F 483 16.72 53.05 37.67
N TYR F 484 15.99 52.57 36.65
CA TYR F 484 15.59 53.45 35.57
C TYR F 484 14.61 54.49 36.05
N LEU F 485 13.81 54.17 37.06
CA LEU F 485 12.87 55.16 37.57
C LEU F 485 13.58 56.44 38.00
N ASP F 486 14.76 56.31 38.57
CA ASP F 486 15.49 57.49 38.98
C ASP F 486 16.36 58.02 37.87
N GLN F 487 16.31 57.40 36.68
CA GLN F 487 17.10 57.82 35.53
C GLN F 487 16.27 58.36 34.37
N TYR F 488 15.01 58.02 34.31
CA TYR F 488 14.21 58.51 33.22
C TYR F 488 13.93 59.99 33.50
N GLY F 489 14.27 60.84 32.52
CA GLY F 489 14.14 62.27 32.70
C GLY F 489 12.73 62.77 32.60
N GLY F 490 11.86 62.01 31.96
CA GLY F 490 10.52 62.48 31.82
C GLY F 490 10.46 63.64 30.86
N SER F 491 9.68 64.65 31.21
CA SER F 491 9.50 65.84 30.39
C SER F 491 10.75 66.71 30.33
N GLY F 492 11.75 66.40 31.14
CA GLY F 492 12.95 67.20 31.16
C GLY F 492 13.85 67.02 29.96
N ASP F 493 13.84 65.84 29.34
CA ASP F 493 14.78 65.52 28.28
C ASP F 493 14.60 66.48 27.12
N VAL F 494 15.71 66.90 26.53
CA VAL F 494 15.62 67.76 25.35
C VAL F 494 16.48 67.14 24.27
N TRP F 495 16.08 67.40 23.03
CA TRP F 495 16.67 66.78 21.86
C TRP F 495 17.29 67.81 20.92
N ILE F 496 18.40 67.43 20.29
CA ILE F 496 19.22 68.32 19.48
C ILE F 496 18.97 68.05 17.99
N GLY F 497 18.25 68.92 17.33
CA GLY F 497 18.18 68.87 15.89
C GLY F 497 18.79 70.12 15.32
N LYS F 498 18.18 70.70 14.30
CA LYS F 498 18.62 72.04 13.94
C LYS F 498 18.20 73.02 15.04
N VAL F 499 17.12 72.71 15.74
CA VAL F 499 16.70 73.47 16.89
C VAL F 499 16.60 72.46 18.01
N LEU F 500 16.53 72.95 19.23
CA LEU F 500 16.13 72.08 20.33
C LEU F 500 14.66 71.74 20.16
N HIS F 501 14.38 70.44 20.19
CA HIS F 501 13.02 69.94 20.04
C HIS F 501 12.77 68.89 21.11
N ARG F 502 11.48 68.58 21.33
CA ARG F 502 11.11 67.57 22.32
C ARG F 502 10.16 66.53 21.73
N MET F 503 10.16 65.33 22.31
CA MET F 503 9.28 64.26 21.85
C MET F 503 8.24 64.02 22.94
N THR F 504 7.10 64.70 22.83
CA THR F 504 6.13 64.70 23.92
C THR F 504 5.62 63.30 24.23
N LEU F 505 5.62 62.43 23.23
CA LEU F 505 4.84 61.21 23.32
C LEU F 505 5.42 60.26 24.35
N PHE F 506 6.71 59.98 24.26
CA PHE F 506 7.35 59.02 25.13
C PHE F 506 8.32 59.65 26.12
N CYS F 507 8.67 60.94 25.94
CA CYS F 507 9.43 61.68 26.95
C CYS F 507 8.57 62.70 27.70
N ASN F 508 7.56 62.22 28.42
CA ASN F 508 6.61 63.04 29.13
C ASN F 508 6.63 62.63 30.59
N ASP F 509 5.83 63.34 31.38
CA ASP F 509 5.79 63.07 32.80
C ASP F 509 4.81 61.98 33.18
N LEU F 510 3.78 61.74 32.37
CA LEU F 510 2.83 60.69 32.69
C LEU F 510 3.51 59.33 32.68
N TYR F 511 4.44 59.11 31.76
CA TYR F 511 5.17 57.85 31.75
C TYR F 511 5.81 57.57 33.10
N LEU F 512 6.49 58.57 33.68
CA LEU F 512 7.18 58.36 34.94
C LEU F 512 6.19 58.20 36.07
N LYS F 513 5.18 59.07 36.11
CA LYS F 513 4.13 58.98 37.13
C LYS F 513 3.50 57.59 37.12
N ALA F 514 3.21 57.07 35.94
CA ALA F 514 2.61 55.76 35.81
C ALA F 514 3.58 54.67 36.24
N ALA F 515 4.83 54.74 35.81
CA ALA F 515 5.74 53.65 36.14
C ALA F 515 5.95 53.54 37.64
N LYS F 516 6.18 54.69 38.30
CA LYS F 516 6.35 54.72 39.75
C LYS F 516 5.10 54.21 40.46
N ALA F 517 3.93 54.44 39.89
CA ALA F 517 2.72 53.86 40.47
C ALA F 517 2.80 52.34 40.42
N ASP F 518 2.95 51.81 39.21
CA ASP F 518 2.98 50.36 39.06
C ASP F 518 4.09 49.76 39.90
N PHE F 519 5.17 50.52 40.13
CA PHE F 519 6.26 50.00 40.96
C PHE F 519 5.97 50.06 42.46
N SER F 520 5.28 51.09 42.95
CA SER F 520 4.98 51.13 44.38
C SER F 520 4.02 49.98 44.75
N ASN F 521 2.94 49.82 44.00
CA ASN F 521 2.04 48.67 44.19
C ASN F 521 2.80 47.37 44.09
N PHE F 522 3.93 47.34 43.40
CA PHE F 522 4.77 46.15 43.41
C PHE F 522 5.46 46.02 44.75
N GLN F 523 6.03 47.11 45.24
CA GLN F 523 6.73 47.05 46.52
C GLN F 523 5.77 46.75 47.66
N LYS F 524 4.59 47.37 47.66
CA LYS F 524 3.68 47.11 48.76
C LYS F 524 3.37 45.62 48.83
N GLU F 525 3.00 45.03 47.69
CA GLU F 525 2.74 43.58 47.67
C GLU F 525 3.98 42.78 48.02
N CYS F 526 5.17 43.32 47.76
CA CYS F 526 6.35 42.56 48.09
C CYS F 526 6.50 42.38 49.58
N ARG F 527 6.33 43.45 50.34
CA ARG F 527 6.50 43.34 51.77
C ARG F 527 5.44 42.44 52.38
N VAL F 528 4.22 42.54 51.87
CA VAL F 528 3.15 41.67 52.36
C VAL F 528 3.50 40.21 52.13
N GLU F 529 4.00 39.88 50.95
CA GLU F 529 4.46 38.52 50.70
C GLU F 529 5.61 38.16 51.64
N LEU F 530 6.56 39.09 51.84
CA LEU F 530 7.70 38.82 52.70
C LEU F 530 7.27 38.36 54.06
N ASN F 531 6.28 39.02 54.63
CA ASN F 531 5.86 38.59 55.95
C ASN F 531 5.23 37.22 55.87
N GLY F 532 4.54 36.89 54.79
CA GLY F 532 4.09 35.53 54.60
C GLY F 532 5.25 34.53 54.54
N LEU F 533 6.33 34.89 53.86
CA LEU F 533 7.47 34.00 53.83
C LEU F 533 8.07 33.85 55.20
N ARG F 534 8.18 34.95 55.92
CA ARG F 534 8.77 34.93 57.24
C ARG F 534 7.95 34.05 58.16
N ARG F 535 6.62 34.25 58.17
CA ARG F 535 5.72 33.35 58.88
C ARG F 535 5.90 31.92 58.40
N TRP F 536 5.82 31.71 57.08
CA TRP F 536 5.89 30.34 56.54
C TRP F 536 7.20 29.64 56.90
N TYR F 537 8.32 30.37 56.83
CA TYR F 537 9.62 29.78 57.14
C TYR F 537 9.64 29.34 58.58
N LEU F 538 9.10 30.18 59.45
CA LEU F 538 8.99 29.87 60.86
C LEU F 538 8.12 28.65 60.99
N ARG F 539 6.82 28.82 60.72
CA ARG F 539 5.82 27.78 60.95
C ARG F 539 6.30 26.41 60.48
N SER F 540 7.24 26.34 59.55
CA SER F 540 7.71 25.05 59.10
C SER F 540 8.96 24.58 59.82
N ASN F 541 9.49 25.37 60.75
CA ASN F 541 10.70 24.99 61.49
C ASN F 541 11.89 24.72 60.59
N LEU F 542 11.97 25.40 59.47
CA LEU F 542 12.94 25.01 58.47
C LEU F 542 14.29 25.68 58.70
N GLU F 543 14.32 26.66 59.61
CA GLU F 543 15.51 27.39 60.03
C GLU F 543 16.43 26.54 60.87
N LYS F 544 15.95 25.41 61.40
CA LYS F 544 16.78 24.46 62.12
C LYS F 544 18.08 24.18 61.39
N PHE F 545 18.03 24.18 60.06
CA PHE F 545 19.21 24.04 59.20
C PHE F 545 19.02 24.87 57.92
N GLY F 546 18.80 26.17 58.08
CA GLY F 546 18.80 27.05 56.93
C GLY F 546 20.20 27.27 56.41
N GLY F 547 20.53 28.51 56.02
CA GLY F 547 21.91 28.88 55.82
C GLY F 547 22.56 29.06 57.18
N THR F 548 23.66 29.80 57.26
CA THR F 548 24.17 30.17 58.58
C THR F 548 23.15 31.05 59.32
N ASP F 549 22.90 32.27 58.78
CA ASP F 549 21.74 33.13 59.06
C ASP F 549 20.60 32.85 58.09
N PRO F 550 19.67 31.95 58.39
CA PRO F 550 18.54 31.76 57.47
C PRO F 550 17.75 33.03 57.21
N GLN F 551 18.00 34.13 57.93
CA GLN F 551 17.16 35.30 57.76
C GLN F 551 17.38 35.98 56.42
N THR F 552 18.62 35.99 55.94
CA THR F 552 18.96 36.51 54.62
C THR F 552 18.85 35.44 53.51
N THR F 553 19.08 34.15 53.79
CA THR F 553 18.81 33.16 52.74
C THR F 553 17.34 33.20 52.39
N LEU F 554 16.48 33.51 53.36
CA LEU F 554 15.09 33.74 53.00
C LEU F 554 14.96 34.98 52.14
N MET F 555 15.48 36.10 52.62
CA MET F 555 15.28 37.39 51.96
C MET F 555 15.70 37.36 50.51
N THR F 556 16.90 36.85 50.24
CA THR F 556 17.41 36.82 48.87
C THR F 556 16.60 35.87 47.99
N SER F 557 16.27 34.69 48.51
CA SER F 557 15.53 33.70 47.74
C SER F 557 14.13 34.17 47.46
N TYR F 558 13.57 35.03 48.30
CA TYR F 558 12.35 35.68 47.83
C TYR F 558 12.68 36.75 46.81
N PHE F 559 13.74 37.49 47.05
CA PHE F 559 14.06 38.61 46.17
C PHE F 559 14.35 38.15 44.75
N LEU F 560 15.10 37.07 44.60
CA LEU F 560 15.37 36.61 43.24
C LEU F 560 14.06 36.33 42.52
N ALA F 561 13.16 35.61 43.17
CA ALA F 561 11.89 35.30 42.55
C ALA F 561 11.09 36.55 42.29
N SER F 562 11.11 37.53 43.20
CA SER F 562 10.27 38.70 42.97
C SER F 562 10.88 39.64 41.96
N ALA F 563 12.20 39.68 41.88
CA ALA F 563 12.85 40.50 40.87
C ALA F 563 12.53 40.03 39.46
N ASN F 564 12.14 38.77 39.31
CA ASN F 564 11.89 38.19 38.01
C ASN F 564 10.41 38.03 37.70
N ILE F 565 9.70 37.26 38.50
CA ILE F 565 8.27 37.07 38.34
C ILE F 565 7.62 38.07 39.30
N PHE F 566 7.40 39.27 38.80
CA PHE F 566 7.02 40.41 39.60
C PHE F 566 5.57 40.83 39.43
N GLU F 567 4.86 40.22 38.50
CA GLU F 567 3.57 40.74 38.10
C GLU F 567 2.54 40.80 39.24
N ALA F 568 1.46 41.48 38.88
CA ALA F 568 0.25 41.57 39.69
C ALA F 568 -0.22 40.17 40.11
N ASN F 569 -0.62 39.34 39.13
CA ASN F 569 -1.32 38.08 39.31
C ASN F 569 -0.42 36.94 39.70
N ARG F 570 0.82 37.05 39.38
CA ARG F 570 1.67 35.90 39.37
C ARG F 570 2.12 35.47 40.75
N ALA F 571 1.45 36.01 41.76
CA ALA F 571 1.84 35.77 43.15
C ALA F 571 1.97 34.30 43.45
N ALA F 572 1.05 33.50 42.91
CA ALA F 572 1.06 32.04 43.05
C ALA F 572 2.42 31.44 42.78
N GLU F 573 3.00 31.79 41.63
CA GLU F 573 4.29 31.25 41.21
C GLU F 573 5.42 31.81 42.07
N ARG F 574 5.44 33.13 42.22
CA ARG F 574 6.54 33.80 42.92
C ARG F 574 6.83 33.17 44.27
N LEU F 575 5.82 33.14 45.14
CA LEU F 575 6.05 32.61 46.48
C LEU F 575 6.40 31.15 46.39
N GLY F 576 5.67 30.41 45.55
CA GLY F 576 6.01 29.01 45.32
C GLY F 576 7.46 28.87 44.98
N TRP F 577 7.94 29.71 44.06
CA TRP F 577 9.37 29.71 43.75
C TRP F 577 10.17 29.85 45.03
N ALA F 578 9.90 30.91 45.79
CA ALA F 578 10.68 31.24 46.99
C ALA F 578 10.61 30.11 48.01
N ARG F 579 9.41 29.59 48.24
CA ARG F 579 9.24 28.48 49.15
C ARG F 579 10.04 27.26 48.70
N VAL F 580 9.82 26.83 47.46
CA VAL F 580 10.51 25.64 46.97
C VAL F 580 12.02 25.85 46.99
N ALA F 581 12.47 27.06 46.64
CA ALA F 581 13.90 27.34 46.73
C ALA F 581 14.41 27.16 48.15
N LEU F 582 13.66 27.72 49.13
CA LEU F 582 14.05 27.65 50.54
C LEU F 582 14.09 26.21 51.03
N LEU F 583 13.01 25.47 50.74
CA LEU F 583 12.97 24.08 51.10
C LEU F 583 14.15 23.34 50.49
N ALA F 584 14.33 23.50 49.18
CA ALA F 584 15.38 22.76 48.51
C ALA F 584 16.73 23.08 49.13
N ASP F 585 17.01 24.37 49.28
CA ASP F 585 18.26 24.79 49.90
C ASP F 585 18.35 24.28 51.34
N ALA F 586 17.25 24.37 52.09
CA ALA F 586 17.27 23.85 53.45
C ALA F 586 17.66 22.39 53.46
N VAL F 587 17.01 21.57 52.63
CA VAL F 587 17.33 20.14 52.63
C VAL F 587 18.76 19.92 52.20
N SER F 588 19.21 20.60 51.15
CA SER F 588 20.59 20.45 50.72
C SER F 588 21.56 20.82 51.84
N SER F 589 21.25 21.88 52.58
CA SER F 589 22.09 22.26 53.71
C SER F 589 22.26 21.09 54.66
N HIS F 590 21.13 20.61 55.22
CA HIS F 590 21.19 19.46 56.12
C HIS F 590 21.76 18.25 55.41
N PHE F 591 21.55 18.15 54.13
CA PHE F 591 22.02 16.97 53.44
C PHE F 591 23.55 16.97 53.38
N ARG F 592 24.15 18.16 53.23
CA ARG F 592 25.61 18.33 53.29
C ARG F 592 26.14 18.09 54.69
N ARG F 593 25.40 18.57 55.71
CA ARG F 593 25.78 18.41 57.12
C ARG F 593 26.15 16.98 57.46
N ILE F 594 25.37 16.00 56.97
CA ILE F 594 25.56 14.61 57.32
C ILE F 594 26.25 13.76 56.25
N GLY F 595 26.38 14.26 55.02
CA GLY F 595 27.14 13.54 54.00
C GLY F 595 26.38 12.75 52.94
N GLY F 596 25.05 12.88 52.86
CA GLY F 596 24.29 12.16 51.85
C GLY F 596 23.21 11.31 52.48
N PRO F 597 22.28 10.75 51.68
CA PRO F 597 21.24 9.93 52.30
C PRO F 597 21.74 8.63 52.87
N LYS F 598 22.95 8.23 52.49
CA LYS F 598 23.54 7.08 53.15
C LYS F 598 23.45 7.21 54.66
N ASN F 599 23.73 8.39 55.22
CA ASN F 599 23.59 8.55 56.67
C ASN F 599 22.28 9.24 57.08
N SER F 600 21.28 9.30 56.21
CA SER F 600 20.01 9.93 56.54
C SER F 600 19.01 8.95 57.13
N THR F 601 18.63 9.17 58.39
CA THR F 601 17.60 8.34 58.96
C THR F 601 16.22 8.74 58.50
N SER F 602 16.12 9.90 57.87
CA SER F 602 14.82 10.49 57.61
C SER F 602 14.33 10.07 56.21
N ASN F 603 13.03 10.26 55.98
CA ASN F 603 12.51 9.91 54.68
C ASN F 603 12.58 11.09 53.71
N LEU F 604 12.02 12.22 54.13
CA LEU F 604 12.07 13.49 53.42
C LEU F 604 11.23 13.51 52.16
N GLU F 605 10.72 12.37 51.72
CA GLU F 605 9.98 12.38 50.48
C GLU F 605 8.73 13.23 50.62
N GLU F 606 8.01 13.11 51.74
CA GLU F 606 6.81 13.92 51.91
C GLU F 606 7.09 15.34 52.40
N LEU F 607 8.31 15.88 52.23
CA LEU F 607 8.59 17.22 52.74
C LEU F 607 7.89 18.34 52.00
N ILE F 608 7.46 18.12 50.76
CA ILE F 608 6.92 19.26 50.05
C ILE F 608 5.60 19.67 50.65
N SER F 609 4.97 18.79 51.41
CA SER F 609 3.66 19.16 51.94
C SER F 609 3.81 20.37 52.86
N LEU F 610 5.06 20.80 53.05
CA LEU F 610 5.29 22.08 53.73
C LEU F 610 4.93 23.25 52.82
N VAL F 611 5.11 23.11 51.51
CA VAL F 611 4.64 24.10 50.56
C VAL F 611 3.14 24.01 50.35
N PRO F 612 2.40 25.09 50.59
CA PRO F 612 0.95 25.03 50.42
C PRO F 612 0.57 24.56 49.03
N PHE F 613 -0.52 23.81 48.95
CA PHE F 613 -0.89 23.40 47.61
C PHE F 613 -2.30 22.80 47.53
N ASP F 614 -3.07 23.28 46.56
CA ASP F 614 -4.30 22.68 46.09
C ASP F 614 -4.15 21.19 45.81
N ASP F 615 -5.24 20.45 46.04
CA ASP F 615 -5.25 19.00 45.85
C ASP F 615 -5.25 18.63 44.38
N ALA F 616 -5.79 19.49 43.53
CA ALA F 616 -5.75 19.33 42.08
C ALA F 616 -4.43 19.80 41.48
N TYR F 617 -3.33 19.57 42.21
CA TYR F 617 -1.99 20.05 41.88
C TYR F 617 -0.93 19.26 42.65
N SER F 618 -1.28 18.69 43.81
CA SER F 618 -0.25 18.14 44.67
C SER F 618 0.42 16.95 44.00
N GLY F 619 -0.30 16.28 43.10
CA GLY F 619 0.27 15.12 42.43
C GLY F 619 1.55 15.41 41.69
N SER F 620 1.57 16.46 40.89
CA SER F 620 2.78 16.71 40.12
C SER F 620 3.91 17.36 40.92
N LEU F 621 3.60 18.20 41.92
CA LEU F 621 4.67 18.84 42.70
C LEU F 621 5.46 17.79 43.49
N ARG F 622 4.76 16.79 44.04
CA ARG F 622 5.42 15.67 44.69
C ARG F 622 6.39 14.98 43.75
N GLU F 623 5.94 14.67 42.53
CA GLU F 623 6.80 13.95 41.60
C GLU F 623 8.05 14.73 41.29
N ALA F 624 7.93 16.05 41.14
CA ALA F 624 9.10 16.85 40.82
C ALA F 624 10.13 16.78 41.91
N TRP F 625 9.68 16.83 43.16
CA TRP F 625 10.55 16.76 44.34
C TRP F 625 11.15 15.38 44.50
N LYS F 626 10.30 14.36 44.41
CA LYS F 626 10.83 13.01 44.45
C LYS F 626 11.91 12.86 43.41
N GLN F 627 11.68 13.44 42.23
CA GLN F 627 12.69 13.35 41.20
C GLN F 627 13.97 14.08 41.60
N TRP F 628 13.82 15.22 42.29
CA TRP F 628 14.99 15.97 42.73
C TRP F 628 15.82 15.22 43.75
N LEU F 629 15.15 14.55 44.69
CA LEU F 629 15.86 13.73 45.68
C LEU F 629 16.58 12.61 44.97
N MET F 630 15.92 11.99 44.01
CA MET F 630 16.58 10.90 43.30
C MET F 630 17.84 11.44 42.67
N ALA F 631 17.78 12.66 42.16
CA ALA F 631 18.99 13.27 41.61
C ALA F 631 20.04 13.47 42.69
N TRP F 632 19.63 13.79 43.92
CA TRP F 632 20.62 13.94 44.99
C TRP F 632 21.35 12.65 45.21
N THR F 633 20.61 11.57 45.36
CA THR F 633 21.24 10.29 45.65
C THR F 633 22.15 9.89 44.51
N ALA F 634 21.91 10.41 43.32
CA ALA F 634 22.76 10.03 42.21
C ALA F 634 24.03 10.88 42.17
N LYS F 635 23.88 12.21 42.26
CA LYS F 635 25.00 13.16 42.21
C LYS F 635 25.83 13.25 43.50
N GLU F 636 25.49 12.45 44.52
CA GLU F 636 26.27 12.35 45.73
C GLU F 636 27.50 11.49 45.56
N SER F 637 28.53 11.78 46.36
CA SER F 637 29.78 11.01 46.25
C SER F 637 30.25 10.93 44.79
N SER F 638 29.92 12.00 44.05
CA SER F 638 30.34 12.19 42.67
C SER F 638 30.82 13.64 42.60
N GLN F 639 31.16 14.11 41.40
CA GLN F 639 31.71 15.45 41.22
C GLN F 639 30.69 16.48 40.74
N GLU F 640 29.69 16.07 39.95
CA GLU F 640 28.69 17.01 39.48
C GLU F 640 27.89 17.60 40.64
N SER F 641 27.50 18.85 40.50
CA SER F 641 26.73 19.53 41.52
C SER F 641 25.24 19.18 41.36
N ILE F 642 24.41 19.63 42.32
CA ILE F 642 22.97 19.55 42.15
C ILE F 642 22.41 20.87 41.71
N GLU F 643 23.18 21.94 41.77
CA GLU F 643 22.66 23.27 41.47
C GLU F 643 21.91 23.26 40.14
N GLY F 644 22.34 22.42 39.19
CA GLY F 644 21.53 22.25 37.99
C GLY F 644 20.14 21.72 38.31
N ASP F 645 20.07 20.66 39.12
CA ASP F 645 18.80 20.00 39.38
C ASP F 645 17.91 20.81 40.29
N THR F 646 18.48 21.59 41.22
CA THR F 646 17.65 22.53 41.95
C THR F 646 17.07 23.59 41.03
N ALA F 647 17.82 24.00 40.02
CA ALA F 647 17.26 24.93 39.07
C ALA F 647 16.12 24.27 38.31
N ILE F 648 16.36 23.03 37.87
CA ILE F 648 15.32 22.28 37.18
C ILE F 648 14.12 22.16 38.08
N LEU F 649 14.36 21.89 39.36
CA LEU F 649 13.25 21.69 40.29
C LEU F 649 12.42 22.95 40.39
N LEU F 650 13.07 24.10 40.52
CA LEU F 650 12.36 25.37 40.59
C LEU F 650 11.52 25.60 39.35
N VAL F 651 12.16 25.60 38.18
CA VAL F 651 11.40 25.86 36.97
C VAL F 651 10.28 24.85 36.82
N ARG F 652 10.53 23.58 37.19
CA ARG F 652 9.47 22.57 37.17
C ARG F 652 8.35 22.94 38.12
N ALA F 653 8.72 23.41 39.32
CA ALA F 653 7.74 23.83 40.30
C ALA F 653 6.98 25.04 39.84
N ILE F 654 7.69 26.05 39.34
CA ILE F 654 7.02 27.28 38.93
C ILE F 654 5.96 26.98 37.90
N GLU F 655 6.26 26.02 37.02
CA GLU F 655 5.32 25.68 35.98
C GLU F 655 4.11 24.99 36.55
N ILE F 656 4.31 24.25 37.63
CA ILE F 656 3.16 23.65 38.25
C ILE F 656 2.28 24.72 38.88
N PHE F 657 2.88 25.71 39.55
CA PHE F 657 2.08 26.77 40.14
C PHE F 657 1.38 27.63 39.11
N GLY F 658 1.82 27.58 37.86
CA GLY F 658 1.17 28.38 36.84
C GLY F 658 0.27 27.49 36.02
N GLY F 659 0.38 26.20 36.30
CA GLY F 659 -0.58 25.20 35.85
C GLY F 659 -0.71 25.13 34.35
N ARG F 660 0.36 25.45 33.65
CA ARG F 660 0.43 25.22 32.23
C ARG F 660 1.41 24.09 32.01
N HIS F 661 1.04 23.14 31.18
CA HIS F 661 1.96 22.15 30.65
C HIS F 661 1.96 22.26 29.13
N VAL F 662 2.90 21.60 28.47
CA VAL F 662 2.98 21.63 27.02
C VAL F 662 1.93 20.69 26.46
N LEU F 663 0.85 21.27 25.91
CA LEU F 663 -0.41 20.55 25.74
C LEU F 663 -0.25 19.21 25.07
N THR F 664 0.24 19.21 23.84
CA THR F 664 0.54 17.99 23.08
C THR F 664 1.22 18.51 21.86
N GLY F 665 2.53 18.35 21.82
CA GLY F 665 3.32 18.75 20.69
C GLY F 665 3.93 17.59 19.95
N GLN F 666 4.38 17.92 18.75
CA GLN F 666 5.12 17.02 17.92
C GLN F 666 6.51 16.82 18.50
N ARG F 667 7.28 16.01 17.80
CA ARG F 667 8.60 15.62 18.30
C ARG F 667 9.48 16.81 18.65
N PRO F 668 9.61 17.85 17.82
CA PRO F 668 10.55 18.93 18.18
C PRO F 668 10.10 19.76 19.37
N ASP F 669 8.80 19.76 19.71
CA ASP F 669 8.35 20.39 20.94
C ASP F 669 8.97 19.74 22.16
N LEU F 670 8.88 18.41 22.25
CA LEU F 670 9.51 17.70 23.34
C LEU F 670 10.99 17.98 23.37
N TRP F 671 11.67 17.85 22.24
CA TRP F 671 13.11 18.06 22.22
C TRP F 671 13.43 19.46 22.74
N GLU F 672 12.71 20.46 22.22
CA GLU F 672 12.94 21.85 22.62
C GLU F 672 12.78 22.06 24.12
N TYR F 673 11.80 21.39 24.74
CA TYR F 673 11.71 21.41 26.20
C TYR F 673 12.89 20.67 26.82
N SER F 674 13.15 19.45 26.36
CA SER F 674 14.25 18.68 26.94
C SER F 674 15.55 19.45 26.93
N GLN F 675 15.75 20.30 25.93
CA GLN F 675 16.99 21.07 25.79
C GLN F 675 17.07 22.20 26.79
N LEU F 676 15.96 22.86 27.05
CA LEU F 676 15.95 23.89 28.08
C LEU F 676 16.35 23.29 29.43
N GLU F 677 15.82 22.13 29.77
CA GLU F 677 16.24 21.50 31.01
C GLU F 677 17.72 21.20 30.97
N GLN F 678 18.21 20.67 29.83
CA GLN F 678 19.65 20.39 29.70
C GLN F 678 20.48 21.61 29.94
N LEU F 679 20.18 22.69 29.21
CA LEU F 679 21.01 23.89 29.26
C LEU F 679 20.97 24.50 30.65
N THR F 680 19.79 24.50 31.25
CA THR F 680 19.65 25.06 32.57
C THR F 680 20.48 24.30 33.58
N SER F 681 20.38 22.97 33.55
CA SER F 681 21.18 22.17 34.45
C SER F 681 22.65 22.34 34.15
N SER F 682 23.02 22.33 32.85
CA SER F 682 24.43 22.48 32.49
C SER F 682 24.95 23.86 32.87
N ILE F 683 24.17 24.92 32.66
CA ILE F 683 24.66 26.24 33.00
C ILE F 683 24.91 26.33 34.49
N CYS F 684 23.99 25.80 35.29
CA CYS F 684 24.10 26.00 36.73
C CYS F 684 25.20 25.15 37.35
N CYS F 685 25.47 23.98 36.79
CA CYS F 685 26.62 23.26 37.26
C CYS F 685 27.89 24.04 36.96
N LYS F 686 28.06 24.47 35.70
CA LYS F 686 29.22 25.28 35.32
C LYS F 686 29.30 26.55 36.17
N LEU F 687 28.15 27.15 36.47
CA LEU F 687 28.15 28.34 37.31
C LEU F 687 28.71 28.05 38.69
N SER F 688 28.20 27.01 39.34
CA SER F 688 28.67 26.61 40.65
C SER F 688 30.04 25.96 40.60
N ARG F 689 30.64 25.86 39.44
CA ARG F 689 31.97 25.32 39.36
C ARG F 689 32.97 26.44 39.47
N ARG F 690 32.63 27.61 38.95
CA ARG F 690 33.46 28.79 39.18
C ARG F 690 33.33 29.32 40.59
N VAL F 691 32.13 29.34 41.15
CA VAL F 691 32.01 29.95 42.47
C VAL F 691 32.67 29.11 43.56
N LEU F 692 33.05 27.87 43.27
CA LEU F 692 33.93 27.20 44.22
C LEU F 692 35.39 27.35 43.79
N ALA F 693 35.67 27.35 42.50
CA ALA F 693 37.02 27.66 42.03
C ALA F 693 37.35 29.14 42.20
N GLN F 694 36.36 29.99 42.50
CA GLN F 694 36.61 31.35 42.94
C GLN F 694 37.52 31.31 44.15
N GLU F 695 36.96 31.28 45.35
CA GLU F 695 37.79 31.18 46.53
C GLU F 695 38.34 29.75 46.62
N ASN F 696 39.41 29.50 45.89
CA ASN F 696 40.11 28.23 45.97
C ASN F 696 41.45 28.26 45.23
N GLY F 697 41.46 27.77 43.98
CA GLY F 697 42.63 27.80 43.12
C GLY F 697 42.60 28.88 42.04
N GLU F 698 42.46 30.13 42.50
CA GLU F 698 42.26 31.38 41.74
C GLU F 698 42.52 31.30 40.24
N SER F 699 43.60 31.95 39.79
CA SER F 699 44.00 32.00 38.39
C SER F 699 42.97 32.83 37.65
N THR F 700 43.28 34.06 37.23
CA THR F 700 42.28 34.80 36.47
C THR F 700 41.92 34.07 35.17
N GLU F 701 42.90 33.50 34.49
CA GLU F 701 42.63 32.77 33.24
C GLU F 701 41.91 31.44 33.48
N LYS F 702 42.07 30.81 34.64
CA LYS F 702 41.31 29.58 34.86
C LYS F 702 39.83 29.89 35.00
N VAL F 703 39.50 31.01 35.65
CA VAL F 703 38.12 31.45 35.79
C VAL F 703 37.56 32.01 34.48
N GLU F 704 38.37 32.72 33.69
CA GLU F 704 37.83 33.15 32.40
C GLU F 704 37.51 31.98 31.52
N GLU F 705 38.09 30.81 31.79
CA GLU F 705 37.69 29.61 31.07
C GLU F 705 36.27 29.22 31.42
N ILE F 706 35.93 29.28 32.71
CA ILE F 706 34.58 28.98 33.11
C ILE F 706 33.64 30.09 32.70
N ASP F 707 34.06 31.33 32.88
CA ASP F 707 33.20 32.45 32.51
C ASP F 707 32.87 32.39 31.02
N GLN F 708 33.86 32.03 30.20
CA GLN F 708 33.60 31.84 28.78
C GLN F 708 32.59 30.73 28.59
N GLN F 709 32.76 29.62 29.30
CA GLN F 709 31.96 28.45 29.00
C GLN F 709 30.52 28.69 29.43
N VAL F 710 30.32 29.44 30.50
CA VAL F 710 28.97 29.79 30.90
C VAL F 710 28.39 30.76 29.91
N ASP F 711 29.14 31.80 29.56
CA ASP F 711 28.59 32.79 28.65
C ASP F 711 28.09 32.16 27.36
N LEU F 712 28.82 31.17 26.84
CA LEU F 712 28.38 30.53 25.60
C LEU F 712 27.03 29.86 25.78
N GLU F 713 26.93 28.99 26.76
CA GLU F 713 25.67 28.30 26.93
C GLU F 713 24.52 29.31 27.06
N MET F 714 24.78 30.46 27.69
CA MET F 714 23.73 31.44 27.87
C MET F 714 23.17 31.95 26.55
N GLN F 715 24.04 32.14 25.57
CA GLN F 715 23.58 32.61 24.27
C GLN F 715 22.62 31.61 23.66
N GLU F 716 23.02 30.33 23.60
CA GLU F 716 22.11 29.35 23.02
C GLU F 716 20.85 29.28 23.81
N LEU F 717 20.95 29.41 25.13
CA LEU F 717 19.72 29.44 25.92
C LEU F 717 18.94 30.71 25.68
N THR F 718 19.61 31.86 25.70
CA THR F 718 18.88 33.10 25.44
C THR F 718 18.22 33.03 24.07
N ARG F 719 18.85 32.37 23.10
CA ARG F 719 18.17 32.16 21.84
C ARG F 719 16.88 31.40 22.05
N ARG F 720 16.99 30.21 22.60
CA ARG F 720 15.88 29.28 22.73
C ARG F 720 14.74 29.86 23.55
N VAL F 721 15.02 30.86 24.38
CA VAL F 721 13.94 31.46 25.13
C VAL F 721 13.25 32.51 24.29
N LEU F 722 14.03 33.31 23.58
CA LEU F 722 13.45 34.49 22.96
C LEU F 722 12.90 34.29 21.57
N GLN F 723 13.30 33.23 20.87
CA GLN F 723 12.80 32.95 19.53
C GLN F 723 11.30 32.78 19.62
N GLY F 724 10.53 33.81 19.23
CA GLY F 724 9.08 33.74 19.38
C GLY F 724 8.35 32.86 18.40
N CYS F 725 9.07 32.06 17.62
CA CYS F 725 8.43 31.14 16.72
C CYS F 725 8.18 29.80 17.38
N SER F 726 8.85 29.55 18.50
CA SER F 726 8.79 28.26 19.15
C SER F 726 7.38 27.91 19.60
N ALA F 727 7.13 26.60 19.70
CA ALA F 727 5.82 26.09 20.00
C ALA F 727 5.59 25.96 21.49
N ILE F 728 6.66 26.00 22.31
CA ILE F 728 6.52 26.06 23.75
C ILE F 728 6.01 27.41 24.16
N ASN F 729 5.04 27.41 25.05
CA ASN F 729 4.45 28.61 25.60
C ASN F 729 5.51 29.65 25.95
N ARG F 730 5.23 30.92 25.64
CA ARG F 730 6.12 32.00 26.03
C ARG F 730 6.43 31.96 27.52
N LEU F 731 5.42 31.70 28.34
CA LEU F 731 5.57 31.74 29.78
C LEU F 731 6.50 30.65 30.30
N THR F 732 6.43 29.46 29.69
CA THR F 732 7.39 28.41 30.07
C THR F 732 8.81 28.84 29.72
N ARG F 733 9.02 29.38 28.52
CA ARG F 733 10.37 29.76 28.16
C ARG F 733 10.88 30.85 29.09
N GLU F 734 10.05 31.87 29.34
CA GLU F 734 10.51 32.96 30.19
C GLU F 734 10.89 32.44 31.58
N THR F 735 10.14 31.46 32.07
CA THR F 735 10.42 30.85 33.35
C THR F 735 11.81 30.24 33.39
N PHE F 736 12.23 29.59 32.32
CA PHE F 736 13.60 29.08 32.28
C PHE F 736 14.62 30.21 32.41
N LEU F 737 14.40 31.30 31.69
CA LEU F 737 15.30 32.44 31.74
C LEU F 737 15.36 33.04 33.13
N HIS F 738 14.21 33.21 33.77
CA HIS F 738 14.14 33.75 35.12
C HIS F 738 15.00 32.93 36.06
N VAL F 739 14.77 31.62 36.10
CA VAL F 739 15.54 30.79 37.00
C VAL F 739 17.02 30.88 36.66
N VAL F 740 17.39 30.72 35.39
CA VAL F 740 18.82 30.74 35.12
C VAL F 740 19.37 32.13 35.40
N LYS F 741 18.70 33.18 34.95
CA LYS F 741 19.22 34.53 35.22
C LYS F 741 19.46 34.76 36.71
N SER F 742 18.54 34.30 37.56
CA SER F 742 18.73 34.48 38.99
C SER F 742 19.96 33.74 39.51
N PHE F 743 20.20 32.51 39.03
CA PHE F 743 21.42 31.80 39.44
C PHE F 743 22.65 32.56 39.04
N CYS F 744 22.61 33.17 37.85
CA CYS F 744 23.71 33.98 37.35
C CYS F 744 23.92 35.19 38.21
N TYR F 745 22.83 35.93 38.46
CA TYR F 745 22.90 37.14 39.26
C TYR F 745 23.67 36.88 40.55
N VAL F 746 23.32 35.80 41.24
CA VAL F 746 23.93 35.45 42.52
C VAL F 746 25.42 35.22 42.38
N ALA F 747 25.81 34.43 41.39
CA ALA F 747 27.21 34.02 41.28
C ALA F 747 28.10 35.18 40.89
N TYR F 748 27.53 36.19 40.22
CA TYR F 748 28.26 37.31 39.63
C TYR F 748 28.01 38.61 40.36
N CYS F 749 27.69 38.56 41.64
CA CYS F 749 27.40 39.78 42.36
C CYS F 749 27.96 39.72 43.76
N SER F 750 28.64 40.79 44.13
CA SER F 750 29.16 40.92 45.48
C SER F 750 27.99 40.91 46.44
N PRO F 751 28.03 40.11 47.50
CA PRO F 751 26.91 40.10 48.43
C PRO F 751 26.64 41.47 48.96
N GLU F 752 27.67 42.30 49.07
CA GLU F 752 27.46 43.70 49.41
C GLU F 752 26.53 44.34 48.38
N THR F 753 26.83 44.19 47.09
CA THR F 753 25.92 44.82 46.14
C THR F 753 24.53 44.16 46.17
N ILE F 754 24.46 42.86 46.45
CA ILE F 754 23.20 42.13 46.23
C ILE F 754 22.13 42.65 47.17
N ASP F 755 22.49 42.98 48.39
CA ASP F 755 21.43 43.49 49.24
C ASP F 755 21.24 44.99 49.04
N SER F 756 22.19 45.70 48.43
CA SER F 756 21.87 47.07 48.06
C SER F 756 20.72 47.09 47.07
N HIS F 757 20.71 46.13 46.14
CA HIS F 757 19.58 45.97 45.24
C HIS F 757 18.31 45.60 46.00
N ILE F 758 18.43 44.59 46.87
CA ILE F 758 17.30 44.14 47.68
C ILE F 758 16.71 45.33 48.40
N ASP F 759 17.57 46.16 48.98
CA ASP F 759 17.12 47.37 49.64
C ASP F 759 16.46 48.30 48.65
N LYS F 760 17.06 48.46 47.49
CA LYS F 760 16.57 49.49 46.60
C LYS F 760 15.29 49.08 45.89
N VAL F 761 15.08 47.80 45.62
CA VAL F 761 13.88 47.51 44.86
C VAL F 761 12.72 47.23 45.78
N ILE F 762 12.96 46.62 46.94
CA ILE F 762 11.87 46.24 47.82
C ILE F 762 11.59 47.31 48.88
N PHE F 763 12.61 47.97 49.40
CA PHE F 763 12.47 48.79 50.60
C PHE F 763 12.62 50.27 50.38
N GLN F 764 13.52 50.71 49.52
CA GLN F 764 13.71 52.13 49.26
C GLN F 764 12.60 52.60 48.31
N ASP F 765 11.43 52.80 48.88
CA ASP F 765 10.24 53.05 48.06
C ASP F 765 10.40 54.30 47.23
N VAL F 766 9.88 54.21 46.01
CA VAL F 766 9.65 55.38 45.17
C VAL F 766 8.36 56.07 45.62
N ILE F 767 8.24 57.36 45.28
CA ILE F 767 7.24 58.30 45.85
C ILE F 767 7.15 58.14 47.39
#